data_2JJD
#
_entry.id   2JJD
#
_cell.length_a   126.020
_cell.length_b   123.616
_cell.length_c   219.116
_cell.angle_alpha   90.00
_cell.angle_beta   91.13
_cell.angle_gamma   90.00
#
_symmetry.space_group_name_H-M   'P 1 21 1'
#
loop_
_entity.id
_entity.type
_entity.pdbx_description
1 polymer 'RECEPTOR-TYPE TYROSINE-PROTEIN PHOSPHATASE EPSILON'
2 non-polymer 'CHLORIDE ION'
#
_entity_poly.entity_id   1
_entity_poly.type   'polypeptide(L)'
_entity_poly.pdbx_seq_one_letter_code
;MSGPKKYFPIPVEHLEEEIRIRSADDCKQFREEFNSLPSGHIQGTFELANKEENREKNRYPNILPNDHSRVILSQLDGIP
CSDYINASYIDGYKEKNKFIAAQGPKQETVNDFWRMVWEQKSATIVMLTNLKERKEEKCHQYWPDQGCWTYGNIRVCVED
CVVLVDYTIRKFCIQPQLPDGCKAPRLVSQLHFTSWPDFGVPFTPIGMLKFLKKVKTLNPVHAGPIVVHCSAGVGRTGTF
IVIDAMMAMMHAEQKVDVFEFVSRIRNQRPQMVQTDMQYTFIYQALLEYYLYGDTELDVSSLEKHLQTMHGTTTHFDKIG
LEEEFRKLTNVRIMKENMRTGNLPANMKKARVIQIIPYDFNRVILSMKRGQEYTDYINASFIDGYRQKDYFIATQGPLAH
TVEDFWRMIWEWKSHTIVMLTEVQEREQDKCYQYWPTEGSVTHGEITIEIKNDTLSEAISIRDFLVTLNQPQARQGEQVR
VVRQFHFHGWPEIGIPAEGKGMIDLIAAVQKQQQQTGNHPITVHCSAGAGRTGTFIALSNILERVKAEGLLDVFQAVKSL
RLQRPHMVQTLEQYEFCYKVVQDFIDIFSDYAAHHHHHH
;
_entity_poly.pdbx_strand_id   A,B,C,D,E,F
#
# COMPACT_ATOMS: atom_id res chain seq x y z
N TYR A 7 43.11 -75.95 3.41
CA TYR A 7 41.96 -75.18 2.80
C TYR A 7 40.98 -76.08 2.05
N PHE A 8 39.85 -76.38 2.71
CA PHE A 8 38.79 -77.19 2.11
C PHE A 8 37.71 -76.29 1.51
N PRO A 9 36.81 -76.86 0.66
CA PRO A 9 35.72 -76.08 0.08
C PRO A 9 34.76 -75.53 1.12
N ILE A 10 34.25 -74.32 0.88
CA ILE A 10 33.28 -73.68 1.78
C ILE A 10 31.87 -73.91 1.25
N PRO A 11 30.99 -74.57 2.04
CA PRO A 11 29.60 -74.61 1.66
C PRO A 11 29.02 -73.20 1.69
N VAL A 12 28.18 -72.86 0.70
CA VAL A 12 27.61 -71.50 0.63
C VAL A 12 26.82 -71.17 1.89
N GLU A 13 26.22 -72.18 2.51
CA GLU A 13 25.59 -72.04 3.82
C GLU A 13 26.47 -71.28 4.81
N HIS A 14 27.79 -71.49 4.76
CA HIS A 14 28.74 -70.89 5.71
C HIS A 14 29.65 -69.82 5.11
N LEU A 15 29.32 -69.32 3.93
CA LEU A 15 30.20 -68.38 3.24
C LEU A 15 30.32 -67.07 4.03
N GLU A 16 29.18 -66.44 4.32
CA GLU A 16 29.16 -65.16 5.02
C GLU A 16 29.99 -65.20 6.30
N GLU A 17 29.87 -66.28 7.07
CA GLU A 17 30.59 -66.41 8.34
C GLU A 17 32.10 -66.53 8.13
N GLU A 18 32.51 -67.40 7.22
CA GLU A 18 33.94 -67.60 6.95
C GLU A 18 34.62 -66.32 6.41
N ILE A 19 33.88 -65.47 5.70
CA ILE A 19 34.39 -64.17 5.24
C ILE A 19 34.70 -63.27 6.44
N ARG A 20 33.78 -63.21 7.39
CA ARG A 20 33.97 -62.40 8.60
C ARG A 20 35.20 -62.87 9.35
N ILE A 21 35.32 -64.18 9.52
CA ILE A 21 36.43 -64.81 10.26
C ILE A 21 37.77 -64.44 9.65
N ARG A 22 37.83 -64.41 8.31
CA ARG A 22 39.07 -64.09 7.61
C ARG A 22 39.24 -62.57 7.40
N SER A 23 38.98 -61.78 8.45
CA SER A 23 39.24 -60.34 8.44
C SER A 23 39.14 -59.71 9.85
N ARG A 31 45.00 -63.10 3.88
CA ARG A 31 46.37 -62.78 3.50
C ARG A 31 47.24 -64.04 3.53
N GLU A 32 47.13 -64.82 4.62
CA GLU A 32 47.88 -66.06 4.79
C GLU A 32 47.45 -67.12 3.77
N GLU A 33 46.16 -67.22 3.49
CA GLU A 33 45.65 -68.16 2.49
C GLU A 33 46.25 -67.85 1.13
N PHE A 34 46.21 -66.58 0.73
CA PHE A 34 46.75 -66.15 -0.55
C PHE A 34 48.22 -66.45 -0.70
N ASN A 35 48.96 -66.30 0.41
CA ASN A 35 50.39 -66.52 0.41
C ASN A 35 50.76 -68.00 0.38
N SER A 36 49.78 -68.88 0.47
CA SER A 36 50.02 -70.31 0.39
C SER A 36 49.76 -70.89 -0.99
N LEU A 37 49.24 -70.06 -1.90
CA LEU A 37 49.01 -70.48 -3.27
C LEU A 37 50.35 -70.76 -3.96
N PRO A 38 50.38 -71.73 -4.87
CA PRO A 38 51.61 -71.90 -5.65
C PRO A 38 51.80 -70.80 -6.70
N SER A 39 52.96 -70.16 -6.69
CA SER A 39 53.42 -69.37 -7.83
C SER A 39 53.78 -70.36 -8.94
N GLY A 40 52.99 -70.39 -10.02
CA GLY A 40 53.11 -71.44 -11.03
C GLY A 40 54.45 -71.61 -11.75
N HIS A 41 55.54 -71.72 -11.01
CA HIS A 41 56.88 -71.68 -11.58
C HIS A 41 57.67 -72.99 -11.47
N ILE A 42 57.23 -73.88 -10.59
CA ILE A 42 58.00 -75.10 -10.29
C ILE A 42 57.60 -76.27 -11.18
N GLN A 43 56.34 -76.28 -11.63
CA GLN A 43 55.88 -77.22 -12.66
C GLN A 43 55.61 -76.37 -13.93
N GLY A 44 56.69 -76.10 -14.66
CA GLY A 44 56.62 -75.19 -15.78
C GLY A 44 57.90 -75.15 -16.57
N THR A 45 57.80 -74.62 -17.78
CA THR A 45 58.92 -74.52 -18.69
C THR A 45 58.69 -73.26 -19.48
N PHE A 46 59.73 -72.43 -19.57
CA PHE A 46 59.58 -71.11 -20.16
C PHE A 46 60.59 -70.87 -21.29
N GLU A 47 61.03 -71.96 -21.91
CA GLU A 47 62.07 -71.90 -22.93
C GLU A 47 61.69 -70.91 -24.02
N LEU A 48 60.49 -71.07 -24.57
CA LEU A 48 60.04 -70.26 -25.71
C LEU A 48 59.84 -68.79 -25.39
N ALA A 49 59.39 -68.50 -24.18
CA ALA A 49 59.12 -67.11 -23.78
C ALA A 49 60.40 -66.28 -23.64
N ASN A 50 61.51 -66.93 -23.26
CA ASN A 50 62.77 -66.21 -23.06
C ASN A 50 63.71 -66.18 -24.27
N LYS A 51 63.31 -66.74 -25.41
CA LYS A 51 64.14 -66.67 -26.62
C LYS A 51 64.52 -65.21 -26.91
N GLU A 52 65.76 -64.98 -27.34
CA GLU A 52 66.21 -63.62 -27.68
C GLU A 52 65.21 -62.94 -28.60
N GLU A 53 64.87 -63.62 -29.70
CA GLU A 53 63.88 -63.12 -30.66
C GLU A 53 62.58 -62.61 -30.00
N ASN A 54 62.10 -63.32 -28.97
CA ASN A 54 60.84 -63.00 -28.30
C ASN A 54 60.94 -62.02 -27.13
N ARG A 55 62.14 -61.57 -26.77
CA ARG A 55 62.31 -60.67 -25.63
C ARG A 55 61.46 -59.41 -25.78
N GLU A 56 61.53 -58.76 -26.94
CA GLU A 56 60.85 -57.48 -27.17
C GLU A 56 59.34 -57.61 -27.24
N LYS A 57 58.83 -58.84 -27.24
CA LYS A 57 57.39 -59.10 -27.38
C LYS A 57 56.66 -59.18 -26.03
N ASN A 58 57.42 -59.24 -24.93
CA ASN A 58 56.83 -59.29 -23.60
C ASN A 58 56.89 -57.94 -22.95
N ARG A 59 55.81 -57.53 -22.30
CA ARG A 59 55.73 -56.21 -21.69
C ARG A 59 56.47 -56.24 -20.36
N TYR A 60 56.22 -57.27 -19.57
CA TYR A 60 56.89 -57.48 -18.30
C TYR A 60 57.66 -58.81 -18.36
N PRO A 61 58.97 -58.74 -18.15
CA PRO A 61 59.79 -59.93 -18.36
C PRO A 61 59.67 -61.00 -17.27
N ASN A 62 59.02 -60.67 -16.15
CA ASN A 62 58.81 -61.67 -15.09
C ASN A 62 57.49 -62.40 -15.25
N ILE A 63 56.60 -61.84 -16.06
CA ILE A 63 55.25 -62.39 -16.26
C ILE A 63 55.16 -63.01 -17.66
N LEU A 64 55.43 -64.31 -17.72
CA LEU A 64 55.63 -65.00 -18.98
C LEU A 64 54.82 -66.27 -19.01
N PRO A 65 54.33 -66.66 -20.19
CA PRO A 65 53.57 -67.90 -20.28
C PRO A 65 54.50 -69.10 -20.25
N ASN A 66 54.10 -70.17 -19.57
CA ASN A 66 54.85 -71.41 -19.63
C ASN A 66 54.64 -72.04 -21.01
N ASP A 67 55.50 -72.99 -21.37
CA ASP A 67 55.50 -73.55 -22.72
C ASP A 67 54.28 -74.42 -23.00
N HIS A 68 53.71 -75.02 -21.97
CA HIS A 68 52.68 -76.03 -22.15
C HIS A 68 51.34 -75.47 -22.52
N SER A 69 50.93 -74.39 -21.87
CA SER A 69 49.61 -73.80 -22.10
C SER A 69 49.71 -72.53 -22.93
N ARG A 70 50.89 -72.27 -23.49
CA ARG A 70 51.11 -71.12 -24.36
C ARG A 70 50.16 -71.17 -25.55
N VAL A 71 49.56 -70.03 -25.89
CA VAL A 71 48.85 -69.90 -27.16
C VAL A 71 49.91 -69.83 -28.24
N ILE A 72 49.79 -70.69 -29.25
CA ILE A 72 50.81 -70.78 -30.31
C ILE A 72 50.21 -70.35 -31.64
N LEU A 73 50.73 -69.25 -32.19
CA LEU A 73 50.28 -68.72 -33.48
C LEU A 73 50.86 -69.55 -34.63
N SER A 74 50.18 -69.54 -35.77
CA SER A 74 50.67 -70.20 -36.98
C SER A 74 51.96 -69.50 -37.43
N GLN A 75 52.95 -70.28 -37.90
CA GLN A 75 54.27 -69.74 -38.29
C GLN A 75 54.20 -68.79 -39.48
N LEU A 76 54.42 -67.49 -39.24
CA LEU A 76 54.33 -66.46 -40.30
C LEU A 76 55.71 -66.14 -40.84
N GLY A 78 57.81 -66.48 -43.61
CA GLY A 78 59.13 -67.02 -43.29
C GLY A 78 59.96 -66.24 -42.28
N ILE A 79 59.30 -65.59 -41.33
CA ILE A 79 59.96 -64.80 -40.29
C ILE A 79 60.22 -65.69 -39.06
N PRO A 80 61.48 -65.77 -38.59
CA PRO A 80 61.85 -66.65 -37.48
C PRO A 80 61.24 -66.24 -36.15
N CYS A 81 60.95 -67.23 -35.29
CA CYS A 81 60.31 -67.03 -33.99
C CYS A 81 58.97 -66.29 -34.10
N SER A 82 58.26 -66.49 -35.22
CA SER A 82 56.93 -65.89 -35.48
C SER A 82 55.77 -66.68 -34.82
N ASP A 83 56.14 -67.71 -34.09
CA ASP A 83 55.23 -68.63 -33.42
C ASP A 83 54.52 -67.98 -32.22
N TYR A 84 55.15 -66.97 -31.61
CA TYR A 84 54.93 -66.64 -30.20
C TYR A 84 54.08 -65.41 -29.91
N ILE A 85 53.27 -65.53 -28.86
CA ILE A 85 52.55 -64.40 -28.30
C ILE A 85 52.43 -64.67 -26.79
N ASN A 86 52.44 -63.58 -26.03
CA ASN A 86 52.34 -63.65 -24.58
C ASN A 86 50.87 -63.81 -24.18
N ALA A 87 50.41 -65.05 -24.27
CA ALA A 87 49.04 -65.43 -23.90
C ALA A 87 49.01 -66.89 -23.58
N SER A 88 48.10 -67.31 -22.71
CA SER A 88 47.95 -68.74 -22.40
C SER A 88 46.51 -69.17 -22.18
N TYR A 89 46.23 -70.42 -22.55
CA TYR A 89 44.91 -71.00 -22.34
C TYR A 89 44.67 -71.19 -20.86
N ILE A 90 43.46 -70.86 -20.43
CA ILE A 90 43.06 -71.03 -19.04
C ILE A 90 41.70 -71.71 -19.03
N ASP A 91 41.56 -72.73 -18.18
CA ASP A 91 40.31 -73.47 -18.11
C ASP A 91 39.26 -72.73 -17.27
N GLY A 92 38.00 -73.04 -17.51
CA GLY A 92 36.92 -72.56 -16.68
C GLY A 92 36.49 -73.69 -15.78
N TYR A 93 35.44 -73.48 -14.99
CA TYR A 93 34.88 -74.58 -14.21
C TYR A 93 34.31 -75.59 -15.19
N LYS A 94 34.82 -76.82 -15.13
CA LYS A 94 34.45 -77.90 -16.05
C LYS A 94 34.38 -77.47 -17.54
N GLU A 95 35.39 -76.75 -18.02
CA GLU A 95 35.51 -76.44 -19.43
C GLU A 95 36.97 -76.13 -19.81
N LYS A 96 37.64 -77.10 -20.43
CA LYS A 96 39.03 -76.92 -20.89
C LYS A 96 39.10 -75.74 -21.86
N ASN A 97 40.07 -74.85 -21.64
CA ASN A 97 40.37 -73.73 -22.53
C ASN A 97 39.21 -72.78 -22.76
N LYS A 98 38.46 -72.43 -21.70
CA LYS A 98 37.36 -71.47 -21.83
C LYS A 98 37.91 -70.09 -22.18
N PHE A 99 39.07 -69.74 -21.67
CA PHE A 99 39.59 -68.40 -21.86
C PHE A 99 40.99 -68.41 -22.47
N ILE A 100 41.40 -67.24 -22.96
CA ILE A 100 42.80 -66.95 -23.20
C ILE A 100 43.15 -65.73 -22.35
N ALA A 101 44.07 -65.93 -21.39
CA ALA A 101 44.61 -64.84 -20.58
C ALA A 101 45.79 -64.30 -21.33
N ALA A 102 45.64 -63.09 -21.87
CA ALA A 102 46.65 -62.52 -22.74
C ALA A 102 47.13 -61.22 -22.14
N GLN A 103 48.39 -60.89 -22.40
CA GLN A 103 48.90 -59.57 -22.03
C GLN A 103 48.33 -58.57 -23.01
N GLY A 104 48.03 -57.38 -22.50
CA GLY A 104 47.54 -56.30 -23.34
C GLY A 104 48.60 -55.95 -24.35
N PRO A 105 48.23 -55.93 -25.65
CA PRO A 105 49.23 -55.81 -26.69
C PRO A 105 49.94 -54.48 -26.70
N LYS A 106 51.16 -54.47 -27.22
CA LYS A 106 51.93 -53.23 -27.44
C LYS A 106 52.18 -53.01 -28.94
N GLN A 107 52.54 -51.78 -29.33
CA GLN A 107 52.70 -51.42 -30.75
C GLN A 107 53.24 -52.61 -31.53
N GLU A 108 54.32 -53.17 -31.03
CA GLU A 108 55.06 -54.25 -31.70
C GLU A 108 54.34 -55.61 -31.75
N THR A 109 53.28 -55.79 -30.97
CA THR A 109 52.55 -57.05 -30.96
C THR A 109 51.06 -56.91 -31.28
N VAL A 110 50.65 -55.73 -31.75
CA VAL A 110 49.23 -55.49 -32.03
C VAL A 110 48.77 -56.40 -33.14
N ASN A 111 49.63 -56.59 -34.13
CA ASN A 111 49.28 -57.42 -35.28
C ASN A 111 49.21 -58.88 -34.90
N ASP A 112 50.17 -59.32 -34.09
CA ASP A 112 50.21 -60.70 -33.60
C ASP A 112 48.97 -60.99 -32.73
N PHE A 113 48.48 -59.96 -32.06
CA PHE A 113 47.28 -60.05 -31.22
C PHE A 113 46.05 -60.40 -32.05
N TRP A 114 45.86 -59.71 -33.15
CA TRP A 114 44.69 -59.96 -33.99
C TRP A 114 44.76 -61.30 -34.69
N ARG A 115 45.97 -61.73 -35.02
CA ARG A 115 46.14 -63.02 -35.65
C ARG A 115 45.76 -64.13 -34.68
N MET A 116 45.97 -63.90 -33.39
CA MET A 116 45.50 -64.83 -32.37
C MET A 116 43.98 -64.87 -32.32
N VAL A 117 43.37 -63.69 -32.25
CA VAL A 117 41.91 -63.59 -32.22
C VAL A 117 41.33 -64.28 -33.46
N TRP A 118 42.00 -64.12 -34.59
CA TRP A 118 41.52 -64.74 -35.82
C TRP A 118 41.77 -66.25 -35.83
N GLU A 119 43.00 -66.66 -35.57
CA GLU A 119 43.33 -68.08 -35.64
C GLU A 119 42.59 -68.91 -34.58
N GLN A 120 42.30 -68.29 -33.44
CA GLN A 120 41.63 -69.01 -32.35
C GLN A 120 40.10 -68.99 -32.45
N LYS A 121 39.58 -68.27 -33.44
CA LYS A 121 38.14 -68.22 -33.70
C LYS A 121 37.35 -67.54 -32.56
N SER A 122 37.99 -66.63 -31.85
CA SER A 122 37.38 -65.94 -30.72
C SER A 122 36.36 -64.93 -31.16
N ALA A 123 35.26 -64.85 -30.43
CA ALA A 123 34.20 -63.90 -30.71
C ALA A 123 34.22 -62.74 -29.74
N THR A 124 34.93 -62.87 -28.63
CA THR A 124 34.87 -61.88 -27.54
C THR A 124 36.25 -61.52 -26.98
N ILE A 125 36.48 -60.22 -26.81
CA ILE A 125 37.65 -59.72 -26.12
C ILE A 125 37.17 -59.00 -24.88
N VAL A 126 37.73 -59.34 -23.72
CA VAL A 126 37.42 -58.67 -22.47
C VAL A 126 38.63 -57.88 -22.04
N MET A 127 38.52 -56.55 -22.08
CA MET A 127 39.61 -55.64 -21.71
C MET A 127 39.37 -55.09 -20.31
N LEU A 128 40.23 -55.47 -19.37
CA LEU A 128 40.06 -55.12 -17.96
C LEU A 128 40.96 -53.98 -17.54
N THR A 129 41.53 -53.27 -18.50
CA THR A 129 42.44 -52.16 -18.24
C THR A 129 42.00 -50.93 -19.01
N ASN A 130 42.45 -49.75 -18.58
CA ASN A 130 42.41 -48.57 -19.44
C ASN A 130 43.75 -48.48 -20.17
N LEU A 131 43.87 -47.58 -21.14
CA LEU A 131 45.05 -47.54 -22.01
C LEU A 131 46.25 -47.04 -21.24
N LYS A 132 46.13 -45.83 -20.70
CA LYS A 132 47.15 -45.25 -19.80
C LYS A 132 46.67 -45.32 -18.33
N GLU A 133 47.60 -45.37 -17.39
CA GLU A 133 47.28 -45.34 -15.96
C GLU A 133 48.21 -44.37 -15.23
N ARG A 134 47.69 -43.18 -14.94
CA ARG A 134 48.45 -42.10 -14.28
C ARG A 134 49.61 -41.58 -15.13
N LYS A 135 49.47 -41.73 -16.46
CA LYS A 135 50.50 -41.35 -17.44
C LYS A 135 51.40 -42.53 -17.89
N GLU A 136 51.34 -43.66 -17.19
CA GLU A 136 52.01 -44.90 -17.61
C GLU A 136 51.14 -45.65 -18.62
N GLU A 137 51.66 -45.90 -19.83
CA GLU A 137 50.89 -46.67 -20.86
C GLU A 137 50.78 -48.14 -20.49
N LYS A 138 49.62 -48.54 -19.98
CA LYS A 138 49.41 -49.92 -19.51
C LYS A 138 48.96 -50.87 -20.62
N CYS A 139 48.52 -50.30 -21.76
CA CYS A 139 48.14 -51.11 -22.92
C CYS A 139 47.94 -50.25 -24.16
N HIS A 140 48.44 -50.74 -25.31
CA HIS A 140 48.41 -49.99 -26.57
C HIS A 140 47.09 -50.21 -27.31
N GLN A 141 46.51 -49.14 -27.83
CA GLN A 141 45.21 -49.22 -28.49
C GLN A 141 45.32 -50.03 -29.77
N TYR A 142 44.55 -51.11 -29.84
CA TYR A 142 44.66 -52.08 -30.91
C TYR A 142 43.41 -52.11 -31.80
N TRP A 143 42.64 -51.03 -31.80
CA TRP A 143 41.42 -50.96 -32.59
C TRP A 143 41.24 -49.56 -33.15
N PRO A 144 40.63 -49.45 -34.34
CA PRO A 144 40.42 -48.13 -34.94
C PRO A 144 39.40 -47.33 -34.15
N ASP A 145 39.62 -46.03 -34.05
CA ASP A 145 38.65 -45.16 -33.37
C ASP A 145 37.44 -45.01 -34.30
N GLN A 146 37.67 -44.46 -35.49
CA GLN A 146 36.67 -44.36 -36.55
C GLN A 146 37.06 -45.30 -37.69
N GLY A 147 36.07 -45.83 -38.40
CA GLY A 147 36.33 -46.55 -39.65
C GLY A 147 37.09 -47.87 -39.53
N CYS A 148 38.10 -48.04 -40.38
CA CYS A 148 38.81 -49.31 -40.53
C CYS A 148 40.33 -49.19 -40.49
N TRP A 149 40.98 -50.34 -40.27
CA TRP A 149 42.42 -50.41 -40.26
C TRP A 149 42.89 -51.84 -40.51
N THR A 150 43.85 -52.00 -41.42
CA THR A 150 44.45 -53.31 -41.68
C THR A 150 45.63 -53.50 -40.72
N TYR A 151 45.46 -54.41 -39.76
CA TYR A 151 46.56 -54.80 -38.85
C TYR A 151 47.21 -56.08 -39.35
N GLY A 152 48.21 -55.92 -40.21
CA GLY A 152 48.86 -57.06 -40.86
C GLY A 152 48.01 -57.58 -41.99
N ASN A 153 47.62 -58.85 -41.92
CA ASN A 153 46.71 -59.42 -42.90
C ASN A 153 45.26 -59.45 -42.39
N ILE A 154 44.95 -58.69 -41.32
CA ILE A 154 43.60 -58.66 -40.74
C ILE A 154 43.06 -57.22 -40.73
N ARG A 155 41.96 -56.99 -41.43
CA ARG A 155 41.31 -55.68 -41.45
C ARG A 155 40.21 -55.61 -40.40
N VAL A 156 40.39 -54.75 -39.39
CA VAL A 156 39.38 -54.55 -38.34
C VAL A 156 38.56 -53.30 -38.67
N CYS A 157 37.26 -53.33 -38.37
CA CYS A 157 36.36 -52.17 -38.59
C CYS A 157 35.35 -51.95 -37.47
N VAL A 158 35.22 -50.70 -37.03
CA VAL A 158 34.31 -50.40 -35.94
C VAL A 158 32.91 -50.33 -36.51
N GLU A 159 32.01 -51.13 -35.96
CA GLU A 159 30.60 -51.12 -36.33
C GLU A 159 29.71 -50.46 -35.28
N ASP A 160 30.07 -50.56 -33.99
CA ASP A 160 29.37 -49.80 -32.92
C ASP A 160 30.27 -49.64 -31.69
N CYS A 161 30.04 -48.56 -30.94
CA CYS A 161 30.60 -48.38 -29.59
C CYS A 161 29.48 -47.86 -28.68
N VAL A 162 29.19 -48.59 -27.61
CA VAL A 162 28.21 -48.16 -26.61
C VAL A 162 28.93 -47.89 -25.28
N VAL A 163 28.84 -46.65 -24.80
CA VAL A 163 29.48 -46.26 -23.55
C VAL A 163 28.50 -46.16 -22.39
N LEU A 164 28.53 -47.15 -21.52
CA LEU A 164 27.80 -47.12 -20.26
C LEU A 164 28.75 -46.70 -19.13
N VAL A 165 28.20 -46.50 -17.94
CA VAL A 165 28.96 -45.94 -16.83
C VAL A 165 30.09 -46.85 -16.36
N ASP A 166 29.84 -48.14 -16.20
CA ASP A 166 30.86 -49.02 -15.61
C ASP A 166 31.76 -49.74 -16.67
N TYR A 167 31.28 -49.78 -17.91
CA TYR A 167 32.02 -50.41 -19.01
C TYR A 167 31.52 -49.87 -20.37
N THR A 168 32.33 -50.00 -21.40
CA THR A 168 31.88 -49.69 -22.75
C THR A 168 32.04 -50.93 -23.64
N ILE A 169 31.28 -50.97 -24.72
CA ILE A 169 31.09 -52.17 -25.51
C ILE A 169 31.31 -51.83 -26.99
N ARG A 170 32.21 -52.53 -27.65
CA ARG A 170 32.56 -52.20 -29.03
C ARG A 170 32.38 -53.39 -29.97
N LYS A 171 31.78 -53.16 -31.13
CA LYS A 171 31.47 -54.24 -32.04
C LYS A 171 32.37 -54.10 -33.27
N PHE A 172 33.24 -55.09 -33.47
CA PHE A 172 34.18 -55.07 -34.59
C PHE A 172 33.82 -56.07 -35.67
N CYS A 173 34.26 -55.79 -36.87
CA CYS A 173 34.07 -56.69 -37.96
C CYS A 173 35.44 -56.97 -38.56
N ILE A 174 36.03 -58.10 -38.20
CA ILE A 174 37.39 -58.43 -38.62
C ILE A 174 37.37 -59.43 -39.77
N GLN A 175 38.39 -59.34 -40.61
CA GLN A 175 38.49 -60.11 -41.84
C GLN A 175 39.88 -59.94 -42.45
N PRO A 176 40.41 -61.01 -43.07
CA PRO A 176 41.63 -60.84 -43.87
C PRO A 176 41.35 -60.35 -45.30
N LYS A 183 37.77 -66.72 -45.52
CA LYS A 183 37.08 -65.73 -46.33
C LYS A 183 35.96 -65.00 -45.55
N ALA A 184 35.13 -65.75 -44.82
CA ALA A 184 33.94 -65.19 -44.14
C ALA A 184 34.33 -64.13 -43.12
N PRO A 185 33.82 -62.89 -43.27
CA PRO A 185 34.12 -61.91 -42.24
C PRO A 185 33.45 -62.33 -40.96
N ARG A 186 33.95 -61.82 -39.84
CA ARG A 186 33.54 -62.29 -38.54
C ARG A 186 33.31 -61.11 -37.60
N LEU A 187 32.37 -61.25 -36.68
CA LEU A 187 32.05 -60.19 -35.73
C LEU A 187 32.67 -60.47 -34.38
N VAL A 188 33.56 -59.59 -33.92
CA VAL A 188 34.16 -59.69 -32.60
C VAL A 188 33.66 -58.54 -31.75
N SER A 189 33.12 -58.87 -30.57
CA SER A 189 32.63 -57.85 -29.64
C SER A 189 33.61 -57.70 -28.48
N GLN A 190 34.08 -56.48 -28.28
CA GLN A 190 35.01 -56.13 -27.22
C GLN A 190 34.25 -55.54 -26.05
N LEU A 191 34.45 -56.09 -24.86
CA LEU A 191 33.83 -55.56 -23.66
C LEU A 191 34.93 -54.94 -22.81
N HIS A 192 34.86 -53.63 -22.63
CA HIS A 192 35.95 -52.89 -21.99
C HIS A 192 35.53 -52.32 -20.65
N PHE A 193 36.00 -52.92 -19.57
CA PHE A 193 35.67 -52.48 -18.22
C PHE A 193 36.45 -51.24 -17.81
N THR A 194 35.75 -50.11 -17.75
CA THR A 194 36.38 -48.81 -17.50
C THR A 194 36.52 -48.48 -16.01
N SER A 195 35.65 -49.05 -15.19
CA SER A 195 35.44 -48.62 -13.78
C SER A 195 36.57 -49.03 -12.82
N TRP A 196 37.41 -49.98 -13.21
CA TRP A 196 38.43 -50.52 -12.31
C TRP A 196 39.43 -49.44 -11.88
N PRO A 197 39.52 -49.17 -10.58
CA PRO A 197 40.32 -48.04 -10.11
C PRO A 197 41.83 -48.24 -10.26
N ASP A 198 42.56 -47.12 -10.25
CA ASP A 198 43.99 -47.10 -10.58
C ASP A 198 44.77 -47.98 -9.62
N PHE A 199 44.71 -47.57 -8.36
CA PHE A 199 45.28 -48.29 -7.24
C PHE A 199 44.16 -49.11 -6.57
N GLY A 200 44.49 -50.34 -6.17
CA GLY A 200 43.59 -51.19 -5.38
C GLY A 200 42.54 -51.87 -6.23
N VAL A 201 41.66 -52.62 -5.58
CA VAL A 201 40.48 -53.22 -6.23
C VAL A 201 39.31 -52.23 -6.14
N PRO A 202 38.17 -52.53 -6.80
CA PRO A 202 37.00 -51.68 -6.68
C PRO A 202 36.46 -51.61 -5.27
N PHE A 203 35.21 -51.18 -5.14
CA PHE A 203 34.64 -50.77 -3.88
C PHE A 203 33.50 -51.76 -3.59
N THR A 204 32.41 -51.66 -4.35
CA THR A 204 31.41 -52.70 -4.46
C THR A 204 31.94 -53.62 -5.55
N PRO A 205 31.55 -54.91 -5.55
CA PRO A 205 31.76 -55.71 -6.74
C PRO A 205 30.51 -55.73 -7.62
N ILE A 206 29.57 -54.82 -7.34
CA ILE A 206 28.32 -54.73 -8.08
C ILE A 206 28.56 -54.68 -9.62
N GLY A 207 29.30 -53.66 -10.05
CA GLY A 207 29.58 -53.46 -11.48
C GLY A 207 30.15 -54.70 -12.16
N MET A 208 31.10 -55.33 -11.51
CA MET A 208 31.82 -56.44 -12.09
C MET A 208 30.94 -57.67 -12.32
N LEU A 209 29.93 -57.86 -11.48
CA LEU A 209 29.06 -59.02 -11.67
C LEU A 209 28.13 -58.78 -12.86
N LYS A 210 27.66 -57.55 -13.02
CA LYS A 210 26.82 -57.19 -14.19
C LYS A 210 27.60 -57.32 -15.50
N PHE A 211 28.82 -56.81 -15.47
CA PHE A 211 29.75 -56.92 -16.58
C PHE A 211 30.01 -58.38 -16.96
N LEU A 212 30.14 -59.24 -15.96
CA LEU A 212 30.48 -60.63 -16.20
C LEU A 212 29.27 -61.38 -16.79
N LYS A 213 28.06 -60.87 -16.53
CA LYS A 213 26.86 -61.44 -17.11
C LYS A 213 26.75 -61.01 -18.56
N LYS A 214 27.17 -59.78 -18.86
CA LYS A 214 27.07 -59.26 -20.23
C LYS A 214 28.04 -60.02 -21.14
N VAL A 215 29.15 -60.47 -20.59
CA VAL A 215 30.06 -61.29 -21.37
C VAL A 215 29.42 -62.64 -21.69
N LYS A 216 28.81 -63.30 -20.70
CA LYS A 216 28.08 -64.56 -20.94
C LYS A 216 27.04 -64.39 -22.04
N THR A 217 26.37 -63.23 -22.04
CA THR A 217 25.33 -62.90 -23.02
C THR A 217 25.83 -62.77 -24.46
N LEU A 218 26.96 -62.08 -24.65
CA LEU A 218 27.43 -61.73 -25.99
C LEU A 218 28.38 -62.74 -26.63
N ASN A 219 28.79 -63.78 -25.90
CA ASN A 219 29.69 -64.77 -26.47
C ASN A 219 28.86 -65.92 -27.00
N PRO A 220 28.97 -66.22 -28.29
CA PRO A 220 28.19 -67.32 -28.85
C PRO A 220 28.62 -68.70 -28.37
N VAL A 221 27.65 -69.60 -28.19
CA VAL A 221 27.89 -70.99 -27.78
C VAL A 221 28.98 -71.68 -28.62
N HIS A 222 28.99 -71.43 -29.93
CA HIS A 222 29.92 -72.09 -30.85
C HIS A 222 31.32 -71.50 -30.87
N ALA A 223 31.51 -70.31 -30.32
CA ALA A 223 32.75 -69.55 -30.52
C ALA A 223 33.98 -70.20 -29.91
N GLY A 224 35.14 -69.63 -30.22
CA GLY A 224 36.42 -70.01 -29.62
C GLY A 224 36.57 -69.46 -28.21
N PRO A 225 37.79 -69.53 -27.64
CA PRO A 225 38.00 -69.05 -26.28
C PRO A 225 37.92 -67.53 -26.15
N ILE A 226 37.50 -67.07 -24.97
CA ILE A 226 37.33 -65.65 -24.72
C ILE A 226 38.66 -65.04 -24.41
N VAL A 227 39.06 -64.03 -25.17
CA VAL A 227 40.33 -63.36 -24.90
C VAL A 227 40.14 -62.35 -23.78
N VAL A 228 40.80 -62.56 -22.66
CA VAL A 228 40.72 -61.64 -21.53
C VAL A 228 42.09 -61.06 -21.34
N HIS A 229 42.19 -59.75 -21.33
CA HIS A 229 43.50 -59.12 -21.16
C HIS A 229 43.45 -57.88 -20.27
N CYS A 230 44.56 -57.61 -19.59
CA CYS A 230 44.70 -56.40 -18.80
C CYS A 230 46.00 -55.68 -19.19
N SER A 231 47.00 -55.64 -18.32
CA SER A 231 48.32 -55.12 -18.71
C SER A 231 49.29 -56.28 -18.80
N ALA A 232 49.49 -56.97 -17.68
CA ALA A 232 50.42 -58.10 -17.59
C ALA A 232 49.77 -59.41 -18.01
N GLY A 233 48.45 -59.46 -17.97
CA GLY A 233 47.72 -60.67 -18.35
C GLY A 233 47.53 -61.64 -17.20
N VAL A 234 47.89 -61.20 -16.01
CA VAL A 234 47.63 -61.91 -14.76
C VAL A 234 47.21 -60.83 -13.76
N GLY A 235 46.18 -61.10 -12.97
CA GLY A 235 45.75 -60.11 -11.97
C GLY A 235 44.29 -59.78 -12.07
N ARG A 236 43.97 -58.70 -12.77
CA ARG A 236 42.57 -58.41 -13.03
C ARG A 236 42.01 -59.54 -13.88
N THR A 237 42.74 -59.83 -14.96
CA THR A 237 42.38 -60.92 -15.86
C THR A 237 42.15 -62.23 -15.08
N GLY A 238 42.91 -62.45 -14.02
CA GLY A 238 42.75 -63.62 -13.17
C GLY A 238 41.52 -63.53 -12.28
N THR A 239 41.38 -62.43 -11.55
CA THR A 239 40.23 -62.28 -10.66
C THR A 239 38.93 -62.45 -11.46
N PHE A 240 38.92 -61.98 -12.70
CA PHE A 240 37.76 -62.14 -13.58
C PHE A 240 37.46 -63.59 -13.93
N ILE A 241 38.49 -64.30 -14.38
CA ILE A 241 38.35 -65.73 -14.70
C ILE A 241 37.91 -66.55 -13.49
N VAL A 242 38.50 -66.29 -12.32
CA VAL A 242 38.11 -67.00 -11.10
C VAL A 242 36.64 -66.74 -10.70
N ILE A 243 36.22 -65.48 -10.72
CA ILE A 243 34.83 -65.14 -10.38
C ILE A 243 33.84 -65.88 -11.29
N ASP A 244 34.13 -65.99 -12.59
CA ASP A 244 33.26 -66.77 -13.49
C ASP A 244 33.25 -68.24 -13.07
N ALA A 245 34.44 -68.83 -12.97
CA ALA A 245 34.57 -70.23 -12.58
C ALA A 245 33.80 -70.54 -11.31
N MET A 246 33.96 -69.69 -10.31
CA MET A 246 33.34 -69.93 -9.01
C MET A 246 31.82 -69.71 -8.98
N MET A 247 31.32 -68.82 -9.83
CA MET A 247 29.88 -68.68 -9.99
C MET A 247 29.33 -69.99 -10.53
N ALA A 248 30.03 -70.56 -11.50
CA ALA A 248 29.67 -71.88 -12.05
C ALA A 248 29.60 -72.91 -10.94
N MET A 249 30.65 -72.97 -10.13
CA MET A 249 30.76 -73.96 -9.07
C MET A 249 29.62 -73.83 -8.06
N MET A 250 29.23 -72.61 -7.70
CA MET A 250 28.07 -72.41 -6.82
C MET A 250 26.84 -72.99 -7.48
N HIS A 251 26.61 -72.59 -8.72
CA HIS A 251 25.42 -72.99 -9.45
C HIS A 251 25.35 -74.47 -9.79
N ALA A 252 26.41 -75.22 -9.48
CA ALA A 252 26.46 -76.65 -9.75
C ALA A 252 26.63 -77.42 -8.45
N GLU A 253 27.71 -77.13 -7.74
CA GLU A 253 28.09 -77.91 -6.55
C GLU A 253 27.51 -77.39 -5.24
N GLN A 254 26.98 -76.17 -5.25
CA GLN A 254 26.48 -75.50 -4.04
C GLN A 254 27.60 -75.26 -3.00
N LYS A 255 28.84 -75.37 -3.46
CA LYS A 255 30.03 -75.09 -2.64
C LYS A 255 31.02 -74.27 -3.48
N VAL A 256 31.90 -73.51 -2.83
CA VAL A 256 32.92 -72.73 -3.54
C VAL A 256 34.33 -73.07 -2.98
N ASP A 257 35.30 -73.30 -3.89
CA ASP A 257 36.70 -73.54 -3.49
C ASP A 257 37.70 -72.66 -4.28
N VAL A 258 37.77 -71.38 -3.91
CA VAL A 258 38.65 -70.41 -4.55
C VAL A 258 40.13 -70.80 -4.52
N PHE A 259 40.57 -71.46 -3.44
CA PHE A 259 41.99 -71.78 -3.27
C PHE A 259 42.44 -72.88 -4.22
N GLU A 260 41.63 -73.92 -4.39
CA GLU A 260 41.99 -75.04 -5.27
C GLU A 260 41.97 -74.61 -6.74
N PHE A 261 41.16 -73.62 -7.09
CA PHE A 261 41.07 -73.18 -8.46
C PHE A 261 42.21 -72.27 -8.85
N VAL A 262 42.45 -71.22 -8.06
CA VAL A 262 43.58 -70.31 -8.33
C VAL A 262 44.85 -71.15 -8.45
N SER A 263 45.01 -72.12 -7.54
CA SER A 263 46.10 -73.10 -7.60
C SER A 263 46.16 -73.81 -8.97
N ARG A 264 45.01 -74.26 -9.47
CA ARG A 264 44.94 -74.93 -10.78
C ARG A 264 45.36 -74.01 -11.94
N ILE A 265 44.74 -72.83 -12.01
CA ILE A 265 44.99 -71.94 -13.16
C ILE A 265 46.42 -71.40 -13.17
N ARG A 266 47.08 -71.37 -12.02
CA ARG A 266 48.48 -70.93 -11.97
C ARG A 266 49.44 -71.92 -12.64
N ASN A 267 49.08 -73.19 -12.65
CA ASN A 267 49.86 -74.16 -13.40
C ASN A 267 49.64 -74.04 -14.91
N GLN A 268 48.79 -73.11 -15.34
CA GLN A 268 48.65 -72.76 -16.76
C GLN A 268 49.28 -71.40 -17.09
N ARG A 269 49.12 -70.46 -16.19
CA ARG A 269 49.77 -69.18 -16.33
C ARG A 269 50.10 -68.69 -14.94
N PRO A 270 51.40 -68.68 -14.58
CA PRO A 270 51.78 -68.36 -13.20
C PRO A 270 51.37 -66.97 -12.75
N GLN A 271 51.27 -66.81 -11.43
CA GLN A 271 50.92 -65.54 -10.78
C GLN A 271 49.49 -65.07 -11.02
N MET A 272 48.58 -66.00 -11.28
CA MET A 272 47.30 -65.60 -11.88
C MET A 272 46.63 -64.49 -11.13
N VAL A 273 46.38 -64.64 -9.83
CA VAL A 273 45.82 -63.51 -9.10
C VAL A 273 46.97 -62.77 -8.43
N GLN A 274 47.01 -61.44 -8.53
CA GLN A 274 48.23 -60.71 -8.15
C GLN A 274 48.30 -60.12 -6.75
N THR A 275 47.17 -59.88 -6.10
CA THR A 275 47.19 -59.16 -4.83
C THR A 275 46.39 -59.89 -3.75
N ASP A 276 46.77 -59.67 -2.48
CA ASP A 276 45.94 -60.07 -1.33
C ASP A 276 44.55 -59.42 -1.49
N MET A 277 44.54 -58.13 -1.82
CA MET A 277 43.31 -57.35 -1.97
C MET A 277 42.48 -57.87 -3.14
N GLN A 278 43.11 -58.47 -4.14
CA GLN A 278 42.38 -59.13 -5.25
C GLN A 278 41.72 -60.45 -4.83
N TYR A 279 42.46 -61.23 -4.05
CA TYR A 279 41.98 -62.53 -3.57
C TYR A 279 40.76 -62.38 -2.69
N THR A 280 40.81 -61.43 -1.75
CA THR A 280 39.64 -61.10 -0.95
C THR A 280 38.44 -60.73 -1.85
N PHE A 281 38.71 -59.95 -2.90
CA PHE A 281 37.66 -59.40 -3.80
C PHE A 281 36.85 -60.45 -4.53
N ILE A 282 37.50 -61.54 -4.89
CA ILE A 282 36.81 -62.70 -5.48
C ILE A 282 35.73 -63.20 -4.52
N TYR A 283 36.07 -63.22 -3.23
CA TYR A 283 35.15 -63.70 -2.22
C TYR A 283 33.99 -62.74 -2.04
N GLN A 284 34.25 -61.44 -1.98
CA GLN A 284 33.18 -60.45 -1.88
C GLN A 284 32.18 -60.55 -3.02
N ALA A 285 32.69 -60.65 -4.25
CA ALA A 285 31.85 -60.82 -5.42
C ALA A 285 31.00 -62.08 -5.32
N LEU A 286 31.64 -63.18 -4.93
CA LEU A 286 30.94 -64.44 -4.74
C LEU A 286 29.82 -64.35 -3.69
N LEU A 287 30.09 -63.67 -2.57
CA LEU A 287 29.07 -63.47 -1.52
C LEU A 287 27.90 -62.64 -2.03
N GLU A 288 28.22 -61.47 -2.57
CA GLU A 288 27.25 -60.59 -3.20
C GLU A 288 26.35 -61.39 -4.14
N TYR A 289 26.98 -62.20 -4.99
CA TYR A 289 26.25 -63.00 -5.98
C TYR A 289 25.42 -64.12 -5.39
N TYR A 290 25.68 -64.47 -4.14
CA TYR A 290 24.88 -65.49 -3.48
C TYR A 290 23.72 -64.82 -2.74
N LEU A 291 24.06 -63.96 -1.79
CA LEU A 291 23.06 -63.26 -0.95
C LEU A 291 21.98 -62.58 -1.77
N TYR A 292 22.40 -61.79 -2.77
CA TYR A 292 21.46 -61.00 -3.56
C TYR A 292 21.26 -61.56 -4.96
N GLY A 293 22.31 -62.13 -5.53
CA GLY A 293 22.27 -62.81 -6.82
C GLY A 293 21.13 -62.43 -7.74
N ASP A 294 20.16 -63.33 -7.88
CA ASP A 294 19.10 -63.17 -8.87
C ASP A 294 17.96 -62.26 -8.39
N THR A 295 18.07 -60.97 -8.73
CA THR A 295 16.96 -60.03 -8.61
C THR A 295 16.72 -59.33 -9.94
N GLU A 296 17.56 -59.58 -10.94
CA GLU A 296 17.31 -59.09 -12.31
C GLU A 296 16.20 -59.90 -12.95
N LEU A 297 15.48 -59.29 -13.89
CA LEU A 297 14.44 -60.00 -14.62
C LEU A 297 14.31 -59.38 -16.01
N ASP A 298 13.87 -60.18 -16.98
CA ASP A 298 13.77 -59.71 -18.36
C ASP A 298 12.39 -59.14 -18.63
N VAL A 299 12.32 -58.12 -19.49
CA VAL A 299 11.06 -57.40 -19.77
C VAL A 299 9.94 -58.32 -20.24
N SER A 300 10.32 -59.51 -20.73
CA SER A 300 9.33 -60.59 -21.01
C SER A 300 8.51 -60.97 -19.77
N SER A 301 9.21 -61.30 -18.67
CA SER A 301 8.57 -61.62 -17.39
C SER A 301 7.71 -60.45 -16.90
N GLY A 320 6.66 -61.00 -2.12
CA GLY A 320 7.57 -61.02 -3.27
C GLY A 320 8.51 -59.80 -3.31
N LEU A 321 7.92 -58.62 -3.37
CA LEU A 321 8.65 -57.36 -3.24
C LEU A 321 8.91 -57.08 -1.77
N GLU A 322 8.07 -57.64 -0.91
CA GLU A 322 8.22 -57.48 0.51
C GLU A 322 9.64 -57.86 0.89
N GLU A 323 10.03 -59.10 0.56
CA GLU A 323 11.35 -59.65 0.93
C GLU A 323 12.51 -58.84 0.35
N GLU A 324 12.43 -58.51 -0.93
CA GLU A 324 13.45 -57.67 -1.56
C GLU A 324 13.61 -56.35 -0.81
N PHE A 325 12.53 -55.80 -0.28
CA PHE A 325 12.64 -54.52 0.41
C PHE A 325 13.28 -54.67 1.78
N ARG A 326 13.05 -55.81 2.43
CA ARG A 326 13.72 -56.09 3.70
C ARG A 326 15.24 -56.07 3.47
N LYS A 327 15.67 -56.72 2.39
CA LYS A 327 17.09 -56.78 2.06
C LYS A 327 17.65 -55.37 1.88
N LEU A 328 17.03 -54.58 0.99
CA LEU A 328 17.37 -53.16 0.79
C LEU A 328 17.52 -52.37 2.08
N THR A 329 16.62 -52.67 3.02
CA THR A 329 16.60 -52.02 4.32
C THR A 329 17.74 -52.47 5.24
N ASN A 330 18.34 -53.62 4.93
CA ASN A 330 19.54 -54.06 5.63
C ASN A 330 20.85 -53.59 4.98
N VAL A 331 20.77 -52.72 3.97
CA VAL A 331 21.95 -52.02 3.48
C VAL A 331 22.47 -51.10 4.58
N ARG A 332 23.67 -51.40 5.08
CA ARG A 332 24.25 -50.61 6.17
C ARG A 332 24.41 -49.15 5.74
N ILE A 333 24.12 -48.23 6.67
CA ILE A 333 24.41 -46.82 6.47
C ILE A 333 25.83 -46.54 6.99
N MET A 334 26.71 -46.15 6.07
CA MET A 334 28.13 -45.87 6.41
C MET A 334 28.26 -44.59 7.26
N LYS A 335 27.83 -44.69 8.52
CA LYS A 335 27.71 -43.53 9.40
C LYS A 335 29.08 -42.97 9.78
N GLU A 336 30.10 -43.83 9.79
CA GLU A 336 31.49 -43.38 9.89
C GLU A 336 31.78 -42.35 8.78
N ASN A 337 31.43 -42.70 7.55
CA ASN A 337 31.74 -41.88 6.39
C ASN A 337 30.78 -40.69 6.12
N MET A 338 30.23 -40.09 7.19
CA MET A 338 29.27 -38.96 7.09
C MET A 338 29.72 -37.71 7.88
N ARG A 339 31.03 -37.50 8.02
CA ARG A 339 31.58 -36.46 8.89
C ARG A 339 31.06 -35.05 8.56
N THR A 340 31.49 -34.48 7.43
CA THR A 340 31.13 -33.09 7.04
C THR A 340 29.67 -32.73 7.39
N GLY A 341 28.72 -33.59 6.99
CA GLY A 341 27.30 -33.34 7.22
C GLY A 341 26.83 -33.29 8.67
N ASN A 342 27.65 -33.82 9.59
CA ASN A 342 27.37 -33.81 11.03
C ASN A 342 28.21 -32.80 11.83
N LEU A 343 29.29 -32.27 11.24
CA LEU A 343 30.04 -31.17 11.86
C LEU A 343 29.03 -30.09 12.26
N PRO A 344 29.24 -29.43 13.42
CA PRO A 344 28.23 -28.56 14.03
C PRO A 344 27.64 -27.48 13.13
N ALA A 345 28.49 -26.69 12.48
CA ALA A 345 28.01 -25.64 11.58
C ALA A 345 27.04 -26.16 10.52
N ASN A 346 27.32 -27.35 9.98
CA ASN A 346 26.53 -27.96 8.91
C ASN A 346 25.25 -28.66 9.39
N MET A 347 25.14 -28.85 10.71
CA MET A 347 23.94 -29.46 11.28
C MET A 347 22.71 -28.66 10.85
N LYS A 348 22.72 -27.36 11.16
CA LYS A 348 21.58 -26.45 10.92
C LYS A 348 21.09 -26.36 9.46
N LYS A 349 21.91 -26.82 8.52
CA LYS A 349 21.63 -26.63 7.09
C LYS A 349 20.91 -27.81 6.46
N ALA A 350 20.44 -28.75 7.27
CA ALA A 350 19.82 -29.98 6.76
C ALA A 350 18.41 -30.17 7.30
N ARG A 351 17.42 -30.25 6.42
CA ARG A 351 16.04 -30.57 6.81
C ARG A 351 15.89 -31.83 7.66
N VAL A 352 16.62 -32.89 7.32
CA VAL A 352 16.66 -34.09 8.16
C VAL A 352 18.10 -34.50 8.45
N ILE A 353 18.57 -34.20 9.67
CA ILE A 353 19.96 -34.49 10.09
C ILE A 353 20.32 -35.98 9.95
N GLN A 354 19.36 -36.80 9.56
CA GLN A 354 19.57 -38.22 9.31
C GLN A 354 19.69 -38.56 7.81
N ILE A 355 19.12 -37.75 6.91
CA ILE A 355 19.31 -37.92 5.46
C ILE A 355 20.30 -36.88 4.93
N ILE A 356 21.54 -37.34 4.73
CA ILE A 356 22.73 -36.49 4.66
C ILE A 356 23.80 -37.18 3.82
N PRO A 357 24.61 -36.41 3.06
CA PRO A 357 25.49 -37.08 2.12
C PRO A 357 26.66 -37.81 2.78
N TYR A 358 27.07 -38.91 2.18
CA TYR A 358 28.32 -39.57 2.53
C TYR A 358 29.45 -38.68 2.04
N ASP A 359 30.56 -38.70 2.77
CA ASP A 359 31.67 -37.80 2.48
C ASP A 359 32.28 -37.98 1.09
N PHE A 360 32.20 -39.19 0.53
CA PHE A 360 32.85 -39.45 -0.75
C PHE A 360 32.11 -38.82 -1.92
N ASN A 361 30.80 -38.95 -2.01
CA ASN A 361 30.12 -38.46 -3.19
C ASN A 361 29.33 -37.19 -2.96
N ARG A 362 29.77 -36.40 -2.00
CA ARG A 362 29.05 -35.17 -1.71
C ARG A 362 29.43 -34.08 -2.69
N VAL A 363 28.46 -33.23 -3.00
CA VAL A 363 28.64 -32.06 -3.81
C VAL A 363 29.41 -31.02 -2.99
N ILE A 364 30.55 -30.55 -3.52
CA ILE A 364 31.42 -29.62 -2.80
C ILE A 364 31.48 -28.26 -3.51
N LEU A 365 31.38 -27.16 -2.75
CA LEU A 365 31.29 -25.84 -3.36
C LEU A 365 32.54 -25.00 -3.08
N SER A 366 32.62 -23.83 -3.71
CA SER A 366 33.73 -22.91 -3.50
C SER A 366 33.64 -22.28 -2.10
N MET A 367 34.78 -22.18 -1.39
CA MET A 367 34.75 -21.70 0.00
C MET A 367 34.66 -20.17 0.08
N TYR A 373 32.94 -23.32 7.02
CA TYR A 373 32.24 -24.51 6.54
C TYR A 373 31.30 -24.24 5.35
N THR A 374 31.68 -23.30 4.48
CA THR A 374 30.83 -22.86 3.37
C THR A 374 30.82 -23.83 2.20
N ASP A 375 31.62 -24.89 2.29
CA ASP A 375 31.69 -25.89 1.22
C ASP A 375 30.57 -26.92 1.23
N TYR A 376 29.57 -26.77 2.11
CA TYR A 376 28.59 -27.82 2.38
C TYR A 376 27.20 -27.52 1.86
N ILE A 377 26.63 -28.49 1.16
CA ILE A 377 25.24 -28.43 0.78
C ILE A 377 24.75 -29.87 0.85
N ASN A 378 23.63 -30.10 1.51
CA ASN A 378 23.08 -31.45 1.62
C ASN A 378 22.70 -32.00 0.24
N ALA A 379 23.68 -32.54 -0.47
CA ALA A 379 23.48 -32.91 -1.87
C ALA A 379 24.58 -33.86 -2.31
N SER A 380 24.21 -34.92 -3.02
CA SER A 380 25.12 -36.00 -3.36
C SER A 380 25.11 -36.26 -4.87
N PHE A 381 26.29 -36.47 -5.43
CA PHE A 381 26.41 -36.97 -6.82
C PHE A 381 25.95 -38.45 -6.93
N ILE A 382 25.17 -38.73 -7.96
CA ILE A 382 24.62 -40.06 -8.18
C ILE A 382 24.84 -40.51 -9.62
N ASP A 383 25.31 -41.74 -9.78
CA ASP A 383 25.61 -42.29 -11.10
C ASP A 383 24.33 -42.52 -11.87
N GLY A 384 24.35 -42.20 -13.16
CA GLY A 384 23.25 -42.54 -14.06
C GLY A 384 23.54 -43.87 -14.75
N TYR A 385 22.77 -44.18 -15.79
CA TYR A 385 22.97 -45.42 -16.56
C TYR A 385 24.10 -45.26 -17.55
N ARG A 386 24.29 -44.05 -18.07
CA ARG A 386 25.29 -43.83 -19.10
C ARG A 386 26.55 -43.10 -18.65
N GLN A 387 26.47 -42.31 -17.58
CA GLN A 387 27.67 -41.66 -17.07
C GLN A 387 27.65 -41.46 -15.56
N LYS A 388 28.84 -41.27 -14.99
CA LYS A 388 29.00 -41.03 -13.56
C LYS A 388 28.52 -39.63 -13.18
N ASP A 389 28.33 -39.40 -11.87
CA ASP A 389 27.89 -38.10 -11.33
C ASP A 389 26.87 -37.38 -12.21
N TYR A 390 25.84 -38.11 -12.65
CA TYR A 390 24.87 -37.58 -13.63
C TYR A 390 23.68 -36.83 -13.00
N PHE A 391 23.36 -37.13 -11.74
CA PHE A 391 22.33 -36.42 -11.01
C PHE A 391 22.93 -35.83 -9.74
N ILE A 392 22.42 -34.68 -9.32
CA ILE A 392 22.67 -34.17 -7.99
C ILE A 392 21.38 -34.38 -7.22
N ALA A 393 21.40 -35.26 -6.21
CA ALA A 393 20.20 -35.56 -5.41
C ALA A 393 20.23 -34.75 -4.15
N THR A 394 19.40 -33.73 -4.07
CA THR A 394 19.50 -32.77 -2.99
C THR A 394 18.19 -32.62 -2.26
N GLN A 395 18.25 -31.95 -1.13
CA GLN A 395 17.08 -31.57 -0.36
C GLN A 395 16.45 -30.33 -0.98
N GLY A 396 15.21 -30.06 -0.59
CA GLY A 396 14.58 -28.81 -0.90
C GLY A 396 15.33 -27.73 -0.13
N PRO A 397 15.76 -26.67 -0.83
CA PRO A 397 16.48 -25.61 -0.16
C PRO A 397 15.72 -25.10 1.03
N LEU A 398 16.42 -24.83 2.12
CA LEU A 398 15.84 -24.11 3.25
C LEU A 398 15.93 -22.64 2.92
N ALA A 399 15.15 -21.84 3.63
CA ALA A 399 15.20 -20.39 3.43
C ALA A 399 16.58 -19.82 3.68
N HIS A 400 17.36 -20.50 4.51
CA HIS A 400 18.74 -20.10 4.77
C HIS A 400 19.80 -20.93 4.01
N THR A 401 19.43 -21.57 2.89
CA THR A 401 20.41 -22.22 2.00
C THR A 401 20.17 -21.99 0.49
N VAL A 402 19.28 -21.08 0.12
CA VAL A 402 19.09 -20.70 -1.29
C VAL A 402 20.39 -20.21 -1.92
N GLU A 403 21.11 -19.34 -1.21
CA GLU A 403 22.39 -18.83 -1.71
C GLU A 403 23.21 -20.03 -2.19
N ASP A 404 23.41 -20.98 -1.27
CA ASP A 404 24.21 -22.16 -1.53
C ASP A 404 23.61 -22.97 -2.69
N PHE A 405 22.31 -23.25 -2.63
CA PHE A 405 21.63 -24.01 -3.70
C PHE A 405 22.03 -23.55 -5.10
N TRP A 406 21.77 -22.28 -5.40
CA TRP A 406 22.11 -21.69 -6.69
C TRP A 406 23.61 -21.68 -7.01
N ARG A 407 24.46 -21.52 -6.01
CA ARG A 407 25.92 -21.72 -6.20
C ARG A 407 26.24 -23.16 -6.64
N MET A 408 25.50 -24.14 -6.12
CA MET A 408 25.68 -25.50 -6.56
C MET A 408 25.30 -25.63 -8.04
N ILE A 409 24.09 -25.18 -8.39
CA ILE A 409 23.63 -25.18 -9.79
C ILE A 409 24.66 -24.52 -10.70
N TRP A 410 25.15 -23.36 -10.30
CA TRP A 410 26.11 -22.64 -11.11
C TRP A 410 27.44 -23.36 -11.16
N GLU A 411 27.95 -23.80 -10.03
CA GLU A 411 29.29 -24.38 -10.01
C GLU A 411 29.41 -25.76 -10.66
N TRP A 412 28.31 -26.48 -10.84
CA TRP A 412 28.39 -27.78 -11.50
C TRP A 412 27.65 -27.84 -12.84
N LYS A 413 27.49 -26.67 -13.45
CA LYS A 413 26.94 -26.53 -14.80
C LYS A 413 25.59 -27.26 -14.98
N SER A 414 24.77 -27.26 -13.93
CA SER A 414 23.45 -27.84 -13.98
C SER A 414 22.54 -26.92 -14.78
N HIS A 415 21.74 -27.50 -15.69
CA HIS A 415 20.77 -26.73 -16.49
C HIS A 415 19.34 -27.26 -16.37
N THR A 416 19.17 -28.28 -15.55
CA THR A 416 17.88 -28.94 -15.38
C THR A 416 17.61 -29.13 -13.88
N ILE A 417 16.47 -28.64 -13.41
CA ILE A 417 16.05 -28.86 -12.04
C ILE A 417 14.75 -29.68 -12.12
N VAL A 418 14.69 -30.78 -11.37
CA VAL A 418 13.48 -31.56 -11.26
C VAL A 418 12.99 -31.41 -9.82
N MET A 419 11.79 -30.86 -9.63
CA MET A 419 11.21 -30.62 -8.32
C MET A 419 10.03 -31.53 -8.12
N LEU A 420 10.03 -32.27 -7.01
CA LEU A 420 9.05 -33.34 -6.74
C LEU A 420 8.12 -33.10 -5.54
N THR A 421 8.21 -31.94 -4.91
CA THR A 421 7.25 -31.55 -3.87
C THR A 421 6.61 -30.22 -4.27
N GLU A 422 5.61 -29.80 -3.51
CA GLU A 422 5.14 -28.41 -3.54
C GLU A 422 5.78 -27.69 -2.33
N VAL A 423 5.69 -26.36 -2.31
CA VAL A 423 6.25 -25.57 -1.22
C VAL A 423 5.66 -26.01 0.13
N GLN A 424 4.33 -25.96 0.26
CA GLN A 424 3.62 -26.47 1.45
C GLN A 424 2.86 -27.78 1.13
N GLU A 425 2.76 -28.68 2.12
CA GLU A 425 2.00 -29.94 1.99
C GLU A 425 1.40 -30.32 3.35
N ARG A 426 0.09 -30.55 3.38
CA ARG A 426 -0.61 -30.90 4.61
C ARG A 426 -0.22 -29.93 5.72
N GLU A 427 -0.19 -28.65 5.39
CA GLU A 427 0.12 -27.58 6.36
C GLU A 427 1.53 -27.69 6.94
N GLN A 428 2.44 -28.36 6.23
CA GLN A 428 3.82 -28.53 6.68
C GLN A 428 4.76 -27.92 5.65
N ASP A 429 5.63 -26.99 6.07
CA ASP A 429 6.53 -26.27 5.15
C ASP A 429 7.62 -27.21 4.61
N LYS A 430 7.40 -27.76 3.41
CA LYS A 430 8.22 -28.84 2.85
C LYS A 430 9.33 -28.39 1.86
N CYS A 431 9.28 -27.13 1.41
CA CYS A 431 10.36 -26.55 0.57
C CYS A 431 10.27 -25.02 0.39
N TYR A 432 11.41 -24.34 0.43
CA TYR A 432 11.45 -22.89 0.28
C TYR A 432 11.43 -22.55 -1.17
N GLN A 433 10.58 -21.61 -1.56
CA GLN A 433 10.48 -21.22 -2.96
C GLN A 433 11.72 -20.44 -3.41
N TYR A 434 12.61 -21.12 -4.13
CA TYR A 434 13.90 -20.56 -4.52
C TYR A 434 13.85 -19.79 -5.83
N TRP A 435 12.75 -19.88 -6.56
CA TRP A 435 12.67 -19.32 -7.91
C TRP A 435 11.65 -18.22 -7.90
N PRO A 436 11.89 -17.16 -8.68
CA PRO A 436 10.89 -16.10 -8.76
C PRO A 436 9.74 -16.53 -9.68
N THR A 437 8.55 -15.97 -9.44
CA THR A 437 7.37 -16.31 -10.25
C THR A 437 7.03 -15.25 -11.29
N GLU A 438 7.18 -13.98 -10.90
CA GLU A 438 6.78 -12.85 -11.76
C GLU A 438 7.99 -12.16 -12.36
N GLY A 439 8.89 -11.68 -11.50
CA GLY A 439 10.00 -10.84 -11.94
C GLY A 439 11.32 -11.57 -11.88
N SER A 440 12.32 -10.92 -11.27
CA SER A 440 13.63 -11.51 -11.02
C SER A 440 13.94 -11.47 -9.51
N VAL A 441 14.90 -12.29 -9.07
CA VAL A 441 15.40 -12.29 -7.69
C VAL A 441 16.88 -12.57 -7.67
N THR A 442 17.60 -11.87 -6.80
CA THR A 442 19.05 -12.08 -6.65
C THR A 442 19.37 -12.79 -5.33
N HIS A 443 19.69 -14.08 -5.40
CA HIS A 443 20.20 -14.85 -4.26
C HIS A 443 21.73 -14.79 -4.19
N GLY A 444 22.24 -13.71 -3.59
CA GLY A 444 23.66 -13.45 -3.49
C GLY A 444 24.23 -12.96 -4.82
N GLU A 445 25.28 -13.65 -5.28
CA GLU A 445 25.93 -13.33 -6.54
C GLU A 445 25.12 -13.80 -7.76
N ILE A 446 24.23 -14.78 -7.60
CA ILE A 446 23.40 -15.28 -8.70
C ILE A 446 22.14 -14.45 -8.83
N THR A 447 21.61 -14.32 -10.05
CA THR A 447 20.33 -13.63 -10.34
C THR A 447 19.46 -14.53 -11.19
N ILE A 448 18.20 -14.73 -10.77
CA ILE A 448 17.23 -15.56 -11.51
C ILE A 448 16.13 -14.69 -12.08
N GLU A 449 15.94 -14.70 -13.40
CA GLU A 449 14.83 -14.00 -14.06
C GLU A 449 14.05 -15.04 -14.85
N ILE A 450 12.73 -15.06 -14.65
CA ILE A 450 11.87 -16.07 -15.25
C ILE A 450 11.39 -15.63 -16.62
N LYS A 451 11.65 -16.48 -17.62
CA LYS A 451 11.38 -16.17 -19.02
C LYS A 451 10.02 -16.72 -19.45
N ASN A 452 9.82 -18.03 -19.27
CA ASN A 452 8.57 -18.71 -19.61
C ASN A 452 8.12 -19.55 -18.41
N ASP A 453 6.81 -19.76 -18.26
CA ASP A 453 6.24 -20.61 -17.19
C ASP A 453 4.97 -21.36 -17.63
N THR A 454 5.11 -22.53 -18.27
CA THR A 454 3.97 -23.27 -18.85
C THR A 454 3.49 -24.45 -17.98
N LEU A 455 2.28 -24.33 -17.42
CA LEU A 455 1.63 -25.43 -16.66
C LEU A 455 0.96 -26.44 -17.59
N SER A 456 1.72 -27.49 -17.94
CA SER A 456 1.18 -28.60 -18.74
C SER A 456 0.49 -29.61 -17.81
N GLU A 457 -0.01 -30.71 -18.39
CA GLU A 457 -0.63 -31.79 -17.63
C GLU A 457 0.40 -32.35 -16.64
N ALA A 458 0.10 -32.23 -15.34
CA ALA A 458 0.96 -32.75 -14.26
C ALA A 458 2.19 -31.87 -14.01
N ILE A 459 3.05 -31.74 -15.03
CA ILE A 459 4.25 -30.92 -14.92
C ILE A 459 3.96 -29.49 -15.38
N SER A 460 4.37 -28.54 -14.54
CA SER A 460 4.57 -27.17 -14.97
C SER A 460 6.07 -27.02 -15.27
N ILE A 461 6.40 -26.22 -16.30
CA ILE A 461 7.77 -26.13 -16.82
C ILE A 461 8.25 -24.70 -16.93
N ARG A 462 9.10 -24.28 -16.00
CA ARG A 462 9.58 -22.89 -15.94
C ARG A 462 10.96 -22.72 -16.59
N ASP A 463 11.18 -21.53 -17.17
CA ASP A 463 12.44 -21.17 -17.81
C ASP A 463 13.03 -19.93 -17.19
N PHE A 464 14.33 -19.98 -16.90
CA PHE A 464 15.03 -18.92 -16.21
C PHE A 464 16.31 -18.51 -16.93
N LEU A 465 16.66 -17.23 -16.83
CA LEU A 465 18.00 -16.75 -17.15
C LEU A 465 18.76 -16.53 -15.85
N VAL A 466 19.59 -17.50 -15.48
CA VAL A 466 20.46 -17.41 -14.32
C VAL A 466 21.73 -16.63 -14.71
N THR A 467 22.03 -15.55 -13.99
CA THR A 467 23.21 -14.74 -14.27
C THR A 467 24.15 -14.81 -13.07
N LEU A 468 25.42 -14.47 -13.30
CA LEU A 468 26.38 -14.39 -12.22
C LEU A 468 26.92 -12.96 -12.13
N ASN A 469 26.48 -12.24 -11.12
CA ASN A 469 26.88 -10.87 -10.88
C ASN A 469 28.26 -10.80 -10.21
N GLY A 476 32.15 -13.44 -21.24
CA GLY A 476 30.80 -13.73 -21.74
C GLY A 476 30.18 -15.03 -21.20
N GLU A 477 30.90 -15.76 -20.35
CA GLU A 477 30.35 -16.91 -19.64
C GLU A 477 29.53 -16.51 -18.39
N GLN A 478 28.81 -15.40 -18.46
CA GLN A 478 28.15 -14.79 -17.32
C GLN A 478 26.69 -15.27 -17.12
N VAL A 479 26.05 -15.77 -18.20
CA VAL A 479 24.61 -16.09 -18.22
C VAL A 479 24.30 -17.50 -18.77
N ARG A 480 23.35 -18.18 -18.13
CA ARG A 480 22.84 -19.50 -18.55
C ARG A 480 21.34 -19.49 -18.69
N VAL A 481 20.79 -20.52 -19.32
CA VAL A 481 19.36 -20.76 -19.28
C VAL A 481 19.09 -22.07 -18.53
N VAL A 482 18.50 -21.97 -17.34
CA VAL A 482 18.14 -23.15 -16.53
C VAL A 482 16.65 -23.43 -16.63
N ARG A 483 16.29 -24.71 -16.68
CA ARG A 483 14.94 -25.16 -16.92
C ARG A 483 14.50 -25.96 -15.75
N GLN A 484 13.33 -25.63 -15.19
CA GLN A 484 12.82 -26.35 -14.02
C GLN A 484 11.57 -27.15 -14.38
N PHE A 485 11.59 -28.45 -14.04
CA PHE A 485 10.41 -29.29 -14.18
C PHE A 485 9.78 -29.47 -12.80
N HIS A 486 8.61 -28.89 -12.59
CA HIS A 486 7.94 -28.91 -11.29
C HIS A 486 6.79 -29.88 -11.31
N PHE A 487 7.04 -31.09 -10.84
CA PHE A 487 6.05 -32.16 -10.91
C PHE A 487 4.95 -32.01 -9.87
N HIS A 488 3.71 -31.75 -10.31
CA HIS A 488 2.56 -31.72 -9.39
C HIS A 488 1.81 -33.07 -9.32
N GLY A 489 2.40 -34.14 -9.85
CA GLY A 489 1.72 -35.43 -9.91
C GLY A 489 1.87 -36.35 -8.70
N TRP A 490 2.56 -35.91 -7.66
CA TRP A 490 2.74 -36.74 -6.47
C TRP A 490 1.75 -36.36 -5.36
N PRO A 491 0.99 -37.34 -4.84
CA PRO A 491 0.01 -37.05 -3.76
C PRO A 491 0.61 -36.62 -2.40
N GLU A 492 -0.02 -35.62 -1.76
CA GLU A 492 0.44 -35.10 -0.45
C GLU A 492 0.70 -36.24 0.54
N ILE A 493 -0.13 -37.29 0.49
CA ILE A 493 0.06 -38.53 1.24
C ILE A 493 -0.04 -39.74 0.29
N GLY A 494 1.01 -40.54 0.21
CA GLY A 494 0.95 -41.82 -0.51
C GLY A 494 1.65 -41.75 -1.85
N ILE A 495 1.56 -42.83 -2.63
CA ILE A 495 2.08 -42.82 -3.99
C ILE A 495 0.98 -42.64 -5.03
N PRO A 496 1.32 -42.04 -6.19
CA PRO A 496 0.39 -41.97 -7.30
C PRO A 496 -0.01 -43.35 -7.81
N ALA A 497 -1.26 -43.50 -8.22
CA ALA A 497 -1.82 -44.80 -8.58
C ALA A 497 -1.81 -45.06 -10.08
N GLU A 498 -1.18 -44.19 -10.87
CA GLU A 498 -1.14 -44.38 -12.31
C GLU A 498 0.31 -44.51 -12.80
N GLY A 499 1.05 -43.41 -12.82
CA GLY A 499 2.43 -43.47 -13.32
C GLY A 499 2.53 -43.37 -14.83
N LYS A 500 1.48 -42.89 -15.50
CA LYS A 500 1.64 -42.32 -16.83
C LYS A 500 2.38 -41.00 -16.70
N GLY A 501 1.99 -40.18 -15.73
CA GLY A 501 2.57 -38.84 -15.52
C GLY A 501 4.02 -38.82 -15.09
N MET A 502 4.44 -39.92 -14.44
CA MET A 502 5.83 -40.09 -14.03
C MET A 502 6.69 -40.57 -15.20
N ILE A 503 6.13 -41.40 -16.06
CA ILE A 503 6.83 -41.78 -17.30
C ILE A 503 7.03 -40.55 -18.17
N ASP A 504 6.00 -39.71 -18.22
CA ASP A 504 6.00 -38.53 -19.06
C ASP A 504 6.95 -37.46 -18.54
N LEU A 505 7.25 -37.45 -17.23
CA LEU A 505 8.26 -36.51 -16.70
C LEU A 505 9.67 -36.98 -17.00
N ILE A 506 9.97 -38.25 -16.74
CA ILE A 506 11.27 -38.80 -17.08
C ILE A 506 11.54 -38.46 -18.55
N ALA A 507 10.58 -38.79 -19.40
CA ALA A 507 10.69 -38.60 -20.83
C ALA A 507 10.95 -37.15 -21.17
N ALA A 508 10.27 -36.22 -20.50
CA ALA A 508 10.44 -34.77 -20.73
C ALA A 508 11.83 -34.28 -20.38
N VAL A 509 12.33 -34.74 -19.25
CA VAL A 509 13.64 -34.35 -18.74
C VAL A 509 14.74 -34.94 -19.62
N GLN A 510 14.48 -36.08 -20.26
CA GLN A 510 15.49 -36.69 -21.14
C GLN A 510 15.71 -35.89 -22.42
N LYS A 511 14.64 -35.38 -23.02
CA LYS A 511 14.76 -34.55 -24.23
C LYS A 511 15.49 -33.26 -23.90
N GLN A 512 15.12 -32.66 -22.76
CA GLN A 512 15.75 -31.42 -22.33
C GLN A 512 17.22 -31.70 -22.16
N GLN A 513 17.56 -32.87 -21.63
CA GLN A 513 18.97 -33.18 -21.45
C GLN A 513 19.70 -33.31 -22.80
N GLN A 514 19.19 -34.14 -23.71
CA GLN A 514 19.79 -34.29 -25.05
C GLN A 514 19.93 -32.94 -25.80
N GLN A 515 19.04 -31.98 -25.54
CA GLN A 515 19.08 -30.68 -26.22
C GLN A 515 20.10 -29.76 -25.54
N THR A 516 19.87 -29.46 -24.26
CA THR A 516 20.75 -28.62 -23.47
C THR A 516 21.95 -29.44 -23.01
N GLY A 517 22.49 -30.25 -23.94
CA GLY A 517 23.29 -31.43 -23.60
C GLY A 517 24.56 -31.12 -22.84
N ASN A 518 24.96 -31.95 -21.87
CA ASN A 518 24.19 -33.09 -21.37
C ASN A 518 24.62 -33.26 -19.91
N HIS A 519 24.36 -32.19 -19.16
CA HIS A 519 24.97 -31.95 -17.86
C HIS A 519 24.22 -32.63 -16.71
N PRO A 520 24.71 -32.47 -15.46
CA PRO A 520 24.06 -33.18 -14.38
C PRO A 520 22.74 -32.54 -13.94
N ILE A 521 21.78 -33.39 -13.59
CA ILE A 521 20.41 -32.96 -13.30
C ILE A 521 20.25 -32.77 -11.81
N THR A 522 19.64 -31.66 -11.42
CA THR A 522 19.38 -31.38 -10.03
C THR A 522 17.96 -31.90 -9.68
N VAL A 523 17.89 -32.98 -8.92
CA VAL A 523 16.61 -33.52 -8.47
C VAL A 523 16.51 -33.25 -6.97
N HIS A 524 15.35 -32.77 -6.54
CA HIS A 524 15.08 -32.58 -5.12
C HIS A 524 13.61 -32.71 -4.76
N CYS A 525 13.33 -32.97 -3.49
CA CYS A 525 11.98 -32.95 -2.96
C CYS A 525 11.96 -32.09 -1.68
N SER A 526 12.45 -32.68 -0.59
CA SER A 526 12.42 -32.03 0.70
C SER A 526 13.46 -32.69 1.57
N ALA A 527 13.28 -33.97 1.84
CA ALA A 527 14.26 -34.72 2.60
C ALA A 527 15.49 -35.05 1.72
N GLY A 528 15.30 -35.06 0.41
CA GLY A 528 16.40 -35.27 -0.50
C GLY A 528 16.71 -36.74 -0.73
N ALA A 529 15.80 -37.58 -0.31
CA ALA A 529 15.85 -39.00 -0.59
C ALA A 529 14.43 -39.43 -0.36
N GLY A 530 13.92 -40.33 -1.20
CA GLY A 530 12.52 -40.77 -1.12
C GLY A 530 11.94 -40.72 -2.51
N ARG A 531 11.41 -39.55 -2.88
CA ARG A 531 10.96 -39.32 -4.23
C ARG A 531 12.17 -39.12 -5.12
N THR A 532 13.02 -38.14 -4.82
CA THR A 532 14.30 -38.01 -5.52
C THR A 532 14.86 -39.41 -5.87
N GLY A 533 14.84 -40.30 -4.88
CA GLY A 533 15.25 -41.70 -5.08
C GLY A 533 14.43 -42.45 -6.11
N THR A 534 13.14 -42.57 -5.86
CA THR A 534 12.20 -43.07 -6.87
C THR A 534 12.48 -42.55 -8.27
N PHE A 535 12.66 -41.23 -8.41
CA PHE A 535 12.86 -40.61 -9.72
C PHE A 535 14.16 -41.03 -10.37
N ILE A 536 15.25 -40.88 -9.64
CA ILE A 536 16.58 -41.30 -10.12
C ILE A 536 16.59 -42.78 -10.46
N ALA A 537 15.96 -43.61 -9.62
CA ALA A 537 15.88 -45.04 -9.86
C ALA A 537 15.18 -45.36 -11.16
N LEU A 538 13.96 -44.84 -11.34
CA LEU A 538 13.18 -45.06 -12.58
C LEU A 538 13.85 -44.46 -13.83
N SER A 539 14.49 -43.31 -13.70
CA SER A 539 15.25 -42.77 -14.80
C SER A 539 16.25 -43.82 -15.31
N ASN A 540 17.06 -44.35 -14.40
CA ASN A 540 18.05 -45.36 -14.76
C ASN A 540 17.44 -46.66 -15.20
N ILE A 541 16.38 -47.09 -14.52
CA ILE A 541 15.73 -48.37 -14.84
C ILE A 541 15.09 -48.36 -16.22
N LEU A 542 14.32 -47.30 -16.50
CA LEU A 542 13.71 -47.13 -17.81
C LEU A 542 14.72 -46.98 -18.96
N GLU A 543 15.80 -46.21 -18.77
CA GLU A 543 16.80 -46.07 -19.83
C GLU A 543 17.31 -47.45 -20.22
N ARG A 544 17.59 -48.27 -19.22
CA ARG A 544 18.12 -49.61 -19.47
C ARG A 544 17.10 -50.56 -20.08
N VAL A 545 15.82 -50.42 -19.72
CA VAL A 545 14.79 -51.26 -20.32
C VAL A 545 14.70 -50.95 -21.80
N LYS A 546 14.54 -49.67 -22.15
CA LYS A 546 14.56 -49.24 -23.53
C LYS A 546 15.84 -49.77 -24.17
N ALA A 547 16.98 -49.63 -23.49
CA ALA A 547 18.27 -50.05 -24.08
C ALA A 547 18.50 -51.57 -24.14
N GLU A 548 18.61 -52.25 -22.99
CA GLU A 548 19.01 -53.67 -22.95
C GLU A 548 17.84 -54.66 -22.90
N GLY A 549 16.61 -54.17 -22.73
CA GLY A 549 15.45 -55.04 -22.57
C GLY A 549 15.51 -55.88 -21.31
N LEU A 550 16.13 -55.32 -20.28
CA LEU A 550 16.29 -55.98 -19.00
C LEU A 550 15.89 -55.03 -17.87
N LEU A 551 15.66 -55.63 -16.71
CA LEU A 551 15.00 -54.95 -15.61
C LEU A 551 15.50 -55.51 -14.26
N ASP A 552 16.26 -54.70 -13.51
CA ASP A 552 16.66 -55.10 -12.17
C ASP A 552 16.40 -53.95 -11.18
N VAL A 553 15.15 -53.82 -10.76
CA VAL A 553 14.77 -52.75 -9.86
C VAL A 553 15.60 -52.80 -8.55
N PHE A 554 15.80 -54.01 -8.02
CA PHE A 554 16.43 -54.18 -6.72
C PHE A 554 17.81 -53.59 -6.70
N GLN A 555 18.64 -54.01 -7.65
CA GLN A 555 20.03 -53.61 -7.67
C GLN A 555 20.07 -52.13 -7.96
N ALA A 556 19.17 -51.67 -8.82
CA ALA A 556 19.00 -50.25 -9.14
C ALA A 556 18.89 -49.37 -7.89
N VAL A 557 17.94 -49.74 -7.03
CA VAL A 557 17.73 -49.06 -5.75
C VAL A 557 18.90 -49.31 -4.81
N LYS A 558 19.32 -50.56 -4.64
CA LYS A 558 20.43 -50.88 -3.77
C LYS A 558 21.70 -50.08 -4.09
N SER A 559 21.95 -49.89 -5.39
CA SER A 559 23.05 -49.04 -5.86
C SER A 559 22.80 -47.58 -5.47
N LEU A 560 21.55 -47.16 -5.38
CA LEU A 560 21.22 -45.80 -4.90
C LEU A 560 21.46 -45.68 -3.41
N ARG A 561 21.21 -46.75 -2.66
CA ARG A 561 21.35 -46.71 -1.21
C ARG A 561 22.79 -46.54 -0.82
N LEU A 562 23.67 -47.11 -1.64
CA LEU A 562 25.11 -47.03 -1.39
C LEU A 562 25.70 -45.65 -1.74
N GLN A 563 24.92 -44.77 -2.37
CA GLN A 563 25.38 -43.44 -2.72
C GLN A 563 24.81 -42.35 -1.81
N ARG A 564 23.61 -42.60 -1.29
CA ARG A 564 22.97 -41.67 -0.37
C ARG A 564 21.95 -42.41 0.49
N PRO A 565 21.95 -42.17 1.82
CA PRO A 565 21.08 -42.96 2.69
C PRO A 565 19.55 -42.75 2.52
N HIS A 566 18.81 -43.84 2.61
CA HIS A 566 17.33 -43.85 2.53
C HIS A 566 16.77 -43.34 1.21
N MET A 567 17.40 -43.75 0.10
CA MET A 567 17.12 -43.10 -1.18
C MET A 567 15.70 -43.36 -1.64
N VAL A 568 15.40 -44.58 -2.10
CA VAL A 568 14.03 -45.01 -2.15
C VAL A 568 13.90 -45.42 -0.71
N GLN A 569 12.77 -45.09 -0.09
CA GLN A 569 12.65 -45.08 1.37
C GLN A 569 11.55 -45.98 1.90
N THR A 570 10.38 -45.91 1.28
CA THR A 570 9.21 -46.65 1.73
C THR A 570 8.88 -47.76 0.76
N LEU A 571 8.33 -48.86 1.27
CA LEU A 571 7.90 -49.96 0.41
C LEU A 571 6.89 -49.49 -0.65
N GLU A 572 6.07 -48.50 -0.31
CA GLU A 572 5.16 -47.85 -1.27
C GLU A 572 5.91 -47.35 -2.49
N GLN A 573 6.97 -46.60 -2.24
CA GLN A 573 7.75 -46.03 -3.32
C GLN A 573 8.43 -47.10 -4.14
N TYR A 574 8.85 -48.19 -3.50
CA TYR A 574 9.53 -49.29 -4.20
C TYR A 574 8.54 -50.06 -5.08
N GLU A 575 7.37 -50.39 -4.51
CA GLU A 575 6.25 -51.01 -5.26
C GLU A 575 5.95 -50.17 -6.50
N PHE A 576 5.86 -48.86 -6.31
CA PHE A 576 5.60 -47.91 -7.39
C PHE A 576 6.55 -48.08 -8.56
N CYS A 577 7.84 -48.31 -8.28
CA CYS A 577 8.85 -48.52 -9.31
C CYS A 577 8.45 -49.63 -10.24
N TYR A 578 8.06 -50.75 -9.66
CA TYR A 578 7.60 -51.85 -10.45
C TYR A 578 6.38 -51.40 -11.25
N LYS A 579 5.44 -50.74 -10.59
CA LYS A 579 4.20 -50.28 -11.25
C LYS A 579 4.46 -49.37 -12.46
N VAL A 580 5.45 -48.49 -12.38
CA VAL A 580 5.76 -47.61 -13.51
C VAL A 580 6.37 -48.39 -14.66
N VAL A 581 7.31 -49.28 -14.35
CA VAL A 581 7.86 -50.22 -15.36
C VAL A 581 6.77 -51.04 -16.08
N GLN A 582 5.80 -51.57 -15.33
CA GLN A 582 4.67 -52.32 -15.92
C GLN A 582 3.93 -51.42 -16.90
N ASP A 583 3.64 -50.20 -16.45
CA ASP A 583 2.94 -49.19 -17.25
C ASP A 583 3.76 -48.80 -18.48
N PHE A 584 5.07 -48.69 -18.33
CA PHE A 584 5.96 -48.37 -19.45
C PHE A 584 5.94 -49.48 -20.48
N ILE A 585 6.19 -50.73 -20.06
CA ILE A 585 6.09 -51.89 -20.95
C ILE A 585 4.81 -51.87 -21.84
N ASP A 586 3.67 -51.41 -21.32
CA ASP A 586 2.45 -51.22 -22.12
C ASP A 586 2.24 -49.74 -22.54
N LYS B 6 -51.64 -14.68 -10.04
CA LYS B 6 -51.13 -13.38 -10.58
C LYS B 6 -49.81 -12.92 -9.92
N TYR B 7 -49.67 -13.03 -8.59
CA TYR B 7 -48.43 -12.57 -7.96
C TYR B 7 -47.51 -13.71 -7.53
N PHE B 8 -46.52 -14.03 -8.37
CA PHE B 8 -45.52 -15.06 -8.08
C PHE B 8 -44.26 -14.41 -7.47
N PRO B 9 -43.36 -15.23 -6.89
CA PRO B 9 -42.09 -14.71 -6.37
C PRO B 9 -41.21 -14.08 -7.43
N ILE B 10 -40.52 -13.00 -7.08
CA ILE B 10 -39.59 -12.32 -7.98
C ILE B 10 -38.17 -12.81 -7.68
N PRO B 11 -37.49 -13.41 -8.68
CA PRO B 11 -36.06 -13.68 -8.52
C PRO B 11 -35.29 -12.38 -8.40
N VAL B 12 -34.31 -12.32 -7.48
CA VAL B 12 -33.55 -11.08 -7.27
C VAL B 12 -32.88 -10.59 -8.56
N GLU B 13 -32.51 -11.53 -9.43
CA GLU B 13 -32.03 -11.22 -10.76
C GLU B 13 -32.91 -10.20 -11.49
N HIS B 14 -34.22 -10.26 -11.28
CA HIS B 14 -35.19 -9.38 -11.97
C HIS B 14 -35.85 -8.33 -11.06
N LEU B 15 -35.31 -8.11 -9.86
CA LEU B 15 -35.99 -7.22 -8.90
C LEU B 15 -36.00 -5.77 -9.41
N GLU B 16 -34.82 -5.25 -9.76
CA GLU B 16 -34.68 -3.86 -10.23
C GLU B 16 -35.68 -3.56 -11.34
N GLU B 17 -35.81 -4.49 -12.30
CA GLU B 17 -36.70 -4.30 -13.46
C GLU B 17 -38.18 -4.30 -13.08
N GLU B 18 -38.59 -5.26 -12.25
CA GLU B 18 -39.98 -5.34 -11.83
C GLU B 18 -40.40 -4.11 -11.02
N ILE B 19 -39.46 -3.51 -10.27
CA ILE B 19 -39.73 -2.27 -9.52
C ILE B 19 -40.06 -1.11 -10.48
N ARG B 20 -39.25 -0.97 -11.53
CA ARG B 20 -39.48 0.06 -12.54
C ARG B 20 -40.85 -0.13 -13.15
N ILE B 21 -41.16 -1.37 -13.53
CA ILE B 21 -42.44 -1.71 -14.19
C ILE B 21 -43.63 -1.31 -13.32
N ARG B 22 -43.52 -1.53 -12.03
CA ARG B 22 -44.61 -1.20 -11.12
C ARG B 22 -44.57 0.26 -10.66
N SER B 23 -44.49 1.17 -11.62
CA SER B 23 -44.46 2.63 -11.37
C SER B 23 -44.72 3.42 -12.65
N LYS B 28 -48.61 2.52 -10.28
CA LYS B 28 -49.93 2.00 -10.70
C LYS B 28 -50.09 0.51 -10.44
N GLN B 29 -49.11 -0.28 -10.83
CA GLN B 29 -49.19 -1.74 -10.63
C GLN B 29 -48.89 -2.12 -9.18
N PHE B 30 -48.14 -1.30 -8.44
CA PHE B 30 -47.90 -1.56 -7.01
C PHE B 30 -49.16 -1.30 -6.19
N ARG B 31 -49.88 -0.23 -6.54
CA ARG B 31 -51.14 0.16 -5.88
C ARG B 31 -52.18 -0.97 -6.01
N GLU B 32 -52.30 -1.54 -7.20
CA GLU B 32 -53.22 -2.66 -7.46
C GLU B 32 -52.82 -3.92 -6.71
N GLU B 33 -51.52 -4.22 -6.65
CA GLU B 33 -51.04 -5.37 -5.89
C GLU B 33 -51.45 -5.25 -4.44
N PHE B 34 -51.18 -4.10 -3.85
CA PHE B 34 -51.49 -3.86 -2.44
C PHE B 34 -52.97 -4.03 -2.15
N ASN B 35 -53.80 -3.59 -3.09
CA ASN B 35 -55.24 -3.63 -2.92
C ASN B 35 -55.81 -5.04 -3.10
N SER B 36 -54.97 -5.99 -3.47
CA SER B 36 -55.39 -7.38 -3.60
C SER B 36 -55.04 -8.24 -2.39
N LEU B 37 -54.30 -7.66 -1.43
CA LEU B 37 -53.97 -8.35 -0.19
C LEU B 37 -55.22 -8.60 0.63
N PRO B 38 -55.26 -9.72 1.39
CA PRO B 38 -56.42 -10.01 2.19
C PRO B 38 -56.28 -9.36 3.55
N SER B 39 -57.27 -8.56 3.95
CA SER B 39 -57.30 -7.94 5.28
C SER B 39 -57.83 -8.97 6.28
N GLY B 40 -56.92 -9.52 7.10
CA GLY B 40 -57.11 -10.83 7.77
C GLY B 40 -58.24 -10.98 8.78
N HIS B 41 -59.47 -10.78 8.32
CA HIS B 41 -60.64 -10.84 9.19
C HIS B 41 -61.49 -12.06 8.88
N ILE B 42 -61.49 -12.52 7.62
CA ILE B 42 -62.36 -13.63 7.22
C ILE B 42 -61.96 -14.91 7.96
N GLN B 43 -60.75 -15.40 7.70
CA GLN B 43 -60.17 -16.45 8.55
C GLN B 43 -59.65 -15.69 9.75
N GLY B 44 -60.25 -15.92 10.91
CA GLY B 44 -59.88 -15.16 12.10
C GLY B 44 -61.06 -15.01 13.04
N THR B 45 -60.78 -15.08 14.34
CA THR B 45 -61.79 -15.02 15.39
C THR B 45 -61.32 -14.04 16.44
N PHE B 46 -62.24 -13.26 17.00
CA PHE B 46 -61.90 -12.15 17.88
C PHE B 46 -62.74 -12.11 19.17
N GLU B 47 -63.16 -13.26 19.68
CA GLU B 47 -64.01 -13.32 20.86
C GLU B 47 -63.36 -12.60 22.03
N LEU B 48 -62.12 -12.97 22.34
CA LEU B 48 -61.45 -12.47 23.56
C LEU B 48 -61.13 -10.98 23.48
N ALA B 49 -60.83 -10.48 22.29
CA ALA B 49 -60.47 -9.07 22.10
C ALA B 49 -61.65 -8.12 22.32
N ASN B 50 -62.87 -8.57 22.01
CA ASN B 50 -64.06 -7.72 22.14
C ASN B 50 -64.83 -7.87 23.47
N LYS B 51 -64.32 -8.66 24.42
CA LYS B 51 -64.95 -8.77 25.74
C LYS B 51 -65.11 -7.36 26.34
N GLU B 52 -66.25 -7.11 27.01
CA GLU B 52 -66.49 -5.83 27.66
C GLU B 52 -65.30 -5.42 28.54
N GLU B 53 -64.89 -6.34 29.41
CA GLU B 53 -63.72 -6.14 30.27
C GLU B 53 -62.48 -5.63 29.51
N ASN B 54 -62.25 -6.15 28.31
CA ASN B 54 -61.07 -5.81 27.52
C ASN B 54 -61.21 -4.60 26.58
N ARG B 55 -62.40 -3.99 26.52
CA ARG B 55 -62.62 -2.87 25.60
C ARG B 55 -61.61 -1.72 25.84
N GLU B 56 -61.45 -1.32 27.10
CA GLU B 56 -60.60 -0.18 27.44
C GLU B 56 -59.11 -0.46 27.25
N LYS B 57 -58.75 -1.70 26.93
CA LYS B 57 -57.36 -2.11 26.78
C LYS B 57 -56.86 -1.99 25.35
N ASN B 58 -57.75 -1.77 24.40
CA ASN B 58 -57.34 -1.58 23.00
C ASN B 58 -57.32 -0.11 22.65
N ARG B 59 -56.32 0.31 21.90
CA ARG B 59 -56.19 1.71 21.54
C ARG B 59 -57.10 2.03 20.37
N TYR B 60 -57.08 1.16 19.36
CA TYR B 60 -57.96 1.26 18.20
C TYR B 60 -58.85 0.02 18.15
N PRO B 61 -60.16 0.22 18.16
CA PRO B 61 -61.08 -0.91 18.26
C PRO B 61 -61.25 -1.73 16.98
N ASN B 62 -60.73 -1.24 15.85
CA ASN B 62 -60.76 -2.01 14.61
C ASN B 62 -59.51 -2.86 14.43
N ILE B 63 -58.47 -2.55 15.20
CA ILE B 63 -57.20 -3.25 15.07
C ILE B 63 -57.01 -4.13 16.31
N LEU B 64 -57.39 -5.39 16.17
CA LEU B 64 -57.48 -6.31 17.28
C LEU B 64 -56.80 -7.62 16.94
N PRO B 65 -56.21 -8.29 17.94
CA PRO B 65 -55.59 -9.57 17.68
C PRO B 65 -56.62 -10.67 17.58
N ASN B 66 -56.43 -11.61 16.65
CA ASN B 66 -57.31 -12.79 16.60
C ASN B 66 -57.00 -13.68 17.79
N ASP B 67 -57.91 -14.59 18.10
CA ASP B 67 -57.79 -15.42 19.30
C ASP B 67 -56.64 -16.41 19.21
N HIS B 68 -56.29 -16.85 18.00
CA HIS B 68 -55.38 -17.96 17.81
C HIS B 68 -53.94 -17.60 18.04
N SER B 69 -53.51 -16.45 17.55
CA SER B 69 -52.12 -16.01 17.68
C SER B 69 -51.94 -14.91 18.74
N ARG B 70 -52.98 -14.70 19.53
CA ARG B 70 -52.95 -13.73 20.62
C ARG B 70 -51.86 -14.10 21.59
N VAL B 71 -51.09 -13.11 22.04
CA VAL B 71 -50.21 -13.30 23.20
C VAL B 71 -51.09 -13.35 24.43
N ILE B 72 -50.93 -14.41 25.22
CA ILE B 72 -51.77 -14.63 26.41
C ILE B 72 -50.93 -14.51 27.68
N LEU B 73 -51.25 -13.52 28.49
CA LEU B 73 -50.58 -13.31 29.78
C LEU B 73 -51.08 -14.29 30.82
N SER B 74 -50.24 -14.58 31.82
CA SER B 74 -50.63 -15.42 32.95
C SER B 74 -51.73 -14.73 33.73
N GLN B 75 -52.72 -15.49 34.20
CA GLN B 75 -53.90 -14.93 34.89
C GLN B 75 -53.53 -14.23 36.21
N LEU B 76 -53.68 -12.90 36.26
CA LEU B 76 -53.33 -12.11 37.46
C LEU B 76 -54.58 -11.79 38.26
N GLY B 78 -56.28 -12.53 41.22
CA GLY B 78 -57.69 -12.88 41.02
C GLY B 78 -58.57 -11.85 40.31
N ILE B 79 -57.98 -11.06 39.41
CA ILE B 79 -58.70 -10.03 38.66
C ILE B 79 -59.22 -10.64 37.35
N PRO B 80 -60.53 -10.53 37.10
CA PRO B 80 -61.16 -11.13 35.90
C PRO B 80 -60.70 -10.52 34.58
N CYS B 81 -60.65 -11.34 33.54
CA CYS B 81 -60.18 -10.93 32.20
C CYS B 81 -58.74 -10.34 32.21
N SER B 82 -57.92 -10.82 33.16
CA SER B 82 -56.51 -10.40 33.30
C SER B 82 -55.57 -11.11 32.32
N ASP B 83 -56.15 -11.98 31.48
CA ASP B 83 -55.41 -12.80 30.52
C ASP B 83 -54.85 -12.00 29.36
N TYR B 84 -55.43 -10.84 29.07
CA TYR B 84 -55.38 -10.24 27.73
C TYR B 84 -54.44 -9.04 27.56
N ILE B 85 -53.80 -9.00 26.40
CA ILE B 85 -53.05 -7.85 25.93
C ILE B 85 -53.20 -7.80 24.41
N ASN B 86 -53.19 -6.58 23.86
CA ASN B 86 -53.29 -6.37 22.43
C ASN B 86 -51.91 -6.58 21.78
N ALA B 87 -51.60 -7.85 21.54
CA ALA B 87 -50.34 -8.24 20.90
C ALA B 87 -50.53 -9.63 20.30
N SER B 88 -49.79 -9.94 19.25
CA SER B 88 -49.85 -11.27 18.66
C SER B 88 -48.51 -11.77 18.17
N TYR B 89 -48.33 -13.10 18.22
CA TYR B 89 -47.14 -13.74 17.70
C TYR B 89 -47.14 -13.65 16.19
N ILE B 90 -45.97 -13.36 15.63
CA ILE B 90 -45.79 -13.26 14.18
C ILE B 90 -44.53 -14.03 13.81
N ASP B 91 -44.63 -14.85 12.78
CA ASP B 91 -43.51 -15.69 12.37
C ASP B 91 -42.54 -14.89 11.51
N GLY B 92 -41.29 -15.34 11.48
CA GLY B 92 -40.28 -14.78 10.59
C GLY B 92 -40.15 -15.72 9.42
N TYR B 93 -39.17 -15.47 8.55
CA TYR B 93 -38.86 -16.45 7.51
C TYR B 93 -38.26 -17.67 8.21
N LYS B 94 -38.92 -18.82 7.99
CA LYS B 94 -38.55 -20.09 8.62
C LYS B 94 -38.22 -19.99 10.13
N GLU B 95 -39.06 -19.29 10.88
CA GLU B 95 -38.94 -19.24 12.35
C GLU B 95 -40.30 -18.92 13.00
N LYS B 96 -40.98 -19.93 13.53
CA LYS B 96 -42.25 -19.72 14.21
C LYS B 96 -42.04 -18.76 15.39
N ASN B 97 -42.92 -17.77 15.50
CA ASN B 97 -42.94 -16.83 16.63
C ASN B 97 -41.67 -16.04 16.86
N LYS B 98 -41.05 -15.56 15.78
CA LYS B 98 -39.86 -14.73 15.89
C LYS B 98 -40.19 -13.41 16.60
N PHE B 99 -41.37 -12.87 16.34
CA PHE B 99 -41.70 -11.55 16.85
C PHE B 99 -42.96 -11.57 17.66
N ILE B 100 -43.17 -10.49 18.42
CA ILE B 100 -44.49 -10.13 18.93
C ILE B 100 -44.82 -8.75 18.40
N ALA B 101 -45.86 -8.67 17.58
CA ALA B 101 -46.37 -7.39 17.08
C ALA B 101 -47.37 -6.91 18.09
N ALA B 102 -47.00 -5.86 18.82
CA ALA B 102 -47.81 -5.39 19.93
C ALA B 102 -48.24 -3.97 19.69
N GLN B 103 -49.41 -3.60 20.19
CA GLN B 103 -49.81 -2.19 20.15
C GLN B 103 -49.01 -1.46 21.20
N GLY B 104 -48.65 -0.22 20.88
CA GLY B 104 -47.92 0.63 21.81
C GLY B 104 -48.80 0.83 23.03
N PRO B 105 -48.26 0.54 24.22
CA PRO B 105 -49.06 0.55 25.42
C PRO B 105 -49.60 1.93 25.77
N LYS B 106 -50.72 1.94 26.50
CA LYS B 106 -51.30 3.17 27.05
C LYS B 106 -51.31 3.11 28.60
N GLN B 107 -51.47 4.27 29.25
CA GLN B 107 -51.39 4.35 30.71
C GLN B 107 -51.93 3.07 31.33
N GLU B 108 -53.14 2.70 30.92
CA GLU B 108 -53.89 1.59 31.50
C GLU B 108 -53.34 0.20 31.19
N THR B 109 -52.44 0.08 30.21
CA THR B 109 -51.85 -1.22 29.85
C THR B 109 -50.32 -1.27 29.94
N VAL B 110 -49.71 -0.25 30.54
CA VAL B 110 -48.24 -0.19 30.66
C VAL B 110 -47.74 -1.36 31.48
N ASN B 111 -48.45 -1.65 32.56
CA ASN B 111 -48.04 -2.72 33.45
C ASN B 111 -48.21 -4.08 32.80
N ASP B 112 -49.33 -4.27 32.11
CA ASP B 112 -49.59 -5.50 31.37
C ASP B 112 -48.52 -5.71 30.28
N PHE B 113 -48.01 -4.61 29.73
CA PHE B 113 -46.98 -4.64 28.70
C PHE B 113 -45.68 -5.24 29.23
N TRP B 114 -45.25 -4.82 30.41
CA TRP B 114 -44.00 -5.31 30.98
C TRP B 114 -44.13 -6.76 31.44
N ARG B 115 -45.32 -7.15 31.86
CA ARG B 115 -45.55 -8.52 32.26
C ARG B 115 -45.43 -9.42 31.05
N MET B 116 -45.81 -8.93 29.88
CA MET B 116 -45.60 -9.68 28.65
C MET B 116 -44.11 -9.83 28.37
N VAL B 117 -43.38 -8.73 28.39
CA VAL B 117 -41.94 -8.74 28.15
C VAL B 117 -41.26 -9.71 29.12
N TRP B 118 -41.72 -9.72 30.37
CA TRP B 118 -41.16 -10.62 31.37
C TRP B 118 -41.58 -12.07 31.12
N GLU B 119 -42.87 -12.32 31.02
CA GLU B 119 -43.36 -13.69 30.87
C GLU B 119 -42.89 -14.35 29.57
N GLN B 120 -42.70 -13.55 28.53
CA GLN B 120 -42.27 -14.08 27.23
C GLN B 120 -40.74 -14.20 27.10
N LYS B 121 -40.00 -13.74 28.11
CA LYS B 121 -38.55 -13.87 28.13
C LYS B 121 -37.87 -13.05 27.01
N SER B 122 -38.50 -11.95 26.62
CA SER B 122 -37.98 -11.10 25.56
C SER B 122 -36.78 -10.28 26.01
N ALA B 123 -35.80 -10.16 25.13
CA ALA B 123 -34.60 -9.38 25.39
C ALA B 123 -34.64 -8.02 24.68
N THR B 124 -35.51 -7.89 23.67
CA THR B 124 -35.51 -6.73 22.78
C THR B 124 -36.89 -6.16 22.52
N ILE B 125 -37.00 -4.84 22.66
CA ILE B 125 -38.20 -4.10 22.27
C ILE B 125 -37.83 -3.18 21.12
N VAL B 126 -38.59 -3.23 20.03
CA VAL B 126 -38.36 -2.36 18.89
C VAL B 126 -39.53 -1.37 18.78
N MET B 127 -39.25 -0.10 19.06
CA MET B 127 -40.28 0.95 19.06
C MET B 127 -40.19 1.75 17.78
N LEU B 128 -41.20 1.63 16.94
CA LEU B 128 -41.17 2.24 15.62
C LEU B 128 -42.00 3.53 15.56
N THR B 129 -42.34 4.07 16.71
CA THR B 129 -43.16 5.27 16.81
C THR B 129 -42.51 6.31 17.72
N ASN B 130 -42.87 7.56 17.57
CA ASN B 130 -42.55 8.54 18.61
C ASN B 130 -43.74 8.57 19.57
N LEU B 131 -43.56 9.15 20.76
CA LEU B 131 -44.59 9.14 21.79
C LEU B 131 -45.79 9.94 21.30
N LYS B 132 -45.70 11.27 21.42
CA LYS B 132 -46.68 12.15 20.78
C LYS B 132 -46.31 12.19 19.30
N GLU B 133 -47.29 12.54 18.48
CA GLU B 133 -47.08 12.67 17.03
C GLU B 133 -48.19 13.58 16.49
N ARG B 134 -47.79 14.80 16.13
CA ARG B 134 -48.73 15.81 15.64
C ARG B 134 -49.62 16.34 16.77
N LYS B 135 -49.11 16.29 18.00
CA LYS B 135 -49.85 16.72 19.21
C LYS B 135 -50.87 15.68 19.74
N GLU B 136 -51.15 14.63 18.98
CA GLU B 136 -51.96 13.50 19.45
C GLU B 136 -51.01 12.40 19.93
N GLU B 137 -51.33 11.84 21.10
CA GLU B 137 -50.49 10.82 21.73
C GLU B 137 -50.60 9.46 21.06
N LYS B 138 -49.56 9.06 20.32
CA LYS B 138 -49.57 7.80 19.57
C LYS B 138 -49.08 6.59 20.41
N CYS B 139 -48.43 6.88 21.54
CA CYS B 139 -47.99 5.83 22.45
C CYS B 139 -47.52 6.40 23.79
N HIS B 140 -47.89 5.74 24.88
CA HIS B 140 -47.58 6.21 26.23
C HIS B 140 -46.22 5.73 26.68
N GLN B 141 -45.46 6.62 27.31
CA GLN B 141 -44.09 6.30 27.73
C GLN B 141 -44.11 5.27 28.84
N TYR B 142 -43.45 4.15 28.59
CA TYR B 142 -43.54 2.99 29.47
C TYR B 142 -42.20 2.67 30.11
N TRP B 143 -41.31 3.66 30.20
CA TRP B 143 -39.98 3.48 30.79
C TRP B 143 -39.56 4.73 31.57
N PRO B 144 -38.79 4.54 32.64
CA PRO B 144 -38.35 5.69 33.43
C PRO B 144 -37.36 6.55 32.67
N ASP B 145 -37.45 7.86 32.82
CA ASP B 145 -36.50 8.76 32.16
C ASP B 145 -35.15 8.62 32.89
N GLN B 146 -35.15 8.92 34.18
CA GLN B 146 -34.01 8.70 35.05
C GLN B 146 -34.34 7.59 36.03
N GLY B 147 -33.33 6.85 36.47
CA GLY B 147 -33.48 5.95 37.60
C GLY B 147 -34.38 4.75 37.37
N CYS B 148 -35.29 4.49 38.32
CA CYS B 148 -36.11 3.28 38.33
C CYS B 148 -37.58 3.54 38.57
N TRP B 149 -38.39 2.52 38.27
CA TRP B 149 -39.83 2.57 38.48
C TRP B 149 -40.42 1.18 38.52
N THR B 150 -41.24 0.91 39.54
CA THR B 150 -41.94 -0.37 39.66
C THR B 150 -43.26 -0.31 38.89
N TYR B 151 -43.34 -1.00 37.74
CA TYR B 151 -44.57 -1.09 36.96
C TYR B 151 -45.29 -2.39 37.33
N GLY B 152 -46.13 -2.32 38.35
CA GLY B 152 -46.82 -3.51 38.85
C GLY B 152 -45.87 -4.32 39.71
N ASN B 153 -45.64 -5.57 39.34
CA ASN B 153 -44.67 -6.40 40.05
C ASN B 153 -43.32 -6.45 39.32
N ILE B 154 -43.09 -5.53 38.38
CA ILE B 154 -41.84 -5.49 37.60
C ILE B 154 -41.16 -4.13 37.76
N ARG B 155 -39.94 -4.14 38.30
CA ARG B 155 -39.14 -2.92 38.47
C ARG B 155 -38.20 -2.73 37.27
N VAL B 156 -38.42 -1.68 36.49
CA VAL B 156 -37.56 -1.34 35.34
C VAL B 156 -36.57 -0.24 35.75
N CYS B 157 -35.33 -0.33 35.26
CA CYS B 157 -34.28 0.66 35.53
C CYS B 157 -33.44 1.01 34.32
N VAL B 158 -33.24 2.31 34.09
CA VAL B 158 -32.45 2.76 32.96
C VAL B 158 -30.98 2.62 33.28
N GLU B 159 -30.27 1.87 32.45
CA GLU B 159 -28.83 1.69 32.61
C GLU B 159 -28.03 2.50 31.57
N ASP B 160 -28.57 2.66 30.37
CA ASP B 160 -27.95 3.55 29.35
C ASP B 160 -28.98 4.03 28.33
N CYS B 161 -28.75 5.21 27.77
CA CYS B 161 -29.48 5.72 26.59
C CYS B 161 -28.45 6.30 25.61
N VAL B 162 -28.40 5.78 24.40
CA VAL B 162 -27.54 6.32 23.34
C VAL B 162 -28.39 6.91 22.22
N VAL B 163 -28.25 8.20 21.98
CA VAL B 163 -29.02 8.89 20.94
C VAL B 163 -28.21 9.14 19.67
N LEU B 164 -28.48 8.33 18.65
CA LEU B 164 -27.92 8.55 17.33
C LEU B 164 -28.96 9.27 16.48
N VAL B 165 -28.59 9.65 15.27
CA VAL B 165 -29.43 10.48 14.41
C VAL B 165 -30.72 9.80 13.96
N ASP B 166 -30.63 8.55 13.51
CA ASP B 166 -31.83 7.90 12.95
C ASP B 166 -32.61 7.08 14.01
N TYR B 167 -31.98 6.74 15.12
CA TYR B 167 -32.60 5.95 16.19
C TYR B 167 -31.86 6.15 17.52
N THR B 168 -32.53 5.88 18.64
CA THR B 168 -31.86 5.89 19.93
C THR B 168 -32.02 4.52 20.59
N ILE B 169 -31.13 4.21 21.52
CA ILE B 169 -30.97 2.85 22.02
C ILE B 169 -30.91 2.92 23.54
N ARG B 170 -31.80 2.17 24.20
CA ARG B 170 -31.92 2.24 25.65
C ARG B 170 -31.76 0.88 26.32
N LYS B 171 -30.98 0.83 27.39
CA LYS B 171 -30.67 -0.44 28.03
C LYS B 171 -31.37 -0.46 29.37
N PHE B 172 -32.30 -1.40 29.55
CA PHE B 172 -33.06 -1.52 30.79
C PHE B 172 -32.67 -2.75 31.56
N CYS B 173 -32.87 -2.68 32.85
CA CYS B 173 -32.64 -3.80 33.73
C CYS B 173 -33.93 -4.07 34.48
N ILE B 174 -34.69 -5.06 34.02
CA ILE B 174 -36.00 -5.36 34.59
C ILE B 174 -35.93 -6.56 35.52
N GLN B 175 -36.79 -6.55 36.52
CA GLN B 175 -36.80 -7.55 37.58
C GLN B 175 -38.06 -7.39 38.44
N PRO B 176 -38.63 -8.50 38.92
CA PRO B 176 -39.69 -8.39 39.90
C PRO B 176 -39.18 -8.19 41.34
N LYS B 183 -36.36 -14.76 39.79
CA LYS B 183 -35.42 -14.02 40.67
C LYS B 183 -34.33 -13.26 39.87
N ALA B 184 -33.71 -13.93 38.89
CA ALA B 184 -32.59 -13.34 38.14
C ALA B 184 -33.00 -12.08 37.40
N PRO B 185 -32.36 -10.93 37.72
CA PRO B 185 -32.67 -9.75 36.93
C PRO B 185 -32.24 -9.96 35.50
N ARG B 186 -32.85 -9.20 34.59
CA ARG B 186 -32.68 -9.41 33.18
C ARG B 186 -32.45 -8.09 32.45
N LEU B 187 -31.65 -8.12 31.39
CA LEU B 187 -31.36 -6.93 30.61
C LEU B 187 -32.21 -6.89 29.35
N VAL B 188 -33.05 -5.87 29.22
CA VAL B 188 -33.82 -5.65 28.00
C VAL B 188 -33.32 -4.40 27.31
N SER B 189 -33.02 -4.53 26.02
CA SER B 189 -32.57 -3.38 25.21
C SER B 189 -33.67 -2.92 24.28
N GLN B 190 -34.00 -1.64 24.39
CA GLN B 190 -35.03 -1.02 23.57
C GLN B 190 -34.37 -0.27 22.43
N LEU B 191 -34.81 -0.55 21.20
CA LEU B 191 -34.32 0.15 20.02
C LEU B 191 -35.46 1.01 19.50
N HIS B 192 -35.28 2.32 19.54
CA HIS B 192 -36.35 3.25 19.27
C HIS B 192 -36.05 4.05 18.01
N PHE B 193 -36.73 3.72 16.91
CA PHE B 193 -36.52 4.40 15.63
C PHE B 193 -37.22 5.78 15.62
N THR B 194 -36.43 6.83 15.64
CA THR B 194 -36.94 8.19 15.74
C THR B 194 -37.25 8.85 14.38
N SER B 195 -36.56 8.38 13.33
CA SER B 195 -36.52 9.05 12.03
C SER B 195 -37.82 8.95 11.23
N TRP B 196 -38.69 7.97 11.55
CA TRP B 196 -39.86 7.70 10.71
C TRP B 196 -40.76 8.93 10.67
N PRO B 197 -41.03 9.46 9.45
CA PRO B 197 -41.77 10.72 9.32
C PRO B 197 -43.26 10.61 9.65
N ASP B 198 -43.85 11.76 9.97
CA ASP B 198 -45.21 11.81 10.52
C ASP B 198 -46.22 11.02 9.66
N PHE B 199 -46.29 11.14 8.34
CA PHE B 199 -47.31 10.33 7.62
C PHE B 199 -46.86 9.55 6.40
N GLY B 200 -45.57 9.24 6.32
CA GLY B 200 -44.99 8.65 5.12
C GLY B 200 -44.05 7.54 5.47
N VAL B 201 -42.99 7.39 4.70
CA VAL B 201 -41.96 6.40 4.99
C VAL B 201 -40.61 7.11 5.00
N PRO B 202 -39.55 6.45 5.51
CA PRO B 202 -38.22 7.03 5.51
C PRO B 202 -37.76 7.37 4.13
N PHE B 203 -36.82 8.30 4.04
CA PHE B 203 -36.51 8.95 2.77
C PHE B 203 -35.65 8.03 1.85
N THR B 204 -34.48 7.61 2.33
CA THR B 204 -33.72 6.48 1.77
C THR B 204 -34.08 5.24 2.59
N PRO B 205 -33.71 4.03 2.15
CA PRO B 205 -33.92 2.91 3.06
C PRO B 205 -32.72 2.46 3.89
N ILE B 206 -31.52 3.04 3.67
CA ILE B 206 -30.30 2.62 4.41
C ILE B 206 -30.53 2.63 5.94
N GLY B 207 -30.94 3.79 6.46
CA GLY B 207 -31.21 3.91 7.89
C GLY B 207 -32.04 2.77 8.44
N MET B 208 -33.20 2.52 7.85
CA MET B 208 -34.03 1.42 8.32
C MET B 208 -33.29 0.09 8.19
N LEU B 209 -32.43 -0.03 7.17
CA LEU B 209 -31.67 -1.27 7.01
C LEU B 209 -30.56 -1.38 8.06
N LYS B 210 -29.91 -0.26 8.36
CA LYS B 210 -28.88 -0.21 9.42
C LYS B 210 -29.52 -0.51 10.79
N PHE B 211 -30.67 0.12 11.06
CA PHE B 211 -31.43 -0.13 12.26
C PHE B 211 -31.77 -1.60 12.41
N LEU B 212 -32.14 -2.23 11.32
CA LEU B 212 -32.61 -3.61 11.33
C LEU B 212 -31.45 -4.57 11.55
N LYS B 213 -30.25 -4.13 11.20
CA LYS B 213 -29.04 -4.90 11.48
C LYS B 213 -28.64 -4.77 12.97
N LYS B 214 -28.87 -3.59 13.54
CA LYS B 214 -28.51 -3.37 14.95
C LYS B 214 -29.42 -4.24 15.84
N VAL B 215 -30.67 -4.43 15.42
CA VAL B 215 -31.56 -5.32 16.18
C VAL B 215 -31.01 -6.76 16.15
N LYS B 216 -30.65 -7.25 14.96
CA LYS B 216 -30.06 -8.58 14.85
C LYS B 216 -28.87 -8.71 15.77
N THR B 217 -28.07 -7.65 15.87
CA THR B 217 -26.87 -7.63 16.71
C THR B 217 -27.15 -7.75 18.20
N LEU B 218 -28.13 -6.99 18.71
CA LEU B 218 -28.35 -6.87 20.15
C LEU B 218 -29.33 -7.91 20.74
N ASN B 219 -29.96 -8.73 19.90
CA ASN B 219 -30.87 -9.74 20.40
C ASN B 219 -30.11 -11.05 20.58
N PRO B 220 -30.04 -11.58 21.80
CA PRO B 220 -29.34 -12.85 22.00
C PRO B 220 -30.00 -14.06 21.34
N VAL B 221 -29.17 -14.98 20.84
CA VAL B 221 -29.63 -16.23 20.22
C VAL B 221 -30.67 -16.97 21.09
N HIS B 222 -30.45 -17.01 22.40
CA HIS B 222 -31.31 -17.76 23.32
C HIS B 222 -32.62 -17.08 23.69
N ALA B 223 -32.74 -15.78 23.40
CA ALA B 223 -33.86 -14.97 23.92
C ALA B 223 -35.24 -15.36 23.41
N GLY B 224 -36.27 -14.77 24.02
CA GLY B 224 -37.66 -14.95 23.58
C GLY B 224 -37.93 -14.12 22.34
N PRO B 225 -39.21 -13.99 21.96
CA PRO B 225 -39.56 -13.22 20.76
C PRO B 225 -39.31 -11.70 20.90
N ILE B 226 -39.02 -11.05 19.78
CA ILE B 226 -38.73 -9.64 19.76
C ILE B 226 -40.04 -8.87 19.79
N VAL B 227 -40.21 -7.99 20.78
CA VAL B 227 -41.40 -7.17 20.85
C VAL B 227 -41.23 -5.99 19.91
N VAL B 228 -42.07 -5.91 18.90
CA VAL B 228 -42.05 -4.79 17.96
C VAL B 228 -43.36 -4.07 18.09
N HIS B 229 -43.32 -2.77 18.35
CA HIS B 229 -44.57 -2.02 18.51
C HIS B 229 -44.51 -0.67 17.86
N CYS B 230 -45.66 -0.16 17.45
CA CYS B 230 -45.78 1.21 16.93
C CYS B 230 -46.92 1.92 17.66
N SER B 231 -48.04 2.20 16.99
CA SER B 231 -49.20 2.74 17.68
C SER B 231 -50.26 1.66 17.71
N ALA B 232 -50.71 1.25 16.52
CA ALA B 232 -51.75 0.25 16.36
C ALA B 232 -51.20 -1.17 16.42
N GLY B 233 -49.90 -1.31 16.19
CA GLY B 233 -49.27 -2.64 16.21
C GLY B 233 -49.38 -3.38 14.88
N VAL B 234 -49.85 -2.67 13.85
CA VAL B 234 -49.86 -3.14 12.46
C VAL B 234 -49.47 -1.92 11.62
N GLY B 235 -48.58 -2.09 10.65
CA GLY B 235 -48.22 -0.96 9.79
C GLY B 235 -46.72 -0.77 9.71
N ARG B 236 -46.16 0.12 10.54
CA ARG B 236 -44.71 0.23 10.61
C ARG B 236 -44.17 -1.09 11.13
N THR B 237 -44.74 -1.54 12.25
CA THR B 237 -44.40 -2.81 12.85
C THR B 237 -44.43 -3.96 11.83
N GLY B 238 -45.38 -3.90 10.90
CA GLY B 238 -45.49 -4.89 9.83
C GLY B 238 -44.40 -4.73 8.78
N THR B 239 -44.23 -3.52 8.26
CA THR B 239 -43.22 -3.30 7.22
C THR B 239 -41.86 -3.74 7.75
N PHE B 240 -41.61 -3.52 9.04
CA PHE B 240 -40.35 -3.93 9.69
C PHE B 240 -40.19 -5.44 9.70
N ILE B 241 -41.21 -6.15 10.17
CA ILE B 241 -41.18 -7.60 10.20
C ILE B 241 -40.99 -8.20 8.81
N VAL B 242 -41.70 -7.67 7.81
CA VAL B 242 -41.59 -8.16 6.44
C VAL B 242 -40.17 -7.96 5.88
N ILE B 243 -39.60 -6.76 6.07
CA ILE B 243 -38.24 -6.47 5.56
C ILE B 243 -37.22 -7.45 6.13
N ASP B 244 -37.33 -7.79 7.42
CA ASP B 244 -36.45 -8.81 8.01
C ASP B 244 -36.69 -10.15 7.30
N ALA B 245 -37.94 -10.61 7.31
CA ALA B 245 -38.27 -11.90 6.71
C ALA B 245 -37.72 -12.00 5.30
N MET B 246 -37.92 -10.95 4.52
CA MET B 246 -37.54 -10.99 3.11
C MET B 246 -36.03 -10.91 2.88
N MET B 247 -35.31 -10.23 3.78
CA MET B 247 -33.85 -10.25 3.74
C MET B 247 -33.38 -11.67 3.93
N ALA B 248 -34.00 -12.39 4.87
CA ALA B 248 -33.75 -13.81 5.09
C ALA B 248 -33.94 -14.63 3.82
N MET B 249 -35.08 -14.41 3.18
CA MET B 249 -35.47 -15.16 1.98
C MET B 249 -34.47 -14.92 0.83
N MET B 250 -34.00 -13.69 0.66
CA MET B 250 -32.95 -13.42 -0.34
C MET B 250 -31.73 -14.25 -0.01
N HIS B 251 -31.26 -14.11 1.24
CA HIS B 251 -30.03 -14.73 1.68
C HIS B 251 -30.09 -16.25 1.72
N ALA B 252 -31.25 -16.83 1.43
CA ALA B 252 -31.42 -18.27 1.44
C ALA B 252 -31.86 -18.75 0.08
N GLU B 253 -33.00 -18.25 -0.38
CA GLU B 253 -33.64 -18.73 -1.62
C GLU B 253 -33.18 -18.02 -2.89
N GLN B 254 -32.52 -16.86 -2.74
CA GLN B 254 -32.13 -16.01 -3.86
C GLN B 254 -33.36 -15.45 -4.64
N LYS B 255 -34.54 -15.52 -4.03
CA LYS B 255 -35.76 -14.88 -4.53
C LYS B 255 -36.42 -14.04 -3.40
N VAL B 256 -37.54 -13.41 -3.70
CA VAL B 256 -38.26 -12.64 -2.67
C VAL B 256 -39.74 -12.60 -3.04
N ASP B 257 -40.61 -12.67 -2.03
CA ASP B 257 -42.07 -12.70 -2.27
C ASP B 257 -42.84 -11.90 -1.22
N VAL B 258 -42.92 -10.59 -1.44
CA VAL B 258 -43.51 -9.68 -0.46
C VAL B 258 -45.02 -9.89 -0.35
N PHE B 259 -45.66 -10.33 -1.43
CA PHE B 259 -47.10 -10.52 -1.42
C PHE B 259 -47.56 -11.71 -0.58
N GLU B 260 -46.95 -12.88 -0.77
CA GLU B 260 -47.39 -14.11 -0.08
C GLU B 260 -47.08 -14.12 1.42
N PHE B 261 -45.98 -13.48 1.81
CA PHE B 261 -45.58 -13.39 3.22
C PHE B 261 -46.53 -12.48 3.95
N VAL B 262 -46.77 -11.29 3.40
CA VAL B 262 -47.75 -10.37 4.01
C VAL B 262 -49.10 -11.08 4.16
N SER B 263 -49.48 -11.85 3.14
CA SER B 263 -50.66 -12.71 3.21
C SER B 263 -50.60 -13.70 4.37
N ARG B 264 -49.44 -14.31 4.62
CA ARG B 264 -49.27 -15.24 5.74
C ARG B 264 -49.41 -14.53 7.10
N ILE B 265 -48.67 -13.44 7.30
CA ILE B 265 -48.63 -12.78 8.61
C ILE B 265 -49.98 -12.15 8.96
N ARG B 266 -50.79 -11.87 7.96
CA ARG B 266 -52.12 -11.31 8.22
C ARG B 266 -53.11 -12.31 8.83
N ASN B 267 -52.89 -13.59 8.56
CA ASN B 267 -53.65 -14.63 9.25
C ASN B 267 -53.20 -14.84 10.72
N GLN B 268 -52.19 -14.08 11.15
CA GLN B 268 -51.82 -14.01 12.55
C GLN B 268 -52.26 -12.69 13.17
N ARG B 269 -52.24 -11.61 12.39
CA ARG B 269 -52.65 -10.30 12.90
C ARG B 269 -53.04 -9.32 11.78
N PRO B 270 -54.34 -8.99 11.68
CA PRO B 270 -54.83 -8.35 10.47
C PRO B 270 -54.32 -6.94 10.22
N GLN B 271 -54.44 -6.51 8.96
CA GLN B 271 -53.98 -5.20 8.45
C GLN B 271 -52.45 -5.00 8.57
N MET B 272 -51.69 -6.09 8.46
CA MET B 272 -50.31 -6.08 8.92
C MET B 272 -49.44 -5.01 8.28
N VAL B 273 -49.46 -4.83 6.98
CA VAL B 273 -48.85 -3.60 6.47
C VAL B 273 -50.01 -2.67 6.24
N GLN B 274 -49.83 -1.36 6.43
CA GLN B 274 -51.00 -0.46 6.45
C GLN B 274 -51.22 0.38 5.20
N THR B 275 -50.17 0.92 4.60
CA THR B 275 -50.32 1.86 3.49
C THR B 275 -49.55 1.39 2.25
N ASP B 276 -50.07 1.75 1.07
CA ASP B 276 -49.39 1.46 -0.21
C ASP B 276 -47.93 2.01 -0.22
N MET B 277 -47.73 3.16 0.41
CA MET B 277 -46.38 3.74 0.60
C MET B 277 -45.46 2.78 1.32
N GLN B 278 -45.97 2.22 2.41
CA GLN B 278 -45.24 1.23 3.17
C GLN B 278 -45.01 -0.04 2.36
N TYR B 279 -45.99 -0.43 1.54
CA TYR B 279 -45.84 -1.64 0.72
C TYR B 279 -44.67 -1.53 -0.25
N THR B 280 -44.64 -0.45 -1.04
CA THR B 280 -43.53 -0.24 -1.98
C THR B 280 -42.20 0.12 -1.27
N PHE B 281 -42.26 0.62 -0.03
CA PHE B 281 -41.05 0.80 0.79
C PHE B 281 -40.39 -0.53 1.11
N ILE B 282 -41.18 -1.59 1.35
CA ILE B 282 -40.61 -2.92 1.58
C ILE B 282 -39.75 -3.29 0.39
N TYR B 283 -40.28 -3.04 -0.81
CA TYR B 283 -39.58 -3.38 -2.04
C TYR B 283 -38.32 -2.51 -2.21
N GLN B 284 -38.44 -1.21 -1.99
CA GLN B 284 -37.29 -0.31 -2.11
C GLN B 284 -36.16 -0.73 -1.19
N ALA B 285 -36.49 -1.03 0.07
CA ALA B 285 -35.49 -1.50 1.04
C ALA B 285 -34.85 -2.79 0.57
N LEU B 286 -35.67 -3.72 0.10
CA LEU B 286 -35.15 -4.98 -0.44
C LEU B 286 -34.19 -4.77 -1.63
N LEU B 287 -34.53 -3.86 -2.53
CA LEU B 287 -33.66 -3.56 -3.66
C LEU B 287 -32.35 -2.93 -3.21
N GLU B 288 -32.46 -1.88 -2.40
CA GLU B 288 -31.30 -1.23 -1.79
C GLU B 288 -30.37 -2.25 -1.16
N TYR B 289 -30.95 -3.18 -0.40
CA TYR B 289 -30.18 -4.21 0.29
C TYR B 289 -29.57 -5.25 -0.61
N TYR B 290 -30.05 -5.33 -1.84
CA TYR B 290 -29.48 -6.26 -2.81
C TYR B 290 -28.39 -5.57 -3.59
N LEU B 291 -28.76 -4.51 -4.31
CA LEU B 291 -27.80 -3.75 -5.15
C LEU B 291 -26.54 -3.31 -4.38
N TYR B 292 -26.73 -2.70 -3.22
CA TYR B 292 -25.62 -2.17 -2.45
C TYR B 292 -25.28 -3.01 -1.22
N GLY B 293 -26.32 -3.57 -0.60
CA GLY B 293 -26.17 -4.51 0.52
C GLY B 293 -24.88 -4.43 1.31
N ASP B 294 -24.01 -5.42 1.11
CA ASP B 294 -22.78 -5.54 1.92
C ASP B 294 -21.63 -4.64 1.43
N THR B 295 -21.56 -3.44 2.01
CA THR B 295 -20.36 -2.59 1.90
C THR B 295 -19.85 -2.19 3.29
N GLU B 296 -20.57 -2.57 4.35
CA GLU B 296 -20.07 -2.39 5.72
C GLU B 296 -18.98 -3.41 6.01
N LEU B 297 -18.08 -3.05 6.91
CA LEU B 297 -17.01 -3.96 7.33
C LEU B 297 -16.66 -3.65 8.79
N ASP B 298 -16.17 -4.67 9.51
CA ASP B 298 -15.82 -4.48 10.91
C ASP B 298 -14.34 -4.10 11.03
N VAL B 299 -14.02 -3.26 12.02
CA VAL B 299 -12.68 -2.72 12.20
C VAL B 299 -11.60 -3.83 12.32
N SER B 300 -12.02 -5.05 12.66
CA SER B 300 -11.15 -6.24 12.59
C SER B 300 -10.57 -6.44 11.18
N SER B 301 -11.45 -6.49 10.16
CA SER B 301 -11.03 -6.60 8.75
C SER B 301 -10.11 -5.44 8.35
N GLY B 320 -10.98 -2.50 -6.61
CA GLY B 320 -11.63 -2.52 -5.30
C GLY B 320 -12.51 -1.31 -5.05
N LEU B 321 -11.87 -0.14 -4.92
CA LEU B 321 -12.58 1.13 -4.70
C LEU B 321 -13.06 1.76 -5.99
N GLU B 322 -12.38 1.47 -7.10
CA GLU B 322 -12.82 1.96 -8.41
C GLU B 322 -14.26 1.51 -8.67
N GLU B 323 -14.48 0.20 -8.53
CA GLU B 323 -15.80 -0.38 -8.73
C GLU B 323 -16.86 0.29 -7.83
N GLU B 324 -16.55 0.48 -6.55
CA GLU B 324 -17.46 1.20 -5.63
C GLU B 324 -17.79 2.62 -6.11
N PHE B 325 -16.75 3.42 -6.32
CA PHE B 325 -16.93 4.78 -6.78
C PHE B 325 -17.71 4.84 -8.10
N ARG B 326 -17.59 3.80 -8.92
CA ARG B 326 -18.40 3.69 -10.12
C ARG B 326 -19.90 3.57 -9.81
N LYS B 327 -20.26 2.91 -8.71
CA LYS B 327 -21.68 2.77 -8.34
C LYS B 327 -22.29 4.11 -7.84
N LEU B 328 -21.50 4.91 -7.12
CA LEU B 328 -21.95 6.24 -6.64
C LEU B 328 -22.25 7.22 -7.78
N THR B 329 -21.44 7.12 -8.83
CA THR B 329 -21.69 7.81 -10.09
C THR B 329 -23.11 7.54 -10.60
N ASN B 330 -23.51 6.26 -10.57
CA ASN B 330 -24.76 5.82 -11.16
C ASN B 330 -26.00 6.07 -10.31
N VAL B 331 -25.82 6.69 -9.14
CA VAL B 331 -26.92 7.27 -8.38
C VAL B 331 -27.42 8.52 -9.14
N ARG B 332 -28.66 8.48 -9.63
CA ARG B 332 -29.19 9.56 -10.48
C ARG B 332 -29.34 10.88 -9.72
N ILE B 333 -28.94 11.98 -10.37
CA ILE B 333 -29.13 13.34 -9.83
C ILE B 333 -30.59 13.77 -10.02
N MET B 334 -31.25 14.20 -8.94
CA MET B 334 -32.68 14.57 -8.97
C MET B 334 -32.91 15.94 -9.68
N LYS B 335 -32.70 15.96 -10.99
CA LYS B 335 -32.74 17.19 -11.80
C LYS B 335 -34.09 17.92 -11.73
N GLU B 336 -35.19 17.16 -11.72
CA GLU B 336 -36.52 17.74 -11.54
C GLU B 336 -36.64 18.40 -10.17
N ASN B 337 -36.12 17.73 -9.13
CA ASN B 337 -36.19 18.23 -7.76
C ASN B 337 -35.10 19.28 -7.40
N MET B 338 -34.56 19.98 -8.41
CA MET B 338 -33.62 21.10 -8.22
C MET B 338 -34.21 22.42 -8.78
N ARG B 339 -35.51 22.65 -8.62
CA ARG B 339 -36.18 23.82 -9.21
C ARG B 339 -35.65 25.15 -8.63
N THR B 340 -35.87 25.38 -7.33
CA THR B 340 -35.56 26.67 -6.67
C THR B 340 -34.22 27.29 -7.09
N GLY B 341 -33.17 26.47 -7.19
CA GLY B 341 -31.83 26.94 -7.53
C GLY B 341 -31.61 27.34 -8.98
N ASN B 342 -32.55 26.99 -9.85
CA ASN B 342 -32.44 27.28 -11.28
C ASN B 342 -33.33 28.43 -11.76
N LEU B 343 -34.34 28.79 -10.96
CA LEU B 343 -35.17 29.95 -11.25
C LEU B 343 -34.21 31.12 -11.56
N PRO B 344 -34.43 31.82 -12.68
CA PRO B 344 -33.45 32.74 -13.29
C PRO B 344 -32.69 33.69 -12.35
N ALA B 345 -33.39 34.22 -11.35
CA ALA B 345 -32.79 35.14 -10.37
C ALA B 345 -31.63 34.50 -9.62
N ASN B 346 -31.85 33.26 -9.20
CA ASN B 346 -30.91 32.53 -8.35
C ASN B 346 -29.76 31.85 -9.09
N MET B 347 -29.86 31.82 -10.42
CA MET B 347 -28.80 31.23 -11.27
C MET B 347 -27.46 31.96 -11.09
N LYS B 348 -27.51 33.30 -11.09
CA LYS B 348 -26.33 34.14 -10.87
C LYS B 348 -25.62 33.83 -9.53
N LYS B 349 -26.39 33.33 -8.58
CA LYS B 349 -25.97 33.25 -7.20
C LYS B 349 -25.18 31.97 -6.88
N ALA B 350 -24.92 31.13 -7.89
CA ALA B 350 -24.21 29.87 -7.68
C ALA B 350 -22.88 29.91 -8.43
N ARG B 351 -21.82 29.38 -7.83
CA ARG B 351 -20.52 29.25 -8.52
C ARG B 351 -20.54 28.23 -9.65
N VAL B 352 -21.27 27.12 -9.45
CA VAL B 352 -21.41 26.11 -10.49
C VAL B 352 -22.88 25.73 -10.67
N ILE B 353 -23.45 26.07 -11.83
CA ILE B 353 -24.87 25.84 -12.12
C ILE B 353 -25.32 24.39 -11.90
N GLN B 354 -24.34 23.47 -11.91
CA GLN B 354 -24.59 22.03 -11.70
C GLN B 354 -24.48 21.57 -10.24
N ILE B 355 -23.77 22.31 -9.38
CA ILE B 355 -23.69 21.99 -7.94
C ILE B 355 -24.55 22.95 -7.11
N ILE B 356 -25.77 22.51 -6.84
CA ILE B 356 -26.88 23.34 -6.40
C ILE B 356 -27.74 22.48 -5.47
N PRO B 357 -28.43 23.11 -4.51
CA PRO B 357 -29.15 22.30 -3.54
C PRO B 357 -30.45 21.72 -4.10
N TYR B 358 -30.78 20.51 -3.66
CA TYR B 358 -32.10 19.93 -3.92
C TYR B 358 -33.16 20.71 -3.14
N ASP B 359 -34.38 20.75 -3.66
CA ASP B 359 -35.42 21.57 -3.06
C ASP B 359 -35.65 21.18 -1.60
N PHE B 360 -35.71 19.88 -1.34
CA PHE B 360 -36.23 19.39 -0.07
C PHE B 360 -35.38 19.69 1.17
N ASN B 361 -34.06 19.84 1.04
CA ASN B 361 -33.22 20.06 2.22
C ASN B 361 -32.43 21.35 2.18
N ARG B 362 -32.90 22.31 1.39
CA ARG B 362 -32.11 23.48 1.15
C ARG B 362 -32.35 24.49 2.24
N VAL B 363 -31.32 25.23 2.58
CA VAL B 363 -31.39 26.24 3.61
C VAL B 363 -32.24 27.42 3.16
N ILE B 364 -33.40 27.58 3.76
CA ILE B 364 -34.31 28.68 3.39
C ILE B 364 -34.00 29.91 4.24
N LEU B 365 -34.26 31.11 3.71
CA LEU B 365 -34.01 32.32 4.47
C LEU B 365 -35.22 33.24 4.49
N SER B 366 -35.17 34.25 5.37
CA SER B 366 -36.20 35.29 5.46
C SER B 366 -36.32 36.05 4.15
N MET B 367 -37.55 36.34 3.73
CA MET B 367 -37.80 36.97 2.42
C MET B 367 -37.31 38.42 2.38
N TYR B 373 -36.95 37.02 -4.62
CA TYR B 373 -36.29 35.70 -4.53
C TYR B 373 -35.20 35.60 -3.43
N THR B 374 -35.45 36.23 -2.28
CA THR B 374 -34.42 36.40 -1.25
C THR B 374 -34.21 35.19 -0.37
N ASP B 375 -35.04 34.15 -0.52
CA ASP B 375 -34.92 32.95 0.32
C ASP B 375 -33.84 31.97 -0.15
N TYR B 376 -33.09 32.32 -1.20
CA TYR B 376 -32.10 31.41 -1.76
C TYR B 376 -30.68 31.72 -1.36
N ILE B 377 -30.03 30.68 -0.87
CA ILE B 377 -28.60 30.62 -0.79
C ILE B 377 -28.28 29.25 -1.38
N ASN B 378 -27.09 29.08 -1.94
CA ASN B 378 -26.65 27.77 -2.39
C ASN B 378 -26.15 26.96 -1.18
N ALA B 379 -27.07 26.35 -0.45
CA ALA B 379 -26.68 25.64 0.76
C ALA B 379 -27.70 24.57 1.17
N SER B 380 -27.21 23.34 1.32
CA SER B 380 -28.04 22.22 1.74
C SER B 380 -27.78 21.88 3.20
N PHE B 381 -28.85 21.50 3.89
CA PHE B 381 -28.74 20.90 5.21
C PHE B 381 -28.35 19.44 5.06
N ILE B 382 -27.32 19.00 5.78
CA ILE B 382 -26.86 17.62 5.68
C ILE B 382 -26.82 16.91 7.03
N ASP B 383 -27.29 15.66 7.09
CA ASP B 383 -27.38 14.92 8.34
C ASP B 383 -26.04 14.52 8.88
N GLY B 384 -25.92 14.49 10.20
CA GLY B 384 -24.72 13.98 10.85
C GLY B 384 -24.97 12.61 11.46
N TYR B 385 -24.01 12.10 12.23
CA TYR B 385 -24.13 10.78 12.84
C TYR B 385 -25.09 10.82 14.00
N ARG B 386 -25.15 11.94 14.71
CA ARG B 386 -25.98 12.04 15.91
C ARG B 386 -27.21 12.91 15.79
N GLN B 387 -27.23 13.84 14.84
CA GLN B 387 -28.45 14.60 14.63
C GLN B 387 -28.67 15.10 13.23
N LYS B 388 -29.95 15.21 12.88
CA LYS B 388 -30.36 15.69 11.58
C LYS B 388 -30.00 17.16 11.42
N ASP B 389 -29.78 17.58 10.18
CA ASP B 389 -29.48 18.97 9.85
C ASP B 389 -28.29 19.54 10.64
N TYR B 390 -27.22 18.73 10.77
CA TYR B 390 -26.06 19.08 11.60
C TYR B 390 -24.97 19.85 10.86
N PHE B 391 -24.94 19.77 9.54
CA PHE B 391 -24.05 20.59 8.75
C PHE B 391 -24.84 21.38 7.73
N ILE B 392 -24.42 22.61 7.50
CA ILE B 392 -24.84 23.36 6.35
C ILE B 392 -23.68 23.22 5.39
N ALA B 393 -23.88 22.56 4.26
CA ALA B 393 -22.82 22.40 3.25
C ALA B 393 -23.06 23.44 2.16
N THR B 394 -22.35 24.56 2.23
CA THR B 394 -22.58 25.64 1.27
C THR B 394 -21.35 25.87 0.39
N GLN B 395 -21.56 26.62 -0.67
CA GLN B 395 -20.48 27.08 -1.53
C GLN B 395 -19.74 28.19 -0.82
N GLY B 396 -18.51 28.44 -1.22
CA GLY B 396 -17.80 29.63 -0.77
C GLY B 396 -18.55 30.84 -1.29
N PRO B 397 -18.76 31.86 -0.42
CA PRO B 397 -19.56 33.01 -0.84
C PRO B 397 -18.96 33.74 -2.00
N LEU B 398 -19.81 34.30 -2.84
CA LEU B 398 -19.39 35.19 -3.90
C LEU B 398 -19.43 36.61 -3.39
N ALA B 399 -18.71 37.49 -4.08
CA ALA B 399 -18.75 38.92 -3.81
C ALA B 399 -20.16 39.39 -3.46
N HIS B 400 -21.12 39.01 -4.30
CA HIS B 400 -22.51 39.51 -4.19
C HIS B 400 -23.45 38.55 -3.46
N THR B 401 -22.91 37.70 -2.59
CA THR B 401 -23.72 36.87 -1.70
C THR B 401 -23.15 36.77 -0.28
N VAL B 402 -22.25 37.67 0.11
CA VAL B 402 -21.86 37.75 1.51
C VAL B 402 -23.05 38.16 2.37
N GLU B 403 -23.85 39.10 1.87
CA GLU B 403 -25.09 39.50 2.56
C GLU B 403 -25.89 38.26 3.00
N ASP B 404 -26.08 37.33 2.07
CA ASP B 404 -26.85 36.11 2.31
C ASP B 404 -26.12 35.14 3.22
N PHE B 405 -24.82 34.98 3.01
CA PHE B 405 -24.02 34.04 3.79
C PHE B 405 -24.20 34.29 5.28
N TRP B 406 -23.93 35.51 5.72
CA TRP B 406 -24.01 35.85 7.14
C TRP B 406 -25.42 35.80 7.68
N ARG B 407 -26.40 36.20 6.87
CA ARG B 407 -27.81 35.96 7.23
C ARG B 407 -28.11 34.48 7.44
N MET B 408 -27.52 33.62 6.62
CA MET B 408 -27.69 32.19 6.84
C MET B 408 -27.03 31.80 8.16
N ILE B 409 -25.78 32.21 8.39
CA ILE B 409 -25.09 31.85 9.64
C ILE B 409 -25.87 32.35 10.85
N TRP B 410 -26.46 33.54 10.74
CA TRP B 410 -27.30 34.07 11.81
C TRP B 410 -28.64 33.33 11.95
N GLU B 411 -29.36 33.16 10.86
CA GLU B 411 -30.72 32.65 10.95
C GLU B 411 -30.82 31.19 11.35
N TRP B 412 -29.73 30.42 11.24
CA TRP B 412 -29.73 29.01 11.68
C TRP B 412 -28.80 28.72 12.85
N LYS B 413 -28.47 29.77 13.59
CA LYS B 413 -27.79 29.66 14.87
C LYS B 413 -26.48 28.92 14.73
N SER B 414 -25.79 29.14 13.60
CA SER B 414 -24.52 28.50 13.30
C SER B 414 -23.41 29.20 14.06
N HIS B 415 -22.58 28.45 14.76
CA HIS B 415 -21.48 29.04 15.52
C HIS B 415 -20.10 28.58 15.06
N THR B 416 -20.06 27.64 14.12
CA THR B 416 -18.80 27.06 13.67
C THR B 416 -18.75 27.06 12.14
N ILE B 417 -17.69 27.66 11.59
CA ILE B 417 -17.45 27.71 10.15
C ILE B 417 -16.15 26.94 9.84
N VAL B 418 -16.23 26.04 8.87
CA VAL B 418 -15.09 25.26 8.44
C VAL B 418 -14.84 25.68 7.00
N MET B 419 -13.63 26.14 6.70
CA MET B 419 -13.26 26.63 5.38
C MET B 419 -12.16 25.76 4.78
N LEU B 420 -12.41 25.20 3.61
CA LEU B 420 -11.52 24.19 3.06
C LEU B 420 -10.72 24.63 1.81
N THR B 421 -11.02 25.78 1.22
CA THR B 421 -10.16 26.33 0.17
C THR B 421 -9.40 27.52 0.71
N GLU B 422 -8.54 28.07 -0.13
CA GLU B 422 -7.97 29.39 0.07
C GLU B 422 -8.73 30.35 -0.85
N VAL B 423 -8.55 31.65 -0.65
CA VAL B 423 -9.36 32.66 -1.33
C VAL B 423 -9.06 32.72 -2.83
N GLN B 424 -7.77 32.71 -3.17
CA GLN B 424 -7.32 32.51 -4.56
C GLN B 424 -6.55 31.18 -4.63
N GLU B 425 -6.49 30.59 -5.83
CA GLU B 425 -5.85 29.27 -6.06
C GLU B 425 -5.60 29.03 -7.55
N ARG B 426 -4.41 28.51 -7.87
CA ARG B 426 -3.97 28.31 -9.27
C ARG B 426 -4.10 29.60 -10.11
N GLU B 427 -4.06 30.75 -9.42
CA GLU B 427 -4.30 32.09 -10.02
C GLU B 427 -5.79 32.53 -10.06
N GLN B 428 -6.72 31.58 -9.85
CA GLN B 428 -8.16 31.83 -10.00
C GLN B 428 -8.83 32.20 -8.67
N ASP B 429 -9.77 33.16 -8.71
CA ASP B 429 -10.50 33.57 -7.50
C ASP B 429 -11.57 32.54 -7.09
N LYS B 430 -11.22 31.66 -6.13
CA LYS B 430 -12.04 30.49 -5.75
C LYS B 430 -12.98 30.66 -4.54
N CYS B 431 -12.82 31.74 -3.77
CA CYS B 431 -13.79 32.09 -2.71
C CYS B 431 -13.63 33.53 -2.19
N TYR B 432 -14.72 34.27 -2.09
CA TYR B 432 -14.68 35.66 -1.62
C TYR B 432 -14.29 35.67 -0.16
N GLN B 433 -13.57 36.70 0.27
CA GLN B 433 -13.21 36.81 1.69
C GLN B 433 -14.32 37.52 2.48
N TYR B 434 -15.03 36.74 3.28
CA TYR B 434 -16.27 37.20 3.93
C TYR B 434 -16.03 37.67 5.36
N TRP B 435 -14.82 37.47 5.87
CA TRP B 435 -14.50 37.86 7.24
C TRP B 435 -13.52 39.00 7.21
N PRO B 436 -13.37 39.71 8.34
CA PRO B 436 -12.38 40.76 8.47
C PRO B 436 -11.10 40.27 9.09
N THR B 437 -9.95 40.71 8.55
CA THR B 437 -8.66 40.25 9.04
C THR B 437 -8.23 41.01 10.27
N GLU B 438 -8.36 42.34 10.19
CA GLU B 438 -7.85 43.23 11.20
C GLU B 438 -8.94 43.69 12.15
N GLY B 439 -9.98 44.35 11.62
CA GLY B 439 -10.88 45.15 12.46
C GLY B 439 -12.31 44.69 12.60
N SER B 440 -13.19 45.32 11.81
CA SER B 440 -14.60 44.96 11.76
C SER B 440 -15.15 45.22 10.35
N VAL B 441 -15.99 44.33 9.85
CA VAL B 441 -16.73 44.55 8.60
C VAL B 441 -18.22 44.59 8.93
N THR B 442 -19.02 45.20 8.03
CA THR B 442 -20.49 45.16 8.15
C THR B 442 -21.12 44.72 6.84
N HIS B 443 -21.51 43.43 6.74
CA HIS B 443 -22.26 42.88 5.59
C HIS B 443 -23.79 42.87 5.82
N GLY B 444 -24.44 43.97 5.47
CA GLY B 444 -25.88 44.12 5.64
C GLY B 444 -26.27 44.55 7.05
N GLU B 445 -27.09 43.74 7.70
CA GLU B 445 -27.49 44.00 9.09
C GLU B 445 -26.57 43.29 10.11
N ILE B 446 -25.65 42.46 9.62
CA ILE B 446 -24.69 41.76 10.48
C ILE B 446 -23.35 42.53 10.48
N THR B 447 -22.73 42.66 11.66
CA THR B 447 -21.39 43.23 11.79
C THR B 447 -20.47 42.18 12.35
N ILE B 448 -19.25 42.11 11.82
CA ILE B 448 -18.27 41.13 12.28
C ILE B 448 -17.01 41.83 12.79
N GLU B 449 -16.74 41.71 14.10
CA GLU B 449 -15.47 42.13 14.68
C GLU B 449 -14.66 40.86 14.95
N ILE B 450 -13.35 40.96 14.84
CA ILE B 450 -12.47 39.81 15.00
C ILE B 450 -11.66 39.95 16.29
N LYS B 451 -11.77 38.95 17.15
CA LYS B 451 -11.25 39.03 18.50
C LYS B 451 -9.92 38.31 18.61
N ASN B 452 -9.87 37.06 18.13
CA ASN B 452 -8.61 36.31 18.05
C ASN B 452 -8.41 35.72 16.63
N ASP B 453 -7.21 35.19 16.39
CA ASP B 453 -6.84 34.60 15.10
C ASP B 453 -5.47 33.98 15.23
N THR B 454 -5.41 32.68 15.54
CA THR B 454 -4.14 31.97 15.70
C THR B 454 -3.93 30.87 14.64
N LEU B 455 -2.92 31.06 13.79
CA LEU B 455 -2.47 30.01 12.86
C LEU B 455 -1.74 28.92 13.64
N SER B 456 -2.39 27.76 13.79
CA SER B 456 -1.80 26.60 14.46
C SER B 456 -1.00 25.80 13.43
N GLU B 457 -0.75 24.52 13.73
CA GLU B 457 -0.20 23.60 12.73
C GLU B 457 -1.29 23.29 11.69
N ALA B 458 -1.10 23.79 10.48
CA ALA B 458 -2.01 23.56 9.34
C ALA B 458 -3.28 24.42 9.41
N ILE B 459 -4.10 24.22 10.45
CA ILE B 459 -5.35 25.01 10.60
C ILE B 459 -4.98 26.41 11.12
N SER B 460 -5.84 27.37 10.83
CA SER B 460 -5.79 28.69 11.47
C SER B 460 -7.19 29.04 11.98
N ILE B 461 -7.30 29.34 13.27
CA ILE B 461 -8.57 29.43 13.97
C ILE B 461 -8.88 30.88 14.31
N ARG B 462 -9.84 31.47 13.61
CA ARG B 462 -10.26 32.85 13.87
C ARG B 462 -11.54 32.94 14.72
N ASP B 463 -11.60 33.96 15.59
CA ASP B 463 -12.73 34.17 16.49
C ASP B 463 -13.42 35.50 16.26
N PHE B 464 -14.74 35.46 16.18
CA PHE B 464 -15.50 36.64 15.82
C PHE B 464 -16.63 36.95 16.80
N LEU B 465 -16.87 38.25 17.01
CA LEU B 465 -18.12 38.75 17.58
C LEU B 465 -19.00 39.20 16.41
N VAL B 466 -20.03 38.41 16.15
CA VAL B 466 -21.04 38.73 15.15
C VAL B 466 -22.20 39.44 15.85
N THR B 467 -22.55 40.63 15.37
CA THR B 467 -23.64 41.44 15.96
C THR B 467 -24.69 41.76 14.89
N LEU B 468 -25.94 41.92 15.31
CA LEU B 468 -27.05 42.11 14.37
C LEU B 468 -27.62 43.53 14.43
N ASN B 469 -26.90 44.46 13.78
CA ASN B 469 -27.21 45.89 13.78
C ASN B 469 -28.59 46.23 13.20
N GLY B 476 -31.70 41.36 23.83
CA GLY B 476 -30.53 40.76 24.45
C GLY B 476 -29.85 39.68 23.61
N GLU B 477 -30.58 39.03 22.70
CA GLU B 477 -30.01 37.99 21.83
C GLU B 477 -29.32 38.58 20.59
N GLN B 478 -28.69 39.74 20.75
CA GLN B 478 -28.17 40.54 19.62
C GLN B 478 -26.74 40.21 19.13
N VAL B 479 -25.95 39.50 19.94
CA VAL B 479 -24.50 39.30 19.68
C VAL B 479 -24.09 37.83 19.91
N ARG B 480 -23.10 37.36 19.16
CA ARG B 480 -22.69 35.95 19.19
C ARG B 480 -21.17 35.79 19.03
N VAL B 481 -20.63 34.65 19.47
CA VAL B 481 -19.24 34.29 19.12
C VAL B 481 -19.25 33.19 18.05
N VAL B 482 -18.77 33.53 16.85
CA VAL B 482 -18.59 32.56 15.77
C VAL B 482 -17.11 32.23 15.64
N ARG B 483 -16.81 31.00 15.24
CA ARG B 483 -15.46 30.46 15.24
C ARG B 483 -15.12 29.78 13.91
N GLN B 484 -14.14 30.32 13.21
CA GLN B 484 -13.81 29.87 11.86
C GLN B 484 -12.54 29.00 11.81
N PHE B 485 -12.69 27.71 11.50
CA PHE B 485 -11.56 26.84 11.21
C PHE B 485 -11.19 26.96 9.74
N HIS B 486 -9.98 27.43 9.45
CA HIS B 486 -9.51 27.62 8.07
C HIS B 486 -8.42 26.61 7.77
N PHE B 487 -8.77 25.53 7.10
CA PHE B 487 -7.84 24.45 6.81
C PHE B 487 -6.94 24.81 5.62
N HIS B 488 -5.63 24.79 5.83
CA HIS B 488 -4.65 25.08 4.76
C HIS B 488 -3.98 23.82 4.22
N GLY B 489 -4.42 22.65 4.68
CA GLY B 489 -3.73 21.42 4.34
C GLY B 489 -4.08 20.78 3.02
N TRP B 490 -4.97 21.41 2.23
CA TRP B 490 -5.45 20.84 0.96
C TRP B 490 -4.73 21.41 -0.27
N PRO B 491 -4.05 20.56 -1.06
CA PRO B 491 -3.29 21.04 -2.22
C PRO B 491 -4.14 21.57 -3.38
N GLU B 492 -3.73 22.70 -3.94
CA GLU B 492 -4.39 23.29 -5.12
C GLU B 492 -4.82 22.19 -6.11
N ILE B 493 -3.94 21.23 -6.35
CA ILE B 493 -4.22 20.07 -7.19
C ILE B 493 -4.16 18.80 -6.34
N GLY B 494 -5.30 18.14 -6.13
CA GLY B 494 -5.33 16.79 -5.53
C GLY B 494 -5.65 16.77 -4.06
N ILE B 495 -5.82 15.56 -3.52
CA ILE B 495 -6.04 15.35 -2.06
C ILE B 495 -4.78 15.53 -1.21
N PRO B 496 -4.94 15.75 0.10
CA PRO B 496 -3.81 15.87 1.01
C PRO B 496 -3.08 14.56 1.28
N ALA B 497 -1.76 14.68 1.54
CA ALA B 497 -0.82 13.55 1.54
C ALA B 497 -0.84 12.73 2.81
N GLU B 498 -0.96 13.39 3.95
CA GLU B 498 -1.06 12.67 5.20
C GLU B 498 -2.53 12.26 5.39
N GLY B 499 -3.27 13.02 6.19
CA GLY B 499 -4.53 12.58 6.78
C GLY B 499 -4.53 12.84 8.28
N LYS B 500 -3.35 12.90 8.89
CA LYS B 500 -3.23 13.35 10.28
C LYS B 500 -3.86 14.73 10.43
N GLY B 501 -3.54 15.64 9.51
CA GLY B 501 -4.04 17.01 9.56
C GLY B 501 -5.54 17.11 9.45
N MET B 502 -6.14 16.22 8.65
CA MET B 502 -7.58 16.12 8.49
C MET B 502 -8.24 15.59 9.77
N ILE B 503 -7.69 14.50 10.30
CA ILE B 503 -8.13 13.95 11.57
C ILE B 503 -8.14 15.01 12.65
N ASP B 504 -7.06 15.77 12.75
CA ASP B 504 -6.91 16.76 13.81
C ASP B 504 -7.91 17.90 13.64
N LEU B 505 -8.21 18.30 12.40
CA LEU B 505 -9.22 19.34 12.15
C LEU B 505 -10.61 18.90 12.61
N ILE B 506 -10.93 17.64 12.34
CA ILE B 506 -12.20 17.06 12.75
C ILE B 506 -12.28 17.06 14.28
N ALA B 507 -11.20 16.62 14.93
CA ALA B 507 -11.15 16.63 16.40
C ALA B 507 -11.40 18.02 16.96
N ALA B 508 -10.76 19.01 16.34
CA ALA B 508 -10.93 20.41 16.70
C ALA B 508 -12.37 20.89 16.59
N VAL B 509 -12.97 20.70 15.41
CA VAL B 509 -14.35 21.14 15.19
C VAL B 509 -15.33 20.44 16.17
N GLN B 510 -15.04 19.21 16.56
CA GLN B 510 -15.91 18.51 17.52
C GLN B 510 -15.80 19.11 18.89
N LYS B 511 -14.57 19.20 19.41
CA LYS B 511 -14.35 19.83 20.72
C LYS B 511 -15.07 21.17 20.72
N GLN B 512 -14.90 21.97 19.66
CA GLN B 512 -15.57 23.26 19.60
C GLN B 512 -17.03 23.04 19.81
N GLN B 513 -17.62 22.17 18.98
CA GLN B 513 -19.05 21.92 19.06
C GLN B 513 -19.54 21.47 20.46
N GLN B 514 -18.88 20.51 21.11
CA GLN B 514 -19.30 20.09 22.45
C GLN B 514 -19.35 21.31 23.38
N GLN B 515 -18.36 22.18 23.29
CA GLN B 515 -18.27 23.34 24.17
C GLN B 515 -19.29 24.40 23.74
N THR B 516 -19.37 24.70 22.45
CA THR B 516 -20.29 25.73 21.95
C THR B 516 -21.69 25.16 21.73
N GLY B 517 -22.02 24.08 22.45
CA GLY B 517 -23.08 23.12 22.07
C GLY B 517 -24.32 23.71 21.42
N ASN B 518 -24.86 23.12 20.35
CA ASN B 518 -24.28 22.04 19.58
C ASN B 518 -24.95 22.13 18.21
N HIS B 519 -24.73 23.28 17.56
CA HIS B 519 -25.57 23.77 16.45
C HIS B 519 -25.02 23.41 15.09
N PRO B 520 -25.79 23.63 14.02
CA PRO B 520 -25.25 23.16 12.76
C PRO B 520 -23.93 23.85 12.39
N ILE B 521 -23.05 23.11 11.72
CA ILE B 521 -21.69 23.54 11.41
C ILE B 521 -21.66 23.88 9.95
N THR B 522 -21.23 25.09 9.62
CA THR B 522 -21.19 25.57 8.24
C THR B 522 -19.89 25.12 7.57
N VAL B 523 -19.97 24.15 6.68
CA VAL B 523 -18.81 23.70 5.91
C VAL B 523 -18.90 24.27 4.51
N HIS B 524 -17.80 24.84 4.02
CA HIS B 524 -17.78 25.33 2.66
C HIS B 524 -16.41 25.23 2.06
N CYS B 525 -16.37 25.24 0.72
CA CYS B 525 -15.11 25.22 -0.02
C CYS B 525 -15.15 26.23 -1.17
N SER B 526 -15.55 25.77 -2.35
CA SER B 526 -15.78 26.65 -3.48
C SER B 526 -17.10 26.31 -4.17
N ALA B 527 -17.15 25.17 -4.86
CA ALA B 527 -18.39 24.74 -5.53
C ALA B 527 -19.44 24.28 -4.52
N GLY B 528 -19.00 23.84 -3.36
CA GLY B 528 -19.94 23.52 -2.30
C GLY B 528 -20.25 22.05 -2.18
N ALA B 529 -19.54 21.25 -2.97
CA ALA B 529 -19.44 19.84 -2.71
C ALA B 529 -18.11 19.45 -3.30
N GLY B 530 -17.44 18.49 -2.68
CA GLY B 530 -16.10 18.05 -3.11
C GLY B 530 -15.20 17.87 -1.90
N ARG B 531 -14.78 18.99 -1.33
CA ARG B 531 -14.05 18.98 -0.06
C ARG B 531 -15.03 19.00 1.10
N THR B 532 -15.98 19.93 1.04
CA THR B 532 -17.16 19.91 1.90
C THR B 532 -17.67 18.48 2.05
N GLY B 533 -17.71 17.73 0.95
CA GLY B 533 -18.22 16.36 0.93
C GLY B 533 -17.36 15.34 1.63
N THR B 534 -16.06 15.37 1.32
CA THR B 534 -15.08 14.58 2.06
C THR B 534 -15.09 14.91 3.56
N PHE B 535 -15.25 16.18 3.92
CA PHE B 535 -15.19 16.59 5.31
C PHE B 535 -16.37 16.01 6.07
N ILE B 536 -17.58 16.24 5.57
CA ILE B 536 -18.79 15.74 6.22
C ILE B 536 -18.79 14.23 6.30
N ALA B 537 -18.35 13.57 5.22
CA ALA B 537 -18.25 12.11 5.19
C ALA B 537 -17.29 11.59 6.26
N LEU B 538 -16.08 12.16 6.34
CA LEU B 538 -15.10 11.70 7.34
C LEU B 538 -15.57 11.99 8.78
N SER B 539 -16.21 13.13 8.96
CA SER B 539 -16.82 13.45 10.25
C SER B 539 -17.72 12.30 10.69
N ASN B 540 -18.70 11.94 9.86
CA ASN B 540 -19.66 10.89 10.21
C ASN B 540 -19.07 9.48 10.26
N ILE B 541 -18.09 9.22 9.39
CA ILE B 541 -17.42 7.93 9.36
C ILE B 541 -16.54 7.74 10.59
N LEU B 542 -15.81 8.78 10.97
CA LEU B 542 -14.92 8.72 12.15
C LEU B 542 -15.69 8.61 13.47
N GLU B 543 -16.77 9.39 13.60
CA GLU B 543 -17.68 9.30 14.75
C GLU B 543 -18.18 7.85 14.92
N ARG B 544 -18.56 7.24 13.81
CA ARG B 544 -19.11 5.91 13.86
C ARG B 544 -18.08 4.87 14.26
N VAL B 545 -16.83 5.05 13.86
CA VAL B 545 -15.79 4.05 14.13
C VAL B 545 -15.41 4.10 15.60
N LYS B 546 -15.23 5.30 16.15
CA LYS B 546 -14.99 5.45 17.59
C LYS B 546 -16.22 4.95 18.37
N ALA B 547 -17.41 5.12 17.80
CA ALA B 547 -18.64 4.66 18.44
C ALA B 547 -18.91 3.13 18.34
N GLU B 548 -19.14 2.62 17.14
CA GLU B 548 -19.61 1.24 16.95
C GLU B 548 -18.53 0.31 16.44
N GLY B 549 -17.39 0.87 16.04
CA GLY B 549 -16.30 0.06 15.49
C GLY B 549 -16.71 -0.60 14.20
N LEU B 550 -17.38 0.22 13.37
CA LEU B 550 -17.93 -0.21 12.10
C LEU B 550 -17.71 0.87 11.06
N LEU B 551 -17.63 0.44 9.82
CA LEU B 551 -17.17 1.28 8.74
C LEU B 551 -17.93 0.95 7.47
N ASP B 552 -18.55 1.96 6.88
CA ASP B 552 -19.22 1.82 5.58
C ASP B 552 -19.10 3.14 4.84
N VAL B 553 -17.95 3.34 4.21
CA VAL B 553 -17.71 4.57 3.48
C VAL B 553 -18.73 4.72 2.36
N PHE B 554 -18.99 3.62 1.65
CA PHE B 554 -19.83 3.66 0.45
C PHE B 554 -21.21 4.22 0.70
N GLN B 555 -21.83 3.79 1.80
CA GLN B 555 -23.14 4.30 2.19
C GLN B 555 -22.99 5.69 2.77
N ALA B 556 -21.92 5.90 3.54
CA ALA B 556 -21.60 7.22 4.08
C ALA B 556 -21.70 8.26 2.99
N VAL B 557 -21.03 7.97 1.87
CA VAL B 557 -20.98 8.86 0.73
C VAL B 557 -22.30 8.86 -0.06
N LYS B 558 -22.76 7.67 -0.45
CA LYS B 558 -24.00 7.59 -1.17
C LYS B 558 -25.12 8.33 -0.46
N SER B 559 -25.06 8.39 0.87
CA SER B 559 -26.06 9.13 1.63
C SER B 559 -25.89 10.64 1.45
N LEU B 560 -24.65 11.08 1.22
CA LEU B 560 -24.38 12.49 0.97
C LEU B 560 -24.84 12.87 -0.43
N ARG B 561 -24.70 11.94 -1.36
CA ARG B 561 -25.15 12.14 -2.74
C ARG B 561 -26.67 12.29 -2.87
N LEU B 562 -27.40 11.56 -2.02
CA LEU B 562 -28.84 11.68 -1.99
C LEU B 562 -29.31 12.99 -1.37
N GLN B 563 -28.43 13.74 -0.71
CA GLN B 563 -28.80 15.01 -0.08
C GLN B 563 -28.36 16.24 -0.88
N ARG B 564 -27.21 16.13 -1.52
CA ARG B 564 -26.69 17.22 -2.31
C ARG B 564 -25.81 16.61 -3.39
N PRO B 565 -25.94 17.11 -4.63
CA PRO B 565 -25.26 16.47 -5.75
C PRO B 565 -23.73 16.69 -5.80
N HIS B 566 -23.03 15.66 -6.26
CA HIS B 566 -21.57 15.66 -6.41
C HIS B 566 -20.80 15.81 -5.11
N MET B 567 -21.32 15.29 -3.99
CA MET B 567 -20.77 15.65 -2.67
C MET B 567 -19.32 15.18 -2.50
N VAL B 568 -19.09 13.88 -2.39
CA VAL B 568 -17.75 13.36 -2.66
C VAL B 568 -17.79 13.24 -4.16
N GLN B 569 -16.78 13.83 -4.82
CA GLN B 569 -16.84 14.12 -6.27
C GLN B 569 -15.94 13.26 -7.15
N THR B 570 -14.78 12.84 -6.63
CA THR B 570 -13.74 12.21 -7.45
C THR B 570 -13.15 10.98 -6.79
N LEU B 571 -12.64 10.06 -7.60
CA LEU B 571 -12.08 8.83 -7.07
C LEU B 571 -10.92 9.06 -6.09
N GLU B 572 -10.22 10.18 -6.24
CA GLU B 572 -9.14 10.55 -5.31
C GLU B 572 -9.72 10.98 -3.95
N GLN B 573 -10.81 11.73 -3.95
CA GLN B 573 -11.40 12.15 -2.69
C GLN B 573 -11.97 10.96 -1.92
N TYR B 574 -12.51 10.00 -2.65
CA TYR B 574 -13.16 8.82 -2.05
C TYR B 574 -12.14 7.80 -1.56
N GLU B 575 -11.02 7.69 -2.30
CA GLU B 575 -9.88 6.87 -1.89
C GLU B 575 -9.25 7.46 -0.63
N PHE B 576 -9.17 8.79 -0.60
CA PHE B 576 -8.69 9.53 0.56
C PHE B 576 -9.42 9.20 1.86
N CYS B 577 -10.71 8.94 1.78
CA CYS B 577 -11.51 8.62 2.97
C CYS B 577 -11.05 7.35 3.63
N TYR B 578 -10.82 6.33 2.83
CA TYR B 578 -10.32 5.08 3.36
C TYR B 578 -8.96 5.31 3.97
N LYS B 579 -8.12 6.07 3.28
CA LYS B 579 -6.79 6.40 3.82
C LYS B 579 -6.93 7.11 5.17
N VAL B 580 -7.79 8.12 5.27
CA VAL B 580 -7.91 8.84 6.54
C VAL B 580 -8.33 7.90 7.67
N VAL B 581 -9.20 6.94 7.36
CA VAL B 581 -9.70 6.00 8.37
C VAL B 581 -8.67 4.97 8.81
N GLN B 582 -7.83 4.52 7.88
CA GLN B 582 -6.75 3.57 8.17
C GLN B 582 -5.77 4.26 9.10
N ASP B 583 -5.45 5.51 8.77
CA ASP B 583 -4.59 6.38 9.58
C ASP B 583 -5.16 6.57 10.99
N PHE B 584 -6.47 6.76 11.06
CA PHE B 584 -7.18 6.90 12.32
C PHE B 584 -7.10 5.65 13.19
N ILE B 585 -7.26 4.48 12.58
CA ILE B 585 -7.19 3.21 13.32
C ILE B 585 -5.84 3.04 14.02
N ASP B 586 -4.79 3.66 13.49
CA ASP B 586 -3.51 3.77 14.21
C ASP B 586 -3.33 5.16 14.86
N LYS C 6 9.78 -59.46 10.26
CA LYS C 6 10.37 -58.64 11.36
C LYS C 6 9.31 -58.18 12.37
N TYR C 7 8.07 -57.95 11.92
CA TYR C 7 6.97 -57.51 12.80
C TYR C 7 6.02 -58.63 13.20
N PHE C 8 6.22 -59.19 14.39
CA PHE C 8 5.36 -60.24 14.92
C PHE C 8 4.29 -59.62 15.84
N PRO C 9 3.24 -60.39 16.19
CA PRO C 9 2.22 -59.89 17.12
C PRO C 9 2.76 -59.57 18.51
N ILE C 10 2.22 -58.53 19.13
CA ILE C 10 2.62 -58.11 20.48
C ILE C 10 1.61 -58.67 21.48
N PRO C 11 2.07 -59.48 22.45
CA PRO C 11 1.19 -59.85 23.54
C PRO C 11 0.86 -58.63 24.39
N VAL C 12 -0.41 -58.51 24.79
CA VAL C 12 -0.83 -57.33 25.55
C VAL C 12 0.00 -57.16 26.83
N GLU C 13 0.45 -58.28 27.39
CA GLU C 13 1.41 -58.29 28.50
C GLU C 13 2.60 -57.34 28.28
N HIS C 14 3.05 -57.23 27.02
CA HIS C 14 4.21 -56.40 26.67
C HIS C 14 3.88 -55.15 25.84
N LEU C 15 2.61 -54.75 25.79
CA LEU C 15 2.23 -53.63 24.92
C LEU C 15 2.84 -52.32 25.39
N GLU C 16 2.61 -51.97 26.66
CA GLU C 16 3.12 -50.73 27.24
C GLU C 16 4.62 -50.54 26.97
N GLU C 17 5.40 -51.61 27.14
CA GLU C 17 6.86 -51.56 26.97
C GLU C 17 7.25 -51.33 25.51
N GLU C 18 6.65 -52.07 24.59
CA GLU C 18 6.97 -51.95 23.17
C GLU C 18 6.59 -50.56 22.62
N ILE C 19 5.55 -49.93 23.19
CA ILE C 19 5.18 -48.55 22.81
C ILE C 19 6.29 -47.57 23.19
N ARG C 20 6.84 -47.71 24.40
CA ARG C 20 7.94 -46.88 24.87
C ARG C 20 9.14 -47.02 23.95
N ILE C 21 9.48 -48.27 23.65
CA ILE C 21 10.64 -48.61 22.81
C ILE C 21 10.55 -47.95 21.46
N ARG C 22 9.35 -47.92 20.89
CA ARG C 22 9.15 -47.34 19.56
C ARG C 22 8.94 -45.84 19.63
N SER C 23 9.95 -45.14 20.20
CA SER C 23 9.93 -43.69 20.39
C SER C 23 11.33 -43.16 20.83
N LYS C 28 9.42 -42.96 16.07
CA LYS C 28 10.83 -43.12 15.66
C LYS C 28 11.16 -44.47 14.99
N GLN C 29 10.85 -45.58 15.66
CA GLN C 29 10.88 -46.92 15.04
C GLN C 29 9.52 -47.25 14.45
N PHE C 30 8.48 -46.66 15.05
CA PHE C 30 7.14 -46.65 14.49
C PHE C 30 7.16 -46.07 13.11
N ARG C 31 7.92 -45.00 12.96
CA ARG C 31 8.03 -44.37 11.67
C ARG C 31 8.52 -45.41 10.65
N GLU C 32 9.53 -46.19 11.03
CA GLU C 32 10.08 -47.25 10.18
C GLU C 32 9.11 -48.41 9.93
N GLU C 33 8.36 -48.80 10.95
CA GLU C 33 7.35 -49.84 10.81
C GLU C 33 6.30 -49.41 9.80
N PHE C 34 5.78 -48.21 9.95
CA PHE C 34 4.76 -47.67 9.06
C PHE C 34 5.22 -47.61 7.61
N ASN C 35 6.49 -47.28 7.42
CA ASN C 35 7.06 -47.18 6.09
C ASN C 35 7.34 -48.53 5.44
N SER C 36 7.12 -49.61 6.18
CA SER C 36 7.29 -50.96 5.63
C SER C 36 5.97 -51.59 5.20
N LEU C 37 4.87 -50.92 5.48
CA LEU C 37 3.55 -51.40 5.06
C LEU C 37 3.45 -51.37 3.55
N PRO C 38 2.66 -52.28 2.96
CA PRO C 38 2.44 -52.25 1.54
C PRO C 38 1.32 -51.33 1.16
N SER C 39 1.52 -50.49 0.15
CA SER C 39 0.42 -49.73 -0.47
C SER C 39 -0.23 -50.63 -1.50
N GLY C 40 -1.47 -51.02 -1.23
CA GLY C 40 -2.10 -52.14 -1.96
C GLY C 40 -2.42 -51.95 -3.44
N HIS C 41 -1.51 -51.31 -4.16
CA HIS C 41 -1.70 -51.03 -5.57
C HIS C 41 -1.17 -52.18 -6.40
N ILE C 42 -0.09 -52.81 -5.96
CA ILE C 42 0.45 -53.99 -6.64
C ILE C 42 -0.53 -55.16 -6.57
N GLN C 43 -1.30 -55.20 -5.49
CA GLN C 43 -2.17 -56.33 -5.16
C GLN C 43 -3.62 -56.09 -5.60
N GLY C 44 -3.84 -55.46 -6.75
CA GLY C 44 -5.20 -55.05 -7.13
C GLY C 44 -5.43 -54.73 -8.59
N THR C 45 -6.70 -54.71 -8.99
CA THR C 45 -7.14 -54.28 -10.33
C THR C 45 -7.93 -53.00 -10.14
N PHE C 46 -7.86 -52.09 -11.12
CA PHE C 46 -8.58 -50.82 -10.99
C PHE C 46 -9.29 -50.42 -12.28
N GLU C 47 -9.79 -51.40 -13.01
CA GLU C 47 -10.43 -51.14 -14.31
C GLU C 47 -11.68 -50.28 -14.16
N LEU C 48 -12.61 -50.69 -13.31
CA LEU C 48 -13.91 -50.04 -13.22
C LEU C 48 -13.82 -48.62 -12.64
N ALA C 49 -12.88 -48.40 -11.71
CA ALA C 49 -12.72 -47.10 -11.07
C ALA C 49 -12.21 -46.02 -12.04
N ASN C 50 -11.41 -46.41 -13.02
CA ASN C 50 -10.82 -45.44 -13.96
C ASN C 50 -11.61 -45.24 -15.27
N LYS C 51 -12.77 -45.88 -15.41
CA LYS C 51 -13.62 -45.68 -16.59
C LYS C 51 -13.90 -44.18 -16.77
N GLU C 52 -13.89 -43.70 -18.01
CA GLU C 52 -14.17 -42.30 -18.31
C GLU C 52 -15.45 -41.85 -17.62
N GLU C 53 -16.53 -42.61 -17.83
CA GLU C 53 -17.82 -42.35 -17.20
C GLU C 53 -17.71 -42.12 -15.68
N ASN C 54 -16.84 -42.88 -15.00
CA ASN C 54 -16.70 -42.81 -13.54
C ASN C 54 -15.68 -41.79 -13.01
N ARG C 55 -14.95 -41.10 -13.90
CA ARG C 55 -13.91 -40.15 -13.48
C ARG C 55 -14.44 -39.07 -12.53
N GLU C 56 -15.58 -38.47 -12.89
CA GLU C 56 -16.16 -37.37 -12.11
C GLU C 56 -16.78 -37.82 -10.77
N LYS C 57 -16.84 -39.12 -10.54
CA LYS C 57 -17.43 -39.69 -9.33
C LYS C 57 -16.42 -39.91 -8.20
N ASN C 58 -15.13 -39.76 -8.49
CA ASN C 58 -14.09 -39.89 -7.47
C ASN C 58 -13.59 -38.53 -7.05
N ARG C 59 -13.41 -38.34 -5.76
CA ARG C 59 -13.00 -37.06 -5.22
C ARG C 59 -11.49 -36.89 -5.41
N TYR C 60 -10.75 -37.95 -5.07
CA TYR C 60 -9.30 -37.99 -5.27
C TYR C 60 -8.98 -39.14 -6.22
N PRO C 61 -8.31 -38.82 -7.34
CA PRO C 61 -8.10 -39.81 -8.38
C PRO C 61 -7.00 -40.84 -8.10
N ASN C 62 -6.23 -40.64 -7.02
CA ASN C 62 -5.24 -41.64 -6.61
C ASN C 62 -5.81 -42.63 -5.60
N ILE C 63 -6.94 -42.27 -4.98
CA ILE C 63 -7.52 -43.10 -3.92
C ILE C 63 -8.78 -43.73 -4.48
N LEU C 64 -8.64 -44.97 -4.96
CA LEU C 64 -9.68 -45.63 -5.74
C LEU C 64 -9.87 -47.03 -5.23
N PRO C 65 -11.11 -47.55 -5.31
CA PRO C 65 -11.35 -48.90 -4.86
C PRO C 65 -10.89 -49.91 -5.89
N ASN C 66 -10.30 -51.01 -5.46
CA ASN C 66 -9.97 -52.09 -6.39
C ASN C 66 -11.27 -52.76 -6.83
N ASP C 67 -11.21 -53.51 -7.94
CA ASP C 67 -12.41 -54.09 -8.54
C ASP C 67 -13.03 -55.20 -7.69
N HIS C 68 -12.20 -55.89 -6.90
CA HIS C 68 -12.64 -57.09 -6.21
C HIS C 68 -13.51 -56.83 -5.00
N SER C 69 -13.14 -55.84 -4.20
CA SER C 69 -13.87 -55.50 -2.98
C SER C 69 -14.73 -54.24 -3.12
N ARG C 70 -14.87 -53.77 -4.36
CA ARG C 70 -15.70 -52.62 -4.66
C ARG C 70 -17.13 -52.88 -4.23
N VAL C 71 -17.77 -51.91 -3.60
CA VAL C 71 -19.23 -51.96 -3.44
C VAL C 71 -19.89 -51.68 -4.77
N ILE C 72 -20.77 -52.59 -5.20
CA ILE C 72 -21.40 -52.50 -6.51
C ILE C 72 -22.89 -52.21 -6.33
N LEU C 73 -23.32 -51.05 -6.82
CA LEU C 73 -24.73 -50.66 -6.81
C LEU C 73 -25.52 -51.39 -7.90
N SER C 74 -26.82 -51.54 -7.70
CA SER C 74 -27.70 -52.11 -8.71
C SER C 74 -27.74 -51.17 -9.91
N GLN C 75 -27.77 -51.73 -11.13
CA GLN C 75 -27.71 -50.96 -12.36
C GLN C 75 -28.94 -50.05 -12.56
N LEU C 76 -28.75 -48.74 -12.47
CA LEU C 76 -29.84 -47.75 -12.58
C LEU C 76 -29.88 -47.18 -14.00
N GLY C 78 -31.73 -47.14 -16.99
CA GLY C 78 -30.90 -47.40 -18.17
C GLY C 78 -29.72 -46.46 -18.41
N ILE C 79 -29.13 -45.92 -17.34
CA ILE C 79 -28.01 -45.00 -17.43
C ILE C 79 -26.70 -45.80 -17.38
N PRO C 80 -25.82 -45.61 -18.38
CA PRO C 80 -24.55 -46.37 -18.46
C PRO C 80 -23.57 -46.06 -17.33
N CYS C 81 -22.78 -47.07 -16.95
CA CYS C 81 -21.81 -46.96 -15.85
C CYS C 81 -22.47 -46.53 -14.50
N SER C 82 -23.73 -46.90 -14.31
CA SER C 82 -24.50 -46.58 -13.09
C SER C 82 -24.20 -47.58 -11.96
N ASP C 83 -23.31 -48.51 -12.23
CA ASP C 83 -22.95 -49.56 -11.28
C ASP C 83 -22.10 -49.06 -10.11
N TYR C 84 -21.42 -47.93 -10.28
CA TYR C 84 -20.23 -47.61 -9.50
C TYR C 84 -20.38 -46.58 -8.39
N ILE C 85 -19.69 -46.84 -7.30
CA ILE C 85 -19.52 -45.86 -6.23
C ILE C 85 -18.13 -46.10 -5.64
N ASN C 86 -17.52 -45.03 -5.14
CA ASN C 86 -16.20 -45.08 -4.52
C ASN C 86 -16.33 -45.55 -3.06
N ALA C 87 -16.44 -46.85 -2.89
CA ALA C 87 -16.56 -47.47 -1.59
C ALA C 87 -16.14 -48.91 -1.72
N SER C 88 -15.62 -49.48 -0.65
CA SER C 88 -15.23 -50.90 -0.67
C SER C 88 -15.53 -51.61 0.64
N TYR C 89 -15.83 -52.90 0.56
CA TYR C 89 -16.05 -53.74 1.73
C TYR C 89 -14.74 -53.95 2.45
N ILE C 90 -14.78 -53.88 3.78
CA ILE C 90 -13.60 -54.09 4.61
C ILE C 90 -13.98 -55.01 5.75
N ASP C 91 -13.15 -56.02 5.99
CA ASP C 91 -13.46 -57.01 7.02
C ASP C 91 -13.09 -56.51 8.42
N GLY C 92 -13.75 -57.08 9.42
CA GLY C 92 -13.43 -56.80 10.81
C GLY C 92 -12.63 -57.99 11.32
N TYR C 93 -12.29 -57.98 12.60
CA TYR C 93 -11.66 -59.14 13.19
C TYR C 93 -12.70 -60.25 13.16
N LYS C 94 -12.33 -61.35 12.50
CA LYS C 94 -13.21 -62.51 12.31
C LYS C 94 -14.68 -62.15 11.91
N GLU C 95 -14.82 -61.23 10.95
CA GLU C 95 -16.14 -60.91 10.38
C GLU C 95 -15.99 -60.35 8.97
N LYS C 96 -16.24 -61.17 7.94
CA LYS C 96 -16.18 -60.72 6.55
C LYS C 96 -17.19 -59.58 6.36
N ASN C 97 -16.72 -58.51 5.71
CA ASN C 97 -17.56 -57.36 5.33
C ASN C 97 -18.28 -56.67 6.48
N LYS C 98 -17.58 -56.45 7.59
CA LYS C 98 -18.17 -55.74 8.73
C LYS C 98 -18.46 -54.29 8.35
N PHE C 99 -17.60 -53.70 7.53
CA PHE C 99 -17.69 -52.27 7.22
C PHE C 99 -17.78 -52.02 5.73
N ILE C 100 -18.19 -50.80 5.39
CA ILE C 100 -17.96 -50.23 4.08
C ILE C 100 -17.15 -48.95 4.28
N ALA C 101 -15.92 -48.94 3.76
CA ALA C 101 -15.10 -47.75 3.79
C ALA C 101 -15.42 -47.00 2.54
N ALA C 102 -16.09 -45.85 2.68
CA ALA C 102 -16.59 -45.10 1.53
C ALA C 102 -16.01 -43.72 1.53
N GLN C 103 -15.83 -43.15 0.35
CA GLN C 103 -15.42 -41.76 0.27
C GLN C 103 -16.63 -40.91 0.61
N GLY C 104 -16.38 -39.80 1.29
CA GLY C 104 -17.42 -38.86 1.65
C GLY C 104 -18.02 -38.32 0.38
N PRO C 105 -19.36 -38.42 0.24
CA PRO C 105 -19.99 -38.10 -1.04
C PRO C 105 -19.87 -36.64 -1.44
N LYS C 106 -19.93 -36.38 -2.75
CA LYS C 106 -19.96 -35.02 -3.28
C LYS C 106 -21.27 -34.79 -4.01
N GLN C 107 -21.63 -33.52 -4.26
CA GLN C 107 -22.93 -33.18 -4.87
C GLN C 107 -23.37 -34.24 -5.86
N GLU C 108 -22.46 -34.57 -6.77
CA GLU C 108 -22.72 -35.49 -7.88
C GLU C 108 -22.91 -36.96 -7.50
N THR C 109 -22.53 -37.35 -6.28
CA THR C 109 -22.66 -38.74 -5.83
C THR C 109 -23.51 -38.90 -4.56
N VAL C 110 -24.19 -37.84 -4.13
CA VAL C 110 -24.98 -37.91 -2.91
C VAL C 110 -26.08 -38.94 -3.07
N ASN C 111 -26.70 -38.95 -4.24
CA ASN C 111 -27.81 -39.85 -4.51
C ASN C 111 -27.35 -41.30 -4.57
N ASP C 112 -26.22 -41.51 -5.25
CA ASP C 112 -25.61 -42.84 -5.33
C ASP C 112 -25.20 -43.33 -3.94
N PHE C 113 -24.85 -42.40 -3.06
CA PHE C 113 -24.48 -42.73 -1.68
C PHE C 113 -25.65 -43.37 -0.92
N TRP C 114 -26.82 -42.74 -1.00
CA TRP C 114 -28.00 -43.23 -0.28
C TRP C 114 -28.49 -44.54 -0.86
N ARG C 115 -28.34 -44.72 -2.16
CA ARG C 115 -28.74 -45.97 -2.79
C ARG C 115 -27.85 -47.13 -2.31
N MET C 116 -26.60 -46.82 -1.98
CA MET C 116 -25.74 -47.80 -1.35
C MET C 116 -26.26 -48.14 0.05
N VAL C 117 -26.48 -47.12 0.87
CA VAL C 117 -26.99 -47.32 2.23
C VAL C 117 -28.27 -48.14 2.20
N TRP C 118 -29.11 -47.89 1.20
CA TRP C 118 -30.37 -48.62 1.06
C TRP C 118 -30.15 -50.04 0.55
N GLU C 119 -29.43 -50.18 -0.55
CA GLU C 119 -29.25 -51.50 -1.15
C GLU C 119 -28.45 -52.44 -0.25
N GLN C 120 -27.55 -51.87 0.55
CA GLN C 120 -26.71 -52.67 1.45
C GLN C 120 -27.34 -52.97 2.80
N LYS C 121 -28.51 -52.39 3.06
CA LYS C 121 -29.27 -52.65 4.28
C LYS C 121 -28.55 -52.13 5.53
N SER C 122 -27.76 -51.07 5.35
CA SER C 122 -26.99 -50.49 6.45
C SER C 122 -27.87 -49.73 7.40
N ALA C 123 -27.56 -49.85 8.68
CA ALA C 123 -28.29 -49.16 9.74
C ALA C 123 -27.48 -47.99 10.31
N THR C 124 -26.18 -47.96 10.04
CA THR C 124 -25.27 -46.99 10.68
C THR C 124 -24.29 -46.35 9.71
N ILE C 125 -24.18 -45.03 9.77
CA ILE C 125 -23.18 -44.29 9.03
C ILE C 125 -22.24 -43.64 10.05
N VAL C 126 -20.94 -43.85 9.88
CA VAL C 126 -19.96 -43.23 10.76
C VAL C 126 -19.20 -42.16 9.98
N MET C 127 -19.43 -40.89 10.32
CA MET C 127 -18.76 -39.78 9.63
C MET C 127 -17.60 -39.26 10.47
N LEU C 128 -16.38 -39.43 9.95
CA LEU C 128 -15.17 -39.10 10.69
C LEU C 128 -14.55 -37.81 10.21
N THR C 129 -15.31 -37.01 9.47
CA THR C 129 -14.85 -35.74 8.93
C THR C 129 -15.82 -34.61 9.29
N ASN C 130 -15.36 -33.36 9.24
CA ASN C 130 -16.29 -32.25 9.17
C ASN C 130 -16.54 -31.92 7.71
N LEU C 131 -17.59 -31.17 7.40
CA LEU C 131 -18.00 -30.98 6.00
C LEU C 131 -16.98 -30.13 5.23
N LYS C 132 -16.86 -28.85 5.61
CA LYS C 132 -15.74 -28.01 5.19
C LYS C 132 -14.57 -28.24 6.16
N GLU C 133 -13.43 -27.59 5.89
CA GLU C 133 -12.25 -27.71 6.76
C GLU C 133 -11.16 -26.73 6.31
N ARG C 134 -11.17 -25.54 6.92
CA ARG C 134 -10.28 -24.44 6.56
C ARG C 134 -10.74 -23.73 5.27
N LYS C 135 -12.05 -23.80 5.02
CA LYS C 135 -12.68 -23.27 3.79
C LYS C 135 -12.60 -24.26 2.59
N GLU C 136 -11.99 -25.42 2.81
CA GLU C 136 -11.81 -26.41 1.76
C GLU C 136 -12.79 -27.55 2.00
N GLU C 137 -13.71 -27.76 1.05
CA GLU C 137 -14.82 -28.69 1.23
C GLU C 137 -14.36 -30.15 1.20
N LYS C 138 -14.26 -30.76 2.38
CA LYS C 138 -13.78 -32.14 2.51
C LYS C 138 -14.89 -33.19 2.32
N CYS C 139 -16.14 -32.74 2.42
CA CYS C 139 -17.30 -33.63 2.21
C CYS C 139 -18.62 -32.85 2.09
N HIS C 140 -19.45 -33.25 1.12
CA HIS C 140 -20.71 -32.55 0.82
C HIS C 140 -21.82 -33.05 1.71
N GLN C 141 -22.62 -32.12 2.25
CA GLN C 141 -23.68 -32.49 3.18
C GLN C 141 -24.75 -33.31 2.47
N TYR C 142 -25.01 -34.52 2.96
CA TYR C 142 -25.88 -35.46 2.29
C TYR C 142 -27.16 -35.76 3.07
N TRP C 143 -27.54 -34.86 3.97
CA TRP C 143 -28.70 -35.06 4.83
C TRP C 143 -29.41 -33.74 5.03
N PRO C 144 -30.75 -33.76 5.16
CA PRO C 144 -31.50 -32.53 5.40
C PRO C 144 -31.20 -31.94 6.76
N ASP C 145 -31.15 -30.62 6.84
CA ASP C 145 -30.94 -29.94 8.13
C ASP C 145 -32.23 -30.06 8.94
N GLN C 146 -33.31 -29.53 8.38
CA GLN C 146 -34.66 -29.68 8.93
C GLN C 146 -35.48 -30.53 7.97
N GLY C 147 -36.44 -31.26 8.52
CA GLY C 147 -37.45 -31.93 7.69
C GLY C 147 -36.95 -33.06 6.81
N CYS C 148 -37.36 -33.06 5.55
CA CYS C 148 -37.13 -34.16 4.63
C CYS C 148 -36.56 -33.73 3.30
N TRP C 149 -36.05 -34.70 2.56
CA TRP C 149 -35.52 -34.47 1.23
C TRP C 149 -35.46 -35.77 0.44
N THR C 150 -35.97 -35.76 -0.80
CA THR C 150 -35.87 -36.91 -1.68
C THR C 150 -34.53 -36.86 -2.45
N TYR C 151 -33.60 -37.76 -2.12
CA TYR C 151 -32.33 -37.90 -2.84
C TYR C 151 -32.46 -39.02 -3.84
N GLY C 152 -32.92 -38.69 -5.04
CA GLY C 152 -33.17 -39.69 -6.08
C GLY C 152 -34.49 -40.40 -5.82
N ASN C 153 -34.44 -41.72 -5.67
CA ASN C 153 -35.63 -42.48 -5.30
C ASN C 153 -35.65 -42.80 -3.80
N ILE C 154 -34.84 -42.09 -3.00
CA ILE C 154 -34.77 -42.32 -1.55
C ILE C 154 -35.07 -41.03 -0.77
N ARG C 155 -36.14 -41.03 0.02
CA ARG C 155 -36.52 -39.89 0.85
C ARG C 155 -35.93 -40.04 2.25
N VAL C 156 -35.02 -39.14 2.62
CA VAL C 156 -34.44 -39.11 3.96
C VAL C 156 -35.14 -38.07 4.81
N CYS C 157 -35.31 -38.35 6.10
CA CYS C 157 -35.94 -37.41 7.04
C CYS C 157 -35.25 -37.37 8.40
N VAL C 158 -34.99 -36.18 8.91
CA VAL C 158 -34.35 -36.03 10.20
C VAL C 158 -35.38 -36.25 11.30
N GLU C 159 -35.10 -37.20 12.17
CA GLU C 159 -35.96 -37.49 13.32
C GLU C 159 -35.37 -36.98 14.63
N ASP C 160 -34.04 -37.00 14.76
CA ASP C 160 -33.37 -36.40 15.92
C ASP C 160 -31.91 -36.02 15.59
N CYS C 161 -31.38 -34.99 16.27
CA CYS C 161 -29.95 -34.66 16.28
C CYS C 161 -29.56 -34.37 17.71
N VAL C 162 -28.61 -35.13 18.25
CA VAL C 162 -28.06 -34.88 19.60
C VAL C 162 -26.59 -34.45 19.51
N VAL C 163 -26.30 -33.24 19.97
CA VAL C 163 -24.93 -32.70 19.90
C VAL C 163 -24.19 -32.78 21.24
N LEU C 164 -23.27 -33.73 21.35
CA LEU C 164 -22.39 -33.82 22.51
C LEU C 164 -21.06 -33.19 22.13
N VAL C 165 -20.15 -33.10 23.08
CA VAL C 165 -18.89 -32.37 22.87
C VAL C 165 -17.95 -33.02 21.86
N ASP C 166 -17.76 -34.33 21.91
CA ASP C 166 -16.77 -34.98 21.03
C ASP C 166 -17.41 -35.49 19.71
N TYR C 167 -18.73 -35.66 19.67
CA TYR C 167 -19.42 -36.15 18.48
C TYR C 167 -20.89 -35.75 18.53
N THR C 168 -21.56 -35.74 17.38
CA THR C 168 -23.01 -35.56 17.36
C THR C 168 -23.67 -36.76 16.66
N ILE C 169 -24.94 -36.97 16.96
CA ILE C 169 -25.63 -38.23 16.63
C ILE C 169 -26.95 -37.90 15.98
N ARG C 170 -27.18 -38.39 14.77
CA ARG C 170 -28.37 -38.02 14.01
C ARG C 170 -29.18 -39.23 13.61
N LYS C 171 -30.50 -39.16 13.77
CA LYS C 171 -31.37 -40.29 13.51
C LYS C 171 -32.21 -39.99 12.27
N PHE C 172 -32.00 -40.80 11.22
CA PHE C 172 -32.72 -40.61 9.97
C PHE C 172 -33.73 -41.68 9.73
N CYS C 173 -34.74 -41.33 8.95
CA CYS C 173 -35.74 -42.26 8.54
C CYS C 173 -35.77 -42.27 7.01
N ILE C 174 -35.13 -43.26 6.41
CA ILE C 174 -35.02 -43.32 4.96
C ILE C 174 -36.02 -44.32 4.37
N GLN C 175 -36.46 -44.03 3.16
CA GLN C 175 -37.49 -44.82 2.48
C GLN C 175 -37.57 -44.39 1.03
N PRO C 176 -37.88 -45.32 0.12
CA PRO C 176 -38.20 -44.93 -1.25
C PRO C 176 -39.67 -44.51 -1.44
N LYS C 183 -40.55 -51.50 0.59
CA LYS C 183 -41.64 -50.69 1.09
C LYS C 183 -41.38 -50.18 2.53
N ALA C 184 -40.94 -51.07 3.42
CA ALA C 184 -40.77 -50.75 4.85
C ALA C 184 -39.78 -49.61 5.04
N PRO C 185 -40.20 -48.49 5.67
CA PRO C 185 -39.22 -47.46 5.99
C PRO C 185 -38.24 -47.97 7.01
N ARG C 186 -37.07 -47.36 7.03
CA ARG C 186 -35.94 -47.86 7.80
C ARG C 186 -35.27 -46.74 8.56
N LEU C 187 -34.73 -47.06 9.73
CA LEU C 187 -34.06 -46.05 10.56
C LEU C 187 -32.55 -46.16 10.44
N VAL C 188 -31.91 -45.12 9.93
CA VAL C 188 -30.46 -45.06 9.87
C VAL C 188 -29.94 -44.04 10.87
N SER C 189 -29.00 -44.44 11.71
CA SER C 189 -28.40 -43.53 12.68
C SER C 189 -26.99 -43.16 12.23
N GLN C 190 -26.75 -41.87 12.10
CA GLN C 190 -25.46 -41.31 11.71
C GLN C 190 -24.70 -40.88 12.97
N LEU C 191 -23.47 -41.35 13.11
CA LEU C 191 -22.62 -40.93 14.19
C LEU C 191 -21.52 -40.08 13.59
N HIS C 192 -21.49 -38.81 13.95
CA HIS C 192 -20.58 -37.85 13.32
C HIS C 192 -19.54 -37.36 14.32
N PHE C 193 -18.30 -37.83 14.19
CA PHE C 193 -17.20 -37.42 15.08
C PHE C 193 -16.66 -36.03 14.72
N THR C 194 -16.95 -35.06 15.57
CA THR C 194 -16.62 -33.66 15.32
C THR C 194 -15.21 -33.28 15.79
N SER C 195 -14.72 -33.99 16.81
CA SER C 195 -13.53 -33.61 17.58
C SER C 195 -12.20 -33.75 16.83
N TRP C 196 -12.17 -34.52 15.74
CA TRP C 196 -10.90 -34.81 15.06
C TRP C 196 -10.27 -33.54 14.51
N PRO C 197 -9.03 -33.23 14.94
CA PRO C 197 -8.41 -31.96 14.58
C PRO C 197 -7.99 -31.87 13.13
N ASP C 198 -7.81 -30.63 12.66
CA ASP C 198 -7.60 -30.36 11.22
C ASP C 198 -6.47 -31.24 10.60
N PHE C 199 -5.27 -31.27 11.14
CA PHE C 199 -4.33 -32.32 10.72
C PHE C 199 -3.75 -32.94 11.97
N GLY C 200 -3.54 -34.24 11.96
CA GLY C 200 -3.07 -34.93 13.16
C GLY C 200 -4.22 -35.49 13.94
N VAL C 201 -3.92 -36.27 14.97
CA VAL C 201 -4.92 -37.13 15.61
C VAL C 201 -5.52 -36.47 16.84
N PRO C 202 -6.57 -37.09 17.41
CA PRO C 202 -7.14 -36.65 18.68
C PRO C 202 -6.16 -36.70 19.85
N PHE C 203 -6.45 -35.93 20.89
CA PHE C 203 -5.46 -35.60 21.92
C PHE C 203 -5.30 -36.74 22.94
N THR C 204 -6.40 -37.16 23.57
CA THR C 204 -6.47 -38.44 24.26
C THR C 204 -7.29 -39.35 23.37
N PRO C 205 -7.24 -40.68 23.59
CA PRO C 205 -8.11 -41.56 22.82
C PRO C 205 -9.38 -42.01 23.57
N ILE C 206 -9.61 -41.49 24.78
CA ILE C 206 -10.83 -41.81 25.53
C ILE C 206 -12.03 -41.49 24.65
N GLY C 207 -12.06 -40.30 24.08
CA GLY C 207 -13.16 -39.89 23.21
C GLY C 207 -13.40 -40.84 22.04
N MET C 208 -12.35 -41.07 21.25
CA MET C 208 -12.47 -41.99 20.11
C MET C 208 -12.88 -43.38 20.57
N LEU C 209 -12.44 -43.78 21.76
CA LEU C 209 -12.84 -45.09 22.30
C LEU C 209 -14.30 -45.09 22.78
N LYS C 210 -14.74 -43.99 23.39
CA LYS C 210 -16.14 -43.84 23.80
C LYS C 210 -17.05 -43.81 22.56
N PHE C 211 -16.64 -43.04 21.55
CA PHE C 211 -17.35 -42.96 20.28
C PHE C 211 -17.50 -44.35 19.64
N LEU C 212 -16.44 -45.14 19.72
CA LEU C 212 -16.42 -46.43 19.06
C LEU C 212 -17.31 -47.42 19.79
N LYS C 213 -17.53 -47.18 21.08
CA LYS C 213 -18.44 -48.00 21.86
C LYS C 213 -19.89 -47.63 21.54
N LYS C 214 -20.14 -46.34 21.28
CA LYS C 214 -21.50 -45.86 20.96
C LYS C 214 -21.95 -46.44 19.60
N VAL C 215 -21.00 -46.62 18.67
CA VAL C 215 -21.32 -47.27 17.41
C VAL C 215 -21.72 -48.72 17.64
N LYS C 216 -20.94 -49.46 18.42
CA LYS C 216 -21.31 -50.87 18.74
C LYS C 216 -22.71 -50.93 19.34
N THR C 217 -23.06 -49.94 20.16
CA THR C 217 -24.37 -49.87 20.81
C THR C 217 -25.53 -49.67 19.85
N LEU C 218 -25.38 -48.74 18.90
CA LEU C 218 -26.50 -48.32 18.06
C LEU C 218 -26.69 -49.13 16.78
N ASN C 219 -25.75 -50.03 16.48
CA ASN C 219 -25.85 -50.84 15.27
C ASN C 219 -26.56 -52.14 15.66
N PRO C 220 -27.70 -52.44 15.03
CA PRO C 220 -28.38 -53.72 15.30
C PRO C 220 -27.64 -54.96 14.81
N VAL C 221 -27.72 -56.03 15.61
CA VAL C 221 -27.12 -57.33 15.28
C VAL C 221 -27.44 -57.80 13.85
N HIS C 222 -28.69 -57.60 13.44
CA HIS C 222 -29.16 -58.06 12.12
C HIS C 222 -28.74 -57.19 10.92
N ALA C 223 -28.28 -55.96 11.18
CA ALA C 223 -28.08 -54.96 10.12
C ALA C 223 -27.00 -55.32 9.09
N GLY C 224 -26.96 -54.52 8.03
CA GLY C 224 -25.93 -54.65 7.00
C GLY C 224 -24.62 -54.05 7.48
N PRO C 225 -23.63 -53.89 6.57
CA PRO C 225 -22.33 -53.34 6.96
C PRO C 225 -22.39 -51.89 7.38
N ILE C 226 -21.48 -51.49 8.25
CA ILE C 226 -21.42 -50.12 8.76
C ILE C 226 -20.74 -49.24 7.75
N VAL C 227 -21.41 -48.19 7.30
CA VAL C 227 -20.79 -47.26 6.37
C VAL C 227 -19.88 -46.30 7.19
N VAL C 228 -18.58 -46.35 6.94
CA VAL C 228 -17.63 -45.45 7.58
C VAL C 228 -17.04 -44.59 6.49
N HIS C 229 -17.10 -43.28 6.63
CA HIS C 229 -16.54 -42.40 5.63
C HIS C 229 -15.84 -41.20 6.22
N CYS C 230 -14.86 -40.68 5.51
CA CYS C 230 -14.19 -39.44 5.88
C CYS C 230 -14.16 -38.53 4.65
N SER C 231 -12.99 -38.23 4.08
CA SER C 231 -12.95 -37.45 2.84
C SER C 231 -12.58 -38.40 1.71
N ALA C 232 -11.39 -39.00 1.82
CA ALA C 232 -10.88 -39.92 0.79
C ALA C 232 -11.38 -41.34 0.99
N GLY C 233 -11.82 -41.64 2.20
CA GLY C 233 -12.29 -42.98 2.52
C GLY C 233 -11.17 -43.94 2.89
N VAL C 234 -9.98 -43.39 3.09
CA VAL C 234 -8.87 -44.13 3.66
C VAL C 234 -8.20 -43.15 4.59
N GLY C 235 -7.80 -43.59 5.78
CA GLY C 235 -7.11 -42.70 6.72
C GLY C 235 -7.78 -42.70 8.07
N ARG C 236 -8.66 -41.72 8.32
CA ARG C 236 -9.40 -41.72 9.58
C ARG C 236 -10.27 -42.95 9.58
N THR C 237 -10.98 -43.12 8.47
CA THR C 237 -11.83 -44.28 8.27
C THR C 237 -11.08 -45.60 8.50
N GLY C 238 -9.80 -45.62 8.13
CA GLY C 238 -8.94 -46.78 8.39
C GLY C 238 -8.54 -46.93 9.85
N THR C 239 -8.02 -45.87 10.44
CA THR C 239 -7.63 -45.93 11.85
C THR C 239 -8.82 -46.40 12.69
N PHE C 240 -10.02 -45.96 12.34
CA PHE C 240 -11.24 -46.34 13.07
C PHE C 240 -11.47 -47.85 12.96
N ILE C 241 -11.49 -48.36 11.73
CA ILE C 241 -11.74 -49.78 11.48
C ILE C 241 -10.70 -50.63 12.20
N VAL C 242 -9.43 -50.24 12.12
CA VAL C 242 -8.36 -50.99 12.78
C VAL C 242 -8.55 -51.02 14.32
N ILE C 243 -8.83 -49.88 14.92
CA ILE C 243 -9.02 -49.83 16.37
C ILE C 243 -10.13 -50.80 16.80
N ASP C 244 -11.23 -50.87 16.04
CA ASP C 244 -12.32 -51.82 16.36
C ASP C 244 -11.79 -53.24 16.23
N ALA C 245 -11.23 -53.57 15.08
CA ALA C 245 -10.70 -54.91 14.86
C ALA C 245 -9.76 -55.35 15.98
N MET C 246 -8.85 -54.46 16.37
CA MET C 246 -7.82 -54.79 17.36
C MET C 246 -8.35 -54.86 18.80
N MET C 247 -9.39 -54.11 19.11
CA MET C 247 -10.07 -54.28 20.39
C MET C 247 -10.63 -55.68 20.46
N ALA C 248 -11.24 -56.14 19.36
CA ALA C 248 -11.74 -57.50 19.24
C ALA C 248 -10.65 -58.54 19.49
N MET C 249 -9.52 -58.35 18.83
CA MET C 249 -8.39 -59.26 18.94
C MET C 249 -7.86 -59.35 20.38
N MET C 250 -7.79 -58.22 21.09
CA MET C 250 -7.40 -58.24 22.51
C MET C 250 -8.39 -59.09 23.27
N HIS C 251 -9.67 -58.75 23.11
CA HIS C 251 -10.75 -59.39 23.86
C HIS C 251 -10.96 -60.87 23.52
N ALA C 252 -10.21 -61.39 22.55
CA ALA C 252 -10.30 -62.79 22.15
C ALA C 252 -8.97 -63.48 22.31
N GLU C 253 -7.94 -62.97 21.64
CA GLU C 253 -6.63 -63.63 21.58
C GLU C 253 -5.67 -63.21 22.71
N GLN C 254 -5.98 -62.12 23.40
CA GLN C 254 -5.08 -61.54 24.40
C GLN C 254 -3.73 -61.02 23.79
N LYS C 255 -3.66 -60.87 22.47
CA LYS C 255 -2.53 -60.19 21.78
C LYS C 255 -3.05 -59.17 20.76
N VAL C 256 -2.15 -58.35 20.18
CA VAL C 256 -2.56 -57.34 19.19
C VAL C 256 -1.53 -57.18 18.08
N ASP C 257 -1.99 -57.13 16.83
CA ASP C 257 -1.09 -57.06 15.66
C ASP C 257 -1.64 -56.11 14.61
N VAL C 258 -1.18 -54.87 14.67
CA VAL C 258 -1.66 -53.82 13.78
C VAL C 258 -1.13 -54.03 12.34
N PHE C 259 0.12 -54.46 12.24
CA PHE C 259 0.79 -54.53 10.95
C PHE C 259 0.20 -55.58 10.01
N GLU C 260 -0.08 -56.77 10.57
CA GLU C 260 -0.75 -57.83 9.82
C GLU C 260 -2.08 -57.34 9.30
N PHE C 261 -2.88 -56.74 10.19
CA PHE C 261 -4.26 -56.37 9.87
C PHE C 261 -4.31 -55.25 8.86
N VAL C 262 -3.57 -54.16 9.12
CA VAL C 262 -3.51 -53.04 8.17
C VAL C 262 -3.08 -53.59 6.81
N SER C 263 -2.10 -54.50 6.83
CA SER C 263 -1.69 -55.22 5.63
C SER C 263 -2.87 -55.93 4.95
N ARG C 264 -3.71 -56.61 5.74
CA ARG C 264 -4.89 -57.32 5.21
C ARG C 264 -5.89 -56.37 4.58
N ILE C 265 -6.29 -55.33 5.32
CA ILE C 265 -7.36 -54.44 4.85
C ILE C 265 -6.93 -53.62 3.63
N ARG C 266 -5.63 -53.46 3.43
CA ARG C 266 -5.14 -52.75 2.26
C ARG C 266 -5.29 -53.54 0.97
N ASN C 267 -5.33 -54.86 1.06
CA ASN C 267 -5.67 -55.67 -0.11
C ASN C 267 -7.17 -55.58 -0.48
N GLN C 268 -7.95 -54.88 0.34
CA GLN C 268 -9.34 -54.58 0.01
C GLN C 268 -9.48 -53.13 -0.44
N ARG C 269 -8.66 -52.24 0.11
CA ARG C 269 -8.65 -50.83 -0.26
C ARG C 269 -7.28 -50.20 0.05
N PRO C 270 -6.61 -49.64 -0.97
CA PRO C 270 -5.26 -49.16 -0.77
C PRO C 270 -5.12 -47.91 0.11
N GLN C 271 -3.91 -47.71 0.64
CA GLN C 271 -3.53 -46.53 1.43
C GLN C 271 -4.43 -46.34 2.67
N MET C 272 -4.79 -47.46 3.33
CA MET C 272 -5.84 -47.44 4.34
C MET C 272 -5.55 -46.55 5.54
N VAL C 273 -4.38 -46.65 6.16
CA VAL C 273 -4.02 -45.67 7.19
C VAL C 273 -2.99 -44.69 6.63
N GLN C 274 -3.32 -43.42 6.54
CA GLN C 274 -2.56 -42.50 5.70
C GLN C 274 -1.31 -41.92 6.33
N THR C 275 -1.35 -41.61 7.63
CA THR C 275 -0.25 -40.88 8.29
C THR C 275 0.41 -41.72 9.37
N ASP C 276 1.72 -41.52 9.56
CA ASP C 276 2.47 -42.13 10.69
C ASP C 276 1.74 -41.83 12.01
N MET C 277 1.44 -40.55 12.23
CA MET C 277 0.63 -40.06 13.35
C MET C 277 -0.64 -40.87 13.59
N GLN C 278 -1.30 -41.28 12.51
CA GLN C 278 -2.50 -42.09 12.62
C GLN C 278 -2.15 -43.50 13.04
N TYR C 279 -0.99 -43.98 12.59
CA TYR C 279 -0.55 -45.34 12.92
C TYR C 279 -0.17 -45.52 14.36
N THR C 280 0.46 -44.53 14.98
CA THR C 280 0.81 -44.61 16.40
C THR C 280 -0.42 -44.37 17.30
N PHE C 281 -1.37 -43.59 16.80
CA PHE C 281 -2.65 -43.42 17.50
C PHE C 281 -3.42 -44.72 17.61
N ILE C 282 -3.33 -45.62 16.64
CA ILE C 282 -3.97 -46.93 16.79
C ILE C 282 -3.41 -47.59 18.04
N TYR C 283 -2.10 -47.54 18.18
CA TYR C 283 -1.42 -48.17 19.30
C TYR C 283 -1.77 -47.46 20.61
N GLN C 284 -1.76 -46.13 20.63
CA GLN C 284 -2.11 -45.39 21.84
C GLN C 284 -3.50 -45.73 22.34
N ALA C 285 -4.47 -45.75 21.42
CA ALA C 285 -5.84 -46.10 21.72
C ALA C 285 -5.90 -47.50 22.29
N LEU C 286 -5.23 -48.44 21.63
CA LEU C 286 -5.18 -49.82 22.10
C LEU C 286 -4.61 -49.93 23.52
N LEU C 287 -3.55 -49.18 23.81
CA LEU C 287 -2.96 -49.19 25.15
C LEU C 287 -3.91 -48.61 26.20
N GLU C 288 -4.44 -47.42 25.91
CA GLU C 288 -5.44 -46.77 26.75
C GLU C 288 -6.56 -47.75 27.09
N TYR C 289 -7.06 -48.44 26.07
CA TYR C 289 -8.17 -49.39 26.22
C TYR C 289 -7.81 -50.64 27.01
N TYR C 290 -6.52 -50.91 27.15
CA TYR C 290 -6.08 -52.06 27.93
C TYR C 290 -5.84 -51.63 29.36
N LEU C 291 -4.91 -50.70 29.56
CA LEU C 291 -4.55 -50.21 30.90
C LEU C 291 -5.77 -49.75 31.70
N TYR C 292 -6.61 -48.92 31.11
CA TYR C 292 -7.77 -48.35 31.81
C TYR C 292 -9.09 -48.97 31.37
N GLY C 293 -9.19 -49.31 30.08
CA GLY C 293 -10.36 -50.02 29.54
C GLY C 293 -11.66 -49.91 30.31
N ASP C 294 -12.03 -50.99 30.98
CA ASP C 294 -13.34 -51.07 31.65
C ASP C 294 -13.36 -50.40 33.03
N THR C 295 -13.76 -49.12 33.03
CA THR C 295 -14.14 -48.41 34.26
C THR C 295 -15.54 -47.79 34.11
N GLU C 296 -16.14 -47.90 32.93
CA GLU C 296 -17.55 -47.49 32.76
C GLU C 296 -18.45 -48.54 33.38
N LEU C 297 -19.64 -48.12 33.81
CA LEU C 297 -20.62 -49.03 34.39
C LEU C 297 -22.01 -48.49 34.07
N ASP C 298 -23.00 -49.37 34.00
CA ASP C 298 -24.39 -48.97 33.68
C ASP C 298 -25.16 -48.68 34.95
N VAL C 299 -26.08 -47.71 34.90
CA VAL C 299 -26.83 -47.27 36.07
C VAL C 299 -27.58 -48.42 36.76
N SER C 300 -27.81 -49.51 36.02
CA SER C 300 -28.32 -50.77 36.61
C SER C 300 -27.42 -51.30 37.75
N SER C 301 -26.12 -51.44 37.47
CA SER C 301 -25.14 -51.87 38.46
C SER C 301 -25.08 -50.90 39.65
N GLY C 320 -10.73 -50.49 46.33
CA GLY C 320 -11.29 -50.42 44.98
C GLY C 320 -11.17 -49.03 44.38
N LEU C 321 -11.80 -48.07 45.04
CA LEU C 321 -11.65 -46.67 44.71
C LEU C 321 -10.25 -46.17 45.04
N GLU C 322 -9.61 -46.79 46.05
CA GLU C 322 -8.23 -46.47 46.40
C GLU C 322 -7.33 -46.86 45.23
N GLU C 323 -7.49 -48.10 44.76
CA GLU C 323 -6.68 -48.64 43.66
C GLU C 323 -6.86 -47.82 42.39
N GLU C 324 -8.11 -47.45 42.09
CA GLU C 324 -8.40 -46.53 40.97
C GLU C 324 -7.63 -45.23 41.10
N PHE C 325 -7.70 -44.63 42.29
CA PHE C 325 -7.13 -43.31 42.53
C PHE C 325 -5.62 -43.27 42.41
N ARG C 326 -4.94 -44.38 42.69
CA ARG C 326 -3.50 -44.46 42.45
C ARG C 326 -3.18 -44.21 40.96
N LYS C 327 -3.98 -44.84 40.08
CA LYS C 327 -3.78 -44.74 38.63
C LYS C 327 -3.90 -43.30 38.13
N LEU C 328 -4.87 -42.57 38.67
CA LEU C 328 -5.03 -41.13 38.40
C LEU C 328 -3.83 -40.29 38.82
N THR C 329 -3.20 -40.69 39.92
CA THR C 329 -2.04 -40.00 40.49
C THR C 329 -0.75 -40.31 39.71
N ASN C 330 -0.82 -41.26 38.78
CA ASN C 330 0.25 -41.50 37.82
C ASN C 330 -0.04 -40.93 36.42
N VAL C 331 -1.06 -40.09 36.30
CA VAL C 331 -1.29 -39.33 35.06
C VAL C 331 -0.20 -38.27 34.94
N ARG C 332 0.92 -38.64 34.29
CA ARG C 332 2.16 -37.82 34.26
C ARG C 332 1.93 -36.37 33.83
N ILE C 333 2.21 -35.43 34.74
CA ILE C 333 1.95 -34.00 34.53
C ILE C 333 3.03 -33.35 33.66
N MET C 334 2.60 -32.73 32.55
CA MET C 334 3.50 -32.18 31.53
C MET C 334 4.17 -30.90 32.03
N LYS C 335 5.28 -31.06 32.73
CA LYS C 335 6.09 -29.92 33.20
C LYS C 335 6.59 -29.09 32.00
N GLU C 336 7.02 -29.80 30.95
CA GLU C 336 7.51 -29.17 29.73
C GLU C 336 6.44 -28.35 29.00
N ASN C 337 5.17 -28.68 29.20
CA ASN C 337 4.06 -27.98 28.55
C ASN C 337 3.41 -26.89 29.41
N MET C 338 4.19 -26.26 30.31
CA MET C 338 3.66 -25.27 31.28
C MET C 338 4.33 -23.90 31.25
N ARG C 339 5.08 -23.59 30.20
CA ARG C 339 5.94 -22.39 30.19
C ARG C 339 5.20 -21.08 30.49
N THR C 340 4.10 -20.79 29.78
CA THR C 340 3.36 -19.54 29.96
C THR C 340 3.35 -19.08 31.42
N GLY C 341 2.87 -19.95 32.30
CA GLY C 341 2.64 -19.60 33.72
C GLY C 341 3.83 -19.67 34.65
N ASN C 342 4.98 -20.18 34.17
CA ASN C 342 6.22 -20.29 34.97
C ASN C 342 7.17 -19.12 34.78
N LEU C 343 7.02 -18.37 33.69
CA LEU C 343 7.78 -17.16 33.46
C LEU C 343 7.71 -16.25 34.70
N PRO C 344 8.83 -15.61 35.07
CA PRO C 344 8.95 -14.82 36.31
C PRO C 344 7.79 -13.85 36.59
N ALA C 345 7.40 -13.05 35.61
CA ALA C 345 6.31 -12.07 35.76
C ALA C 345 5.02 -12.69 36.27
N ASN C 346 4.70 -13.87 35.75
CA ASN C 346 3.45 -14.58 36.08
C ASN C 346 3.50 -15.42 37.35
N MET C 347 4.70 -15.67 37.86
CA MET C 347 4.86 -16.46 39.09
C MET C 347 4.06 -15.82 40.25
N LYS C 348 4.14 -14.50 40.37
CA LYS C 348 3.47 -13.75 41.45
C LYS C 348 1.94 -13.82 41.37
N LYS C 349 1.41 -14.18 40.21
CA LYS C 349 -0.05 -14.19 39.95
C LYS C 349 -0.72 -15.54 40.20
N ALA C 350 0.07 -16.57 40.51
CA ALA C 350 -0.45 -17.89 40.88
C ALA C 350 -0.55 -17.96 42.39
N ARG C 351 -1.54 -18.67 42.91
CA ARG C 351 -1.64 -18.90 44.35
C ARG C 351 -0.74 -20.04 44.79
N VAL C 352 -0.70 -21.09 43.96
CA VAL C 352 0.16 -22.24 44.18
C VAL C 352 1.00 -22.41 42.92
N ILE C 353 2.31 -22.16 43.00
CA ILE C 353 3.18 -22.24 41.82
C ILE C 353 3.09 -23.62 41.13
N GLN C 354 2.69 -24.65 41.87
CA GLN C 354 2.55 -26.01 41.30
C GLN C 354 1.21 -26.23 40.55
N ILE C 355 0.16 -25.47 40.87
CA ILE C 355 -1.15 -25.57 40.19
C ILE C 355 -1.40 -24.39 39.25
N ILE C 356 -1.12 -24.64 37.98
CA ILE C 356 -1.01 -23.62 36.94
C ILE C 356 -1.41 -24.29 35.61
N PRO C 357 -1.99 -23.52 34.67
CA PRO C 357 -2.50 -24.09 33.42
C PRO C 357 -1.43 -24.66 32.48
N TYR C 358 -1.82 -25.67 31.70
CA TYR C 358 -1.00 -26.13 30.57
C TYR C 358 -1.18 -25.14 29.44
N ASP C 359 -0.07 -24.74 28.82
CA ASP C 359 -0.05 -23.65 27.85
C ASP C 359 -1.20 -23.74 26.82
N PHE C 360 -1.56 -24.96 26.40
CA PHE C 360 -2.53 -25.17 25.30
C PHE C 360 -3.98 -24.87 25.61
N ASN C 361 -4.45 -25.09 26.83
CA ASN C 361 -5.85 -24.79 27.10
C ASN C 361 -6.03 -23.64 28.06
N ARG C 362 -5.04 -22.75 28.11
CA ARG C 362 -5.11 -21.67 29.07
C ARG C 362 -5.96 -20.54 28.52
N VAL C 363 -6.55 -19.76 29.43
CA VAL C 363 -7.41 -18.65 29.06
C VAL C 363 -6.53 -17.42 28.83
N ILE C 364 -6.59 -16.85 27.64
CA ILE C 364 -5.72 -15.75 27.25
C ILE C 364 -6.48 -14.43 27.25
N LEU C 365 -5.82 -13.37 27.69
CA LEU C 365 -6.44 -12.03 27.75
C LEU C 365 -5.68 -11.04 26.84
N SER C 366 -6.41 -10.04 26.31
CA SER C 366 -5.83 -9.03 25.43
C SER C 366 -4.78 -8.23 26.18
N MET C 367 -3.64 -7.95 25.53
CA MET C 367 -2.47 -7.40 26.24
C MET C 367 -2.64 -5.92 26.67
N TYR C 373 3.48 -8.65 29.73
CA TYR C 373 3.01 -9.97 30.16
C TYR C 373 1.58 -9.96 30.74
N THR C 374 0.66 -9.23 30.10
CA THR C 374 -0.71 -9.07 30.61
C THR C 374 -1.72 -10.12 30.09
N ASP C 375 -1.27 -11.02 29.22
CA ASP C 375 -2.13 -12.06 28.67
C ASP C 375 -2.50 -13.14 29.69
N TYR C 376 -1.80 -13.16 30.84
CA TYR C 376 -1.88 -14.28 31.78
C TYR C 376 -2.78 -14.10 33.00
N ILE C 377 -3.81 -14.94 33.05
CA ILE C 377 -4.56 -15.24 34.25
C ILE C 377 -4.37 -16.74 34.51
N ASN C 378 -4.37 -17.13 35.78
CA ASN C 378 -4.29 -18.54 36.15
C ASN C 378 -5.65 -19.19 35.92
N ALA C 379 -5.87 -19.70 34.72
CA ALA C 379 -7.16 -20.26 34.35
C ALA C 379 -7.04 -21.26 33.22
N SER C 380 -7.82 -22.33 33.27
CA SER C 380 -7.87 -23.32 32.19
C SER C 380 -9.28 -23.40 31.56
N PHE C 381 -9.34 -23.48 30.24
CA PHE C 381 -10.58 -23.92 29.60
C PHE C 381 -10.71 -25.44 29.72
N ILE C 382 -11.87 -25.89 30.20
CA ILE C 382 -12.15 -27.31 30.38
C ILE C 382 -13.45 -27.68 29.69
N ASP C 383 -13.49 -28.83 29.05
CA ASP C 383 -14.66 -29.24 28.28
C ASP C 383 -15.73 -29.80 29.17
N GLY C 384 -16.99 -29.56 28.83
CA GLY C 384 -18.12 -30.21 29.51
C GLY C 384 -18.65 -31.43 28.75
N TYR C 385 -19.88 -31.84 29.07
CA TYR C 385 -20.47 -33.01 28.46
C TYR C 385 -21.02 -32.74 27.06
N ARG C 386 -21.57 -31.54 26.85
CA ARG C 386 -22.23 -31.20 25.60
C ARG C 386 -21.40 -30.27 24.73
N GLN C 387 -20.48 -29.51 25.33
CA GLN C 387 -19.60 -28.66 24.52
C GLN C 387 -18.22 -28.34 25.09
N LYS C 388 -17.31 -28.05 24.17
CA LYS C 388 -15.92 -27.77 24.47
C LYS C 388 -15.79 -26.40 25.16
N ASP C 389 -14.78 -26.26 26.02
CA ASP C 389 -14.47 -25.01 26.73
C ASP C 389 -15.69 -24.43 27.43
N TYR C 390 -16.40 -25.25 28.17
CA TYR C 390 -17.65 -24.85 28.83
C TYR C 390 -17.40 -24.23 30.19
N PHE C 391 -16.40 -24.72 30.91
CA PHE C 391 -16.01 -24.12 32.20
C PHE C 391 -14.65 -23.46 32.11
N ILE C 392 -14.54 -22.30 32.75
CA ILE C 392 -13.23 -21.73 33.07
C ILE C 392 -12.92 -22.14 34.50
N ALA C 393 -11.98 -23.06 34.69
CA ALA C 393 -11.53 -23.41 36.03
C ALA C 393 -10.37 -22.50 36.30
N THR C 394 -10.46 -21.71 37.36
CA THR C 394 -9.43 -20.72 37.70
C THR C 394 -9.23 -20.74 39.20
N GLN C 395 -8.13 -20.15 39.66
CA GLN C 395 -7.87 -19.92 41.07
C GLN C 395 -8.73 -18.77 41.59
N GLY C 396 -8.94 -18.75 42.90
CA GLY C 396 -9.56 -17.62 43.57
C GLY C 396 -8.65 -16.41 43.43
N PRO C 397 -9.22 -15.25 43.06
CA PRO C 397 -8.35 -14.15 42.71
C PRO C 397 -7.52 -13.63 43.88
N LEU C 398 -6.46 -12.91 43.52
CA LEU C 398 -5.63 -12.25 44.49
C LEU C 398 -5.92 -10.75 44.47
N ALA C 399 -5.56 -10.09 45.57
CA ALA C 399 -5.70 -8.65 45.69
C ALA C 399 -5.05 -7.91 44.50
N HIS C 400 -4.07 -8.54 43.86
CA HIS C 400 -3.47 -7.98 42.65
C HIS C 400 -3.87 -8.74 41.37
N THR C 401 -5.02 -9.42 41.39
CA THR C 401 -5.52 -10.07 40.16
C THR C 401 -7.05 -10.03 40.01
N VAL C 402 -7.69 -9.08 40.68
CA VAL C 402 -9.13 -8.85 40.48
C VAL C 402 -9.41 -8.13 39.16
N GLU C 403 -8.59 -7.15 38.80
CA GLU C 403 -8.71 -6.57 37.47
C GLU C 403 -8.62 -7.73 36.46
N ASP C 404 -7.54 -8.51 36.56
CA ASP C 404 -7.32 -9.68 35.70
C ASP C 404 -8.51 -10.64 35.70
N PHE C 405 -9.10 -10.87 36.85
CA PHE C 405 -10.26 -11.75 36.96
C PHE C 405 -11.46 -11.25 36.15
N TRP C 406 -11.90 -10.03 36.43
CA TRP C 406 -13.07 -9.46 35.77
C TRP C 406 -12.86 -9.18 34.29
N ARG C 407 -11.61 -8.89 33.90
CA ARG C 407 -11.28 -8.82 32.47
C ARG C 407 -11.57 -10.15 31.80
N MET C 408 -11.20 -11.25 32.44
CA MET C 408 -11.44 -12.57 31.91
C MET C 408 -12.93 -12.82 31.82
N ILE C 409 -13.68 -12.52 32.89
CA ILE C 409 -15.15 -12.74 32.91
C ILE C 409 -15.79 -12.02 31.73
N TRP C 410 -15.34 -10.79 31.48
CA TRP C 410 -15.88 -9.95 30.43
C TRP C 410 -15.49 -10.45 29.04
N GLU C 411 -14.21 -10.77 28.86
CA GLU C 411 -13.66 -11.11 27.55
C GLU C 411 -14.16 -12.44 26.98
N TRP C 412 -14.56 -13.37 27.85
CA TRP C 412 -15.09 -14.66 27.39
C TRP C 412 -16.60 -14.79 27.63
N LYS C 413 -17.23 -13.66 27.97
CA LYS C 413 -18.66 -13.61 28.13
C LYS C 413 -19.16 -14.71 29.07
N SER C 414 -18.45 -14.88 30.19
CA SER C 414 -18.95 -15.66 31.33
C SER C 414 -20.12 -14.89 31.99
N HIS C 415 -21.19 -15.61 32.31
CA HIS C 415 -22.36 -15.02 32.96
C HIS C 415 -22.71 -15.74 34.26
N THR C 416 -21.80 -16.56 34.75
CA THR C 416 -22.09 -17.50 35.83
C THR C 416 -20.80 -17.83 36.58
N ILE C 417 -20.76 -17.52 37.87
CA ILE C 417 -19.60 -17.79 38.70
C ILE C 417 -20.05 -18.74 39.79
N VAL C 418 -19.32 -19.85 39.98
CA VAL C 418 -19.56 -20.81 41.06
C VAL C 418 -18.39 -20.78 42.04
N MET C 419 -18.56 -20.17 43.21
CA MET C 419 -17.46 -19.98 44.20
C MET C 419 -17.47 -21.08 45.26
N LEU C 420 -16.43 -21.90 45.31
CA LEU C 420 -16.43 -23.08 46.18
C LEU C 420 -15.53 -22.97 47.42
N THR C 421 -15.16 -21.75 47.84
CA THR C 421 -14.55 -21.52 49.16
C THR C 421 -15.27 -20.40 49.85
N GLU C 422 -14.95 -20.19 51.13
CA GLU C 422 -15.28 -18.96 51.83
C GLU C 422 -14.02 -18.12 51.75
N VAL C 423 -14.13 -16.83 52.10
CA VAL C 423 -13.01 -15.92 51.92
C VAL C 423 -11.82 -16.34 52.78
N GLN C 424 -11.95 -16.24 54.10
CA GLN C 424 -10.95 -16.83 54.98
C GLN C 424 -11.38 -18.27 55.32
N GLU C 425 -10.43 -19.14 55.62
CA GLU C 425 -10.69 -20.54 55.99
C GLU C 425 -9.54 -21.06 56.86
N ARG C 426 -9.86 -21.82 57.90
CA ARG C 426 -8.83 -22.34 58.83
C ARG C 426 -7.85 -21.25 59.31
N GLU C 427 -8.36 -20.04 59.55
CA GLU C 427 -7.55 -18.89 60.00
C GLU C 427 -6.63 -18.28 58.92
N GLN C 428 -6.61 -18.87 57.71
CA GLN C 428 -5.80 -18.37 56.60
C GLN C 428 -6.72 -17.69 55.58
N ASP C 429 -6.18 -16.77 54.77
CA ASP C 429 -6.96 -16.00 53.80
C ASP C 429 -6.96 -16.72 52.43
N LYS C 430 -8.08 -17.35 52.06
CA LYS C 430 -8.09 -18.31 50.95
C LYS C 430 -8.72 -17.85 49.61
N CYS C 431 -9.15 -16.58 49.52
CA CYS C 431 -9.68 -15.98 48.26
C CYS C 431 -10.15 -14.54 48.46
N TYR C 432 -9.70 -13.64 47.59
CA TYR C 432 -9.99 -12.20 47.73
C TYR C 432 -11.42 -11.85 47.34
N GLN C 433 -12.06 -10.94 48.09
CA GLN C 433 -13.44 -10.56 47.79
C GLN C 433 -13.53 -9.62 46.59
N TYR C 434 -13.74 -10.22 45.43
CA TYR C 434 -13.71 -9.49 44.16
C TYR C 434 -15.00 -8.71 43.90
N TRP C 435 -16.08 -9.11 44.57
CA TRP C 435 -17.43 -8.56 44.35
C TRP C 435 -17.86 -7.66 45.50
N PRO C 436 -18.78 -6.73 45.25
CA PRO C 436 -19.26 -5.87 46.30
C PRO C 436 -20.51 -6.41 46.97
N THR C 437 -20.61 -6.24 48.29
CA THR C 437 -21.80 -6.64 49.05
C THR C 437 -22.85 -5.55 49.02
N GLU C 438 -22.43 -4.32 49.26
CA GLU C 438 -23.36 -3.21 49.43
C GLU C 438 -23.76 -2.57 48.11
N GLY C 439 -22.81 -1.92 47.44
CA GLY C 439 -23.11 -1.08 46.27
C GLY C 439 -22.48 -1.55 44.99
N SER C 440 -21.45 -0.84 44.54
CA SER C 440 -20.72 -1.17 43.32
C SER C 440 -19.23 -0.85 43.45
N VAL C 441 -18.37 -1.73 42.93
CA VAL C 441 -16.92 -1.53 42.95
C VAL C 441 -16.37 -1.52 41.54
N THR C 442 -15.46 -0.59 41.23
CA THR C 442 -14.82 -0.52 39.92
C THR C 442 -13.39 -1.08 39.98
N HIS C 443 -13.19 -2.31 39.51
CA HIS C 443 -11.85 -2.92 39.34
C HIS C 443 -11.36 -2.77 37.89
N GLY C 444 -10.69 -1.64 37.60
CA GLY C 444 -10.14 -1.39 36.27
C GLY C 444 -11.12 -0.68 35.33
N GLU C 445 -11.36 -1.29 34.18
CA GLU C 445 -12.35 -0.77 33.22
C GLU C 445 -13.75 -1.29 33.56
N ILE C 446 -13.81 -2.36 34.35
CA ILE C 446 -15.07 -3.02 34.71
C ILE C 446 -15.62 -2.41 36.00
N THR C 447 -16.94 -2.44 36.17
CA THR C 447 -17.65 -1.97 37.37
C THR C 447 -18.71 -2.99 37.75
N ILE C 448 -18.85 -3.26 39.05
CA ILE C 448 -19.82 -4.27 39.50
C ILE C 448 -20.79 -3.65 40.50
N GLU C 449 -22.08 -3.63 40.21
CA GLU C 449 -23.10 -3.16 41.16
C GLU C 449 -23.98 -4.35 41.49
N ILE C 450 -24.32 -4.53 42.76
CA ILE C 450 -25.05 -5.72 43.18
C ILE C 450 -26.53 -5.43 43.19
N LYS C 451 -27.27 -6.14 42.34
CA LYS C 451 -28.71 -5.95 42.21
C LYS C 451 -29.47 -6.81 43.23
N ASN C 452 -29.22 -8.13 43.27
CA ASN C 452 -29.89 -9.03 44.23
C ASN C 452 -28.87 -9.87 45.03
N ASP C 453 -29.25 -10.28 46.24
CA ASP C 453 -28.42 -11.15 47.11
C ASP C 453 -29.35 -11.93 48.04
N THR C 454 -29.42 -13.25 47.88
CA THR C 454 -30.44 -14.09 48.55
C THR C 454 -29.91 -15.44 49.07
N LEU C 455 -29.47 -15.48 50.34
CA LEU C 455 -28.95 -16.72 50.97
C LEU C 455 -30.04 -17.79 51.13
N SER C 456 -30.23 -18.59 50.08
CA SER C 456 -31.03 -19.83 50.16
C SER C 456 -30.25 -20.87 50.98
N GLU C 457 -30.71 -22.14 50.99
CA GLU C 457 -30.10 -23.16 51.87
C GLU C 457 -28.77 -23.67 51.29
N ALA C 458 -27.69 -23.48 52.07
CA ALA C 458 -26.30 -23.83 51.68
C ALA C 458 -25.66 -22.82 50.72
N ILE C 459 -26.17 -22.74 49.49
CA ILE C 459 -25.73 -21.74 48.50
C ILE C 459 -26.32 -20.38 48.77
N SER C 460 -25.61 -19.33 48.38
CA SER C 460 -26.13 -17.96 48.46
C SER C 460 -25.93 -17.29 47.10
N ILE C 461 -27.00 -16.75 46.54
CA ILE C 461 -27.06 -16.34 45.15
C ILE C 461 -27.05 -14.83 45.04
N ARG C 462 -26.09 -14.29 44.28
CA ARG C 462 -25.95 -12.84 44.12
C ARG C 462 -26.06 -12.43 42.65
N ASP C 463 -26.59 -11.24 42.41
CA ASP C 463 -26.80 -10.76 41.05
C ASP C 463 -26.14 -9.41 40.84
N PHE C 464 -25.42 -9.29 39.73
CA PHE C 464 -24.60 -8.12 39.45
C PHE C 464 -24.87 -7.51 38.06
N LEU C 465 -24.94 -6.18 37.99
CA LEU C 465 -24.75 -5.46 36.74
C LEU C 465 -23.26 -5.18 36.63
N VAL C 466 -22.62 -5.75 35.61
CA VAL C 466 -21.22 -5.48 35.32
C VAL C 466 -21.17 -4.63 34.05
N THR C 467 -20.72 -3.38 34.18
CA THR C 467 -20.60 -2.48 33.02
C THR C 467 -19.14 -2.31 32.63
N LEU C 468 -18.87 -1.97 31.37
CA LEU C 468 -17.50 -1.73 30.89
C LEU C 468 -17.22 -0.24 30.64
N ASN C 469 -16.54 0.39 31.60
CA ASN C 469 -16.33 1.84 31.62
C ASN C 469 -15.28 2.28 30.61
N GLY C 476 -23.74 -0.48 22.54
CA GLY C 476 -24.75 -1.14 23.36
C GLY C 476 -24.31 -2.43 24.04
N GLU C 477 -23.15 -2.98 23.68
CA GLU C 477 -22.65 -4.21 24.35
C GLU C 477 -21.88 -3.94 25.65
N GLN C 478 -22.21 -2.82 26.32
CA GLN C 478 -21.44 -2.30 27.44
C GLN C 478 -21.88 -2.80 28.83
N VAL C 479 -23.03 -3.46 28.93
CA VAL C 479 -23.57 -3.90 30.21
C VAL C 479 -24.04 -5.38 30.19
N ARG C 480 -23.79 -6.11 31.26
CA ARG C 480 -24.17 -7.52 31.37
C ARG C 480 -24.72 -7.80 32.76
N VAL C 481 -25.46 -8.90 32.91
CA VAL C 481 -25.91 -9.33 34.22
C VAL C 481 -25.26 -10.68 34.53
N VAL C 482 -24.52 -10.75 35.62
CA VAL C 482 -23.79 -11.95 36.02
C VAL C 482 -24.21 -12.43 37.39
N ARG C 483 -24.34 -13.75 37.51
CA ARG C 483 -24.93 -14.41 38.67
C ARG C 483 -23.87 -15.24 39.39
N GLN C 484 -23.70 -15.02 40.70
CA GLN C 484 -22.70 -15.76 41.49
C GLN C 484 -23.40 -16.76 42.39
N PHE C 485 -22.99 -18.03 42.31
CA PHE C 485 -23.48 -19.07 43.22
C PHE C 485 -22.38 -19.37 44.22
N HIS C 486 -22.56 -18.91 45.46
CA HIS C 486 -21.55 -19.06 46.51
C HIS C 486 -21.90 -20.22 47.44
N PHE C 487 -21.31 -21.38 47.16
CA PHE C 487 -21.55 -22.59 47.94
C PHE C 487 -20.86 -22.47 49.29
N HIS C 488 -21.60 -22.62 50.38
CA HIS C 488 -21.01 -22.66 51.72
C HIS C 488 -20.92 -24.11 52.28
N GLY C 489 -21.39 -25.09 51.50
CA GLY C 489 -21.56 -26.46 51.98
C GLY C 489 -20.31 -27.30 52.01
N TRP C 490 -19.16 -26.70 51.69
CA TRP C 490 -17.88 -27.40 51.78
C TRP C 490 -17.20 -27.15 53.15
N PRO C 491 -16.88 -28.22 53.89
CA PRO C 491 -16.25 -28.03 55.19
C PRO C 491 -14.79 -27.56 55.13
N GLU C 492 -14.34 -26.84 56.16
CA GLU C 492 -12.98 -26.30 56.22
C GLU C 492 -11.93 -27.40 56.14
N ILE C 493 -12.19 -28.53 56.79
CA ILE C 493 -11.38 -29.74 56.66
C ILE C 493 -12.27 -30.86 56.06
N GLY C 494 -11.87 -31.41 54.93
CA GLY C 494 -12.54 -32.59 54.38
C GLY C 494 -13.63 -32.28 53.38
N ILE C 495 -14.36 -33.32 52.96
CA ILE C 495 -15.47 -33.21 52.03
C ILE C 495 -16.81 -33.02 52.76
N PRO C 496 -17.87 -32.62 52.03
CA PRO C 496 -19.18 -32.51 52.67
C PRO C 496 -19.77 -33.86 53.11
N ALA C 497 -20.54 -33.83 54.19
CA ALA C 497 -21.14 -35.03 54.75
C ALA C 497 -22.26 -35.56 53.86
N GLU C 498 -23.12 -34.65 53.44
CA GLU C 498 -24.31 -35.03 52.68
C GLU C 498 -23.99 -35.28 51.21
N GLY C 499 -24.27 -34.30 50.36
CA GLY C 499 -24.32 -34.54 48.92
C GLY C 499 -25.53 -33.88 48.30
N LYS C 500 -26.67 -33.90 48.99
CA LYS C 500 -27.85 -33.15 48.54
C LYS C 500 -27.43 -31.74 48.13
N GLY C 501 -26.59 -31.09 48.92
CA GLY C 501 -26.20 -29.70 48.65
C GLY C 501 -25.43 -29.49 47.36
N MET C 502 -24.54 -30.42 47.05
CA MET C 502 -23.84 -30.41 45.78
C MET C 502 -24.80 -30.70 44.60
N ILE C 503 -25.73 -31.62 44.82
CA ILE C 503 -26.71 -31.95 43.78
C ILE C 503 -27.61 -30.72 43.54
N ASP C 504 -27.97 -30.02 44.60
CA ASP C 504 -28.80 -28.81 44.49
C ASP C 504 -28.06 -27.65 43.79
N LEU C 505 -26.77 -27.48 44.10
CA LEU C 505 -25.95 -26.44 43.46
C LEU C 505 -25.71 -26.71 41.96
N ILE C 506 -25.49 -27.97 41.57
CA ILE C 506 -25.26 -28.33 40.17
C ILE C 506 -26.53 -28.05 39.37
N ALA C 507 -27.66 -28.47 39.93
CA ALA C 507 -28.97 -28.29 39.31
C ALA C 507 -29.28 -26.81 39.11
N ALA C 508 -28.97 -26.00 40.12
CA ALA C 508 -29.24 -24.56 40.11
C ALA C 508 -28.46 -23.85 39.00
N VAL C 509 -27.16 -24.05 38.99
CA VAL C 509 -26.29 -23.54 37.93
C VAL C 509 -26.75 -24.01 36.54
N GLN C 510 -27.13 -25.28 36.41
CA GLN C 510 -27.76 -25.75 35.18
C GLN C 510 -28.93 -24.88 34.73
N LYS C 511 -29.96 -24.73 35.56
CA LYS C 511 -31.09 -23.88 35.21
C LYS C 511 -30.58 -22.46 34.89
N GLN C 512 -29.73 -21.89 35.74
CA GLN C 512 -29.23 -20.56 35.43
C GLN C 512 -28.69 -20.55 34.01
N GLN C 513 -27.97 -21.60 33.64
CA GLN C 513 -27.34 -21.64 32.33
C GLN C 513 -28.36 -21.80 31.19
N GLN C 514 -29.35 -22.67 31.37
CA GLN C 514 -30.42 -22.79 30.37
C GLN C 514 -31.00 -21.41 30.08
N GLN C 515 -31.40 -20.68 31.13
CA GLN C 515 -31.96 -19.34 30.97
C GLN C 515 -30.91 -18.34 30.49
N THR C 516 -29.75 -18.30 31.15
CA THR C 516 -28.71 -17.29 30.88
C THR C 516 -28.25 -17.19 29.42
N GLY C 517 -28.30 -18.30 28.67
CA GLY C 517 -27.78 -18.33 27.30
C GLY C 517 -27.18 -19.68 27.03
N ASN C 518 -25.87 -19.82 27.22
CA ASN C 518 -25.22 -21.10 27.65
C ASN C 518 -23.70 -20.97 27.67
N HIS C 519 -23.26 -19.92 28.35
CA HIS C 519 -21.91 -19.40 28.21
C HIS C 519 -20.97 -20.09 29.17
N PRO C 520 -19.66 -19.85 29.02
CA PRO C 520 -18.75 -20.47 29.94
C PRO C 520 -19.02 -20.10 31.39
N ILE C 521 -18.79 -21.09 32.27
CA ILE C 521 -19.10 -21.00 33.69
C ILE C 521 -17.78 -20.90 34.41
N THR C 522 -17.57 -19.77 35.07
CA THR C 522 -16.32 -19.51 35.79
C THR C 522 -16.34 -20.20 37.15
N VAL C 523 -15.79 -21.40 37.22
CA VAL C 523 -15.66 -22.13 38.50
C VAL C 523 -14.38 -21.73 39.21
N HIS C 524 -14.39 -21.58 40.51
CA HIS C 524 -13.12 -21.41 41.20
C HIS C 524 -13.19 -21.73 42.66
N CYS C 525 -12.03 -21.91 43.27
CA CYS C 525 -11.93 -22.22 44.70
C CYS C 525 -10.85 -21.37 45.36
N SER C 526 -9.63 -21.91 45.44
CA SER C 526 -8.46 -21.16 45.91
C SER C 526 -7.23 -21.58 45.12
N ALA C 527 -6.87 -22.86 45.22
CA ALA C 527 -5.83 -23.45 44.39
C ALA C 527 -6.22 -23.38 42.92
N GLY C 528 -7.50 -23.57 42.64
CA GLY C 528 -8.00 -23.53 41.30
C GLY C 528 -8.19 -24.91 40.71
N ALA C 529 -7.62 -25.92 41.36
CA ALA C 529 -7.97 -27.31 41.07
C ALA C 529 -8.10 -28.01 42.42
N GLY C 530 -9.17 -28.80 42.54
CA GLY C 530 -9.48 -29.52 43.78
C GLY C 530 -10.98 -29.63 43.93
N ARG C 531 -11.55 -28.69 44.66
CA ARG C 531 -12.99 -28.55 44.67
C ARG C 531 -13.44 -28.23 43.26
N THR C 532 -12.83 -27.20 42.68
CA THR C 532 -13.18 -26.78 41.32
C THR C 532 -13.25 -27.98 40.37
N GLY C 533 -12.37 -28.96 40.58
CA GLY C 533 -12.35 -30.18 39.78
C GLY C 533 -13.49 -31.13 40.11
N THR C 534 -13.69 -31.36 41.40
CA THR C 534 -14.83 -32.10 41.90
C THR C 534 -16.13 -31.57 41.29
N PHE C 535 -16.29 -30.24 41.20
CA PHE C 535 -17.53 -29.64 40.67
C PHE C 535 -17.73 -29.94 39.18
N ILE C 536 -16.68 -29.67 38.44
CA ILE C 536 -16.69 -29.91 37.01
C ILE C 536 -16.87 -31.39 36.74
N ALA C 537 -16.24 -32.24 37.55
CA ALA C 537 -16.31 -33.69 37.37
C ALA C 537 -17.72 -34.19 37.54
N LEU C 538 -18.35 -33.86 38.66
CA LEU C 538 -19.72 -34.28 38.90
C LEU C 538 -20.65 -33.59 37.91
N SER C 539 -20.45 -32.30 37.63
CA SER C 539 -21.30 -31.64 36.65
C SER C 539 -21.38 -32.45 35.35
N ASN C 540 -20.24 -32.88 34.84
CA ASN C 540 -20.22 -33.73 33.63
C ASN C 540 -20.66 -35.18 33.88
N ILE C 541 -20.30 -35.75 35.02
CA ILE C 541 -20.69 -37.12 35.34
C ILE C 541 -22.21 -37.18 35.39
N LEU C 542 -22.79 -36.34 36.23
CA LEU C 542 -24.23 -36.32 36.40
C LEU C 542 -24.93 -36.14 35.06
N GLU C 543 -24.64 -35.06 34.33
CA GLU C 543 -25.28 -34.81 33.01
C GLU C 543 -25.35 -36.11 32.20
N ARG C 544 -24.22 -36.80 32.09
CA ARG C 544 -24.14 -38.02 31.31
C ARG C 544 -24.94 -39.16 31.93
N VAL C 545 -25.00 -39.21 33.25
CA VAL C 545 -25.83 -40.24 33.89
C VAL C 545 -27.28 -40.02 33.47
N LYS C 546 -27.77 -38.77 33.60
CA LYS C 546 -29.12 -38.41 33.16
C LYS C 546 -29.34 -38.75 31.67
N ALA C 547 -28.42 -38.37 30.79
CA ALA C 547 -28.59 -38.57 29.34
C ALA C 547 -28.45 -40.02 28.86
N GLU C 548 -27.38 -40.70 29.23
CA GLU C 548 -27.06 -42.03 28.68
C GLU C 548 -27.24 -43.20 29.64
N GLY C 549 -27.41 -42.90 30.93
CA GLY C 549 -27.50 -43.96 31.95
C GLY C 549 -26.18 -44.69 32.16
N LEU C 550 -25.10 -43.93 32.05
CA LEU C 550 -23.78 -44.50 32.16
C LEU C 550 -22.98 -43.59 33.06
N LEU C 551 -21.96 -44.17 33.65
CA LEU C 551 -21.22 -43.54 34.71
C LEU C 551 -19.78 -43.99 34.63
N ASP C 552 -18.87 -43.10 34.28
CA ASP C 552 -17.43 -43.41 34.33
C ASP C 552 -16.66 -42.33 35.08
N VAL C 553 -16.84 -42.34 36.40
CA VAL C 553 -16.15 -41.37 37.25
C VAL C 553 -14.66 -41.35 36.97
N PHE C 554 -14.06 -42.50 36.63
CA PHE C 554 -12.61 -42.56 36.46
C PHE C 554 -12.13 -41.73 35.29
N GLN C 555 -12.72 -41.97 34.13
CA GLN C 555 -12.27 -41.30 32.91
C GLN C 555 -12.72 -39.86 32.90
N ALA C 556 -13.75 -39.57 33.70
CA ALA C 556 -14.20 -38.19 33.90
C ALA C 556 -13.07 -37.37 34.50
N VAL C 557 -12.49 -37.91 35.58
CA VAL C 557 -11.43 -37.23 36.31
C VAL C 557 -10.11 -37.30 35.53
N LYS C 558 -9.80 -38.45 34.97
CA LYS C 558 -8.59 -38.55 34.16
C LYS C 558 -8.64 -37.49 33.05
N SER C 559 -9.77 -37.38 32.36
CA SER C 559 -9.90 -36.38 31.30
C SER C 559 -9.70 -34.98 31.90
N LEU C 560 -10.12 -34.77 33.15
CA LEU C 560 -9.88 -33.48 33.82
C LEU C 560 -8.42 -33.25 34.10
N ARG C 561 -7.72 -34.31 34.49
CA ARG C 561 -6.33 -34.19 34.87
C ARG C 561 -5.44 -33.82 33.69
N LEU C 562 -5.80 -34.28 32.49
CA LEU C 562 -5.05 -33.95 31.29
C LEU C 562 -5.33 -32.51 30.86
N GLN C 563 -6.40 -31.92 31.37
CA GLN C 563 -6.73 -30.54 31.04
C GLN C 563 -6.16 -29.54 32.03
N ARG C 564 -5.89 -29.97 33.25
CA ARG C 564 -5.35 -29.08 34.27
C ARG C 564 -4.83 -29.94 35.40
N PRO C 565 -3.62 -29.64 35.90
CA PRO C 565 -2.99 -30.55 36.85
C PRO C 565 -3.65 -30.50 38.23
N HIS C 566 -3.75 -31.66 38.88
CA HIS C 566 -4.35 -31.82 40.23
C HIS C 566 -5.85 -31.46 40.33
N MET C 567 -6.64 -31.83 39.32
CA MET C 567 -8.04 -31.34 39.24
C MET C 567 -8.90 -31.92 40.35
N VAL C 568 -9.25 -33.20 40.29
CA VAL C 568 -9.72 -33.86 41.50
C VAL C 568 -8.42 -34.21 42.20
N GLN C 569 -8.22 -33.63 43.37
CA GLN C 569 -6.90 -33.58 44.01
C GLN C 569 -6.66 -34.65 45.08
N THR C 570 -7.70 -34.98 45.85
CA THR C 570 -7.56 -35.82 47.04
C THR C 570 -8.48 -37.04 46.99
N LEU C 571 -8.00 -38.17 47.53
CA LEU C 571 -8.76 -39.42 47.57
C LEU C 571 -10.16 -39.25 48.14
N GLU C 572 -10.28 -38.47 49.19
CA GLU C 572 -11.58 -38.20 49.78
C GLU C 572 -12.44 -37.47 48.76
N GLN C 573 -11.85 -36.52 48.03
CA GLN C 573 -12.60 -35.83 47.00
C GLN C 573 -13.11 -36.79 45.91
N TYR C 574 -12.29 -37.78 45.56
CA TYR C 574 -12.63 -38.74 44.49
C TYR C 574 -13.70 -39.72 44.93
N GLU C 575 -13.66 -40.12 46.21
CA GLU C 575 -14.69 -40.98 46.81
C GLU C 575 -16.00 -40.21 46.99
N PHE C 576 -15.91 -38.90 47.24
CA PHE C 576 -17.08 -38.03 47.35
C PHE C 576 -17.88 -37.96 46.05
N CYS C 577 -17.19 -38.12 44.92
CA CYS C 577 -17.84 -38.11 43.61
C CYS C 577 -18.77 -39.31 43.47
N TYR C 578 -18.28 -40.48 43.89
CA TYR C 578 -19.09 -41.71 43.90
C TYR C 578 -20.26 -41.57 44.85
N LYS C 579 -19.98 -41.08 46.06
CA LYS C 579 -21.02 -40.84 47.05
C LYS C 579 -22.15 -39.98 46.45
N VAL C 580 -21.80 -38.91 45.75
CA VAL C 580 -22.82 -38.00 45.17
C VAL C 580 -23.65 -38.66 44.08
N VAL C 581 -23.02 -39.51 43.28
CA VAL C 581 -23.70 -40.24 42.20
C VAL C 581 -24.66 -41.31 42.75
N GLN C 582 -24.24 -42.03 43.79
CA GLN C 582 -25.13 -42.97 44.48
C GLN C 582 -26.31 -42.20 45.08
N ASP C 583 -26.05 -40.98 45.57
CA ASP C 583 -27.09 -40.12 46.16
C ASP C 583 -28.01 -39.52 45.09
N PHE C 584 -27.45 -39.19 43.92
CA PHE C 584 -28.26 -38.74 42.81
C PHE C 584 -29.11 -39.84 42.19
N ILE C 585 -28.60 -41.07 42.19
CA ILE C 585 -29.34 -42.21 41.62
C ILE C 585 -30.59 -42.59 42.44
N ASP C 586 -30.61 -42.26 43.73
CA ASP C 586 -31.79 -42.49 44.59
C ASP C 586 -32.47 -41.16 44.96
N TYR D 7 -7.41 8.11 -22.88
CA TYR D 7 -6.29 8.86 -23.51
C TYR D 7 -5.18 7.94 -24.02
N PHE D 8 -5.19 7.68 -25.33
CA PHE D 8 -4.18 6.85 -25.97
C PHE D 8 -3.07 7.74 -26.55
N PRO D 9 -1.91 7.13 -26.92
CA PRO D 9 -0.83 7.89 -27.55
C PRO D 9 -1.23 8.51 -28.90
N ILE D 10 -0.72 9.71 -29.16
CA ILE D 10 -0.97 10.42 -30.42
C ILE D 10 0.21 10.17 -31.36
N PRO D 11 -0.05 9.58 -32.54
CA PRO D 11 1.01 9.53 -33.56
C PRO D 11 1.33 10.95 -34.01
N VAL D 12 2.62 11.25 -34.22
CA VAL D 12 3.03 12.61 -34.61
C VAL D 12 2.36 13.04 -35.92
N GLU D 13 2.08 12.07 -36.78
CA GLU D 13 1.27 12.28 -37.99
C GLU D 13 -0.02 13.08 -37.72
N HIS D 14 -0.65 12.84 -36.58
CA HIS D 14 -1.91 13.49 -36.21
C HIS D 14 -1.79 14.52 -35.08
N LEU D 15 -0.58 14.96 -34.74
CA LEU D 15 -0.42 15.85 -33.58
C LEU D 15 -1.08 17.19 -33.84
N GLU D 16 -0.73 17.84 -34.95
CA GLU D 16 -1.28 19.16 -35.29
C GLU D 16 -2.81 19.20 -35.21
N GLU D 17 -3.46 18.17 -35.74
CA GLU D 17 -4.93 18.08 -35.77
C GLU D 17 -5.54 17.92 -34.37
N GLU D 18 -4.98 17.01 -33.57
CA GLU D 18 -5.47 16.78 -32.20
C GLU D 18 -5.31 18.01 -31.31
N ILE D 19 -4.28 18.83 -31.56
CA ILE D 19 -4.09 20.09 -30.83
C ILE D 19 -5.23 21.07 -31.12
N ARG D 20 -5.59 21.18 -32.39
CA ARG D 20 -6.69 22.05 -32.80
C ARG D 20 -7.99 21.60 -32.14
N ILE D 21 -8.25 20.29 -32.19
CA ILE D 21 -9.47 19.69 -31.62
C ILE D 21 -9.60 20.00 -30.13
N ARG D 22 -8.50 19.96 -29.40
CA ARG D 22 -8.50 20.24 -27.97
C ARG D 22 -8.33 21.74 -27.74
N LYS D 28 -9.62 24.02 -23.72
CA LYS D 28 -11.07 23.79 -23.63
C LYS D 28 -11.37 22.32 -23.28
N GLN D 29 -11.11 21.40 -24.20
CA GLN D 29 -11.21 19.96 -23.91
C GLN D 29 -9.91 19.42 -23.29
N PHE D 30 -8.78 20.10 -23.55
CA PHE D 30 -7.48 19.84 -22.86
C PHE D 30 -7.63 19.94 -21.35
N ARG D 31 -8.38 20.96 -20.93
CA ARG D 31 -8.65 21.23 -19.51
C ARG D 31 -9.15 19.95 -18.84
N GLU D 32 -10.06 19.23 -19.53
CA GLU D 32 -10.62 17.98 -19.04
C GLU D 32 -9.57 16.86 -18.92
N GLU D 33 -8.68 16.77 -19.91
CA GLU D 33 -7.60 15.78 -19.88
C GLU D 33 -6.75 16.01 -18.65
N PHE D 34 -6.32 17.25 -18.45
CA PHE D 34 -5.47 17.63 -17.32
C PHE D 34 -6.10 17.29 -15.98
N ASN D 35 -7.41 17.49 -15.90
CA ASN D 35 -8.15 17.24 -14.67
C ASN D 35 -8.39 15.76 -14.40
N SER D 36 -7.99 14.89 -15.32
CA SER D 36 -8.11 13.44 -15.15
C SER D 36 -6.80 12.81 -14.70
N LEU D 37 -5.72 13.59 -14.66
CA LEU D 37 -4.46 13.09 -14.17
C LEU D 37 -4.60 12.73 -12.69
N PRO D 38 -3.96 11.65 -12.24
CA PRO D 38 -3.90 11.41 -10.80
C PRO D 38 -2.90 12.34 -10.14
N SER D 39 -3.29 13.01 -9.07
CA SER D 39 -2.32 13.68 -8.20
C SER D 39 -1.65 12.57 -7.43
N GLY D 40 -0.32 12.54 -7.43
CA GLY D 40 0.40 11.36 -6.94
C GLY D 40 0.40 11.13 -5.43
N HIS D 41 -0.74 11.27 -4.78
CA HIS D 41 -0.80 11.14 -3.34
C HIS D 41 -1.28 9.76 -2.92
N ILE D 42 -2.20 9.16 -3.68
CA ILE D 42 -2.89 7.95 -3.23
C ILE D 42 -1.92 6.84 -2.87
N GLN D 43 -1.19 6.33 -3.87
CA GLN D 43 -0.12 5.37 -3.61
C GLN D 43 1.11 6.18 -3.22
N GLY D 44 1.54 6.06 -1.98
CA GLY D 44 2.76 6.77 -1.53
C GLY D 44 2.82 7.03 -0.05
N THR D 45 4.04 7.15 0.49
CA THR D 45 4.28 7.48 1.89
C THR D 45 4.80 8.90 1.94
N PHE D 46 4.51 9.62 3.03
CA PHE D 46 5.05 10.96 3.22
C PHE D 46 5.52 11.15 4.65
N GLU D 47 5.94 10.04 5.26
CA GLU D 47 6.37 10.02 6.66
C GLU D 47 7.55 10.94 6.90
N LEU D 48 8.61 10.79 6.11
CA LEU D 48 9.86 11.50 6.34
C LEU D 48 9.72 13.00 6.09
N ALA D 49 8.92 13.38 5.10
CA ALA D 49 8.76 14.79 4.74
C ALA D 49 8.04 15.60 5.84
N ASN D 50 7.15 14.97 6.59
CA ASN D 50 6.37 15.67 7.63
C ASN D 50 6.96 15.59 9.05
N LYS D 51 8.14 14.97 9.20
CA LYS D 51 8.81 14.96 10.51
C LYS D 51 8.95 16.37 11.06
N GLU D 52 8.73 16.55 12.37
CA GLU D 52 8.86 17.86 13.00
C GLU D 52 10.18 18.51 12.62
N GLU D 53 11.28 17.77 12.82
CA GLU D 53 12.62 18.23 12.44
C GLU D 53 12.69 18.81 11.02
N ASN D 54 11.98 18.18 10.08
CA ASN D 54 12.03 18.57 8.67
C ASN D 54 11.02 19.64 8.23
N ARG D 55 10.13 20.06 9.12
CA ARG D 55 9.09 21.04 8.77
C ARG D 55 9.68 22.31 8.16
N GLU D 56 10.70 22.88 8.82
CA GLU D 56 11.28 24.16 8.40
C GLU D 56 12.11 24.07 7.10
N LYS D 57 12.29 22.86 6.60
CA LYS D 57 13.09 22.62 5.39
C LYS D 57 12.25 22.62 4.10
N ASN D 58 10.94 22.63 4.24
CA ASN D 58 10.05 22.69 3.07
C ASN D 58 9.51 24.10 2.90
N ARG D 59 9.49 24.57 1.66
CA ARG D 59 9.05 25.91 1.36
C ARG D 59 7.53 25.95 1.36
N TYR D 60 6.93 24.97 0.68
CA TYR D 60 5.48 24.83 0.65
C TYR D 60 5.13 23.48 1.30
N PRO D 61 4.30 23.52 2.34
CA PRO D 61 4.02 22.30 3.10
C PRO D 61 3.06 21.32 2.41
N ASN D 62 2.41 21.72 1.31
CA ASN D 62 1.57 20.80 0.56
C ASN D 62 2.33 20.11 -0.56
N ILE D 63 3.49 20.63 -0.92
CA ILE D 63 4.27 20.10 -2.02
C ILE D 63 5.50 19.41 -1.45
N LEU D 64 5.38 18.10 -1.26
CA LEU D 64 6.35 17.31 -0.51
C LEU D 64 6.70 16.06 -1.26
N PRO D 65 7.96 15.61 -1.13
CA PRO D 65 8.35 14.40 -1.84
C PRO D 65 7.83 13.17 -1.11
N ASN D 66 7.41 12.17 -1.86
CA ASN D 66 7.05 10.90 -1.25
C ASN D 66 8.31 10.20 -0.77
N ASP D 67 8.16 9.21 0.10
CA ASP D 67 9.31 8.56 0.73
C ASP D 67 10.11 7.70 -0.24
N HIS D 68 9.46 7.17 -1.27
CA HIS D 68 10.07 6.18 -2.14
C HIS D 68 11.10 6.74 -3.11
N SER D 69 10.76 7.87 -3.73
CA SER D 69 11.62 8.50 -4.73
C SER D 69 12.36 9.71 -4.18
N ARG D 70 12.29 9.90 -2.86
CA ARG D 70 12.97 10.99 -2.19
C ARG D 70 14.46 10.88 -2.45
N VAL D 71 15.11 12.02 -2.75
CA VAL D 71 16.58 12.08 -2.74
C VAL D 71 17.04 12.06 -1.28
N ILE D 72 17.92 11.13 -0.95
CA ILE D 72 18.36 10.95 0.43
C ILE D 72 19.82 11.33 0.56
N LEU D 73 20.09 12.37 1.34
CA LEU D 73 21.45 12.81 1.62
C LEU D 73 22.12 11.90 2.65
N SER D 74 23.45 11.84 2.60
CA SER D 74 24.23 11.10 3.59
C SER D 74 24.03 11.74 4.96
N GLN D 75 23.95 10.92 6.00
CA GLN D 75 23.66 11.39 7.36
C GLN D 75 24.80 12.28 7.90
N LEU D 76 24.52 13.58 8.07
CA LEU D 76 25.53 14.54 8.57
C LEU D 76 25.35 14.79 10.07
N GLY D 78 26.73 14.20 13.22
CA GLY D 78 25.78 13.65 14.19
C GLY D 78 24.53 14.47 14.46
N ILE D 79 24.06 15.21 13.45
CA ILE D 79 22.85 16.04 13.57
C ILE D 79 21.61 15.23 13.15
N PRO D 80 20.59 15.15 14.03
CA PRO D 80 19.39 14.33 13.78
C PRO D 80 18.54 14.84 12.62
N CYS D 81 17.91 13.90 11.90
CA CYS D 81 17.09 14.23 10.73
C CYS D 81 17.87 14.98 9.63
N SER D 82 19.18 14.73 9.55
CA SER D 82 20.07 15.34 8.54
C SER D 82 20.01 14.62 7.18
N ASP D 83 19.14 13.60 7.10
CA ASP D 83 18.98 12.77 5.92
C ASP D 83 18.29 13.50 4.76
N TYR D 84 17.51 14.53 5.08
CA TYR D 84 16.41 14.98 4.22
C TYR D 84 16.63 16.24 3.41
N ILE D 85 16.13 16.22 2.18
CA ILE D 85 16.02 17.39 1.33
C ILE D 85 14.75 17.24 0.50
N ASN D 86 14.13 18.37 0.20
CA ASN D 86 12.91 18.39 -0.61
C ASN D 86 13.26 18.28 -2.08
N ALA D 87 13.49 17.04 -2.52
CA ALA D 87 13.82 16.75 -3.90
C ALA D 87 13.51 15.30 -4.15
N SER D 88 13.19 14.96 -5.40
CA SER D 88 12.93 13.57 -5.75
C SER D 88 13.45 13.20 -7.12
N TYR D 89 13.83 11.95 -7.28
CA TYR D 89 14.27 11.41 -8.57
C TYR D 89 13.08 11.30 -9.51
N ILE D 90 13.30 11.67 -10.76
CA ILE D 90 12.27 11.61 -11.79
C ILE D 90 12.88 10.97 -13.02
N ASP D 91 12.16 10.03 -13.61
CA ASP D 91 12.68 9.30 -14.77
C ASP D 91 12.46 10.09 -16.04
N GLY D 92 13.29 9.83 -17.04
CA GLY D 92 13.13 10.39 -18.39
C GLY D 92 12.53 9.32 -19.26
N TYR D 93 12.34 9.62 -20.53
CA TYR D 93 11.87 8.59 -21.45
C TYR D 93 12.96 7.53 -21.52
N LYS D 94 12.59 6.30 -21.17
CA LYS D 94 13.52 5.16 -21.10
C LYS D 94 14.87 5.48 -20.43
N GLU D 95 14.84 6.16 -19.29
CA GLU D 95 16.04 6.38 -18.47
C GLU D 95 15.69 6.61 -17.01
N LYS D 96 15.86 5.58 -16.18
CA LYS D 96 15.58 5.71 -14.74
C LYS D 96 16.45 6.83 -14.14
N ASN D 97 15.82 7.69 -13.36
CA ASN D 97 16.50 8.76 -12.61
C ASN D 97 17.33 9.72 -13.46
N LYS D 98 16.77 10.16 -14.60
CA LYS D 98 17.46 11.14 -15.44
C LYS D 98 17.58 12.48 -14.73
N PHE D 99 16.56 12.83 -13.93
CA PHE D 99 16.51 14.15 -13.30
C PHE D 99 16.37 14.08 -11.80
N ILE D 100 16.65 15.20 -11.15
CA ILE D 100 16.20 15.43 -9.78
C ILE D 100 15.34 16.69 -9.81
N ALA D 101 14.05 16.53 -9.50
CA ALA D 101 13.13 17.66 -9.37
C ALA D 101 13.24 18.12 -7.94
N ALA D 102 13.82 19.29 -7.74
CA ALA D 102 14.12 19.79 -6.40
C ALA D 102 13.44 21.12 -6.19
N GLN D 103 13.04 21.39 -4.95
CA GLN D 103 12.52 22.70 -4.62
C GLN D 103 13.70 23.65 -4.61
N GLY D 104 13.46 24.89 -5.03
CA GLY D 104 14.47 25.92 -5.01
C GLY D 104 14.86 26.19 -3.57
N PRO D 105 16.16 26.11 -3.26
CA PRO D 105 16.59 26.14 -1.87
C PRO D 105 16.29 27.45 -1.19
N LYS D 106 16.19 27.42 0.14
CA LYS D 106 16.05 28.62 0.96
C LYS D 106 17.24 28.75 1.90
N GLN D 107 17.47 29.93 2.47
CA GLN D 107 18.64 30.18 3.33
C GLN D 107 19.01 28.95 4.13
N GLU D 108 18.01 28.37 4.79
CA GLU D 108 18.19 27.24 5.70
C GLU D 108 18.52 25.90 5.03
N THR D 109 18.33 25.79 3.72
CA THR D 109 18.64 24.54 3.00
C THR D 109 19.65 24.72 1.84
N VAL D 110 20.32 25.87 1.76
CA VAL D 110 21.28 26.12 0.69
C VAL D 110 22.41 25.14 0.77
N ASN D 111 22.88 24.87 1.98
CA ASN D 111 24.01 23.99 2.21
C ASN D 111 23.63 22.55 1.87
N ASP D 112 22.46 22.13 2.34
CA ASP D 112 21.96 20.80 2.04
C ASP D 112 21.79 20.60 0.54
N PHE D 113 21.47 21.69 -0.16
CA PHE D 113 21.31 21.68 -1.62
C PHE D 113 22.60 21.30 -2.33
N TRP D 114 23.71 21.93 -1.94
CA TRP D 114 25.00 21.67 -2.56
C TRP D 114 25.53 20.29 -2.21
N ARG D 115 25.19 19.81 -1.02
CA ARG D 115 25.59 18.46 -0.64
C ARG D 115 24.88 17.42 -1.49
N MET D 116 23.66 17.74 -1.93
CA MET D 116 22.96 16.90 -2.86
C MET D 116 23.66 16.90 -4.21
N VAL D 117 23.94 18.09 -4.74
CA VAL D 117 24.64 18.23 -6.02
C VAL D 117 25.97 17.47 -5.98
N TRP D 118 26.66 17.54 -4.85
CA TRP D 118 27.94 16.84 -4.68
C TRP D 118 27.75 15.34 -4.55
N GLU D 119 26.91 14.91 -3.62
CA GLU D 119 26.72 13.47 -3.36
C GLU D 119 26.10 12.73 -4.54
N GLN D 120 25.29 13.43 -5.34
CA GLN D 120 24.65 12.81 -6.49
C GLN D 120 25.48 12.88 -7.76
N LYS D 121 26.64 13.53 -7.71
CA LYS D 121 27.56 13.60 -8.84
C LYS D 121 26.98 14.36 -10.05
N SER D 122 26.10 15.32 -9.77
CA SER D 122 25.45 16.09 -10.81
C SER D 122 26.40 17.08 -11.44
N ALA D 123 26.26 17.25 -12.74
CA ALA D 123 27.08 18.21 -13.50
C ALA D 123 26.27 19.44 -13.91
N THR D 124 24.94 19.36 -13.83
CA THR D 124 24.06 20.40 -14.36
C THR D 124 22.91 20.77 -13.41
N ILE D 125 22.71 22.07 -13.20
CA ILE D 125 21.56 22.57 -12.47
C ILE D 125 20.75 23.38 -13.45
N VAL D 126 19.45 23.11 -13.52
CA VAL D 126 18.54 23.86 -14.39
C VAL D 126 17.60 24.67 -13.53
N MET D 127 17.75 25.99 -13.54
CA MET D 127 16.92 26.88 -12.71
C MET D 127 15.86 27.55 -13.56
N LEU D 128 14.60 27.21 -13.29
CA LEU D 128 13.47 27.64 -14.11
C LEU D 128 12.70 28.77 -13.44
N THR D 129 13.30 29.41 -12.46
CA THR D 129 12.68 30.51 -11.72
C THR D 129 13.61 31.72 -11.64
N ASN D 130 13.06 32.90 -11.42
CA ASN D 130 13.89 34.02 -10.99
C ASN D 130 13.91 34.02 -9.47
N LEU D 131 14.78 34.81 -8.86
CA LEU D 131 14.94 34.77 -7.41
C LEU D 131 13.67 35.29 -6.74
N LYS D 132 13.29 36.53 -7.09
CA LYS D 132 12.04 37.13 -6.65
C LYS D 132 11.08 37.24 -7.85
N GLU D 133 9.79 37.34 -7.56
CA GLU D 133 8.77 37.53 -8.59
C GLU D 133 7.72 38.46 -8.01
N ARG D 134 7.62 39.66 -8.58
CA ARG D 134 6.72 40.72 -8.10
C ARG D 134 6.93 41.08 -6.62
N LYS D 135 8.18 40.99 -6.16
CA LYS D 135 8.57 41.36 -4.77
C LYS D 135 8.36 40.26 -3.72
N GLU D 136 8.22 38.99 -4.16
CA GLU D 136 8.01 37.85 -3.25
C GLU D 136 9.03 36.72 -3.52
N GLU D 137 9.88 36.43 -2.53
CA GLU D 137 11.09 35.60 -2.75
C GLU D 137 10.76 34.16 -3.12
N LYS D 138 10.86 33.83 -4.40
CA LYS D 138 10.49 32.50 -4.90
C LYS D 138 11.63 31.48 -4.78
N CYS D 139 12.87 31.97 -4.60
CA CYS D 139 14.04 31.12 -4.43
C CYS D 139 15.27 31.90 -3.95
N HIS D 140 15.98 31.34 -2.96
CA HIS D 140 17.14 32.00 -2.35
C HIS D 140 18.40 31.76 -3.16
N GLN D 141 19.20 32.82 -3.34
CA GLN D 141 20.41 32.71 -4.17
C GLN D 141 21.44 31.80 -3.51
N TYR D 142 21.84 30.76 -4.22
CA TYR D 142 22.68 29.71 -3.66
C TYR D 142 24.05 29.65 -4.31
N TRP D 143 24.47 30.75 -4.92
CA TRP D 143 25.76 30.81 -5.60
C TRP D 143 26.39 32.17 -5.42
N PRO D 144 27.72 32.23 -5.38
CA PRO D 144 28.41 33.50 -5.20
C PRO D 144 28.25 34.38 -6.43
N ASP D 145 28.10 35.69 -6.23
CA ASP D 145 28.03 36.61 -7.34
C ASP D 145 29.43 36.75 -7.94
N GLN D 146 30.38 37.20 -7.11
CA GLN D 146 31.79 37.24 -7.47
C GLN D 146 32.56 36.22 -6.62
N GLY D 147 33.63 35.67 -7.17
CA GLY D 147 34.57 34.88 -6.38
C GLY D 147 34.04 33.57 -5.85
N CYS D 148 34.28 33.31 -4.56
CA CYS D 148 34.01 32.01 -3.96
C CYS D 148 33.24 32.10 -2.66
N TRP D 149 32.68 30.96 -2.25
CA TRP D 149 31.97 30.85 -0.99
C TRP D 149 31.90 29.39 -0.52
N THR D 150 32.23 29.16 0.75
CA THR D 150 32.11 27.82 1.34
C THR D 150 30.70 27.65 1.88
N TYR D 151 29.89 26.81 1.22
CA TYR D 151 28.55 26.45 1.70
C TYR D 151 28.61 25.12 2.46
N GLY D 152 28.88 25.20 3.75
CA GLY D 152 29.07 24.01 4.58
C GLY D 152 30.46 23.45 4.36
N ASN D 153 30.53 22.20 3.91
CA ASN D 153 31.82 21.59 3.55
C ASN D 153 32.06 21.62 2.04
N ILE D 154 31.30 22.44 1.31
CA ILE D 154 31.46 22.55 -0.15
C ILE D 154 31.76 24.01 -0.56
N ARG D 155 32.92 24.21 -1.18
CA ARG D 155 33.34 25.53 -1.67
C ARG D 155 32.95 25.70 -3.14
N VAL D 156 32.04 26.62 -3.43
CA VAL D 156 31.62 26.93 -4.79
C VAL D 156 32.36 28.16 -5.28
N CYS D 157 32.72 28.18 -6.56
CA CYS D 157 33.40 29.35 -7.17
C CYS D 157 32.91 29.65 -8.58
N VAL D 158 32.65 30.93 -8.85
CA VAL D 158 32.17 31.34 -10.16
C VAL D 158 33.35 31.41 -11.11
N GLU D 159 33.25 30.68 -12.21
CA GLU D 159 34.27 30.68 -13.25
C GLU D 159 33.80 31.43 -14.50
N ASP D 160 32.51 31.40 -14.82
CA ASP D 160 31.95 32.24 -15.90
C ASP D 160 30.45 32.46 -15.72
N CYS D 161 29.96 33.61 -16.21
CA CYS D 161 28.52 33.87 -16.36
C CYS D 161 28.30 34.44 -17.75
N VAL D 162 27.46 33.80 -18.56
CA VAL D 162 27.07 34.31 -19.88
C VAL D 162 25.58 34.66 -19.90
N VAL D 163 25.25 35.93 -20.14
CA VAL D 163 23.87 36.38 -20.16
C VAL D 163 23.34 36.59 -21.57
N LEU D 164 22.52 35.64 -22.03
CA LEU D 164 21.81 35.78 -23.28
C LEU D 164 20.40 36.26 -22.96
N VAL D 165 19.61 36.53 -24.00
CA VAL D 165 18.28 37.14 -23.84
C VAL D 165 17.28 36.22 -23.15
N ASP D 166 17.21 34.95 -23.51
CA ASP D 166 16.17 34.09 -22.95
C ASP D 166 16.65 33.31 -21.70
N TYR D 167 17.96 33.20 -21.52
CA TYR D 167 18.51 32.49 -20.37
C TYR D 167 19.94 32.93 -20.11
N THR D 168 20.43 32.71 -18.89
CA THR D 168 21.85 32.94 -18.61
C THR D 168 22.50 31.64 -18.09
N ILE D 169 23.82 31.55 -18.25
CA ILE D 169 24.55 30.30 -18.11
C ILE D 169 25.77 30.53 -17.22
N ARG D 170 25.86 29.79 -16.14
CA ARG D 170 26.90 30.02 -15.13
C ARG D 170 27.75 28.78 -14.87
N LYS D 171 29.06 28.96 -14.84
CA LYS D 171 29.97 27.83 -14.71
C LYS D 171 30.59 27.87 -13.32
N PHE D 172 30.31 26.85 -12.52
CA PHE D 172 30.84 26.77 -11.18
C PHE D 172 31.88 25.69 -11.04
N CYS D 173 32.75 25.89 -10.06
CA CYS D 173 33.76 24.93 -9.72
C CYS D 173 33.62 24.57 -8.25
N ILE D 174 32.95 23.46 -7.97
CA ILE D 174 32.65 23.08 -6.60
C ILE D 174 33.64 22.02 -6.12
N GLN D 175 33.89 22.03 -4.81
CA GLN D 175 34.88 21.17 -4.18
C GLN D 175 34.75 21.27 -2.66
N PRO D 176 34.98 20.16 -1.94
CA PRO D 176 35.09 20.23 -0.49
C PRO D 176 36.47 20.64 0.02
N LYS D 183 38.13 14.34 -3.38
CA LYS D 183 39.21 15.31 -3.53
C LYS D 183 39.10 16.13 -4.84
N ALA D 184 38.85 15.43 -5.95
CA ALA D 184 38.84 16.07 -7.28
C ALA D 184 37.81 17.18 -7.38
N PRO D 185 38.25 18.42 -7.65
CA PRO D 185 37.25 19.44 -7.86
C PRO D 185 36.43 19.12 -9.10
N ARG D 186 35.24 19.70 -9.16
CA ARG D 186 34.27 19.33 -10.20
C ARG D 186 33.61 20.58 -10.78
N LEU D 187 33.28 20.52 -12.07
CA LEU D 187 32.67 21.65 -12.74
C LEU D 187 31.16 21.45 -12.87
N VAL D 188 30.38 22.34 -12.26
CA VAL D 188 28.92 22.31 -12.39
C VAL D 188 28.47 23.51 -13.19
N SER D 189 27.68 23.27 -14.24
CA SER D 189 27.14 24.35 -15.06
C SER D 189 25.66 24.55 -14.78
N GLN D 190 25.32 25.77 -14.38
CA GLN D 190 23.95 26.16 -14.07
C GLN D 190 23.34 26.83 -15.28
N LEU D 191 22.17 26.36 -15.70
CA LEU D 191 21.43 26.98 -16.78
C LEU D 191 20.19 27.62 -16.19
N HIS D 192 20.12 28.94 -16.27
CA HIS D 192 19.09 29.69 -15.58
C HIS D 192 18.14 30.36 -16.59
N PHE D 193 16.93 29.82 -16.73
CA PHE D 193 15.94 30.37 -17.66
C PHE D 193 15.27 31.62 -17.09
N THR D 194 15.60 32.76 -17.67
CA THR D 194 15.14 34.05 -17.20
C THR D 194 13.79 34.48 -17.77
N SER D 195 13.46 33.99 -18.98
CA SER D 195 12.36 34.50 -19.80
C SER D 195 10.96 34.14 -19.29
N TRP D 196 10.86 33.15 -18.42
CA TRP D 196 9.54 32.64 -18.00
C TRP D 196 8.72 33.73 -17.28
N PRO D 197 7.54 34.05 -17.82
CA PRO D 197 6.79 35.19 -17.29
C PRO D 197 6.19 34.95 -15.90
N ASP D 198 5.86 36.05 -15.22
CA ASP D 198 5.46 36.02 -13.81
C ASP D 198 4.20 35.17 -13.67
N PHE D 199 3.18 35.62 -14.39
CA PHE D 199 1.88 34.95 -14.47
C PHE D 199 1.72 34.36 -15.88
N GLY D 200 1.41 33.07 -15.95
CA GLY D 200 1.08 32.39 -17.21
C GLY D 200 2.28 31.69 -17.81
N VAL D 201 2.02 30.80 -18.76
CA VAL D 201 3.08 30.13 -19.52
C VAL D 201 3.65 31.13 -20.54
N PRO D 202 4.86 30.86 -21.09
CA PRO D 202 5.45 31.70 -22.14
C PRO D 202 4.60 31.81 -23.41
N PHE D 203 5.02 32.68 -24.31
CA PHE D 203 4.20 33.10 -25.45
C PHE D 203 4.40 32.08 -26.58
N THR D 204 5.60 32.01 -27.16
CA THR D 204 6.02 30.91 -28.03
C THR D 204 6.75 29.85 -27.18
N PRO D 205 7.14 28.71 -27.77
CA PRO D 205 8.00 27.78 -27.05
C PRO D 205 9.38 27.65 -27.68
N ILE D 206 9.71 28.52 -28.64
CA ILE D 206 11.02 28.47 -29.31
C ILE D 206 12.13 28.59 -28.27
N GLY D 207 12.02 29.61 -27.41
CA GLY D 207 13.02 29.88 -26.39
C GLY D 207 13.28 28.67 -25.51
N MET D 208 12.20 28.05 -25.06
CA MET D 208 12.28 26.89 -24.21
C MET D 208 12.85 25.66 -24.92
N LEU D 209 12.59 25.52 -26.22
CA LEU D 209 13.15 24.40 -26.97
C LEU D 209 14.67 24.57 -27.16
N LYS D 210 15.10 25.80 -27.46
CA LYS D 210 16.53 26.13 -27.62
C LYS D 210 17.27 25.88 -26.30
N PHE D 211 16.66 26.36 -25.21
CA PHE D 211 17.18 26.17 -23.85
C PHE D 211 17.32 24.69 -23.51
N LEU D 212 16.36 23.89 -23.93
CA LEU D 212 16.36 22.48 -23.60
C LEU D 212 17.41 21.73 -24.42
N LYS D 213 17.79 22.28 -25.58
CA LYS D 213 18.86 21.71 -26.37
C LYS D 213 20.21 22.05 -25.76
N LYS D 214 20.32 23.25 -25.18
CA LYS D 214 21.58 23.70 -24.56
C LYS D 214 21.90 22.85 -23.32
N VAL D 215 20.85 22.41 -22.61
CA VAL D 215 21.05 21.50 -21.50
C VAL D 215 21.59 20.15 -22.00
N LYS D 216 20.97 19.57 -23.03
CA LYS D 216 21.49 18.31 -23.61
C LYS D 216 22.97 18.45 -23.96
N THR D 217 23.34 19.62 -24.49
CA THR D 217 24.71 19.90 -24.91
C THR D 217 25.71 19.93 -23.76
N LEU D 218 25.37 20.60 -22.66
CA LEU D 218 26.33 20.86 -21.59
C LEU D 218 26.40 19.78 -20.52
N ASN D 219 25.52 18.78 -20.57
CA ASN D 219 25.52 17.72 -19.57
C ASN D 219 26.35 16.57 -20.09
N PRO D 220 27.42 16.18 -19.37
CA PRO D 220 28.22 15.05 -19.83
C PRO D 220 27.51 13.71 -19.76
N VAL D 221 27.79 12.85 -20.74
CA VAL D 221 27.25 11.49 -20.81
C VAL D 221 27.42 10.72 -19.49
N HIS D 222 28.59 10.87 -18.85
CA HIS D 222 28.91 10.14 -17.61
C HIS D 222 28.27 10.68 -16.33
N ALA D 223 27.75 11.90 -16.38
CA ALA D 223 27.33 12.63 -15.17
C ALA D 223 26.19 11.99 -14.39
N GLY D 224 25.92 12.52 -13.19
CA GLY D 224 24.77 12.13 -12.39
C GLY D 224 23.49 12.77 -12.92
N PRO D 225 22.40 12.68 -12.15
CA PRO D 225 21.13 13.24 -12.60
C PRO D 225 21.12 14.77 -12.65
N ILE D 226 20.32 15.32 -13.57
CA ILE D 226 20.24 16.76 -13.75
C ILE D 226 19.35 17.34 -12.69
N VAL D 227 19.87 18.30 -11.93
CA VAL D 227 19.05 18.96 -10.90
C VAL D 227 18.20 20.05 -11.56
N VAL D 228 16.88 19.87 -11.56
CA VAL D 228 15.96 20.85 -12.13
C VAL D 228 15.14 21.43 -11.00
N HIS D 229 15.15 22.74 -10.84
CA HIS D 229 14.40 23.34 -9.76
C HIS D 229 13.71 24.62 -10.18
N CYS D 230 12.60 24.91 -9.51
CA CYS D 230 11.89 26.17 -9.68
C CYS D 230 11.63 26.80 -8.29
N SER D 231 10.38 26.90 -7.85
CA SER D 231 10.10 27.37 -6.48
C SER D 231 9.65 26.19 -5.66
N ALA D 232 8.54 25.58 -6.06
CA ALA D 232 7.97 24.42 -5.39
C ALA D 232 8.60 23.10 -5.82
N GLY D 233 9.25 23.09 -6.98
CA GLY D 233 9.85 21.85 -7.50
C GLY D 233 8.87 20.95 -8.24
N VAL D 234 7.69 21.49 -8.50
CA VAL D 234 6.70 20.87 -9.39
C VAL D 234 6.09 22.04 -10.17
N GLY D 235 5.88 21.87 -11.47
CA GLY D 235 5.25 22.92 -12.26
C GLY D 235 6.06 23.28 -13.48
N ARG D 236 6.89 24.31 -13.38
CA ARG D 236 7.80 24.60 -14.48
C ARG D 236 8.77 23.46 -14.61
N THR D 237 9.35 23.07 -13.47
CA THR D 237 10.25 21.92 -13.41
C THR D 237 9.63 20.67 -14.06
N GLY D 238 8.33 20.49 -13.88
CA GLY D 238 7.60 19.39 -14.51
C GLY D 238 7.41 19.54 -16.00
N THR D 239 6.89 20.69 -16.42
CA THR D 239 6.68 20.93 -17.84
C THR D 239 8.02 20.73 -18.61
N PHE D 240 9.11 21.14 -18.00
CA PHE D 240 10.44 20.97 -18.59
C PHE D 240 10.79 19.50 -18.76
N ILE D 241 10.68 18.73 -17.68
CA ILE D 241 11.00 17.30 -17.72
C ILE D 241 10.14 16.58 -18.76
N VAL D 242 8.84 16.89 -18.79
CA VAL D 242 7.94 16.26 -19.75
C VAL D 242 8.30 16.60 -21.19
N ILE D 243 8.57 17.87 -21.49
CA ILE D 243 8.95 18.25 -22.85
C ILE D 243 10.20 17.49 -23.35
N ASP D 244 11.17 17.28 -22.47
CA ASP D 244 12.37 16.47 -22.82
C ASP D 244 11.94 15.04 -23.09
N ALA D 245 11.28 14.41 -22.11
CA ALA D 245 10.82 13.03 -22.28
C ALA D 245 10.07 12.84 -23.61
N MET D 246 9.15 13.75 -23.90
CA MET D 246 8.29 13.62 -25.08
C MET D 246 9.02 13.87 -26.40
N MET D 247 10.02 14.74 -26.38
CA MET D 247 10.87 14.90 -27.54
C MET D 247 11.56 13.56 -27.83
N ALA D 248 12.04 12.90 -26.79
CA ALA D 248 12.62 11.55 -26.91
C ALA D 248 11.66 10.56 -27.56
N MET D 249 10.43 10.56 -27.04
CA MET D 249 9.41 9.63 -27.51
C MET D 249 9.11 9.85 -28.99
N MET D 250 9.04 11.11 -29.43
CA MET D 250 8.85 11.40 -30.86
C MET D 250 9.98 10.80 -31.65
N HIS D 251 11.19 11.14 -31.22
CA HIS D 251 12.39 10.72 -31.93
C HIS D 251 12.67 9.22 -31.89
N ALA D 252 11.85 8.47 -31.17
CA ALA D 252 11.99 7.02 -31.10
C ALA D 252 10.74 6.32 -31.61
N GLU D 253 9.59 6.62 -31.00
CA GLU D 253 8.34 5.91 -31.28
C GLU D 253 7.52 6.53 -32.43
N GLN D 254 7.85 7.77 -32.81
CA GLN D 254 7.06 8.54 -33.79
C GLN D 254 5.63 8.84 -33.29
N LYS D 255 5.43 8.72 -31.98
CA LYS D 255 4.20 9.08 -31.30
C LYS D 255 4.57 9.87 -30.04
N VAL D 256 3.58 10.53 -29.42
CA VAL D 256 3.79 11.27 -28.17
C VAL D 256 2.59 11.10 -27.22
N ASP D 257 2.82 10.54 -26.03
CA ASP D 257 1.77 10.25 -25.04
C ASP D 257 2.03 10.99 -23.71
N VAL D 258 1.68 12.26 -23.69
CA VAL D 258 1.88 13.11 -22.52
C VAL D 258 1.16 12.55 -21.29
N PHE D 259 -0.12 12.24 -21.45
CA PHE D 259 -0.94 11.81 -20.31
C PHE D 259 -0.38 10.60 -19.55
N GLU D 260 0.04 9.56 -20.27
CA GLU D 260 0.64 8.38 -19.65
C GLU D 260 1.93 8.75 -18.91
N PHE D 261 2.64 9.80 -19.36
CA PHE D 261 3.91 10.19 -18.75
C PHE D 261 3.73 11.06 -17.52
N VAL D 262 2.95 12.15 -17.64
CA VAL D 262 2.68 13.00 -16.48
C VAL D 262 2.13 12.12 -15.36
N SER D 263 1.24 11.20 -15.72
CA SER D 263 0.73 10.20 -14.78
C SER D 263 1.85 9.42 -14.11
N ARG D 264 2.83 8.97 -14.90
CA ARG D 264 3.95 8.20 -14.35
C ARG D 264 4.82 9.04 -13.39
N ILE D 265 5.23 10.23 -13.82
CA ILE D 265 6.15 11.04 -13.01
C ILE D 265 5.51 11.53 -11.71
N ARG D 266 4.18 11.62 -11.69
CA ARG D 266 3.47 12.03 -10.48
C ARG D 266 3.55 10.98 -9.38
N ASN D 267 3.65 9.71 -9.75
CA ASN D 267 3.90 8.66 -8.76
C ASN D 267 5.33 8.69 -8.21
N GLN D 268 6.15 9.63 -8.69
CA GLN D 268 7.47 9.89 -8.10
C GLN D 268 7.52 11.19 -7.33
N ARG D 269 6.81 12.18 -7.82
CA ARG D 269 6.71 13.43 -7.11
C ARG D 269 5.36 14.02 -7.43
N PRO D 270 4.45 14.06 -6.45
CA PRO D 270 3.09 14.51 -6.75
C PRO D 270 3.00 15.92 -7.39
N GLN D 271 1.85 16.20 -8.01
CA GLN D 271 1.49 17.54 -8.52
C GLN D 271 2.42 18.07 -9.60
N MET D 272 3.11 17.18 -10.31
CA MET D 272 4.23 17.59 -11.16
C MET D 272 3.95 18.79 -12.09
N VAL D 273 2.93 18.70 -12.95
CA VAL D 273 2.54 19.83 -13.80
C VAL D 273 1.41 20.54 -13.08
N GLN D 274 1.49 21.85 -12.86
CA GLN D 274 0.57 22.51 -11.92
C GLN D 274 -0.69 23.09 -12.53
N THR D 275 -0.53 23.87 -13.60
CA THR D 275 -1.64 24.56 -14.27
C THR D 275 -2.11 23.75 -15.49
N ASP D 276 -3.37 23.90 -15.89
CA ASP D 276 -3.84 23.43 -17.21
C ASP D 276 -3.06 24.15 -18.31
N MET D 277 -2.88 25.47 -18.13
CA MET D 277 -2.08 26.29 -19.05
C MET D 277 -0.64 25.75 -19.24
N GLN D 278 -0.12 25.06 -18.23
CA GLN D 278 1.19 24.40 -18.33
C GLN D 278 1.13 23.11 -19.14
N TYR D 279 0.07 22.34 -18.95
CA TYR D 279 -0.14 21.13 -19.71
C TYR D 279 -0.20 21.43 -21.20
N THR D 280 -1.07 22.36 -21.57
CA THR D 280 -1.26 22.71 -22.98
C THR D 280 0.03 23.25 -23.63
N PHE D 281 0.87 23.90 -22.83
CA PHE D 281 2.18 24.40 -23.29
C PHE D 281 3.12 23.29 -23.70
N ILE D 282 3.04 22.15 -23.00
CA ILE D 282 3.82 20.97 -23.36
C ILE D 282 3.49 20.57 -24.78
N TYR D 283 2.20 20.59 -25.11
CA TYR D 283 1.75 20.21 -26.44
C TYR D 283 2.20 21.20 -27.50
N GLN D 284 2.08 22.49 -27.23
CA GLN D 284 2.54 23.52 -28.18
C GLN D 284 4.01 23.35 -28.52
N ALA D 285 4.83 23.17 -27.49
CA ALA D 285 6.27 22.95 -27.65
C ALA D 285 6.52 21.73 -28.49
N LEU D 286 5.83 20.64 -28.19
CA LEU D 286 5.96 19.41 -28.96
C LEU D 286 5.59 19.61 -30.43
N LEU D 287 4.52 20.36 -30.70
CA LEU D 287 4.11 20.62 -32.08
C LEU D 287 5.15 21.46 -32.80
N GLU D 288 5.51 22.58 -32.21
CA GLU D 288 6.58 23.45 -32.72
C GLU D 288 7.82 22.63 -33.10
N TYR D 289 8.23 21.74 -32.19
CA TYR D 289 9.42 20.89 -32.38
C TYR D 289 9.25 19.85 -33.48
N TYR D 290 8.02 19.55 -33.86
CA TYR D 290 7.79 18.60 -34.92
C TYR D 290 7.71 19.35 -36.24
N LEU D 291 6.74 20.25 -36.36
CA LEU D 291 6.51 21.00 -37.60
C LEU D 291 7.80 21.69 -38.10
N TYR D 292 8.49 22.39 -37.22
CA TYR D 292 9.68 23.16 -37.60
C TYR D 292 11.00 22.53 -37.11
N GLY D 293 10.94 21.90 -35.95
CA GLY D 293 12.06 21.13 -35.41
C GLY D 293 13.43 21.48 -35.95
N ASP D 294 13.96 20.60 -36.78
CA ASP D 294 15.33 20.71 -37.26
C ASP D 294 15.49 21.68 -38.45
N THR D 295 15.79 22.94 -38.12
CA THR D 295 16.30 23.93 -39.07
C THR D 295 17.61 24.56 -38.57
N GLU D 296 18.06 24.20 -37.36
CA GLU D 296 19.38 24.61 -36.89
C GLU D 296 20.45 23.79 -37.61
N LEU D 297 21.65 24.34 -37.74
CA LEU D 297 22.77 23.62 -38.33
C LEU D 297 24.05 24.11 -37.67
N ASP D 298 25.09 23.29 -37.67
CA ASP D 298 26.39 23.68 -37.10
C ASP D 298 27.31 24.28 -38.17
N VAL D 299 28.13 25.25 -37.76
CA VAL D 299 29.00 25.98 -38.69
C VAL D 299 29.91 25.05 -39.49
N SER D 300 30.12 23.83 -38.99
CA SER D 300 30.81 22.76 -39.74
C SER D 300 30.11 22.47 -41.09
N SER D 301 28.79 22.21 -41.03
CA SER D 301 27.97 21.96 -42.22
C SER D 301 28.00 23.18 -43.16
N GLY D 320 13.76 24.25 -51.41
CA GLY D 320 14.17 23.93 -50.04
C GLY D 320 13.99 25.09 -49.08
N LEU D 321 14.49 26.24 -49.48
CA LEU D 321 14.28 27.50 -48.75
C LEU D 321 12.92 28.07 -49.13
N GLU D 322 12.51 27.87 -50.37
CA GLU D 322 11.22 28.32 -50.86
C GLU D 322 10.09 27.87 -49.93
N GLU D 323 10.11 26.59 -49.57
CA GLU D 323 9.10 26.00 -48.69
C GLU D 323 9.16 26.66 -47.30
N GLU D 324 10.36 26.77 -46.74
CA GLU D 324 10.52 27.45 -45.45
C GLU D 324 9.84 28.81 -45.45
N PHE D 325 10.23 29.66 -46.39
CA PHE D 325 9.74 31.03 -46.45
C PHE D 325 8.22 31.11 -46.56
N ARG D 326 7.60 30.17 -47.29
CA ARG D 326 6.13 30.12 -47.37
C ARG D 326 5.50 29.84 -45.97
N LYS D 327 6.22 29.09 -45.12
CA LYS D 327 5.78 28.85 -43.74
C LYS D 327 5.88 30.13 -42.91
N LEU D 328 6.94 30.92 -43.12
CA LEU D 328 7.09 32.23 -42.48
C LEU D 328 6.09 33.27 -43.00
N THR D 329 5.76 33.21 -44.28
CA THR D 329 4.73 34.05 -44.90
C THR D 329 3.32 33.65 -44.44
N ASN D 330 3.23 32.55 -43.68
CA ASN D 330 2.00 32.17 -43.00
C ASN D 330 2.06 32.41 -41.48
N VAL D 331 2.97 33.28 -41.05
CA VAL D 331 3.01 33.75 -39.66
C VAL D 331 2.00 34.89 -39.53
N ARG D 332 0.77 34.55 -39.13
CA ARG D 332 -0.34 35.52 -39.10
C ARG D 332 0.07 36.89 -38.54
N ILE D 333 -0.52 37.96 -39.10
CA ILE D 333 -0.28 39.33 -38.60
C ILE D 333 -1.39 39.70 -37.60
N MET D 334 -0.97 40.05 -36.38
CA MET D 334 -1.90 40.34 -35.27
C MET D 334 -2.71 41.62 -35.53
N LYS D 335 -3.74 41.49 -36.37
CA LYS D 335 -4.58 42.62 -36.76
C LYS D 335 -4.99 43.46 -35.54
N GLU D 336 -5.63 42.80 -34.57
CA GLU D 336 -6.19 43.47 -33.38
C GLU D 336 -5.12 44.04 -32.42
N ASN D 337 -3.87 43.63 -32.57
CA ASN D 337 -2.79 44.15 -31.74
C ASN D 337 -2.15 45.46 -32.26
N MET D 338 -2.62 45.99 -33.38
CA MET D 338 -2.01 47.16 -34.04
C MET D 338 -2.86 48.45 -33.96
N ARG D 339 -3.57 48.65 -32.87
CA ARG D 339 -4.46 49.81 -32.75
C ARG D 339 -3.68 51.12 -32.76
N THR D 340 -2.75 51.28 -31.81
CA THR D 340 -2.04 52.55 -31.63
C THR D 340 -1.78 53.25 -32.97
N GLY D 341 -1.15 52.54 -33.90
CA GLY D 341 -0.74 53.11 -35.19
C GLY D 341 -1.83 53.28 -36.23
N ASN D 342 -2.95 52.56 -36.07
CA ASN D 342 -4.07 52.65 -36.99
C ASN D 342 -5.06 53.78 -36.66
N LEU D 343 -4.85 54.45 -35.52
CA LEU D 343 -5.67 55.62 -35.15
C LEU D 343 -5.44 56.75 -36.18
N PRO D 344 -6.49 57.56 -36.45
CA PRO D 344 -6.48 58.51 -37.56
C PRO D 344 -5.31 59.47 -37.57
N ALA D 345 -5.05 60.11 -36.44
CA ALA D 345 -3.93 61.08 -36.32
C ALA D 345 -2.54 60.48 -36.63
N ASN D 346 -2.37 59.17 -36.37
CA ASN D 346 -1.09 58.49 -36.59
C ASN D 346 -0.96 57.80 -37.94
N MET D 347 -2.06 57.76 -38.71
CA MET D 347 -2.05 57.22 -40.06
C MET D 347 -1.07 58.02 -40.93
N LYS D 348 -1.11 59.34 -40.84
CA LYS D 348 -0.24 60.23 -41.60
C LYS D 348 1.27 59.97 -41.42
N LYS D 349 1.64 59.40 -40.28
CA LYS D 349 3.05 59.31 -39.85
C LYS D 349 3.76 58.04 -40.30
N ALA D 350 3.02 57.06 -40.81
CA ALA D 350 3.62 55.83 -41.29
C ALA D 350 3.81 55.90 -42.80
N ARG D 351 4.98 55.47 -43.30
CA ARG D 351 5.21 55.42 -44.76
C ARG D 351 4.38 54.35 -45.45
N VAL D 352 4.11 53.24 -44.75
CA VAL D 352 3.27 52.17 -45.26
C VAL D 352 2.30 51.73 -44.15
N ILE D 353 1.00 51.98 -44.36
CA ILE D 353 -0.03 51.62 -43.38
C ILE D 353 0.01 50.14 -42.95
N GLN D 354 0.49 49.26 -43.85
CA GLN D 354 0.56 47.82 -43.56
C GLN D 354 1.81 47.43 -42.75
N ILE D 355 2.82 48.29 -42.73
CA ILE D 355 4.03 48.08 -41.92
C ILE D 355 4.09 49.09 -40.78
N ILE D 356 3.44 48.72 -39.69
CA ILE D 356 3.21 49.57 -38.54
C ILE D 356 3.48 48.72 -37.29
N PRO D 357 3.89 49.36 -36.18
CA PRO D 357 4.28 48.57 -35.01
C PRO D 357 3.11 47.87 -34.30
N TYR D 358 3.36 46.67 -33.77
CA TYR D 358 2.40 46.03 -32.86
C TYR D 358 2.41 46.85 -31.59
N ASP D 359 1.25 46.99 -30.97
CA ASP D 359 1.08 47.84 -29.77
C ASP D 359 2.03 47.46 -28.62
N PHE D 360 2.38 46.18 -28.51
CA PHE D 360 3.09 45.65 -27.35
C PHE D 360 4.57 45.95 -27.30
N ASN D 361 5.23 46.08 -28.44
CA ASN D 361 6.65 46.41 -28.44
C ASN D 361 7.00 47.67 -29.23
N ARG D 362 6.07 48.62 -29.26
CA ARG D 362 6.32 49.88 -29.95
C ARG D 362 7.03 50.85 -29.03
N VAL D 363 7.67 51.86 -29.62
CA VAL D 363 8.51 52.78 -28.88
C VAL D 363 7.68 54.01 -28.50
N ILE D 364 7.19 54.04 -27.26
CA ILE D 364 6.37 55.15 -26.80
C ILE D 364 7.31 56.32 -26.46
N LEU D 365 6.87 57.55 -26.71
CA LEU D 365 7.63 58.78 -26.40
C LEU D 365 6.82 59.71 -25.49
N SER D 366 7.49 60.65 -24.84
CA SER D 366 6.82 61.60 -23.93
C SER D 366 5.83 62.52 -24.69
N MET D 367 4.63 62.72 -24.15
CA MET D 367 3.61 63.53 -24.83
C MET D 367 3.91 65.02 -24.71
N TYR D 373 -1.76 62.98 -29.47
CA TYR D 373 -1.19 61.78 -30.07
C TYR D 373 0.32 61.88 -30.33
N THR D 374 1.04 62.58 -29.46
CA THR D 374 2.51 62.74 -29.59
C THR D 374 3.29 61.51 -29.12
N ASP D 375 2.60 60.54 -28.52
CA ASP D 375 3.23 59.31 -28.06
C ASP D 375 3.79 58.41 -29.20
N TYR D 376 3.40 58.68 -30.44
CA TYR D 376 3.57 57.72 -31.55
C TYR D 376 4.71 58.00 -32.54
N ILE D 377 5.50 56.98 -32.80
CA ILE D 377 6.44 56.96 -33.92
C ILE D 377 6.39 55.55 -34.50
N ASN D 378 6.42 55.40 -35.81
CA ASN D 378 6.41 54.06 -36.42
C ASN D 378 7.74 53.36 -36.16
N ALA D 379 7.83 52.67 -35.02
CA ALA D 379 9.09 52.11 -34.54
C ALA D 379 8.88 50.97 -33.56
N SER D 380 9.65 49.89 -33.69
CA SER D 380 9.51 48.71 -32.82
C SER D 380 10.82 48.27 -32.16
N PHE D 381 10.77 47.99 -30.86
CA PHE D 381 11.87 47.34 -30.16
C PHE D 381 11.96 45.85 -30.52
N ILE D 382 13.13 45.43 -30.95
CA ILE D 382 13.34 44.07 -31.38
C ILE D 382 14.48 43.50 -30.57
N ASP D 383 14.29 42.28 -30.06
CA ASP D 383 15.27 41.60 -29.20
C ASP D 383 16.49 41.15 -29.98
N GLY D 384 17.67 41.29 -29.36
CA GLY D 384 18.93 40.82 -29.94
C GLY D 384 19.27 39.42 -29.46
N TYR D 385 20.51 38.98 -29.71
CA TYR D 385 20.95 37.67 -29.26
C TYR D 385 21.24 37.65 -27.77
N ARG D 386 21.78 38.74 -27.25
CA ARG D 386 22.21 38.80 -25.83
C ARG D 386 21.28 39.59 -24.90
N GLN D 387 20.54 40.55 -25.44
CA GLN D 387 19.61 41.30 -24.61
C GLN D 387 18.37 41.78 -25.36
N LYS D 388 17.24 41.82 -24.64
CA LYS D 388 15.97 42.29 -25.17
C LYS D 388 16.04 43.79 -25.49
N ASP D 389 15.22 44.23 -26.45
CA ASP D 389 15.12 45.65 -26.86
C ASP D 389 16.44 46.25 -27.30
N TYR D 390 17.16 45.52 -28.13
CA TYR D 390 18.51 45.90 -28.52
C TYR D 390 18.52 46.71 -29.80
N PHE D 391 17.47 46.59 -30.61
CA PHE D 391 17.34 47.37 -31.85
C PHE D 391 16.05 48.15 -31.83
N ILE D 392 16.09 49.39 -32.32
CA ILE D 392 14.88 50.10 -32.68
C ILE D 392 14.72 49.95 -34.17
N ALA D 393 13.77 49.13 -34.63
CA ALA D 393 13.49 49.02 -36.06
C ALA D 393 12.49 50.10 -36.44
N THR D 394 12.93 51.13 -37.13
CA THR D 394 12.03 52.23 -37.50
C THR D 394 11.96 52.41 -39.02
N GLN D 395 10.94 53.13 -39.46
CA GLN D 395 10.84 53.55 -40.85
C GLN D 395 11.83 54.69 -41.05
N GLY D 396 12.20 54.91 -42.31
CA GLY D 396 12.96 56.10 -42.69
C GLY D 396 12.09 57.32 -42.46
N PRO D 397 12.59 58.33 -41.72
CA PRO D 397 11.73 59.43 -41.28
C PRO D 397 11.11 60.21 -42.43
N LEU D 398 10.01 60.88 -42.14
CA LEU D 398 9.38 61.81 -43.07
C LEU D 398 9.70 63.24 -42.63
N ALA D 399 9.63 64.18 -43.56
CA ALA D 399 9.87 65.60 -43.27
C ALA D 399 9.02 66.14 -42.12
N HIS D 400 7.90 65.47 -41.86
CA HIS D 400 7.01 65.82 -40.76
C HIS D 400 7.08 64.77 -39.64
N THR D 401 8.21 64.09 -39.52
CA THR D 401 8.46 63.22 -38.37
C THR D 401 9.94 63.19 -37.98
N VAL D 402 10.72 64.17 -38.43
CA VAL D 402 12.12 64.29 -38.01
C VAL D 402 12.23 64.72 -36.55
N GLU D 403 11.37 65.64 -36.14
CA GLU D 403 11.30 66.07 -34.74
C GLU D 403 11.15 64.84 -33.83
N ASP D 404 10.18 63.99 -34.16
CA ASP D 404 9.89 62.76 -33.42
C ASP D 404 11.03 61.75 -33.49
N PHE D 405 11.66 61.66 -34.66
CA PHE D 405 12.77 60.75 -34.84
C PHE D 405 13.89 61.07 -33.84
N TRP D 406 14.35 62.31 -33.83
CA TRP D 406 15.43 62.72 -32.93
C TRP D 406 14.98 62.76 -31.48
N ARG D 407 13.69 62.95 -31.25
CA ARG D 407 13.17 62.74 -29.91
C ARG D 407 13.40 61.28 -29.50
N MET D 408 12.97 60.35 -30.33
CA MET D 408 13.12 58.94 -30.04
C MET D 408 14.59 58.60 -29.84
N ILE D 409 15.48 59.12 -30.68
CA ILE D 409 16.92 58.84 -30.52
C ILE D 409 17.40 59.31 -29.15
N TRP D 410 17.00 60.52 -28.76
CA TRP D 410 17.40 61.08 -27.49
C TRP D 410 16.72 60.42 -26.32
N GLU D 411 15.44 60.07 -26.49
CA GLU D 411 14.67 59.51 -25.39
C GLU D 411 15.10 58.08 -25.05
N TRP D 412 15.52 57.28 -26.01
CA TRP D 412 15.95 55.90 -25.70
C TRP D 412 17.46 55.70 -25.76
N LYS D 413 18.18 56.82 -25.70
CA LYS D 413 19.64 56.83 -25.58
C LYS D 413 20.26 55.94 -26.64
N SER D 414 19.78 56.10 -27.88
CA SER D 414 20.40 55.46 -29.02
C SER D 414 21.70 56.22 -29.32
N HIS D 415 22.78 55.47 -29.58
CA HIS D 415 24.08 56.05 -29.93
C HIS D 415 24.55 55.57 -31.29
N THR D 416 23.68 54.87 -32.01
CA THR D 416 24.08 54.22 -33.26
C THR D 416 22.88 54.22 -34.19
N ILE D 417 23.08 54.71 -35.40
CA ILE D 417 22.06 54.72 -36.45
C ILE D 417 22.60 53.91 -37.62
N VAL D 418 21.85 52.91 -38.08
CA VAL D 418 22.22 52.17 -39.30
C VAL D 418 21.20 52.50 -40.38
N MET D 419 21.66 53.08 -41.49
CA MET D 419 20.78 53.47 -42.59
C MET D 419 20.98 52.54 -43.78
N LEU D 420 19.94 51.83 -44.18
CA LEU D 420 20.07 50.81 -45.23
C LEU D 420 19.50 51.21 -46.60
N THR D 421 19.05 52.45 -46.75
CA THR D 421 18.64 52.97 -48.06
C THR D 421 19.47 54.17 -48.43
N GLU D 422 19.07 54.84 -49.48
CA GLU D 422 19.51 56.20 -49.72
C GLU D 422 18.29 57.12 -49.84
N VAL D 423 18.57 58.42 -49.93
CA VAL D 423 17.53 59.44 -49.84
C VAL D 423 16.51 59.29 -50.98
N GLN D 424 16.99 59.05 -52.20
CA GLN D 424 16.11 58.73 -53.31
C GLN D 424 16.59 57.46 -54.05
N GLU D 425 15.63 56.58 -54.39
CA GLU D 425 15.90 55.29 -55.06
C GLU D 425 14.78 54.92 -56.06
N ARG D 426 15.19 54.62 -57.29
CA ARG D 426 14.28 54.36 -58.42
C ARG D 426 13.36 55.57 -58.66
N GLU D 427 13.95 56.76 -58.62
CA GLU D 427 13.23 58.04 -58.84
C GLU D 427 12.24 58.42 -57.73
N GLN D 428 12.36 57.78 -56.56
CA GLN D 428 11.39 57.94 -55.46
C GLN D 428 12.05 58.41 -54.17
N ASP D 429 11.48 59.43 -53.54
CA ASP D 429 11.99 59.92 -52.26
C ASP D 429 11.72 58.89 -51.12
N LYS D 430 12.68 57.99 -50.88
CA LYS D 430 12.49 56.86 -49.94
C LYS D 430 12.86 57.14 -48.46
N CYS D 431 13.45 58.29 -48.16
CA CYS D 431 13.82 58.63 -46.80
C CYS D 431 14.29 60.08 -46.69
N TYR D 432 13.74 60.84 -45.75
CA TYR D 432 14.08 62.26 -45.62
C TYR D 432 15.47 62.41 -45.06
N GLN D 433 16.17 63.48 -45.42
CA GLN D 433 17.51 63.65 -44.90
C GLN D 433 17.43 64.33 -43.55
N TYR D 434 17.60 63.54 -42.50
CA TYR D 434 17.40 63.98 -41.12
C TYR D 434 18.65 64.55 -40.47
N TRP D 435 19.81 64.33 -41.10
CA TRP D 435 21.09 64.77 -40.55
C TRP D 435 21.63 65.93 -41.41
N PRO D 436 22.58 66.71 -40.87
CA PRO D 436 23.26 67.74 -41.63
C PRO D 436 24.60 67.24 -42.16
N THR D 437 24.89 67.55 -43.41
CA THR D 437 26.17 67.21 -44.02
C THR D 437 27.23 68.21 -43.58
N GLU D 438 26.88 69.49 -43.60
CA GLU D 438 27.83 70.59 -43.41
C GLU D 438 27.95 71.05 -41.96
N GLY D 439 26.98 71.81 -41.48
CA GLY D 439 27.11 72.49 -40.20
C GLY D 439 26.36 71.79 -39.10
N SER D 440 25.28 72.44 -38.67
CA SER D 440 24.35 71.89 -37.66
C SER D 440 22.92 72.22 -38.07
N VAL D 441 21.99 71.32 -37.75
CA VAL D 441 20.56 71.61 -37.88
C VAL D 441 19.93 71.46 -36.51
N THR D 442 18.84 72.19 -36.24
CA THR D 442 18.02 71.96 -35.05
C THR D 442 16.67 71.36 -35.48
N HIS D 443 16.34 70.18 -34.95
CA HIS D 443 15.05 69.54 -35.18
C HIS D 443 14.32 69.47 -33.85
N GLY D 444 13.68 70.58 -33.49
CA GLY D 444 12.97 70.71 -32.22
C GLY D 444 13.86 71.25 -31.12
N GLU D 445 13.90 70.53 -30.00
CA GLU D 445 14.79 70.86 -28.90
C GLU D 445 16.21 70.34 -29.22
N ILE D 446 16.27 69.31 -30.06
CA ILE D 446 17.52 68.63 -30.39
C ILE D 446 18.30 69.38 -31.49
N THR D 447 19.62 69.53 -31.30
CA THR D 447 20.49 70.18 -32.26
C THR D 447 21.57 69.19 -32.68
N ILE D 448 21.72 68.97 -33.99
CA ILE D 448 22.71 68.00 -34.50
C ILE D 448 23.84 68.74 -35.21
N GLU D 449 25.08 68.56 -34.74
CA GLU D 449 26.27 69.05 -35.48
C GLU D 449 27.06 67.84 -35.94
N ILE D 450 27.83 68.01 -37.02
CA ILE D 450 28.55 66.92 -37.66
C ILE D 450 30.03 67.11 -37.40
N LYS D 451 30.65 66.09 -36.81
CA LYS D 451 32.06 66.16 -36.40
C LYS D 451 32.98 65.54 -37.46
N ASN D 452 32.69 64.31 -37.88
CA ASN D 452 33.46 63.63 -38.94
C ASN D 452 32.50 62.88 -39.86
N ASP D 453 32.89 62.69 -41.12
CA ASP D 453 32.04 62.00 -42.11
C ASP D 453 32.85 61.32 -43.23
N THR D 454 33.61 60.27 -42.88
CA THR D 454 34.48 59.53 -43.82
C THR D 454 33.72 58.45 -44.63
N LEU D 455 33.87 58.47 -45.97
CA LEU D 455 33.26 57.46 -46.85
C LEU D 455 34.21 56.29 -47.06
N SER D 456 34.17 55.33 -46.13
CA SER D 456 34.96 54.09 -46.21
C SER D 456 34.45 53.19 -47.36
N GLU D 457 34.96 51.95 -47.43
CA GLU D 457 34.53 50.99 -48.46
C GLU D 457 33.04 50.65 -48.27
N ALA D 458 32.21 51.04 -49.25
CA ALA D 458 30.75 50.79 -49.22
C ALA D 458 30.00 51.64 -48.21
N ILE D 459 30.21 51.43 -46.91
CA ILE D 459 29.62 52.28 -45.85
C ILE D 459 30.27 53.65 -45.80
N SER D 460 29.49 54.65 -45.40
CA SER D 460 30.01 55.97 -45.03
C SER D 460 29.62 56.21 -43.59
N ILE D 461 30.59 56.60 -42.76
CA ILE D 461 30.39 56.65 -41.30
C ILE D 461 30.40 58.11 -40.84
N ARG D 462 29.29 58.58 -40.30
CA ARG D 462 29.21 59.96 -39.81
C ARG D 462 29.12 60.08 -38.29
N ASP D 463 29.72 61.15 -37.77
CA ASP D 463 29.79 61.39 -36.34
C ASP D 463 29.15 62.71 -36.00
N PHE D 464 28.18 62.68 -35.09
CA PHE D 464 27.44 63.85 -34.72
C PHE D 464 27.50 64.14 -33.23
N LEU D 465 27.58 65.42 -32.88
CA LEU D 465 27.27 65.88 -31.52
C LEU D 465 25.80 66.29 -31.47
N VAL D 466 24.99 65.53 -30.74
CA VAL D 466 23.58 65.84 -30.55
C VAL D 466 23.43 66.51 -29.20
N THR D 467 22.79 67.67 -29.14
CA THR D 467 22.57 68.40 -27.89
C THR D 467 21.07 68.61 -27.65
N LEU D 468 20.70 68.96 -26.42
CA LEU D 468 19.28 69.14 -26.10
C LEU D 468 18.96 70.54 -25.57
N ASN D 469 18.50 71.41 -26.47
CA ASN D 469 18.21 72.81 -26.18
C ASN D 469 16.90 73.00 -25.42
N GLY D 476 24.79 68.41 -16.91
CA GLY D 476 25.93 67.78 -17.58
C GLY D 476 25.54 66.78 -18.68
N GLU D 477 24.49 65.99 -18.44
CA GLU D 477 23.99 65.00 -19.42
C GLU D 477 23.19 65.62 -20.59
N GLN D 478 23.62 66.80 -21.05
CA GLN D 478 22.95 67.59 -22.10
C GLN D 478 23.40 67.28 -23.55
N VAL D 479 24.50 66.55 -23.70
CA VAL D 479 25.13 66.31 -25.00
C VAL D 479 25.62 64.85 -25.18
N ARG D 480 25.40 64.30 -26.35
CA ARG D 480 25.90 62.96 -26.70
C ARG D 480 26.62 63.00 -28.03
N VAL D 481 27.20 61.86 -28.40
CA VAL D 481 27.88 61.69 -29.67
C VAL D 481 27.31 60.44 -30.30
N VAL D 482 26.54 60.63 -31.37
CA VAL D 482 25.89 59.55 -32.09
C VAL D 482 26.63 59.26 -33.40
N ARG D 483 26.60 58.00 -33.81
CA ARG D 483 27.30 57.52 -34.99
C ARG D 483 26.28 56.92 -35.97
N GLN D 484 26.23 57.46 -37.19
CA GLN D 484 25.39 56.91 -38.25
C GLN D 484 26.25 56.09 -39.18
N PHE D 485 25.92 54.81 -39.34
CA PHE D 485 26.51 53.98 -40.40
C PHE D 485 25.54 53.93 -41.58
N HIS D 486 25.87 54.58 -42.69
CA HIS D 486 24.99 54.68 -43.85
C HIS D 486 25.47 53.74 -44.95
N PHE D 487 24.79 52.64 -45.15
CA PHE D 487 25.30 51.56 -46.01
C PHE D 487 24.88 51.72 -47.47
N HIS D 488 25.84 51.83 -48.38
CA HIS D 488 25.57 52.11 -49.80
C HIS D 488 25.52 50.86 -50.67
N GLY D 489 25.81 49.71 -50.08
CA GLY D 489 25.96 48.48 -50.86
C GLY D 489 24.68 47.70 -51.08
N TRP D 490 23.53 48.37 -50.97
CA TRP D 490 22.27 47.75 -51.30
C TRP D 490 21.78 48.21 -52.69
N PRO D 491 21.54 47.27 -53.61
CA PRO D 491 21.07 47.66 -54.94
C PRO D 491 19.68 48.30 -54.94
N GLU D 492 19.42 49.15 -55.93
CA GLU D 492 18.12 49.81 -56.08
C GLU D 492 17.01 48.77 -56.27
N ILE D 493 17.30 47.75 -57.08
CA ILE D 493 16.41 46.61 -57.26
C ILE D 493 17.13 45.35 -56.78
N GLY D 494 16.60 44.71 -55.75
CA GLY D 494 17.11 43.40 -55.32
C GLY D 494 18.13 43.44 -54.19
N ILE D 495 18.70 42.27 -53.91
CA ILE D 495 19.67 42.07 -52.83
C ILE D 495 21.11 42.23 -53.34
N PRO D 496 22.06 42.53 -52.42
CA PRO D 496 23.46 42.69 -52.87
C PRO D 496 24.08 41.37 -53.28
N ALA D 497 25.05 41.41 -54.19
CA ALA D 497 25.70 40.20 -54.70
C ALA D 497 26.71 39.64 -53.70
N GLU D 498 27.46 40.54 -53.06
CA GLU D 498 28.60 40.16 -52.24
C GLU D 498 28.21 39.49 -50.91
N GLY D 499 27.97 40.29 -49.88
CA GLY D 499 27.94 39.78 -48.50
C GLY D 499 29.17 40.19 -47.70
N LYS D 500 30.31 40.31 -48.36
CA LYS D 500 31.51 40.87 -47.73
C LYS D 500 31.23 42.26 -47.17
N GLY D 501 30.35 43.01 -47.83
CA GLY D 501 29.97 44.34 -47.37
C GLY D 501 29.03 44.28 -46.18
N MET D 502 28.11 43.33 -46.21
CA MET D 502 27.14 43.17 -45.13
C MET D 502 27.80 42.64 -43.87
N ILE D 503 28.72 41.70 -44.03
CA ILE D 503 29.47 41.21 -42.88
C ILE D 503 30.33 42.33 -42.30
N ASP D 504 30.94 43.11 -43.20
CA ASP D 504 31.81 44.21 -42.77
C ASP D 504 31.04 45.32 -42.05
N LEU D 505 29.75 45.46 -42.35
CA LEU D 505 28.90 46.44 -41.68
C LEU D 505 28.46 45.95 -40.30
N ILE D 506 28.02 44.70 -40.22
CA ILE D 506 27.58 44.13 -38.95
C ILE D 506 28.72 44.17 -37.94
N ALA D 507 29.91 43.86 -38.42
CA ALA D 507 31.10 43.89 -37.59
C ALA D 507 31.31 45.31 -37.03
N ALA D 508 31.39 46.26 -37.95
CA ALA D 508 31.60 47.68 -37.63
C ALA D 508 30.64 48.18 -36.57
N VAL D 509 29.36 47.90 -36.77
CA VAL D 509 28.33 48.30 -35.81
C VAL D 509 28.56 47.63 -34.44
N GLN D 510 29.03 46.39 -34.45
CA GLN D 510 29.29 45.69 -33.20
C GLN D 510 30.44 46.31 -32.40
N LYS D 511 31.54 46.68 -33.07
CA LYS D 511 32.65 47.38 -32.38
C LYS D 511 32.18 48.74 -31.86
N GLN D 512 31.43 49.49 -32.66
CA GLN D 512 30.87 50.76 -32.20
C GLN D 512 30.04 50.56 -30.94
N GLN D 513 29.20 49.53 -30.95
CA GLN D 513 28.34 49.24 -29.81
C GLN D 513 29.18 48.87 -28.57
N GLN D 514 30.19 48.00 -28.74
CA GLN D 514 31.04 47.57 -27.62
C GLN D 514 31.68 48.75 -26.91
N GLN D 515 32.02 49.79 -27.67
CA GLN D 515 32.74 50.95 -27.14
C GLN D 515 31.80 52.03 -26.61
N THR D 516 30.77 52.34 -27.39
CA THR D 516 29.71 53.25 -26.95
C THR D 516 28.94 52.60 -25.78
N GLY D 517 29.34 51.38 -25.44
CA GLY D 517 28.57 50.38 -24.66
C GLY D 517 27.28 50.74 -23.92
N ASN D 518 26.14 50.11 -24.20
CA ASN D 518 25.92 49.19 -25.33
C ASN D 518 24.40 49.28 -25.50
N HIS D 519 23.97 50.45 -25.97
CA HIS D 519 22.57 50.86 -25.92
C HIS D 519 21.83 50.32 -27.13
N PRO D 520 20.54 50.68 -27.32
CA PRO D 520 19.86 50.12 -28.48
C PRO D 520 20.32 50.80 -29.77
N ILE D 521 20.37 50.02 -30.85
CA ILE D 521 20.81 50.50 -32.17
C ILE D 521 19.58 50.84 -32.99
N THR D 522 19.53 52.05 -33.54
CA THR D 522 18.39 52.50 -34.35
C THR D 522 18.57 52.08 -35.80
N VAL D 523 18.09 50.88 -36.16
CA VAL D 523 18.13 50.44 -37.57
C VAL D 523 16.97 51.04 -38.35
N HIS D 524 17.20 51.44 -39.60
CA HIS D 524 16.10 51.87 -40.44
C HIS D 524 16.40 51.82 -41.91
N CYS D 525 15.34 51.96 -42.71
CA CYS D 525 15.43 51.98 -44.18
C CYS D 525 14.34 52.88 -44.76
N SER D 526 13.20 52.30 -45.13
CA SER D 526 12.08 53.08 -45.64
C SER D 526 10.74 52.50 -45.15
N ALA D 527 10.50 51.22 -45.46
CA ALA D 527 9.34 50.50 -44.93
C ALA D 527 9.43 50.30 -43.41
N GLY D 528 10.64 50.19 -42.88
CA GLY D 528 10.83 49.87 -41.48
C GLY D 528 10.81 48.38 -41.19
N ALA D 529 10.69 47.58 -42.25
CA ALA D 529 10.80 46.14 -42.20
C ALA D 529 11.09 45.66 -43.61
N GLY D 530 12.07 44.77 -43.75
CA GLY D 530 12.54 44.34 -45.06
C GLY D 530 14.04 44.21 -45.00
N ARG D 531 14.72 45.27 -45.42
CA ARG D 531 16.17 45.37 -45.22
C ARG D 531 16.51 45.42 -43.75
N THR D 532 15.83 46.31 -43.03
CA THR D 532 15.98 46.42 -41.59
C THR D 532 15.82 45.05 -40.92
N GLY D 533 14.89 44.25 -41.43
CA GLY D 533 14.68 42.90 -40.91
C GLY D 533 15.85 42.01 -41.20
N THR D 534 16.30 42.02 -42.45
CA THR D 534 17.48 41.28 -42.85
C THR D 534 18.69 41.67 -41.99
N PHE D 535 18.86 42.95 -41.69
CA PHE D 535 20.02 43.40 -40.90
C PHE D 535 19.98 42.87 -39.47
N ILE D 536 18.83 43.01 -38.83
CA ILE D 536 18.67 42.51 -37.48
C ILE D 536 18.69 40.99 -37.47
N ALA D 537 18.17 40.36 -38.51
CA ALA D 537 18.25 38.91 -38.65
C ALA D 537 19.71 38.47 -38.61
N LEU D 538 20.51 38.99 -39.54
CA LEU D 538 21.88 38.53 -39.68
C LEU D 538 22.74 38.95 -38.51
N SER D 539 22.51 40.15 -37.97
CA SER D 539 23.26 40.61 -36.79
C SER D 539 23.15 39.57 -35.70
N ASN D 540 21.95 39.10 -35.45
CA ASN D 540 21.71 38.02 -34.49
C ASN D 540 22.26 36.67 -34.96
N ILE D 541 21.81 36.24 -36.15
CA ILE D 541 22.22 34.95 -36.70
C ILE D 541 23.74 34.77 -36.58
N LEU D 542 24.50 35.78 -36.99
CA LEU D 542 25.96 35.74 -36.88
C LEU D 542 26.45 35.69 -35.42
N GLU D 543 26.13 36.70 -34.61
CA GLU D 543 26.54 36.70 -33.19
C GLU D 543 26.48 35.28 -32.60
N ARG D 544 25.38 34.57 -32.86
CA ARG D 544 25.17 33.22 -32.35
C ARG D 544 26.05 32.18 -33.04
N VAL D 545 26.22 32.30 -34.35
CA VAL D 545 27.11 31.39 -35.04
C VAL D 545 28.51 31.56 -34.45
N LYS D 546 28.92 32.80 -34.20
CA LYS D 546 30.20 33.08 -33.56
C LYS D 546 30.25 32.49 -32.14
N ALA D 547 29.16 32.61 -31.39
CA ALA D 547 29.14 32.17 -30.01
C ALA D 547 28.93 30.65 -29.88
N GLU D 548 27.84 30.13 -30.41
CA GLU D 548 27.44 28.74 -30.15
C GLU D 548 27.83 27.77 -31.27
N GLY D 549 28.17 28.31 -32.44
CA GLY D 549 28.45 27.47 -33.61
C GLY D 549 27.19 26.85 -34.20
N LEU D 550 26.07 27.53 -34.01
CA LEU D 550 24.78 27.04 -34.45
C LEU D 550 24.08 28.12 -35.23
N LEU D 551 23.11 27.71 -36.05
CA LEU D 551 22.60 28.56 -37.12
C LEU D 551 21.16 28.20 -37.49
N ASP D 552 20.19 28.93 -36.95
CA ASP D 552 18.78 28.72 -37.29
C ASP D 552 18.19 29.99 -37.88
N VAL D 553 18.29 30.10 -39.20
CA VAL D 553 17.77 31.25 -39.93
C VAL D 553 16.26 31.29 -39.82
N PHE D 554 15.63 30.13 -39.96
CA PHE D 554 14.18 30.05 -39.98
C PHE D 554 13.53 30.65 -38.73
N GLN D 555 14.05 30.27 -37.56
CA GLN D 555 13.48 30.70 -36.28
C GLN D 555 13.91 32.11 -35.95
N ALA D 556 15.09 32.49 -36.44
CA ALA D 556 15.57 33.84 -36.27
C ALA D 556 14.61 34.83 -36.93
N VAL D 557 14.18 34.52 -38.15
CA VAL D 557 13.30 35.40 -38.92
C VAL D 557 11.84 35.29 -38.44
N LYS D 558 11.43 34.09 -38.05
CA LYS D 558 10.10 33.92 -37.47
C LYS D 558 9.98 34.78 -36.22
N SER D 559 11.06 34.84 -35.43
CA SER D 559 11.07 35.64 -34.19
C SER D 559 10.97 37.11 -34.53
N LEU D 560 11.58 37.53 -35.64
CA LEU D 560 11.42 38.90 -36.11
C LEU D 560 9.97 39.21 -36.51
N ARG D 561 9.32 38.26 -37.18
CA ARG D 561 7.94 38.44 -37.63
C ARG D 561 6.91 38.54 -36.52
N LEU D 562 7.21 37.97 -35.35
CA LEU D 562 6.29 38.07 -34.23
C LEU D 562 6.45 39.43 -33.55
N GLN D 563 7.56 40.10 -33.80
CA GLN D 563 7.82 41.39 -33.16
C GLN D 563 7.37 42.57 -34.01
N ARG D 564 7.26 42.36 -35.32
CA ARG D 564 6.95 43.44 -36.24
C ARG D 564 6.60 42.84 -37.61
N PRO D 565 5.45 43.24 -38.20
CA PRO D 565 4.99 42.65 -39.45
C PRO D 565 5.93 42.87 -40.65
N HIS D 566 6.11 41.83 -41.46
CA HIS D 566 6.90 41.88 -42.70
C HIS D 566 8.38 42.18 -42.52
N MET D 567 8.97 41.64 -41.46
CA MET D 567 10.34 42.01 -41.11
C MET D 567 11.35 41.59 -42.18
N VAL D 568 11.66 40.31 -42.34
CA VAL D 568 12.28 39.85 -43.59
C VAL D 568 11.10 39.75 -44.53
N GLN D 569 11.22 40.37 -45.70
CA GLN D 569 10.05 40.63 -46.54
C GLN D 569 9.92 39.73 -47.77
N THR D 570 11.05 39.36 -48.37
CA THR D 570 11.08 38.76 -49.70
C THR D 570 11.98 37.52 -49.76
N LEU D 571 11.59 36.52 -50.56
CA LEU D 571 12.35 35.26 -50.67
C LEU D 571 13.84 35.46 -51.00
N GLU D 572 14.16 36.51 -51.75
CA GLU D 572 15.55 36.84 -52.04
C GLU D 572 16.29 37.31 -50.78
N GLN D 573 15.62 38.08 -49.92
CA GLN D 573 16.25 38.53 -48.67
C GLN D 573 16.50 37.33 -47.77
N TYR D 574 15.47 36.52 -47.58
CA TYR D 574 15.59 35.27 -46.83
C TYR D 574 16.76 34.39 -47.36
N GLU D 575 16.82 34.16 -48.66
CA GLU D 575 17.92 33.40 -49.27
C GLU D 575 19.26 34.14 -49.15
N PHE D 576 19.20 35.48 -49.02
CA PHE D 576 20.40 36.29 -48.84
C PHE D 576 20.98 36.07 -47.46
N CYS D 577 20.13 35.76 -46.49
CA CYS D 577 20.61 35.48 -45.14
C CYS D 577 21.49 34.24 -45.12
N TYR D 578 20.99 33.16 -45.73
CA TYR D 578 21.80 31.96 -45.93
C TYR D 578 23.03 32.28 -46.76
N LYS D 579 22.86 33.13 -47.77
CA LYS D 579 23.99 33.61 -48.57
C LYS D 579 25.08 34.23 -47.68
N VAL D 580 24.72 35.21 -46.86
CA VAL D 580 25.72 35.93 -46.04
C VAL D 580 26.36 34.97 -45.06
N VAL D 581 25.58 34.02 -44.54
CA VAL D 581 26.08 33.05 -43.57
C VAL D 581 27.15 32.10 -44.15
N GLN D 582 26.93 31.58 -45.37
CA GLN D 582 27.92 30.70 -46.02
C GLN D 582 29.22 31.46 -46.27
N ASP D 583 29.09 32.72 -46.70
CA ASP D 583 30.24 33.58 -46.92
C ASP D 583 30.94 33.93 -45.58
N PHE D 584 30.18 34.01 -44.48
CA PHE D 584 30.79 34.25 -43.16
C PHE D 584 31.57 33.03 -42.66
N ILE D 585 31.13 31.83 -43.01
CA ILE D 585 31.80 30.59 -42.61
C ILE D 585 33.15 30.34 -43.31
N ASP D 586 33.46 31.12 -44.35
CA ASP D 586 34.78 31.09 -45.02
C ASP D 586 35.56 32.41 -44.81
N LYS E 6 51.84 -30.53 -57.11
CA LYS E 6 52.66 -29.29 -56.94
C LYS E 6 52.88 -28.91 -55.44
N TYR E 7 51.83 -28.98 -54.64
CA TYR E 7 51.83 -28.43 -53.27
C TYR E 7 51.59 -29.51 -52.21
N PHE E 8 52.65 -29.89 -51.50
CA PHE E 8 52.55 -30.87 -50.41
C PHE E 8 52.45 -30.17 -49.05
N PRO E 9 52.07 -30.92 -47.99
CA PRO E 9 52.01 -30.32 -46.65
C PRO E 9 53.37 -29.84 -46.14
N ILE E 10 53.36 -28.72 -45.42
CA ILE E 10 54.58 -28.17 -44.83
C ILE E 10 54.67 -28.60 -43.37
N PRO E 11 55.75 -29.32 -43.00
CA PRO E 11 56.00 -29.57 -41.59
C PRO E 11 56.27 -28.25 -40.88
N VAL E 12 55.71 -28.08 -39.68
CA VAL E 12 55.87 -26.83 -38.93
C VAL E 12 57.35 -26.51 -38.70
N GLU E 13 58.16 -27.56 -38.57
CA GLU E 13 59.63 -27.42 -38.52
C GLU E 13 60.15 -26.48 -39.61
N HIS E 14 59.55 -26.53 -40.80
CA HIS E 14 60.01 -25.74 -41.95
C HIS E 14 59.09 -24.60 -42.35
N LEU E 15 58.14 -24.23 -41.49
CA LEU E 15 57.15 -23.23 -41.89
C LEU E 15 57.81 -21.87 -42.11
N GLU E 16 58.54 -21.38 -41.11
CA GLU E 16 59.19 -20.06 -41.18
C GLU E 16 59.98 -19.90 -42.48
N GLU E 17 60.75 -20.94 -42.85
CA GLU E 17 61.61 -20.90 -44.05
C GLU E 17 60.79 -20.83 -45.34
N GLU E 18 59.77 -21.69 -45.45
CA GLU E 18 58.93 -21.72 -46.65
C GLU E 18 58.16 -20.40 -46.85
N ILE E 19 57.83 -19.71 -45.76
CA ILE E 19 57.18 -18.38 -45.84
C ILE E 19 58.13 -17.38 -46.48
N ARG E 20 59.38 -17.37 -46.04
CA ARG E 20 60.40 -16.47 -46.59
C ARG E 20 60.55 -16.73 -48.09
N ILE E 21 60.69 -18.00 -48.46
CA ILE E 21 60.87 -18.42 -49.85
C ILE E 21 59.75 -17.93 -50.74
N ARG E 22 58.52 -17.97 -50.23
CA ARG E 22 57.36 -17.52 -51.00
C ARG E 22 57.15 -16.02 -50.79
N CYS E 27 55.54 -11.32 -53.58
CA CYS E 27 55.09 -12.58 -52.99
C CYS E 27 54.70 -13.57 -54.10
N LYS E 28 55.62 -13.77 -55.03
CA LYS E 28 55.38 -14.59 -56.23
C LYS E 28 54.84 -15.99 -55.91
N GLN E 29 55.65 -16.82 -55.25
CA GLN E 29 55.32 -18.24 -55.05
C GLN E 29 53.99 -18.44 -54.31
N PHE E 30 53.59 -17.48 -53.48
CA PHE E 30 52.23 -17.45 -52.91
C PHE E 30 51.23 -17.08 -53.98
N ARG E 31 51.49 -15.99 -54.70
CA ARG E 31 50.54 -15.51 -55.70
C ARG E 31 50.21 -16.65 -56.68
N GLU E 32 51.26 -17.37 -57.12
CA GLU E 32 51.10 -18.50 -58.04
C GLU E 32 50.36 -19.67 -57.40
N GLU E 33 50.67 -19.96 -56.14
CA GLU E 33 49.96 -21.03 -55.40
C GLU E 33 48.46 -20.73 -55.33
N PHE E 34 48.13 -19.51 -54.93
CA PHE E 34 46.74 -19.09 -54.82
C PHE E 34 45.99 -19.21 -56.13
N ASN E 35 46.68 -18.88 -57.23
CA ASN E 35 46.06 -18.92 -58.55
C ASN E 35 45.90 -20.33 -59.10
N SER E 36 46.41 -21.32 -58.38
CA SER E 36 46.24 -22.72 -58.77
C SER E 36 45.10 -23.42 -58.04
N LEU E 37 44.50 -22.74 -57.06
CA LEU E 37 43.34 -23.27 -56.36
C LEU E 37 42.18 -23.41 -57.35
N PRO E 38 41.39 -24.48 -57.25
CA PRO E 38 40.20 -24.52 -58.07
C PRO E 38 39.11 -23.60 -57.52
N SER E 39 38.44 -22.84 -58.39
CA SER E 39 37.21 -22.16 -58.03
C SER E 39 36.14 -23.21 -57.92
N GLY E 40 35.36 -23.21 -56.85
CA GLY E 40 34.39 -24.28 -56.63
C GLY E 40 33.20 -24.34 -57.59
N HIS E 41 33.47 -24.18 -58.89
CA HIS E 41 32.42 -23.99 -59.89
C HIS E 41 32.30 -25.17 -60.83
N ILE E 42 33.42 -25.75 -61.25
CA ILE E 42 33.39 -26.84 -62.23
C ILE E 42 32.64 -28.07 -61.72
N GLN E 43 32.90 -28.45 -60.47
CA GLN E 43 32.33 -29.67 -59.91
C GLN E 43 30.93 -29.48 -59.31
N GLY E 44 30.46 -28.24 -59.19
CA GLY E 44 29.20 -27.97 -58.46
C GLY E 44 27.94 -27.89 -59.31
N THR E 45 26.78 -27.77 -58.64
CA THR E 45 25.47 -27.48 -59.26
C THR E 45 24.84 -26.26 -58.59
N PHE E 46 24.09 -25.45 -59.33
CA PHE E 46 23.55 -24.21 -58.75
C PHE E 46 22.09 -23.95 -59.11
N GLU E 47 21.32 -25.03 -59.30
CA GLU E 47 19.92 -24.93 -59.75
C GLU E 47 19.09 -24.11 -58.75
N LEU E 48 19.13 -24.49 -57.48
CA LEU E 48 18.24 -23.89 -56.48
C LEU E 48 18.59 -22.42 -56.21
N ALA E 49 19.87 -22.07 -56.27
CA ALA E 49 20.30 -20.70 -55.99
C ALA E 49 19.83 -19.69 -57.04
N ASN E 50 19.69 -20.14 -58.28
CA ASN E 50 19.31 -19.26 -59.38
C ASN E 50 17.80 -19.22 -59.70
N LYS E 51 16.98 -19.93 -58.93
CA LYS E 51 15.53 -19.87 -59.12
C LYS E 51 15.04 -18.42 -59.10
N GLU E 52 14.11 -18.08 -59.99
CA GLU E 52 13.57 -16.71 -60.05
C GLU E 52 13.17 -16.27 -58.64
N GLU E 53 12.35 -17.08 -57.99
CA GLU E 53 11.90 -16.82 -56.62
C GLU E 53 13.06 -16.41 -55.69
N ASN E 54 14.20 -17.08 -55.81
CA ASN E 54 15.34 -16.86 -54.92
C ASN E 54 16.32 -15.74 -55.34
N ARG E 55 16.09 -15.12 -56.50
CA ARG E 55 17.00 -14.09 -57.00
C ARG E 55 17.23 -12.95 -56.00
N GLU E 56 16.14 -12.43 -55.44
CA GLU E 56 16.20 -11.29 -54.53
C GLU E 56 16.78 -11.61 -53.16
N LYS E 57 17.05 -12.89 -52.91
CA LYS E 57 17.57 -13.35 -51.63
C LYS E 57 19.09 -13.40 -51.58
N ASN E 58 19.76 -13.26 -52.72
CA ASN E 58 21.21 -13.25 -52.78
C ASN E 58 21.73 -11.81 -52.90
N ARG E 59 22.77 -11.50 -52.16
CA ARG E 59 23.31 -10.14 -52.16
C ARG E 59 24.16 -9.94 -53.40
N TYR E 60 25.02 -10.91 -53.69
CA TYR E 60 25.89 -10.91 -54.87
C TYR E 60 25.54 -12.13 -55.73
N PRO E 61 25.14 -11.89 -56.98
CA PRO E 61 24.62 -12.98 -57.80
C PRO E 61 25.69 -13.92 -58.36
N ASN E 62 26.97 -13.59 -58.20
CA ASN E 62 28.05 -14.50 -58.62
C ASN E 62 28.53 -15.40 -57.48
N ILE E 63 28.17 -15.04 -56.25
CA ILE E 63 28.61 -15.77 -55.06
C ILE E 63 27.40 -16.52 -54.49
N LEU E 64 27.27 -17.78 -54.91
CA LEU E 64 26.07 -18.56 -54.66
C LEU E 64 26.44 -19.93 -54.13
N PRO E 65 25.63 -20.49 -53.23
CA PRO E 65 25.92 -21.81 -52.71
C PRO E 65 25.58 -22.87 -53.75
N ASN E 66 26.39 -23.92 -53.82
CA ASN E 66 26.03 -25.07 -54.66
C ASN E 66 24.90 -25.83 -53.99
N ASP E 67 24.25 -26.70 -54.76
CA ASP E 67 23.05 -27.37 -54.27
C ASP E 67 23.39 -28.39 -53.17
N HIS E 68 24.58 -28.98 -53.23
CA HIS E 68 24.90 -30.14 -52.39
C HIS E 68 25.14 -29.80 -50.93
N SER E 69 25.88 -28.72 -50.69
CA SER E 69 26.23 -28.31 -49.33
C SER E 69 25.41 -27.12 -48.85
N ARG E 70 24.38 -26.77 -49.60
CA ARG E 70 23.47 -25.69 -49.25
C ARG E 70 22.82 -25.98 -47.91
N VAL E 71 22.73 -24.96 -47.05
CA VAL E 71 21.89 -25.06 -45.86
C VAL E 71 20.45 -24.96 -46.31
N ILE E 72 19.63 -25.94 -45.92
CA ILE E 72 18.22 -26.00 -46.36
C ILE E 72 17.30 -25.76 -45.17
N LEU E 73 16.53 -24.69 -45.25
CA LEU E 73 15.56 -24.35 -44.21
C LEU E 73 14.31 -25.21 -44.36
N SER E 74 13.59 -25.40 -43.26
CA SER E 74 12.31 -26.11 -43.27
C SER E 74 11.31 -25.30 -44.10
N GLN E 75 10.47 -25.99 -44.89
CA GLN E 75 9.53 -25.33 -45.80
C GLN E 75 8.47 -24.51 -45.06
N LEU E 76 8.53 -23.18 -45.19
CA LEU E 76 7.60 -22.26 -44.51
C LEU E 76 6.49 -21.82 -45.47
N GLY E 78 3.09 -22.20 -46.15
CA GLY E 78 2.79 -22.52 -47.56
C GLY E 78 3.29 -21.54 -48.60
N ILE E 79 4.42 -20.88 -48.33
CA ILE E 79 5.05 -19.92 -49.24
C ILE E 79 6.08 -20.64 -50.14
N PRO E 80 5.94 -20.53 -51.47
CA PRO E 80 6.79 -21.24 -52.42
C PRO E 80 8.25 -20.78 -52.41
N CYS E 81 9.16 -21.72 -52.67
CA CYS E 81 10.61 -21.45 -52.63
C CYS E 81 11.10 -20.90 -51.26
N SER E 82 10.42 -21.32 -50.19
CA SER E 82 10.76 -20.92 -48.81
C SER E 82 11.89 -21.78 -48.21
N ASP E 83 12.41 -22.70 -49.02
CA ASP E 83 13.44 -23.64 -48.61
C ASP E 83 14.80 -22.98 -48.41
N TYR E 84 15.02 -21.84 -49.07
CA TYR E 84 16.37 -21.38 -49.42
C TYR E 84 16.96 -20.24 -48.59
N ILE E 85 18.27 -20.36 -48.33
CA ILE E 85 19.07 -19.30 -47.77
C ILE E 85 20.47 -19.40 -48.38
N ASN E 86 21.11 -18.26 -48.53
CA ASN E 86 22.46 -18.20 -49.06
C ASN E 86 23.47 -18.51 -47.97
N ALA E 87 23.65 -19.79 -47.72
CA ALA E 87 24.59 -20.28 -46.72
C ALA E 87 24.92 -21.72 -47.05
N SER E 88 26.12 -22.17 -46.68
CA SER E 88 26.50 -23.55 -46.92
C SER E 88 27.32 -24.14 -45.78
N TYR E 89 27.18 -25.44 -45.59
CA TYR E 89 27.98 -26.18 -44.60
C TYR E 89 29.42 -26.27 -45.04
N ILE E 90 30.34 -26.04 -44.11
CA ILE E 90 31.77 -26.13 -44.40
C ILE E 90 32.42 -26.94 -43.31
N ASP E 91 33.27 -27.88 -43.70
CA ASP E 91 33.91 -28.79 -42.74
C ASP E 91 35.11 -28.13 -42.07
N GLY E 92 35.45 -28.63 -40.88
CA GLY E 92 36.65 -28.20 -40.18
C GLY E 92 37.68 -29.29 -40.38
N TYR E 93 38.85 -29.12 -39.76
CA TYR E 93 39.83 -30.19 -39.77
C TYR E 93 39.23 -31.36 -38.99
N LYS E 94 39.10 -32.51 -39.67
CA LYS E 94 38.49 -33.72 -39.11
C LYS E 94 37.17 -33.46 -38.34
N GLU E 95 36.27 -32.66 -38.92
CA GLU E 95 34.92 -32.45 -38.36
C GLU E 95 33.92 -32.02 -39.45
N LYS E 96 33.11 -32.95 -39.93
CA LYS E 96 32.09 -32.65 -40.93
C LYS E 96 31.15 -31.57 -40.38
N ASN E 97 30.90 -30.54 -41.19
CA ASN E 97 29.92 -29.49 -40.91
C ASN E 97 30.18 -28.72 -39.61
N LYS E 98 31.43 -28.37 -39.36
CA LYS E 98 31.78 -27.58 -38.18
C LYS E 98 31.18 -26.18 -38.29
N PHE E 99 31.14 -25.62 -39.49
CA PHE E 99 30.70 -24.24 -39.68
C PHE E 99 29.55 -24.14 -40.67
N ILE E 100 28.87 -22.99 -40.64
CA ILE E 100 28.01 -22.54 -41.74
C ILE E 100 28.56 -21.23 -42.24
N ALA E 101 29.03 -21.22 -43.48
CA ALA E 101 29.48 -19.98 -44.10
C ALA E 101 28.24 -19.36 -44.72
N ALA E 102 27.81 -18.23 -44.20
CA ALA E 102 26.57 -17.62 -44.64
C ALA E 102 26.81 -16.22 -45.11
N GLN E 103 26.03 -15.75 -46.08
CA GLN E 103 26.13 -14.36 -46.49
C GLN E 103 25.48 -13.55 -45.39
N GLY E 104 26.01 -12.36 -45.17
CA GLY E 104 25.46 -11.44 -44.18
C GLY E 104 24.06 -11.06 -44.63
N PRO E 105 23.06 -11.23 -43.76
CA PRO E 105 21.67 -11.07 -44.16
C PRO E 105 21.31 -9.66 -44.57
N LYS E 106 20.29 -9.55 -45.42
CA LYS E 106 19.74 -8.24 -45.81
C LYS E 106 18.28 -8.14 -45.37
N GLN E 107 17.74 -6.93 -45.32
CA GLN E 107 16.38 -6.69 -44.80
C GLN E 107 15.47 -7.88 -45.12
N GLU E 108 15.47 -8.27 -46.40
CA GLU E 108 14.58 -9.30 -46.93
C GLU E 108 14.90 -10.73 -46.49
N THR E 109 16.07 -10.96 -45.91
CA THR E 109 16.45 -12.30 -45.46
C THR E 109 16.82 -12.38 -43.97
N VAL E 110 16.55 -11.33 -43.20
CA VAL E 110 16.90 -11.31 -41.78
C VAL E 110 16.14 -12.38 -41.04
N ASN E 111 14.87 -12.55 -41.40
CA ASN E 111 14.03 -13.52 -40.73
C ASN E 111 14.47 -14.94 -41.06
N ASP E 112 14.74 -15.17 -42.34
CA ASP E 112 15.23 -16.46 -42.82
C ASP E 112 16.56 -16.80 -42.13
N PHE E 113 17.34 -15.77 -41.83
CA PHE E 113 18.63 -15.94 -41.15
C PHE E 113 18.45 -16.53 -39.76
N TRP E 114 17.51 -15.98 -39.00
CA TRP E 114 17.29 -16.45 -37.63
C TRP E 114 16.64 -17.84 -37.60
N ARG E 115 15.84 -18.14 -38.60
CA ARG E 115 15.26 -19.46 -38.69
C ARG E 115 16.33 -20.52 -38.93
N MET E 116 17.39 -20.15 -39.65
CA MET E 116 18.54 -21.01 -39.83
C MET E 116 19.22 -21.23 -38.49
N VAL E 117 19.54 -20.14 -37.80
CA VAL E 117 20.22 -20.22 -36.50
C VAL E 117 19.41 -21.11 -35.57
N TRP E 118 18.09 -20.98 -35.64
CA TRP E 118 17.21 -21.78 -34.79
C TRP E 118 17.16 -23.23 -35.24
N GLU E 119 16.85 -23.46 -36.52
CA GLU E 119 16.69 -24.83 -37.01
C GLU E 119 17.98 -25.62 -36.95
N GLN E 120 19.11 -24.95 -37.08
CA GLN E 120 20.40 -25.62 -37.06
C GLN E 120 20.97 -25.80 -35.65
N LYS E 121 20.29 -25.26 -34.64
CA LYS E 121 20.70 -25.43 -33.24
C LYS E 121 22.05 -24.75 -32.93
N SER E 122 22.35 -23.68 -33.66
CA SER E 122 23.61 -22.96 -33.49
C SER E 122 23.62 -22.16 -32.20
N ALA E 123 24.78 -22.13 -31.56
CA ALA E 123 25.00 -21.38 -30.34
C ALA E 123 25.82 -20.12 -30.59
N THR E 124 26.50 -20.05 -31.73
CA THR E 124 27.49 -18.99 -31.98
C THR E 124 27.40 -18.39 -33.41
N ILE E 125 27.37 -17.06 -33.47
CA ILE E 125 27.44 -16.36 -34.74
C ILE E 125 28.74 -15.58 -34.73
N VAL E 126 29.53 -15.72 -35.80
CA VAL E 126 30.78 -14.98 -35.95
C VAL E 126 30.62 -13.96 -37.09
N MET E 127 30.57 -12.69 -36.73
CA MET E 127 30.40 -11.63 -37.72
C MET E 127 31.74 -10.95 -38.03
N LEU E 128 32.22 -11.16 -39.26
CA LEU E 128 33.55 -10.70 -39.66
C LEU E 128 33.49 -9.42 -40.48
N THR E 129 32.36 -8.73 -40.44
CA THR E 129 32.14 -7.50 -41.20
C THR E 129 31.62 -6.38 -40.30
N ASN E 130 31.78 -5.13 -40.70
CA ASN E 130 30.99 -4.08 -40.10
C ASN E 130 29.75 -3.89 -40.94
N LEU E 131 28.78 -3.14 -40.46
CA LEU E 131 27.52 -3.01 -41.19
C LEU E 131 27.74 -2.24 -42.51
N LYS E 132 28.23 -1.01 -42.39
CA LYS E 132 28.61 -0.22 -43.56
C LYS E 132 30.14 -0.08 -43.58
N GLU E 133 30.71 -0.15 -44.78
CA GLU E 133 32.13 0.09 -45.02
C GLU E 133 32.19 1.19 -46.06
N ARG E 134 32.92 2.27 -45.75
CA ARG E 134 33.04 3.44 -46.63
C ARG E 134 31.69 3.90 -47.19
N LYS E 135 30.68 3.92 -46.33
CA LYS E 135 29.34 4.39 -46.70
C LYS E 135 28.67 3.50 -47.76
N GLU E 136 28.78 2.18 -47.60
CA GLU E 136 28.10 1.24 -48.51
C GLU E 136 27.70 -0.05 -47.78
N GLU E 137 26.39 -0.31 -47.69
CA GLU E 137 25.87 -1.27 -46.70
C GLU E 137 26.33 -2.69 -47.00
N LYS E 138 27.31 -3.17 -46.25
CA LYS E 138 27.86 -4.50 -46.50
C LYS E 138 27.08 -5.61 -45.78
N CYS E 139 26.24 -5.23 -44.81
CA CYS E 139 25.40 -6.20 -44.08
C CYS E 139 24.34 -5.50 -43.23
N HIS E 140 23.10 -6.02 -43.26
CA HIS E 140 21.97 -5.42 -42.57
C HIS E 140 21.90 -5.87 -41.13
N GLN E 141 21.64 -4.93 -40.22
CA GLN E 141 21.63 -5.25 -38.78
C GLN E 141 20.47 -6.18 -38.45
N TYR E 142 20.78 -7.34 -37.88
CA TYR E 142 19.79 -8.39 -37.69
C TYR E 142 19.53 -8.66 -36.21
N TRP E 143 19.85 -7.71 -35.35
CA TRP E 143 19.68 -7.88 -33.91
C TRP E 143 19.22 -6.56 -33.28
N PRO E 144 18.42 -6.64 -32.22
CA PRO E 144 17.94 -5.44 -31.56
C PRO E 144 19.05 -4.69 -30.86
N ASP E 145 19.02 -3.36 -30.91
CA ASP E 145 20.02 -2.57 -30.21
C ASP E 145 19.73 -2.66 -28.70
N GLN E 146 18.54 -2.23 -28.31
CA GLN E 146 18.03 -2.37 -26.95
C GLN E 146 16.85 -3.35 -26.96
N GLY E 147 16.67 -4.07 -25.86
CA GLY E 147 15.45 -4.86 -25.66
C GLY E 147 15.28 -6.04 -26.59
N CYS E 148 14.08 -6.17 -27.16
CA CYS E 148 13.68 -7.35 -27.93
C CYS E 148 13.07 -7.03 -29.27
N TRP E 149 12.97 -8.06 -30.11
CA TRP E 149 12.34 -7.94 -31.40
C TRP E 149 11.96 -9.30 -31.94
N THR E 150 10.72 -9.44 -32.41
CA THR E 150 10.26 -10.69 -33.04
C THR E 150 10.62 -10.64 -34.53
N TYR E 151 11.58 -11.45 -34.95
CA TYR E 151 11.93 -11.62 -36.36
C TYR E 151 11.22 -12.86 -36.92
N GLY E 152 10.01 -12.65 -37.41
CA GLY E 152 9.19 -13.76 -37.91
C GLY E 152 8.55 -14.50 -36.76
N ASN E 153 8.85 -15.80 -36.64
CA ASN E 153 8.39 -16.57 -35.48
C ASN E 153 9.50 -16.74 -34.42
N ILE E 154 10.56 -15.91 -34.50
CA ILE E 154 11.68 -16.00 -33.55
C ILE E 154 11.93 -14.66 -32.84
N ARG E 155 11.76 -14.62 -31.52
CA ARG E 155 11.98 -13.41 -30.73
C ARG E 155 13.40 -13.40 -30.20
N VAL E 156 14.19 -12.43 -30.66
CA VAL E 156 15.56 -12.24 -30.18
C VAL E 156 15.59 -11.14 -29.12
N CYS E 157 16.43 -11.31 -28.10
CA CYS E 157 16.59 -10.30 -27.03
C CYS E 157 18.03 -10.12 -26.59
N VAL E 158 18.44 -8.86 -26.47
CA VAL E 158 19.81 -8.55 -26.05
C VAL E 158 19.93 -8.70 -24.55
N GLU E 159 20.86 -9.56 -24.13
CA GLU E 159 21.13 -9.77 -22.71
C GLU E 159 22.44 -9.12 -22.28
N ASP E 160 23.44 -9.05 -23.17
CA ASP E 160 24.69 -8.31 -22.89
C ASP E 160 25.41 -7.91 -24.17
N CYS E 161 26.11 -6.77 -24.14
CA CYS E 161 27.08 -6.36 -25.20
C CYS E 161 28.38 -5.94 -24.51
N VAL E 162 29.50 -6.60 -24.84
CA VAL E 162 30.80 -6.19 -24.32
C VAL E 162 31.70 -5.71 -25.46
N VAL E 163 32.12 -4.44 -25.42
CA VAL E 163 32.92 -3.86 -26.49
C VAL E 163 34.38 -3.76 -26.11
N LEU E 164 35.18 -4.66 -26.69
CA LEU E 164 36.63 -4.60 -26.55
C LEU E 164 37.20 -3.96 -27.80
N VAL E 165 38.51 -3.72 -27.81
CA VAL E 165 39.14 -2.95 -28.88
C VAL E 165 39.14 -3.65 -30.22
N ASP E 166 39.43 -4.94 -30.26
CA ASP E 166 39.53 -5.64 -31.55
C ASP E 166 38.21 -6.31 -32.00
N TYR E 167 37.29 -6.53 -31.05
CA TYR E 167 36.00 -7.17 -31.34
C TYR E 167 34.99 -6.84 -30.23
N THR E 168 33.70 -6.96 -30.54
CA THR E 168 32.67 -6.85 -29.50
C THR E 168 31.85 -8.13 -29.46
N ILE E 169 31.22 -8.37 -28.31
CA ILE E 169 30.64 -9.67 -27.98
C ILE E 169 29.22 -9.47 -27.45
N ARG E 170 28.24 -10.10 -28.11
CA ARG E 170 26.84 -9.87 -27.78
C ARG E 170 26.12 -11.16 -27.43
N LYS E 171 25.33 -11.13 -26.34
CA LYS E 171 24.68 -12.32 -25.86
C LYS E 171 23.18 -12.20 -26.11
N PHE E 172 22.64 -13.09 -26.93
CA PHE E 172 21.23 -13.04 -27.28
C PHE E 172 20.49 -14.19 -26.65
N CYS E 173 19.20 -13.98 -26.47
CA CYS E 173 18.33 -14.99 -25.98
C CYS E 173 17.19 -15.15 -26.97
N ILE E 174 17.29 -16.16 -27.83
CA ILE E 174 16.31 -16.36 -28.90
C ILE E 174 15.32 -17.44 -28.54
N GLN E 175 14.09 -17.28 -29.05
CA GLN E 175 12.98 -18.18 -28.73
C GLN E 175 11.81 -17.89 -29.66
N PRO E 176 11.07 -18.94 -30.07
CA PRO E 176 9.82 -18.70 -30.78
C PRO E 176 8.64 -18.40 -29.86
N LYS E 183 10.23 -25.14 -27.59
CA LYS E 183 9.77 -24.34 -26.44
C LYS E 183 10.94 -23.69 -25.66
N ALA E 184 11.97 -24.48 -25.35
CA ALA E 184 13.09 -24.02 -24.53
C ALA E 184 13.81 -22.81 -25.14
N PRO E 185 13.85 -21.66 -24.43
CA PRO E 185 14.62 -20.56 -24.99
C PRO E 185 16.08 -20.94 -25.00
N ARG E 186 16.84 -20.27 -25.85
CA ARG E 186 18.22 -20.63 -26.13
C ARG E 186 19.11 -19.39 -26.15
N LEU E 187 20.35 -19.55 -25.72
CA LEU E 187 21.30 -18.46 -25.69
C LEU E 187 22.25 -18.53 -26.89
N VAL E 188 22.22 -17.49 -27.73
CA VAL E 188 23.16 -17.38 -28.84
C VAL E 188 24.12 -16.22 -28.57
N SER E 189 25.42 -16.50 -28.66
CA SER E 189 26.43 -15.48 -28.47
C SER E 189 27.05 -15.11 -29.82
N GLN E 190 26.98 -13.81 -30.13
CA GLN E 190 27.52 -13.24 -31.36
C GLN E 190 28.88 -12.66 -31.07
N LEU E 191 29.88 -13.04 -31.87
CA LEU E 191 31.21 -12.49 -31.77
C LEU E 191 31.46 -11.67 -33.01
N HIS E 192 31.59 -10.36 -32.83
CA HIS E 192 31.65 -9.42 -33.94
C HIS E 192 33.04 -8.79 -34.06
N PHE E 193 33.83 -9.21 -35.05
CA PHE E 193 35.18 -8.67 -35.24
C PHE E 193 35.15 -7.30 -35.92
N THR E 194 35.47 -6.27 -35.16
CA THR E 194 35.37 -4.89 -35.62
C THR E 194 36.63 -4.40 -36.32
N SER E 195 37.78 -4.98 -35.98
CA SER E 195 39.10 -4.46 -36.34
C SER E 195 39.46 -4.61 -37.83
N TRP E 196 38.77 -5.48 -38.56
CA TRP E 196 39.17 -5.79 -39.95
C TRP E 196 39.08 -4.58 -40.87
N PRO E 197 40.21 -4.16 -41.45
CA PRO E 197 40.24 -2.90 -42.18
C PRO E 197 39.41 -2.92 -43.47
N ASP E 198 39.08 -1.72 -43.97
CA ASP E 198 38.15 -1.56 -45.09
C ASP E 198 38.72 -2.24 -46.34
N PHE E 199 39.90 -1.77 -46.72
CA PHE E 199 40.71 -2.33 -47.79
C PHE E 199 41.88 -3.13 -47.17
N GLY E 200 42.16 -4.30 -47.75
CA GLY E 200 43.31 -5.11 -47.34
C GLY E 200 42.98 -6.14 -46.27
N VAL E 201 44.02 -6.79 -45.76
CA VAL E 201 43.92 -7.63 -44.55
C VAL E 201 44.52 -6.89 -43.36
N PRO E 202 44.22 -7.36 -42.16
CA PRO E 202 44.74 -6.71 -40.98
C PRO E 202 46.24 -6.81 -40.90
N PHE E 203 46.76 -6.25 -39.84
CA PHE E 203 48.10 -5.70 -39.80
C PHE E 203 48.94 -6.77 -39.10
N THR E 204 48.83 -6.88 -37.77
CA THR E 204 49.27 -8.07 -37.06
C THR E 204 48.13 -9.07 -37.21
N PRO E 205 48.38 -10.36 -36.99
CA PRO E 205 47.24 -11.29 -36.85
C PRO E 205 46.93 -11.67 -35.40
N ILE E 206 47.62 -11.06 -34.43
CA ILE E 206 47.42 -11.36 -32.98
C ILE E 206 45.94 -11.24 -32.64
N GLY E 207 45.34 -10.13 -33.01
CA GLY E 207 43.91 -9.89 -32.74
C GLY E 207 43.01 -10.98 -33.28
N MET E 208 43.28 -11.41 -34.50
CA MET E 208 42.49 -12.48 -35.11
C MET E 208 42.71 -13.83 -34.44
N LEU E 209 43.92 -14.09 -33.95
CA LEU E 209 44.17 -15.34 -33.26
C LEU E 209 43.47 -15.33 -31.89
N LYS E 210 43.53 -14.20 -31.17
CA LYS E 210 42.87 -14.06 -29.87
C LYS E 210 41.35 -14.20 -30.02
N PHE E 211 40.82 -13.56 -31.06
CA PHE E 211 39.39 -13.65 -31.42
C PHE E 211 38.98 -15.09 -31.71
N LEU E 212 39.84 -15.82 -32.39
CA LEU E 212 39.53 -17.17 -32.80
C LEU E 212 39.56 -18.14 -31.60
N LYS E 213 40.32 -17.77 -30.56
CA LYS E 213 40.36 -18.55 -29.32
C LYS E 213 39.08 -18.28 -28.51
N LYS E 214 38.59 -17.04 -28.56
CA LYS E 214 37.38 -16.67 -27.80
C LYS E 214 36.16 -17.40 -28.38
N VAL E 215 36.16 -17.63 -29.69
CA VAL E 215 35.09 -18.42 -30.30
C VAL E 215 35.15 -19.87 -29.79
N LYS E 216 36.33 -20.49 -29.80
CA LYS E 216 36.47 -21.85 -29.25
C LYS E 216 35.92 -21.91 -27.83
N THR E 217 36.19 -20.86 -27.04
CA THR E 217 35.76 -20.78 -25.63
C THR E 217 34.24 -20.71 -25.45
N LEU E 218 33.57 -19.89 -26.24
CA LEU E 218 32.14 -19.62 -26.02
C LEU E 218 31.19 -20.57 -26.75
N ASN E 219 31.70 -21.44 -27.61
CA ASN E 219 30.84 -22.38 -28.31
C ASN E 219 30.77 -23.67 -27.52
N PRO E 220 29.56 -24.07 -27.09
CA PRO E 220 29.43 -25.32 -26.35
C PRO E 220 29.71 -26.58 -27.18
N VAL E 221 30.32 -27.57 -26.53
CA VAL E 221 30.62 -28.89 -27.13
C VAL E 221 29.42 -29.51 -27.84
N HIS E 222 28.23 -29.39 -27.24
CA HIS E 222 27.02 -30.01 -27.78
C HIS E 222 26.36 -29.25 -28.95
N ALA E 223 26.74 -27.99 -29.15
CA ALA E 223 26.01 -27.08 -30.06
C ALA E 223 26.00 -27.52 -31.52
N GLY E 224 25.18 -26.84 -32.32
CA GLY E 224 25.18 -27.01 -33.76
C GLY E 224 26.36 -26.32 -34.41
N PRO E 225 26.34 -26.16 -35.76
CA PRO E 225 27.45 -25.54 -36.45
C PRO E 225 27.55 -24.05 -36.16
N ILE E 226 28.77 -23.52 -36.22
CA ILE E 226 29.03 -22.10 -35.98
C ILE E 226 28.67 -21.32 -37.23
N VAL E 227 27.78 -20.35 -37.09
CA VAL E 227 27.43 -19.47 -38.21
C VAL E 227 28.51 -18.39 -38.38
N VAL E 228 29.24 -18.43 -39.48
CA VAL E 228 30.26 -17.42 -39.76
C VAL E 228 29.81 -16.65 -40.98
N HIS E 229 29.72 -15.33 -40.87
CA HIS E 229 29.28 -14.53 -42.00
C HIS E 229 30.05 -13.24 -42.14
N CYS E 230 30.15 -12.76 -43.37
CA CYS E 230 30.76 -11.46 -43.65
C CYS E 230 29.80 -10.63 -44.54
N SER E 231 30.16 -10.35 -45.79
CA SER E 231 29.20 -9.71 -46.70
C SER E 231 28.76 -10.77 -47.69
N ALA E 232 29.70 -11.28 -48.47
CA ALA E 232 29.42 -12.27 -49.50
C ALA E 232 29.37 -13.70 -48.97
N GLY E 233 29.98 -13.92 -47.80
CA GLY E 233 29.99 -15.25 -47.18
C GLY E 233 31.13 -16.12 -47.69
N VAL E 234 32.04 -15.50 -48.42
CA VAL E 234 33.29 -16.13 -48.84
C VAL E 234 34.34 -15.02 -48.74
N GLY E 235 35.52 -15.33 -48.20
CA GLY E 235 36.56 -14.30 -48.12
C GLY E 235 37.10 -14.17 -46.71
N ARG E 236 36.60 -13.21 -45.95
CA ARG E 236 36.99 -13.14 -44.55
C ARG E 236 36.51 -14.41 -43.89
N THR E 237 35.24 -14.72 -44.10
CA THR E 237 34.62 -15.93 -43.55
C THR E 237 35.46 -17.16 -43.89
N GLY E 238 36.07 -17.16 -45.07
CA GLY E 238 36.94 -18.25 -45.48
C GLY E 238 38.28 -18.25 -44.80
N THR E 239 38.95 -17.11 -44.79
CA THR E 239 40.24 -17.01 -44.13
C THR E 239 40.10 -17.47 -42.67
N PHE E 240 38.99 -17.11 -42.04
CA PHE E 240 38.72 -17.49 -40.64
C PHE E 240 38.59 -18.99 -40.48
N ILE E 241 37.77 -19.62 -41.30
CA ILE E 241 37.57 -21.07 -41.25
C ILE E 241 38.88 -21.82 -41.50
N VAL E 242 39.65 -21.37 -42.47
CA VAL E 242 40.93 -22.00 -42.77
C VAL E 242 41.91 -21.88 -41.60
N ILE E 243 42.04 -20.69 -41.02
CA ILE E 243 42.95 -20.51 -39.89
C ILE E 243 42.62 -21.45 -38.74
N ASP E 244 41.34 -21.65 -38.45
CA ASP E 244 40.94 -22.61 -37.41
C ASP E 244 41.36 -24.02 -37.82
N ALA E 245 40.92 -24.47 -38.99
CA ALA E 245 41.27 -25.79 -39.48
C ALA E 245 42.77 -26.04 -39.36
N MET E 246 43.57 -25.08 -39.82
CA MET E 246 45.01 -25.28 -39.90
C MET E 246 45.68 -25.24 -38.55
N MET E 247 45.12 -24.51 -37.59
CA MET E 247 45.61 -24.57 -36.21
C MET E 247 45.43 -26.00 -35.66
N ALA E 248 44.28 -26.58 -35.97
CA ALA E 248 44.00 -27.98 -35.64
C ALA E 248 45.04 -28.92 -36.24
N MET E 249 45.29 -28.75 -37.54
CA MET E 249 46.23 -29.60 -38.25
C MET E 249 47.63 -29.52 -37.64
N MET E 250 48.07 -28.31 -37.25
CA MET E 250 49.36 -28.17 -36.57
C MET E 250 49.34 -28.97 -35.29
N HIS E 251 48.32 -28.72 -34.48
CA HIS E 251 48.20 -29.34 -33.18
C HIS E 251 47.97 -30.84 -33.21
N ALA E 252 47.82 -31.42 -34.39
CA ALA E 252 47.62 -32.85 -34.53
C ALA E 252 48.71 -33.47 -35.37
N GLU E 253 48.88 -32.97 -36.60
CA GLU E 253 49.81 -33.58 -37.57
C GLU E 253 51.24 -33.02 -37.49
N GLN E 254 51.42 -31.88 -36.82
CA GLN E 254 52.71 -31.16 -36.78
C GLN E 254 53.09 -30.67 -38.18
N LYS E 255 52.11 -30.70 -39.09
CA LYS E 255 52.28 -30.30 -40.46
C LYS E 255 51.06 -29.40 -40.70
N VAL E 256 51.13 -28.52 -41.70
CA VAL E 256 50.00 -27.68 -42.09
C VAL E 256 49.89 -27.72 -43.61
N ASP E 257 48.66 -27.82 -44.13
CA ASP E 257 48.41 -27.88 -45.59
C ASP E 257 47.24 -27.00 -46.05
N VAL E 258 47.53 -25.71 -46.21
CA VAL E 258 46.53 -24.71 -46.55
C VAL E 258 45.92 -24.93 -47.93
N PHE E 259 46.73 -25.35 -48.89
CA PHE E 259 46.28 -25.54 -50.26
C PHE E 259 45.25 -26.67 -50.37
N GLU E 260 45.54 -27.81 -49.74
CA GLU E 260 44.66 -28.98 -49.85
C GLU E 260 43.34 -28.70 -49.20
N PHE E 261 43.37 -27.77 -48.26
CA PHE E 261 42.17 -27.46 -47.50
C PHE E 261 41.30 -26.42 -48.20
N VAL E 262 41.88 -25.30 -48.61
CA VAL E 262 41.12 -24.29 -49.36
C VAL E 262 40.50 -24.96 -50.58
N SER E 263 41.27 -25.82 -51.25
CA SER E 263 40.76 -26.64 -52.35
C SER E 263 39.53 -27.45 -51.91
N ARG E 264 39.61 -28.10 -50.75
CA ARG E 264 38.49 -28.91 -50.24
C ARG E 264 37.23 -28.08 -49.94
N ILE E 265 37.38 -26.99 -49.20
CA ILE E 265 36.21 -26.18 -48.78
C ILE E 265 35.53 -25.49 -49.97
N ARG E 266 36.28 -25.26 -51.05
CA ARG E 266 35.71 -24.64 -52.23
C ARG E 266 34.74 -25.56 -52.96
N ASN E 267 34.93 -26.87 -52.87
CA ASN E 267 33.95 -27.81 -53.37
C ASN E 267 32.66 -27.86 -52.48
N GLN E 268 32.62 -27.09 -51.40
CA GLN E 268 31.41 -26.90 -50.61
C GLN E 268 30.82 -25.51 -50.82
N ARG E 269 31.69 -24.51 -50.96
CA ARG E 269 31.27 -23.16 -51.29
C ARG E 269 32.32 -22.53 -52.18
N PRO E 270 31.95 -22.13 -53.41
CA PRO E 270 32.96 -21.59 -54.31
C PRO E 270 33.60 -20.29 -53.84
N GLN E 271 34.87 -20.10 -54.21
CA GLN E 271 35.60 -18.85 -54.00
C GLN E 271 35.91 -18.54 -52.53
N MET E 272 36.18 -19.58 -51.74
CA MET E 272 36.17 -19.42 -50.30
C MET E 272 37.12 -18.34 -49.76
N VAL E 273 38.38 -18.32 -50.23
CA VAL E 273 39.28 -17.21 -49.88
C VAL E 273 39.37 -16.32 -51.09
N GLN E 274 39.22 -15.01 -50.92
CA GLN E 274 39.03 -14.10 -52.06
C GLN E 274 40.29 -13.45 -52.59
N THR E 275 41.09 -12.84 -51.72
CA THR E 275 42.30 -12.12 -52.14
C THR E 275 43.53 -13.01 -52.04
N ASP E 276 44.50 -12.80 -52.93
CA ASP E 276 45.86 -13.34 -52.74
C ASP E 276 46.39 -12.90 -51.36
N MET E 277 46.09 -11.66 -51.00
CA MET E 277 46.47 -11.10 -49.71
C MET E 277 45.89 -11.89 -48.57
N GLN E 278 44.64 -12.30 -48.70
CA GLN E 278 44.03 -13.16 -47.69
C GLN E 278 44.76 -14.50 -47.58
N TYR E 279 45.22 -15.02 -48.70
CA TYR E 279 45.93 -16.29 -48.70
C TYR E 279 47.24 -16.17 -47.90
N THR E 280 48.03 -15.14 -48.17
CA THR E 280 49.24 -14.85 -47.40
C THR E 280 48.93 -14.66 -45.90
N PHE E 281 47.78 -14.07 -45.58
CA PHE E 281 47.44 -13.77 -44.21
C PHE E 281 47.18 -15.03 -43.41
N ILE E 282 46.60 -16.05 -44.04
CA ILE E 282 46.41 -17.35 -43.39
C ILE E 282 47.77 -17.86 -42.91
N TYR E 283 48.77 -17.74 -43.78
CA TYR E 283 50.10 -18.22 -43.48
C TYR E 283 50.74 -17.41 -42.36
N GLN E 284 50.62 -16.09 -42.42
CA GLN E 284 51.18 -15.23 -41.36
C GLN E 284 50.62 -15.58 -39.99
N ALA E 285 49.30 -15.75 -39.92
CA ALA E 285 48.63 -16.13 -38.69
C ALA E 285 49.14 -17.47 -38.19
N LEU E 286 49.24 -18.43 -39.09
CA LEU E 286 49.74 -19.75 -38.75
C LEU E 286 51.16 -19.70 -38.21
N LEU E 287 52.02 -18.89 -38.82
CA LEU E 287 53.39 -18.72 -38.33
C LEU E 287 53.43 -18.07 -36.96
N GLU E 288 52.75 -16.93 -36.83
CA GLU E 288 52.60 -16.26 -35.55
C GLU E 288 52.18 -17.24 -34.45
N TYR E 289 51.17 -18.03 -34.75
CA TYR E 289 50.63 -19.01 -33.80
C TYR E 289 51.60 -20.15 -33.46
N TYR E 290 52.60 -20.37 -34.31
CA TYR E 290 53.58 -21.42 -34.06
C TYR E 290 54.71 -20.83 -33.27
N LEU E 291 55.41 -19.86 -33.87
CA LEU E 291 56.56 -19.21 -33.25
C LEU E 291 56.28 -18.73 -31.80
N TYR E 292 55.18 -18.00 -31.62
CA TYR E 292 54.86 -17.42 -30.32
C TYR E 292 53.68 -18.09 -29.63
N GLY E 293 52.74 -18.60 -30.41
CA GLY E 293 51.62 -19.41 -29.91
C GLY E 293 51.30 -19.28 -28.43
N ASP E 294 51.64 -20.31 -27.67
CA ASP E 294 51.26 -20.40 -26.27
C ASP E 294 52.21 -19.59 -25.36
N THR E 295 51.81 -18.35 -25.10
CA THR E 295 52.34 -17.53 -24.01
C THR E 295 51.19 -16.98 -23.12
N GLU E 296 49.93 -17.23 -23.48
CA GLU E 296 48.80 -16.92 -22.59
C GLU E 296 48.79 -17.94 -21.44
N LEU E 297 48.24 -17.53 -20.29
CA LEU E 297 48.07 -18.43 -19.14
C LEU E 297 46.84 -18.00 -18.35
N ASP E 298 46.19 -18.94 -17.66
CA ASP E 298 44.98 -18.62 -16.89
C ASP E 298 45.36 -18.23 -15.46
N VAL E 299 44.60 -17.31 -14.88
CA VAL E 299 44.90 -16.79 -13.55
C VAL E 299 45.01 -17.90 -12.51
N SER E 300 44.41 -19.06 -12.79
CA SER E 300 44.59 -20.29 -11.97
C SER E 300 46.09 -20.66 -11.83
N SER E 301 46.76 -20.77 -12.97
CA SER E 301 48.21 -21.06 -13.01
C SER E 301 49.02 -19.98 -12.28
N GLY E 320 64.18 -17.14 -18.82
CA GLY E 320 62.98 -17.69 -19.48
C GLY E 320 62.17 -16.60 -20.12
N LEU E 321 62.11 -15.46 -19.43
CA LEU E 321 61.61 -14.21 -19.99
C LEU E 321 62.66 -13.66 -20.96
N GLU E 322 63.94 -13.85 -20.64
CA GLU E 322 65.02 -13.38 -21.49
C GLU E 322 64.74 -13.68 -22.96
N GLU E 323 64.43 -14.95 -23.27
CA GLU E 323 64.11 -15.39 -24.63
C GLU E 323 62.94 -14.62 -25.24
N GLU E 324 61.88 -14.44 -24.45
CA GLU E 324 60.76 -13.61 -24.87
C GLU E 324 61.25 -12.21 -25.25
N PHE E 325 61.95 -11.56 -24.32
CA PHE E 325 62.40 -10.19 -24.54
C PHE E 325 63.30 -10.03 -25.77
N ARG E 326 64.11 -11.05 -26.03
CA ARG E 326 64.94 -11.10 -27.25
C ARG E 326 64.07 -10.98 -28.50
N LYS E 327 62.93 -11.67 -28.51
CA LYS E 327 62.01 -11.61 -29.65
C LYS E 327 61.49 -10.19 -29.82
N LEU E 328 60.83 -9.66 -28.79
CA LEU E 328 60.36 -8.26 -28.79
C LEU E 328 61.41 -7.28 -29.31
N THR E 329 62.66 -7.55 -28.97
CA THR E 329 63.80 -6.73 -29.37
C THR E 329 64.08 -6.79 -30.88
N ASN E 330 63.79 -7.93 -31.50
CA ASN E 330 63.93 -8.07 -32.96
C ASN E 330 62.67 -7.65 -33.74
N VAL E 331 61.62 -7.22 -33.03
CA VAL E 331 60.48 -6.54 -33.66
C VAL E 331 61.02 -5.30 -34.38
N ARG E 332 60.77 -5.20 -35.68
CA ARG E 332 61.35 -4.12 -36.49
C ARG E 332 60.80 -2.75 -36.06
N ILE E 333 61.66 -1.74 -36.16
CA ILE E 333 61.24 -0.33 -36.02
C ILE E 333 60.99 0.22 -37.41
N MET E 334 59.77 0.68 -37.65
CA MET E 334 59.31 1.08 -39.00
C MET E 334 59.87 2.44 -39.46
N LYS E 335 61.21 2.54 -39.53
CA LYS E 335 61.91 3.81 -39.79
C LYS E 335 61.36 4.53 -41.02
N GLU E 336 60.98 3.75 -42.04
CA GLU E 336 60.37 4.28 -43.25
C GLU E 336 59.07 5.03 -42.93
N ASN E 337 58.30 4.52 -41.96
CA ASN E 337 57.07 5.17 -41.54
C ASN E 337 57.24 6.28 -40.49
N MET E 338 58.48 6.77 -40.31
CA MET E 338 58.78 7.78 -39.26
C MET E 338 59.10 9.17 -39.80
N ARG E 339 58.54 9.52 -40.96
CA ARG E 339 58.92 10.77 -41.64
C ARG E 339 58.68 12.00 -40.77
N THR E 340 57.41 12.30 -40.47
CA THR E 340 57.04 13.58 -39.83
C THR E 340 58.02 14.03 -38.73
N GLY E 341 58.37 13.12 -37.83
CA GLY E 341 59.10 13.46 -36.62
C GLY E 341 60.58 13.66 -36.79
N ASN E 342 61.12 13.22 -37.92
CA ASN E 342 62.56 13.33 -38.20
C ASN E 342 62.86 14.45 -39.22
N LEU E 343 61.82 15.17 -39.67
CA LEU E 343 62.01 16.36 -40.50
C LEU E 343 62.76 17.41 -39.67
N PRO E 344 63.57 18.26 -40.33
CA PRO E 344 64.49 19.18 -39.67
C PRO E 344 63.90 20.06 -38.58
N ALA E 345 62.78 20.74 -38.86
CA ALA E 345 62.11 21.61 -37.86
C ALA E 345 61.74 20.84 -36.59
N ASN E 346 61.24 19.63 -36.77
CA ASN E 346 60.72 18.82 -35.68
C ASN E 346 61.75 17.93 -34.99
N MET E 347 62.98 17.91 -35.52
CA MET E 347 64.07 17.15 -34.88
C MET E 347 64.35 17.72 -33.48
N LYS E 348 64.33 19.05 -33.39
CA LYS E 348 64.67 19.77 -32.15
C LYS E 348 63.65 19.65 -31.01
N LYS E 349 62.42 19.22 -31.32
CA LYS E 349 61.36 19.09 -30.31
C LYS E 349 61.35 17.72 -29.63
N ALA E 350 62.27 16.84 -30.02
CA ALA E 350 62.32 15.49 -29.48
C ALA E 350 63.47 15.34 -28.50
N ARG E 351 63.21 14.81 -27.31
CA ARG E 351 64.24 14.58 -26.30
C ARG E 351 65.22 13.53 -26.76
N VAL E 352 64.68 12.43 -27.28
CA VAL E 352 65.49 11.38 -27.89
C VAL E 352 64.98 11.21 -29.32
N ILE E 353 65.81 11.54 -30.31
CA ILE E 353 65.34 11.51 -31.71
C ILE E 353 65.24 10.08 -32.23
N GLN E 354 65.71 9.11 -31.43
CA GLN E 354 65.50 7.69 -31.69
C GLN E 354 64.11 7.23 -31.20
N ILE E 355 63.53 7.90 -30.21
CA ILE E 355 62.19 7.53 -29.72
C ILE E 355 61.15 8.55 -30.16
N ILE E 356 60.42 8.22 -31.21
CA ILE E 356 59.68 9.20 -31.98
C ILE E 356 58.47 8.53 -32.67
N PRO E 357 57.37 9.28 -32.79
CA PRO E 357 56.10 8.69 -33.20
C PRO E 357 56.03 8.25 -34.66
N TYR E 358 55.56 7.03 -34.89
CA TYR E 358 55.23 6.56 -36.25
C TYR E 358 54.20 7.52 -36.81
N ASP E 359 54.31 7.86 -38.09
CA ASP E 359 53.44 8.86 -38.70
C ASP E 359 51.95 8.48 -38.73
N PHE E 360 51.62 7.20 -38.57
CA PHE E 360 50.23 6.75 -38.69
C PHE E 360 49.39 6.99 -37.42
N ASN E 361 49.98 6.78 -36.24
CA ASN E 361 49.23 6.97 -34.99
C ASN E 361 49.72 8.16 -34.15
N ARG E 362 50.32 9.15 -34.80
CA ARG E 362 50.82 10.31 -34.08
C ARG E 362 49.71 11.33 -33.85
N VAL E 363 49.92 12.15 -32.82
CA VAL E 363 48.89 13.02 -32.30
C VAL E 363 48.93 14.38 -33.00
N ILE E 364 48.15 14.53 -34.07
CA ILE E 364 48.26 15.70 -34.95
C ILE E 364 47.62 16.90 -34.26
N LEU E 365 48.28 18.05 -34.24
CA LEU E 365 47.68 19.26 -33.67
C LEU E 365 47.23 20.24 -34.77
N SER E 366 46.49 21.27 -34.36
CA SER E 366 46.06 22.33 -35.29
C SER E 366 47.23 23.26 -35.57
N MET E 367 47.39 23.71 -36.82
CA MET E 367 48.58 24.49 -37.20
C MET E 367 48.49 25.94 -36.70
N TYR E 373 55.58 24.08 -39.56
CA TYR E 373 55.59 22.75 -38.93
C TYR E 373 55.13 22.81 -37.46
N THR E 374 53.87 23.15 -37.22
CA THR E 374 53.34 23.26 -35.85
C THR E 374 52.36 22.15 -35.51
N ASP E 375 52.06 21.27 -36.46
CA ASP E 375 51.19 20.13 -36.18
C ASP E 375 51.86 19.09 -35.26
N TYR E 376 53.19 19.10 -35.23
CA TYR E 376 53.96 18.02 -34.59
C TYR E 376 54.12 18.18 -33.09
N ILE E 377 53.95 17.06 -32.40
CA ILE E 377 54.28 16.94 -30.98
C ILE E 377 54.64 15.47 -30.75
N ASN E 378 55.81 15.18 -30.20
CA ASN E 378 56.20 13.79 -29.95
C ASN E 378 55.20 13.02 -29.03
N ALA E 379 54.21 12.39 -29.64
CA ALA E 379 53.16 11.72 -28.88
C ALA E 379 52.38 10.74 -29.76
N SER E 380 52.07 9.57 -29.21
CA SER E 380 51.43 8.50 -29.97
C SER E 380 50.11 8.04 -29.34
N PHE E 381 49.07 7.89 -30.16
CA PHE E 381 47.81 7.30 -29.73
C PHE E 381 48.02 5.79 -29.63
N ILE E 382 47.74 5.25 -28.45
CA ILE E 382 47.97 3.83 -28.16
C ILE E 382 46.70 3.18 -27.67
N ASP E 383 46.48 1.93 -28.08
CA ASP E 383 45.22 1.26 -27.78
C ASP E 383 45.17 0.68 -26.38
N GLY E 384 43.95 0.64 -25.84
CA GLY E 384 43.67 0.10 -24.52
C GLY E 384 43.05 -1.27 -24.64
N TYR E 385 42.53 -1.79 -23.53
CA TYR E 385 41.90 -3.11 -23.55
C TYR E 385 40.51 -3.02 -24.16
N ARG E 386 39.85 -1.89 -23.92
CA ARG E 386 38.46 -1.72 -24.34
C ARG E 386 38.26 -0.73 -25.45
N GLN E 387 39.24 0.12 -25.75
CA GLN E 387 39.07 1.03 -26.87
C GLN E 387 40.34 1.52 -27.58
N LYS E 388 40.13 2.07 -28.78
CA LYS E 388 41.21 2.59 -29.61
C LYS E 388 41.65 3.94 -29.07
N ASP E 389 42.89 4.32 -29.36
CA ASP E 389 43.43 5.63 -28.96
C ASP E 389 43.13 6.01 -27.52
N TYR E 390 43.23 5.03 -26.61
CA TYR E 390 42.87 5.27 -25.21
C TYR E 390 43.92 6.10 -24.49
N PHE E 391 45.19 5.89 -24.83
CA PHE E 391 46.28 6.59 -24.21
C PHE E 391 46.96 7.49 -25.20
N ILE E 392 47.42 8.65 -24.73
CA ILE E 392 48.40 9.44 -25.46
C ILE E 392 49.73 9.18 -24.72
N ALA E 393 50.70 8.60 -25.44
CA ALA E 393 52.01 8.32 -24.85
C ALA E 393 52.97 9.34 -25.37
N THR E 394 53.40 10.27 -24.52
CA THR E 394 54.26 11.38 -24.98
C THR E 394 55.51 11.47 -24.14
N GLN E 395 56.51 12.17 -24.66
CA GLN E 395 57.71 12.52 -23.89
C GLN E 395 57.39 13.56 -22.82
N GLY E 396 58.28 13.70 -21.84
CA GLY E 396 58.19 14.77 -20.86
C GLY E 396 58.47 16.09 -21.58
N PRO E 397 57.56 17.07 -21.48
CA PRO E 397 57.65 18.29 -22.27
C PRO E 397 58.93 19.04 -22.02
N LEU E 398 59.44 19.66 -23.08
CA LEU E 398 60.57 20.58 -22.98
C LEU E 398 60.04 21.98 -22.78
N ALA E 399 60.92 22.87 -22.31
CA ALA E 399 60.57 24.28 -22.11
C ALA E 399 59.88 24.78 -23.37
N HIS E 400 60.51 24.52 -24.51
CA HIS E 400 60.04 25.01 -25.81
C HIS E 400 58.95 24.14 -26.45
N THR E 401 58.38 23.20 -25.69
CA THR E 401 57.21 22.45 -26.14
C THR E 401 56.10 22.34 -25.07
N VAL E 402 56.11 23.19 -24.04
CA VAL E 402 55.00 23.20 -23.08
C VAL E 402 53.75 23.83 -23.69
N GLU E 403 53.95 24.84 -24.57
CA GLU E 403 52.85 25.40 -25.35
C GLU E 403 52.18 24.27 -26.14
N ASP E 404 52.99 23.50 -26.88
CA ASP E 404 52.51 22.34 -27.62
C ASP E 404 51.79 21.36 -26.72
N PHE E 405 52.38 21.09 -25.56
CA PHE E 405 51.87 20.07 -24.63
C PHE E 405 50.42 20.32 -24.23
N TRP E 406 50.16 21.51 -23.69
CA TRP E 406 48.82 21.88 -23.23
C TRP E 406 47.81 22.04 -24.37
N ARG E 407 48.27 22.43 -25.55
CA ARG E 407 47.42 22.41 -26.74
C ARG E 407 46.91 21.00 -27.01
N MET E 408 47.79 20.01 -26.89
CA MET E 408 47.40 18.62 -27.09
C MET E 408 46.39 18.20 -26.04
N ILE E 409 46.65 18.53 -24.78
CA ILE E 409 45.72 18.22 -23.69
C ILE E 409 44.33 18.74 -24.02
N TRP E 410 44.27 19.99 -24.47
CA TRP E 410 42.99 20.61 -24.76
C TRP E 410 42.35 20.08 -26.04
N GLU E 411 43.15 19.93 -27.09
CA GLU E 411 42.60 19.59 -28.39
C GLU E 411 42.03 18.17 -28.43
N TRP E 412 42.55 17.29 -27.57
CA TRP E 412 42.10 15.90 -27.54
C TRP E 412 41.32 15.51 -26.29
N LYS E 413 40.92 16.53 -25.52
CA LYS E 413 39.97 16.38 -24.43
C LYS E 413 40.45 15.32 -23.41
N SER E 414 41.75 15.34 -23.14
CA SER E 414 42.34 14.50 -22.10
C SER E 414 42.12 15.15 -20.74
N HIS E 415 41.70 14.37 -19.76
CA HIS E 415 41.46 14.90 -18.41
C HIS E 415 42.41 14.38 -17.32
N THR E 416 43.27 13.44 -17.72
CA THR E 416 44.14 12.74 -16.78
C THR E 416 45.55 12.68 -17.34
N ILE E 417 46.47 13.27 -16.61
CA ILE E 417 47.90 13.13 -16.90
C ILE E 417 48.50 12.16 -15.88
N VAL E 418 49.42 11.32 -16.33
CA VAL E 418 50.11 10.38 -15.48
C VAL E 418 51.61 10.56 -15.69
N MET E 419 52.28 11.09 -14.67
CA MET E 419 53.69 11.47 -14.73
C MET E 419 54.53 10.46 -14.00
N LEU E 420 55.54 9.90 -14.67
CA LEU E 420 56.26 8.75 -14.14
C LEU E 420 57.74 9.01 -13.88
N THR E 421 58.18 10.24 -14.04
CA THR E 421 59.53 10.66 -13.65
C THR E 421 59.38 11.74 -12.63
N GLU E 422 60.52 12.26 -12.16
CA GLU E 422 60.57 13.51 -11.39
C GLU E 422 61.24 14.52 -12.34
N VAL E 423 61.21 15.81 -12.03
CA VAL E 423 61.75 16.82 -12.96
C VAL E 423 63.24 16.58 -13.25
N GLN E 424 64.09 16.66 -12.22
CA GLN E 424 65.52 16.29 -12.31
C GLN E 424 65.64 14.85 -11.81
N GLU E 425 66.72 14.16 -12.19
CA GLU E 425 66.92 12.74 -11.82
C GLU E 425 68.38 12.31 -12.04
N ARG E 426 69.04 11.86 -10.99
CA ARG E 426 70.49 11.60 -10.99
C ARG E 426 71.26 12.79 -11.60
N GLU E 427 70.74 13.99 -11.35
CA GLU E 427 71.36 15.25 -11.78
C GLU E 427 71.26 15.49 -13.28
N GLN E 428 70.28 14.87 -13.94
CA GLN E 428 69.99 15.13 -15.35
C GLN E 428 68.55 15.63 -15.49
N ASP E 429 68.35 16.70 -16.26
CA ASP E 429 67.01 17.21 -16.51
C ASP E 429 66.20 16.17 -17.34
N LYS E 430 65.22 15.51 -16.71
CA LYS E 430 64.42 14.50 -17.39
C LYS E 430 63.06 15.01 -17.83
N CYS E 431 62.57 16.10 -17.23
CA CYS E 431 61.32 16.72 -17.69
C CYS E 431 61.01 18.13 -17.13
N TYR E 432 60.66 19.05 -18.03
CA TYR E 432 60.40 20.44 -17.68
C TYR E 432 59.12 20.52 -16.89
N GLN E 433 59.10 21.33 -15.84
CA GLN E 433 57.90 21.48 -15.02
C GLN E 433 56.84 22.29 -15.75
N TYR E 434 55.81 21.62 -16.23
CA TYR E 434 54.79 22.29 -17.04
C TYR E 434 53.66 22.86 -16.20
N TRP E 435 53.50 22.37 -14.97
CA TRP E 435 52.39 22.77 -14.10
C TRP E 435 52.83 23.74 -13.01
N PRO E 436 51.92 24.61 -12.56
CA PRO E 436 52.22 25.54 -11.49
C PRO E 436 51.97 24.92 -10.13
N THR E 437 52.80 25.27 -9.15
CA THR E 437 52.65 24.75 -7.80
C THR E 437 51.75 25.62 -6.94
N GLU E 438 51.82 26.94 -7.14
CA GLU E 438 51.12 27.90 -6.30
C GLU E 438 49.92 28.56 -7.01
N GLY E 439 50.20 29.44 -7.96
CA GLY E 439 49.15 30.29 -8.52
C GLY E 439 48.54 29.71 -9.77
N SER E 440 48.52 30.52 -10.81
CA SER E 440 48.22 30.09 -12.17
C SER E 440 49.47 30.31 -13.02
N VAL E 441 49.56 29.59 -14.13
CA VAL E 441 50.52 29.91 -15.20
C VAL E 441 49.71 29.95 -16.50
N THR E 442 50.16 30.77 -17.45
CA THR E 442 49.53 30.83 -18.77
C THR E 442 50.54 30.40 -19.84
N HIS E 443 50.40 29.17 -20.33
CA HIS E 443 51.21 28.67 -21.45
C HIS E 443 50.41 28.76 -22.74
N GLY E 444 50.64 29.82 -23.50
CA GLY E 444 49.99 30.01 -24.79
C GLY E 444 48.56 30.47 -24.63
N GLU E 445 47.64 29.79 -25.30
CA GLU E 445 46.21 30.13 -25.24
C GLU E 445 45.52 29.44 -24.07
N ILE E 446 46.23 28.52 -23.40
CA ILE E 446 45.70 27.78 -22.25
C ILE E 446 46.25 28.39 -20.94
N THR E 447 45.43 28.38 -19.89
CA THR E 447 45.82 28.88 -18.55
C THR E 447 45.61 27.77 -17.53
N ILE E 448 46.55 27.62 -16.58
CA ILE E 448 46.47 26.54 -15.59
C ILE E 448 46.49 27.07 -14.16
N GLU E 449 45.41 26.84 -13.42
CA GLU E 449 45.33 27.16 -11.98
C GLU E 449 45.34 25.84 -11.19
N ILE E 450 46.17 25.74 -10.15
CA ILE E 450 46.17 24.55 -9.30
C ILE E 450 45.09 24.66 -8.20
N LYS E 451 44.08 23.79 -8.25
CA LYS E 451 42.95 23.83 -7.30
C LYS E 451 43.22 23.05 -6.01
N ASN E 452 43.88 21.89 -6.12
CA ASN E 452 44.29 21.09 -4.94
C ASN E 452 45.60 20.33 -5.21
N ASP E 453 46.32 19.97 -4.14
CA ASP E 453 47.57 19.19 -4.23
C ASP E 453 47.77 18.35 -2.97
N THR E 454 47.50 17.04 -3.08
CA THR E 454 47.48 16.12 -1.94
C THR E 454 48.49 14.98 -2.11
N LEU E 455 49.57 15.00 -1.32
CA LEU E 455 50.62 13.96 -1.41
C LEU E 455 50.29 12.69 -0.62
N SER E 456 49.49 11.82 -1.23
CA SER E 456 49.18 10.47 -0.71
C SER E 456 50.42 9.56 -0.71
N GLU E 457 50.23 8.31 -0.29
CA GLU E 457 51.31 7.30 -0.35
C GLU E 457 51.78 7.12 -1.80
N ALA E 458 53.07 7.40 -2.07
CA ALA E 458 53.72 7.17 -3.38
C ALA E 458 53.33 8.20 -4.45
N ILE E 459 52.02 8.29 -4.72
CA ILE E 459 51.50 9.22 -5.72
C ILE E 459 51.16 10.52 -5.02
N SER E 460 51.46 11.64 -5.69
CA SER E 460 50.93 12.93 -5.29
C SER E 460 49.94 13.43 -6.37
N ILE E 461 48.72 13.74 -5.93
CA ILE E 461 47.63 13.99 -6.85
C ILE E 461 47.34 15.48 -6.94
N ARG E 462 47.27 16.00 -8.18
CA ARG E 462 47.02 17.41 -8.41
C ARG E 462 45.83 17.65 -9.33
N ASP E 463 45.10 18.71 -9.01
CA ASP E 463 43.92 19.11 -9.74
C ASP E 463 44.16 20.48 -10.32
N PHE E 464 43.69 20.73 -11.52
CA PHE E 464 43.91 22.01 -12.14
C PHE E 464 42.63 22.51 -12.77
N LEU E 465 42.51 23.83 -12.90
CA LEU E 465 41.45 24.44 -13.69
C LEU E 465 42.06 24.92 -14.98
N VAL E 466 42.01 24.07 -16.01
CA VAL E 466 42.50 24.45 -17.31
C VAL E 466 41.44 25.31 -17.99
N THR E 467 41.85 26.45 -18.52
CA THR E 467 40.94 27.37 -19.23
C THR E 467 41.56 27.77 -20.56
N LEU E 468 40.72 28.04 -21.54
CA LEU E 468 41.20 28.41 -22.89
C LEU E 468 41.01 29.91 -23.20
N ASN E 469 42.02 30.69 -22.86
CA ASN E 469 42.03 32.11 -23.15
C ASN E 469 41.88 32.39 -24.65
N GLY E 476 30.28 27.89 -23.20
CA GLY E 476 30.44 27.10 -21.96
C GLY E 476 31.68 26.19 -21.96
N GLU E 477 32.07 25.67 -23.13
CA GLU E 477 33.18 24.70 -23.25
C GLU E 477 34.57 25.26 -22.93
N GLN E 478 34.62 26.34 -22.17
CA GLN E 478 35.80 27.17 -22.01
C GLN E 478 36.68 26.81 -20.81
N VAL E 479 36.31 25.80 -20.05
CA VAL E 479 37.05 25.42 -18.84
C VAL E 479 36.99 23.92 -18.59
N ARG E 480 38.11 23.33 -18.15
CA ARG E 480 38.17 21.89 -17.81
C ARG E 480 38.92 21.67 -16.50
N VAL E 481 38.64 20.54 -15.85
CA VAL E 481 39.39 20.16 -14.67
C VAL E 481 40.26 18.94 -14.96
N VAL E 482 41.57 19.19 -15.00
CA VAL E 482 42.58 18.19 -15.32
C VAL E 482 43.25 17.68 -14.03
N ARG E 483 43.52 16.38 -14.01
CA ARG E 483 44.02 15.69 -12.83
C ARG E 483 45.34 15.04 -13.19
N GLN E 484 46.40 15.43 -12.46
CA GLN E 484 47.75 14.87 -12.66
C GLN E 484 48.09 13.86 -11.57
N PHE E 485 48.46 12.65 -11.97
CA PHE E 485 48.94 11.65 -11.03
C PHE E 485 50.45 11.61 -11.14
N HIS E 486 51.14 12.24 -10.19
CA HIS E 486 52.60 12.29 -10.21
C HIS E 486 53.17 11.13 -9.39
N PHE E 487 53.66 10.13 -10.06
CA PHE E 487 54.11 8.94 -9.39
C PHE E 487 55.53 9.17 -8.93
N HIS E 488 55.80 8.96 -7.65
CA HIS E 488 57.17 9.01 -7.15
C HIS E 488 57.67 7.62 -6.82
N GLY E 489 56.87 6.60 -7.11
CA GLY E 489 57.18 5.24 -6.68
C GLY E 489 58.27 4.54 -7.48
N TRP E 490 58.82 5.23 -8.48
CA TRP E 490 59.83 4.64 -9.36
C TRP E 490 61.28 5.12 -9.05
N PRO E 491 62.17 4.19 -8.73
CA PRO E 491 63.56 4.46 -8.49
C PRO E 491 64.30 5.22 -9.61
N GLU E 492 65.14 6.20 -9.26
CA GLU E 492 65.98 6.87 -10.24
C GLU E 492 66.78 5.81 -11.03
N ILE E 493 67.35 4.82 -10.33
CA ILE E 493 68.05 3.72 -10.96
C ILE E 493 67.29 2.41 -10.67
N GLY E 494 66.97 1.66 -11.72
CA GLY E 494 66.46 0.28 -11.58
C GLY E 494 64.97 0.26 -11.67
N ILE E 495 64.36 -0.88 -11.33
CA ILE E 495 62.89 -1.02 -11.23
C ILE E 495 62.43 -1.11 -9.77
N PRO E 496 61.18 -0.70 -9.49
CA PRO E 496 60.62 -0.84 -8.15
C PRO E 496 60.52 -2.30 -7.68
N ALA E 497 60.90 -2.55 -6.43
CA ALA E 497 60.92 -3.91 -5.88
C ALA E 497 59.55 -4.55 -5.63
N GLU E 498 58.55 -3.77 -5.22
CA GLU E 498 57.23 -4.31 -4.79
C GLU E 498 56.10 -4.24 -5.84
N GLY E 499 55.82 -3.05 -6.34
CA GLY E 499 54.73 -2.91 -7.30
C GLY E 499 53.32 -3.02 -6.73
N LYS E 500 53.15 -2.86 -5.42
CA LYS E 500 51.87 -2.47 -4.87
C LYS E 500 51.62 -1.10 -5.45
N GLY E 501 52.54 -0.16 -5.18
CA GLY E 501 52.43 1.22 -5.64
C GLY E 501 51.96 1.38 -7.07
N MET E 502 52.44 0.52 -7.96
CA MET E 502 52.00 0.50 -9.37
C MET E 502 50.56 0.02 -9.48
N ILE E 503 50.26 -1.11 -8.85
CA ILE E 503 48.88 -1.61 -8.82
C ILE E 503 47.93 -0.50 -8.35
N ASP E 504 48.28 0.13 -7.24
CA ASP E 504 47.46 1.20 -6.65
C ASP E 504 47.42 2.47 -7.51
N LEU E 505 48.49 2.76 -8.25
CA LEU E 505 48.46 3.89 -9.16
C LEU E 505 47.46 3.60 -10.26
N ILE E 506 47.57 2.44 -10.90
CA ILE E 506 46.66 2.07 -11.97
C ILE E 506 45.20 2.20 -11.53
N ALA E 507 44.91 1.65 -10.36
CA ALA E 507 43.55 1.70 -9.82
C ALA E 507 43.08 3.14 -9.64
N ALA E 508 43.94 3.99 -9.09
CA ALA E 508 43.60 5.41 -8.87
C ALA E 508 43.12 6.07 -10.17
N VAL E 509 43.92 5.90 -11.20
CA VAL E 509 43.64 6.45 -12.49
C VAL E 509 42.34 5.82 -12.97
N GLN E 510 42.17 4.52 -12.80
CA GLN E 510 40.95 3.88 -13.29
C GLN E 510 39.68 4.50 -12.68
N LYS E 511 39.71 4.72 -11.36
CA LYS E 511 38.56 5.32 -10.67
C LYS E 511 38.33 6.71 -11.24
N GLN E 512 39.40 7.48 -11.36
CA GLN E 512 39.31 8.84 -11.90
C GLN E 512 38.75 8.81 -13.30
N GLN E 513 39.24 7.88 -14.11
CA GLN E 513 38.81 7.80 -15.52
C GLN E 513 37.33 7.41 -15.62
N GLN E 514 36.87 6.52 -14.75
CA GLN E 514 35.44 6.17 -14.69
C GLN E 514 34.58 7.42 -14.41
N GLN E 515 34.98 8.21 -13.43
CA GLN E 515 34.22 9.39 -13.00
C GLN E 515 34.34 10.55 -13.96
N THR E 516 35.57 10.80 -14.43
CA THR E 516 35.84 11.87 -15.35
C THR E 516 35.49 11.37 -16.75
N GLY E 517 34.47 10.51 -16.83
CA GLY E 517 34.36 9.48 -17.88
C GLY E 517 34.52 10.00 -19.29
N ASN E 518 35.21 9.30 -20.19
CA ASN E 518 36.22 8.27 -19.93
C ASN E 518 37.22 8.44 -21.09
N HIS E 519 37.97 9.53 -21.02
CA HIS E 519 38.69 10.13 -22.17
C HIS E 519 40.08 9.55 -22.34
N PRO E 520 40.92 10.16 -23.22
CA PRO E 520 42.29 9.67 -23.34
C PRO E 520 43.15 10.10 -22.18
N ILE E 521 44.03 9.20 -21.75
CA ILE E 521 44.91 9.44 -20.61
C ILE E 521 46.28 9.84 -21.16
N THR E 522 46.80 11.00 -20.75
CA THR E 522 48.15 11.39 -21.15
C THR E 522 49.12 10.69 -20.22
N VAL E 523 50.03 9.91 -20.78
CA VAL E 523 51.02 9.20 -19.99
C VAL E 523 52.39 9.63 -20.46
N HIS E 524 53.24 10.02 -19.53
CA HIS E 524 54.58 10.49 -19.90
C HIS E 524 55.62 10.28 -18.83
N CYS E 525 56.86 10.08 -19.27
CA CYS E 525 58.01 10.00 -18.40
C CYS E 525 59.01 11.05 -18.88
N SER E 526 59.97 10.64 -19.71
CA SER E 526 60.98 11.55 -20.26
C SER E 526 61.22 11.27 -21.74
N ALA E 527 61.59 10.03 -22.04
CA ALA E 527 61.84 9.60 -23.41
C ALA E 527 60.54 9.52 -24.17
N GLY E 528 59.53 8.97 -23.54
CA GLY E 528 58.22 8.83 -24.17
C GLY E 528 57.84 7.37 -24.40
N ALA E 529 58.82 6.47 -24.32
CA ALA E 529 58.52 5.06 -24.12
C ALA E 529 59.58 4.50 -23.19
N GLY E 530 59.20 3.49 -22.40
CA GLY E 530 60.06 2.91 -21.37
C GLY E 530 59.25 2.62 -20.12
N ARG E 531 59.11 3.63 -19.26
CA ARG E 531 58.16 3.55 -18.16
C ARG E 531 56.75 3.69 -18.69
N THR E 532 56.50 4.80 -19.40
CA THR E 532 55.26 4.97 -20.16
C THR E 532 54.82 3.65 -20.75
N GLY E 533 55.74 2.94 -21.37
CA GLY E 533 55.46 1.61 -21.93
C GLY E 533 55.01 0.57 -20.90
N THR E 534 55.71 0.52 -19.78
CA THR E 534 55.34 -0.40 -18.71
C THR E 534 53.97 -0.08 -18.13
N PHE E 535 53.66 1.22 -18.03
CA PHE E 535 52.40 1.66 -17.41
C PHE E 535 51.23 1.27 -18.26
N ILE E 536 51.31 1.64 -19.54
CA ILE E 536 50.28 1.29 -20.50
C ILE E 536 50.13 -0.23 -20.56
N ALA E 537 51.24 -0.94 -20.73
CA ALA E 537 51.25 -2.42 -20.73
C ALA E 537 50.43 -2.99 -19.57
N LEU E 538 50.76 -2.56 -18.36
CA LEU E 538 50.14 -3.09 -17.15
C LEU E 538 48.68 -2.71 -17.02
N SER E 539 48.32 -1.52 -17.46
CA SER E 539 46.92 -1.15 -17.47
C SER E 539 46.17 -2.18 -18.33
N ASN E 540 46.58 -2.31 -19.58
CA ASN E 540 45.98 -3.30 -20.43
C ASN E 540 46.06 -4.71 -19.85
N ILE E 541 47.22 -5.14 -19.35
CA ILE E 541 47.33 -6.53 -18.89
C ILE E 541 46.45 -6.82 -17.69
N LEU E 542 46.33 -5.86 -16.77
CA LEU E 542 45.52 -6.05 -15.55
C LEU E 542 44.00 -6.01 -15.84
N GLU E 543 43.57 -5.12 -16.73
CA GLU E 543 42.15 -4.99 -17.12
C GLU E 543 41.70 -6.31 -17.66
N ARG E 544 42.55 -6.91 -18.49
CA ARG E 544 42.26 -8.19 -19.06
C ARG E 544 42.24 -9.26 -17.99
N VAL E 545 43.28 -9.33 -17.15
CA VAL E 545 43.31 -10.39 -16.13
C VAL E 545 42.02 -10.35 -15.35
N LYS E 546 41.69 -9.19 -14.77
CA LYS E 546 40.42 -9.03 -14.08
C LYS E 546 39.28 -9.56 -14.98
N ALA E 547 39.17 -9.05 -16.19
CA ALA E 547 38.03 -9.37 -17.07
C ALA E 547 37.96 -10.81 -17.58
N GLU E 548 39.02 -11.35 -18.16
CA GLU E 548 39.00 -12.68 -18.78
C GLU E 548 39.75 -13.75 -18.01
N GLY E 549 40.58 -13.34 -17.07
CA GLY E 549 41.43 -14.29 -16.37
C GLY E 549 42.45 -14.93 -17.30
N LEU E 550 43.02 -14.11 -18.18
CA LEU E 550 44.12 -14.53 -19.03
C LEU E 550 45.16 -13.44 -19.05
N LEU E 551 46.34 -13.82 -19.50
CA LEU E 551 47.54 -13.05 -19.28
C LEU E 551 48.59 -13.44 -20.32
N ASP E 552 48.79 -12.58 -21.31
CA ASP E 552 49.86 -12.76 -22.30
C ASP E 552 50.68 -11.47 -22.30
N VAL E 553 51.63 -11.40 -21.37
CA VAL E 553 52.48 -10.22 -21.22
C VAL E 553 53.24 -9.95 -22.53
N PHE E 554 53.70 -11.02 -23.19
CA PHE E 554 54.49 -10.88 -24.39
C PHE E 554 53.74 -10.14 -25.49
N GLN E 555 52.53 -10.60 -25.79
CA GLN E 555 51.72 -10.00 -26.85
C GLN E 555 51.24 -8.62 -26.50
N ALA E 556 51.09 -8.36 -25.21
CA ALA E 556 50.81 -7.03 -24.70
C ALA E 556 51.87 -6.05 -25.19
N VAL E 557 53.12 -6.35 -24.87
CA VAL E 557 54.25 -5.46 -25.13
C VAL E 557 54.57 -5.41 -26.63
N LYS E 558 54.39 -6.52 -27.34
CA LYS E 558 54.62 -6.53 -28.78
C LYS E 558 53.65 -5.59 -29.47
N SER E 559 52.39 -5.60 -29.03
CA SER E 559 51.37 -4.69 -29.58
C SER E 559 51.73 -3.24 -29.27
N LEU E 560 52.41 -3.00 -28.15
CA LEU E 560 52.93 -1.67 -27.84
C LEU E 560 54.07 -1.26 -28.77
N ARG E 561 54.93 -2.20 -29.15
CA ARG E 561 56.05 -1.87 -29.99
C ARG E 561 55.62 -1.53 -31.40
N LEU E 562 54.49 -2.09 -31.83
CA LEU E 562 53.99 -1.81 -33.17
C LEU E 562 53.35 -0.42 -33.20
N GLN E 563 53.08 0.15 -32.04
CA GLN E 563 52.42 1.45 -31.98
C GLN E 563 53.39 2.58 -31.73
N ARG E 564 54.50 2.26 -31.10
CA ARG E 564 55.51 3.26 -30.80
C ARG E 564 56.84 2.53 -30.50
N PRO E 565 57.98 3.06 -31.02
CA PRO E 565 59.28 2.38 -30.88
C PRO E 565 59.83 2.32 -29.44
N HIS E 566 60.46 1.19 -29.12
CA HIS E 566 61.07 0.96 -27.81
C HIS E 566 60.14 1.13 -26.62
N MET E 567 58.92 0.61 -26.72
CA MET E 567 57.90 0.92 -25.71
C MET E 567 58.30 0.39 -24.33
N VAL E 568 58.17 -0.91 -24.08
CA VAL E 568 58.78 -1.46 -22.85
C VAL E 568 60.22 -1.71 -23.21
N GLN E 569 61.13 -0.91 -22.66
CA GLN E 569 62.47 -0.77 -23.25
C GLN E 569 63.48 -1.79 -22.77
N THR E 570 63.51 -2.05 -21.47
CA THR E 570 64.57 -2.85 -20.87
C THR E 570 64.05 -4.18 -20.34
N LEU E 571 64.88 -5.23 -20.40
CA LEU E 571 64.49 -6.54 -19.85
C LEU E 571 64.00 -6.42 -18.41
N GLU E 572 64.57 -5.50 -17.65
CA GLU E 572 64.11 -5.28 -16.29
C GLU E 572 62.66 -4.80 -16.26
N GLN E 573 62.30 -3.87 -17.14
CA GLN E 573 60.94 -3.33 -17.19
C GLN E 573 59.92 -4.41 -17.54
N TYR E 574 60.31 -5.33 -18.40
CA TYR E 574 59.46 -6.45 -18.80
C TYR E 574 59.37 -7.47 -17.68
N GLU E 575 60.48 -7.70 -16.99
CA GLU E 575 60.50 -8.63 -15.83
C GLU E 575 59.63 -8.05 -14.70
N PHE E 576 59.57 -6.72 -14.63
CA PHE E 576 58.71 -6.01 -13.68
C PHE E 576 57.20 -6.13 -13.96
N CYS E 577 56.83 -6.30 -15.22
CA CYS E 577 55.43 -6.52 -15.56
C CYS E 577 54.92 -7.85 -15.09
N TYR E 578 55.75 -8.90 -15.18
CA TYR E 578 55.40 -10.16 -14.59
C TYR E 578 55.35 -10.02 -13.08
N LYS E 579 56.31 -9.29 -12.49
CA LYS E 579 56.32 -9.12 -11.05
C LYS E 579 54.99 -8.48 -10.56
N VAL E 580 54.51 -7.48 -11.28
CA VAL E 580 53.31 -6.73 -10.88
C VAL E 580 52.04 -7.57 -11.00
N VAL E 581 51.98 -8.37 -12.06
CA VAL E 581 50.90 -9.34 -12.25
C VAL E 581 50.89 -10.42 -11.15
N GLN E 582 52.06 -10.85 -10.68
CA GLN E 582 52.14 -11.83 -9.58
C GLN E 582 51.64 -11.23 -8.27
N ASP E 583 52.02 -9.97 -8.03
CA ASP E 583 51.62 -9.25 -6.82
C ASP E 583 50.12 -8.93 -6.81
N PHE E 584 49.59 -8.66 -8.01
CA PHE E 584 48.15 -8.41 -8.23
C PHE E 584 47.32 -9.66 -8.00
N ILE E 585 47.79 -10.80 -8.51
CA ILE E 585 47.16 -12.09 -8.23
C ILE E 585 47.30 -12.53 -6.75
N ASP E 586 47.91 -11.72 -5.89
CA ASP E 586 47.97 -11.99 -4.46
C ASP E 586 47.56 -10.75 -3.60
N LYS F 6 -46.59 17.13 58.72
CA LYS F 6 -47.18 18.49 58.90
C LYS F 6 -47.51 19.18 57.55
N TYR F 7 -46.48 19.61 56.82
CA TYR F 7 -46.65 20.39 55.59
C TYR F 7 -46.58 19.51 54.33
N PHE F 8 -47.74 19.26 53.73
CA PHE F 8 -47.82 18.50 52.48
C PHE F 8 -47.91 19.44 51.27
N PRO F 9 -47.69 18.89 50.07
CA PRO F 9 -47.82 19.71 48.86
C PRO F 9 -49.23 20.27 48.66
N ILE F 10 -49.31 21.49 48.14
CA ILE F 10 -50.58 22.14 47.85
C ILE F 10 -50.91 21.97 46.37
N PRO F 11 -52.05 21.33 46.04
CA PRO F 11 -52.51 21.34 44.66
C PRO F 11 -52.86 22.75 44.23
N VAL F 12 -52.48 23.15 43.02
CA VAL F 12 -52.71 24.52 42.54
C VAL F 12 -54.21 24.86 42.58
N GLU F 13 -55.06 23.85 42.39
CA GLU F 13 -56.50 24.00 42.58
C GLU F 13 -56.84 24.73 43.89
N HIS F 14 -56.07 24.45 44.95
CA HIS F 14 -56.34 25.02 46.29
C HIS F 14 -55.33 26.07 46.73
N LEU F 15 -54.51 26.60 45.82
CA LEU F 15 -53.46 27.53 46.24
C LEU F 15 -54.03 28.83 46.78
N GLU F 16 -54.91 29.48 46.02
CA GLU F 16 -55.51 30.75 46.42
C GLU F 16 -56.10 30.66 47.84
N GLU F 17 -56.83 29.57 48.12
CA GLU F 17 -57.50 29.39 49.42
C GLU F 17 -56.51 29.22 50.57
N GLU F 18 -55.50 28.37 50.39
CA GLU F 18 -54.49 28.14 51.42
C GLU F 18 -53.65 29.40 51.73
N ILE F 19 -53.48 30.29 50.74
CA ILE F 19 -52.81 31.58 50.95
C ILE F 19 -53.61 32.48 51.89
N ARG F 20 -54.92 32.56 51.66
CA ARG F 20 -55.81 33.33 52.52
C ARG F 20 -55.76 32.80 53.95
N ILE F 21 -55.86 31.48 54.10
CA ILE F 21 -55.85 30.81 55.40
C ILE F 21 -54.59 31.13 56.20
N ARG F 22 -53.45 31.18 55.51
CA ARG F 22 -52.18 31.51 56.12
C ARG F 22 -51.87 33.00 56.00
N SER F 23 -52.79 33.79 55.50
CA SER F 23 -52.51 35.22 55.40
C SER F 23 -52.91 35.87 56.74
N ALA F 24 -53.76 35.20 57.50
CA ALA F 24 -54.21 35.70 58.80
C ALA F 24 -53.17 35.49 59.89
N CYS F 27 -50.05 37.39 60.02
CA CYS F 27 -49.90 36.27 59.08
C CYS F 27 -49.33 35.04 59.79
N LYS F 28 -50.01 34.60 60.84
CA LYS F 28 -49.51 33.57 61.78
C LYS F 28 -49.02 32.25 61.16
N GLN F 29 -49.79 31.69 60.25
CA GLN F 29 -49.58 30.32 59.79
C GLN F 29 -48.34 30.15 58.91
N PHE F 30 -48.08 31.15 58.07
CA PHE F 30 -46.85 31.17 57.29
C PHE F 30 -45.68 31.35 58.23
N ARG F 31 -45.81 32.32 59.14
CA ARG F 31 -44.73 32.63 60.06
C ARG F 31 -44.28 31.36 60.77
N GLU F 32 -45.25 30.57 61.22
CA GLU F 32 -44.98 29.29 61.89
C GLU F 32 -44.36 28.26 60.93
N GLU F 33 -44.86 28.22 59.70
CA GLU F 33 -44.31 27.30 58.70
C GLU F 33 -42.83 27.60 58.48
N PHE F 34 -42.53 28.88 58.25
CA PHE F 34 -41.15 29.34 58.01
C PHE F 34 -40.22 28.99 59.17
N ASN F 35 -40.73 29.10 60.39
CA ASN F 35 -39.93 28.83 61.57
C ASN F 35 -39.72 27.34 61.80
N SER F 36 -40.35 26.49 61.01
CA SER F 36 -40.17 25.05 61.12
C SER F 36 -39.15 24.51 60.13
N LEU F 37 -38.67 25.36 59.23
CA LEU F 37 -37.65 24.97 58.26
C LEU F 37 -36.35 24.66 59.00
N PRO F 38 -35.59 23.69 58.49
CA PRO F 38 -34.29 23.47 59.05
C PRO F 38 -33.26 24.44 58.50
N SER F 39 -32.57 25.18 59.37
CA SER F 39 -31.34 25.88 59.00
C SER F 39 -30.28 24.85 58.63
N GLY F 40 -29.62 25.02 57.49
CA GLY F 40 -28.73 23.97 56.99
C GLY F 40 -27.41 23.77 57.74
N HIS F 41 -27.47 23.66 59.06
CA HIS F 41 -26.27 23.71 59.86
C HIS F 41 -25.98 22.39 60.55
N ILE F 42 -27.02 21.74 61.04
CA ILE F 42 -26.89 20.48 61.75
C ILE F 42 -26.11 19.45 60.94
N GLN F 43 -26.55 19.19 59.72
CA GLN F 43 -25.97 18.13 58.88
C GLN F 43 -24.64 18.49 58.18
N GLY F 44 -24.33 19.78 58.06
CA GLY F 44 -23.17 20.24 57.27
C GLY F 44 -21.77 20.14 57.90
N THR F 45 -20.76 20.46 57.09
CA THR F 45 -19.37 20.67 57.53
C THR F 45 -18.93 22.04 57.02
N PHE F 46 -18.13 22.75 57.81
CA PHE F 46 -17.71 24.09 57.45
C PHE F 46 -16.19 24.30 57.64
N GLU F 47 -15.42 23.22 57.50
CA GLU F 47 -13.97 23.25 57.75
C GLU F 47 -13.29 24.25 56.80
N LEU F 48 -13.52 24.11 55.50
CA LEU F 48 -12.79 24.91 54.51
C LEU F 48 -13.15 26.39 54.54
N ALA F 49 -14.40 26.70 54.86
CA ALA F 49 -14.86 28.10 54.88
C ALA F 49 -14.23 28.89 56.02
N ASN F 50 -13.91 28.23 57.14
CA ASN F 50 -13.35 28.91 58.31
C ASN F 50 -11.82 28.91 58.41
N LYS F 51 -11.12 28.36 57.41
CA LYS F 51 -9.66 28.41 57.38
C LYS F 51 -9.18 29.84 57.55
N GLU F 52 -8.12 30.05 58.32
CA GLU F 52 -7.56 31.39 58.54
C GLU F 52 -7.37 32.08 57.19
N GLU F 53 -6.67 31.41 56.28
CA GLU F 53 -6.44 31.91 54.92
C GLU F 53 -7.72 32.46 54.24
N ASN F 54 -8.84 31.78 54.44
CA ASN F 54 -10.10 32.13 53.78
C ASN F 54 -11.00 33.12 54.53
N ARG F 55 -10.60 33.53 55.74
CA ARG F 55 -11.41 34.45 56.56
C ARG F 55 -11.78 35.73 55.80
N GLU F 56 -10.77 36.36 55.19
CA GLU F 56 -10.95 37.66 54.53
C GLU F 56 -11.73 37.57 53.23
N LYS F 57 -12.04 36.36 52.80
CA LYS F 57 -12.76 36.12 51.54
C LYS F 57 -14.27 36.07 51.71
N ASN F 58 -14.75 36.00 52.96
CA ASN F 58 -16.18 35.97 53.23
C ASN F 58 -16.65 37.34 53.67
N ARG F 59 -17.80 37.75 53.17
CA ARG F 59 -18.32 39.07 53.48
C ARG F 59 -18.98 39.05 54.86
N TYR F 60 -19.79 38.02 55.10
CA TYR F 60 -20.45 37.81 56.38
C TYR F 60 -19.99 36.47 56.94
N PRO F 61 -19.41 36.49 58.15
CA PRO F 61 -18.79 35.27 58.68
C PRO F 61 -19.77 34.23 59.21
N ASN F 62 -21.06 34.56 59.31
CA ASN F 62 -22.07 33.59 59.71
C ASN F 62 -22.71 32.89 58.52
N ILE F 63 -22.54 33.46 57.32
CA ILE F 63 -23.17 32.94 56.11
C ILE F 63 -22.09 32.33 55.23
N LEU F 64 -21.90 31.02 55.38
CA LEU F 64 -20.76 30.32 54.82
C LEU F 64 -21.23 29.09 54.10
N PRO F 65 -20.54 28.71 53.02
CA PRO F 65 -20.93 27.46 52.35
C PRO F 65 -20.45 26.24 53.13
N ASN F 66 -21.25 25.18 53.12
CA ASN F 66 -20.79 23.90 53.69
C ASN F 66 -19.80 23.27 52.73
N ASP F 67 -19.02 22.31 53.23
CA ASP F 67 -17.92 21.74 52.45
C ASP F 67 -18.39 20.91 51.26
N HIS F 68 -19.58 20.31 51.38
CA HIS F 68 -20.05 19.33 50.41
C HIS F 68 -20.51 19.92 49.09
N SER F 69 -21.27 21.01 49.15
CA SER F 69 -21.81 21.65 47.95
C SER F 69 -21.06 22.92 47.57
N ARG F 70 -19.92 23.14 48.20
CA ARG F 70 -19.07 24.29 47.92
C ARG F 70 -18.63 24.26 46.49
N VAL F 71 -18.66 25.41 45.81
CA VAL F 71 -18.01 25.54 44.51
C VAL F 71 -16.50 25.59 44.76
N ILE F 72 -15.77 24.72 44.08
CA ILE F 72 -14.31 24.59 44.29
C ILE F 72 -13.55 25.03 43.05
N LEU F 73 -12.79 26.10 43.18
CA LEU F 73 -12.00 26.64 42.08
C LEU F 73 -10.75 25.78 41.90
N SER F 74 -10.21 25.79 40.68
CA SER F 74 -8.94 25.11 40.37
C SER F 74 -7.83 25.79 41.18
N GLN F 75 -6.90 24.99 41.70
CA GLN F 75 -5.82 25.49 42.55
C GLN F 75 -4.88 26.46 41.81
N LEU F 76 -4.90 27.74 42.19
CA LEU F 76 -4.04 28.77 41.55
C LEU F 76 -2.81 29.04 42.41
N GLY F 78 0.64 28.62 42.46
CA GLY F 78 1.14 28.06 43.73
C GLY F 78 0.80 28.84 45.01
N ILE F 79 -0.34 29.53 45.01
CA ILE F 79 -0.80 30.30 46.18
C ILE F 79 -1.68 29.41 47.06
N PRO F 80 -1.35 29.28 48.37
CA PRO F 80 -2.06 28.39 49.31
C PRO F 80 -3.50 28.82 49.59
N CYS F 81 -4.37 27.85 49.82
CA CYS F 81 -5.81 28.09 50.03
C CYS F 81 -6.48 28.86 48.88
N SER F 82 -5.98 28.66 47.66
CA SER F 82 -6.53 29.29 46.43
C SER F 82 -7.73 28.54 45.87
N ASP F 83 -8.13 27.47 46.56
CA ASP F 83 -9.22 26.60 46.17
C ASP F 83 -10.59 27.25 46.29
N TYR F 84 -10.70 28.26 47.15
CA TYR F 84 -11.99 28.62 47.79
C TYR F 84 -12.68 29.88 47.29
N ILE F 85 -14.01 29.80 47.21
CA ILE F 85 -14.87 30.94 46.97
C ILE F 85 -16.16 30.69 47.74
N ASN F 86 -16.77 31.77 48.20
CA ASN F 86 -18.03 31.72 48.94
C ASN F 86 -19.21 31.58 47.99
N ALA F 87 -19.43 30.35 47.53
CA ALA F 87 -20.51 30.02 46.61
C ALA F 87 -20.80 28.53 46.70
N SER F 88 -22.04 28.15 46.45
CA SER F 88 -22.41 26.75 46.50
C SER F 88 -23.41 26.36 45.41
N TYR F 89 -23.30 25.11 44.95
CA TYR F 89 -24.23 24.56 43.97
C TYR F 89 -25.59 24.36 44.62
N ILE F 90 -26.64 24.70 43.89
CA ILE F 90 -28.00 24.58 44.37
C ILE F 90 -28.82 23.94 43.26
N ASP F 91 -29.62 22.94 43.61
CA ASP F 91 -30.40 22.21 42.61
C ASP F 91 -31.68 22.96 42.27
N GLY F 92 -32.19 22.69 41.07
CA GLY F 92 -33.49 23.20 40.65
C GLY F 92 -34.48 22.08 40.80
N TYR F 93 -35.72 22.33 40.39
CA TYR F 93 -36.71 21.26 40.35
C TYR F 93 -36.24 20.25 39.31
N LYS F 94 -36.03 19.02 39.77
CA LYS F 94 -35.52 17.92 38.92
C LYS F 94 -34.32 18.32 38.03
N GLU F 95 -33.34 19.02 38.59
CA GLU F 95 -32.09 19.34 37.87
C GLU F 95 -30.95 19.61 38.84
N LYS F 96 -30.08 18.62 39.02
CA LYS F 96 -28.91 18.77 39.91
C LYS F 96 -28.06 19.93 39.41
N ASN F 97 -27.67 20.80 40.36
CA ASN F 97 -26.75 21.92 40.11
C ASN F 97 -27.19 22.89 39.04
N LYS F 98 -28.47 23.26 39.04
CA LYS F 98 -28.98 24.26 38.07
C LYS F 98 -28.34 25.63 38.34
N PHE F 99 -28.10 25.95 39.60
CA PHE F 99 -27.63 27.27 39.97
C PHE F 99 -26.35 27.24 40.77
N ILE F 100 -25.68 28.38 40.84
CA ILE F 100 -24.67 28.64 41.85
C ILE F 100 -25.13 29.85 42.66
N ALA F 101 -25.40 29.63 43.94
CA ALA F 101 -25.75 30.72 44.83
C ALA F 101 -24.44 31.23 45.36
N ALA F 102 -24.06 32.44 44.97
CA ALA F 102 -22.77 32.99 45.32
C ALA F 102 -22.93 34.29 46.06
N GLN F 103 -22.01 34.57 46.97
CA GLN F 103 -22.01 35.87 47.63
C GLN F 103 -21.54 36.88 46.61
N GLY F 104 -22.09 38.09 46.69
CA GLY F 104 -21.65 39.18 45.83
C GLY F 104 -20.21 39.50 46.14
N PRO F 105 -19.35 39.51 45.10
CA PRO F 105 -17.91 39.61 45.31
C PRO F 105 -17.49 40.92 45.92
N LYS F 106 -16.36 40.91 46.61
CA LYS F 106 -15.73 42.14 47.12
C LYS F 106 -14.35 42.34 46.49
N GLN F 107 -13.81 43.56 46.59
CA GLN F 107 -12.56 43.89 45.91
C GLN F 107 -11.62 42.68 45.87
N GLU F 108 -11.43 42.08 47.04
CA GLU F 108 -10.47 40.98 47.24
C GLU F 108 -10.86 39.64 46.64
N THR F 109 -12.10 39.50 46.18
CA THR F 109 -12.55 38.26 45.55
C THR F 109 -13.13 38.43 44.14
N VAL F 110 -12.98 39.63 43.56
CA VAL F 110 -13.56 39.88 42.24
C VAL F 110 -12.94 38.98 41.19
N ASN F 111 -11.65 38.75 41.32
CA ASN F 111 -10.90 37.94 40.37
C ASN F 111 -11.30 36.47 40.52
N ASP F 112 -11.37 36.02 41.77
CA ASP F 112 -11.78 34.65 42.08
C ASP F 112 -13.20 34.41 41.55
N PHE F 113 -14.03 35.45 41.57
CA PHE F 113 -15.40 35.39 41.06
C PHE F 113 -15.42 35.05 39.56
N TRP F 114 -14.62 35.75 38.78
CA TRP F 114 -14.61 35.54 37.34
C TRP F 114 -14.02 34.19 36.97
N ARG F 115 -13.07 33.72 37.77
CA ARG F 115 -12.49 32.40 37.52
C ARG F 115 -13.52 31.31 37.76
N MET F 116 -14.44 31.54 38.67
CA MET F 116 -15.56 30.64 38.87
C MET F 116 -16.46 30.64 37.63
N VAL F 117 -16.87 31.83 37.19
CA VAL F 117 -17.73 31.98 36.01
C VAL F 117 -17.07 31.27 34.83
N TRP F 118 -15.76 31.42 34.70
CA TRP F 118 -15.02 30.80 33.61
C TRP F 118 -14.88 29.29 33.77
N GLU F 119 -14.41 28.85 34.93
CA GLU F 119 -14.19 27.42 35.16
C GLU F 119 -15.49 26.61 35.17
N GLN F 120 -16.59 27.24 35.58
CA GLN F 120 -17.87 26.55 35.63
C GLN F 120 -18.66 26.61 34.32
N LYS F 121 -18.14 27.34 33.33
CA LYS F 121 -18.75 27.41 32.00
C LYS F 121 -20.13 28.10 32.03
N SER F 122 -20.30 29.03 32.97
CA SER F 122 -21.55 29.74 33.12
C SER F 122 -21.74 30.76 32.00
N ALA F 123 -22.98 30.88 31.54
CA ALA F 123 -23.36 31.85 30.54
C ALA F 123 -24.14 33.02 31.14
N THR F 124 -24.64 32.88 32.36
CA THR F 124 -25.56 33.86 32.93
C THR F 124 -25.23 34.18 34.39
N ILE F 125 -25.19 35.47 34.71
CA ILE F 125 -25.08 35.94 36.07
C ILE F 125 -26.37 36.69 36.41
N VAL F 126 -27.00 36.34 37.53
CA VAL F 126 -28.20 37.04 37.99
C VAL F 126 -27.87 37.84 39.26
N MET F 127 -27.84 39.15 39.15
CA MET F 127 -27.50 40.02 40.27
C MET F 127 -28.77 40.60 40.88
N LEU F 128 -29.07 40.19 42.11
CA LEU F 128 -30.32 40.56 42.77
C LEU F 128 -30.12 41.69 43.79
N THR F 129 -28.99 42.38 43.72
CA THR F 129 -28.66 43.45 44.65
C THR F 129 -28.26 44.73 43.87
N ASN F 130 -28.36 45.87 44.51
CA ASN F 130 -27.69 47.05 43.99
C ASN F 130 -26.34 47.12 44.66
N LEU F 131 -25.49 48.04 44.23
CA LEU F 131 -24.13 48.08 44.75
C LEU F 131 -24.12 48.58 46.19
N LYS F 132 -24.47 49.85 46.38
CA LYS F 132 -24.71 50.36 47.73
C LYS F 132 -26.22 50.33 47.95
N GLU F 133 -26.60 50.20 49.22
CA GLU F 133 -27.98 50.32 49.65
C GLU F 133 -27.95 51.31 50.80
N ARG F 134 -28.37 52.54 50.54
CA ARG F 134 -28.41 53.58 51.56
C ARG F 134 -27.08 53.72 52.28
N LYS F 135 -26.00 53.77 51.51
CA LYS F 135 -24.66 54.17 52.03
C LYS F 135 -23.70 53.00 52.29
N GLU F 136 -24.21 51.85 52.75
CA GLU F 136 -23.36 50.68 53.00
C GLU F 136 -23.18 49.83 51.72
N GLU F 137 -21.93 49.50 51.39
CA GLU F 137 -21.58 48.74 50.17
C GLU F 137 -21.97 47.26 50.28
N LYS F 138 -23.07 46.89 49.61
CA LYS F 138 -23.61 45.54 49.68
C LYS F 138 -22.93 44.60 48.68
N CYS F 139 -22.27 45.16 47.66
CA CYS F 139 -21.56 44.36 46.64
C CYS F 139 -20.64 45.21 45.77
N HIS F 140 -19.43 44.72 45.51
CA HIS F 140 -18.40 45.46 44.78
C HIS F 140 -18.54 45.26 43.29
N GLN F 141 -18.41 46.34 42.54
CA GLN F 141 -18.62 46.28 41.09
C GLN F 141 -17.53 45.45 40.44
N TYR F 142 -17.94 44.41 39.73
CA TYR F 142 -17.01 43.43 39.20
C TYR F 142 -17.01 43.42 37.68
N TRP F 143 -17.43 44.51 37.06
CA TRP F 143 -17.48 44.61 35.61
C TRP F 143 -17.08 46.01 35.16
N PRO F 144 -16.47 46.14 33.99
CA PRO F 144 -16.08 47.44 33.48
C PRO F 144 -17.30 48.28 33.11
N ASP F 145 -17.24 49.58 33.38
CA ASP F 145 -18.33 50.47 32.99
C ASP F 145 -18.26 50.65 31.47
N GLN F 146 -17.13 51.16 30.99
CA GLN F 146 -16.82 51.28 29.57
C GLN F 146 -15.68 50.31 29.22
N GLY F 147 -15.66 49.81 27.99
CA GLY F 147 -14.50 49.11 27.47
C GLY F 147 -14.19 47.77 28.12
N CYS F 148 -12.92 47.56 28.49
CA CYS F 148 -12.44 46.27 28.97
C CYS F 148 -11.63 46.36 30.24
N TRP F 149 -11.41 45.21 30.86
CA TRP F 149 -10.59 45.10 32.05
C TRP F 149 -10.15 43.67 32.27
N THR F 150 -8.84 43.47 32.53
CA THR F 150 -8.31 42.15 32.85
C THR F 150 -8.45 41.93 34.35
N TYR F 151 -9.34 41.02 34.76
CA TYR F 151 -9.47 40.62 36.17
C TYR F 151 -8.70 39.32 36.39
N GLY F 152 -7.42 39.44 36.73
CA GLY F 152 -6.55 38.27 36.88
C GLY F 152 -6.09 37.76 35.53
N ASN F 153 -6.42 36.51 35.22
CA ASN F 153 -6.14 35.96 33.90
C ASN F 153 -7.38 35.98 33.00
N ILE F 154 -8.42 36.74 33.39
CA ILE F 154 -9.67 36.82 32.62
C ILE F 154 -9.98 38.27 32.22
N ARG F 155 -10.04 38.53 30.91
CA ARG F 155 -10.37 39.85 30.37
C ARG F 155 -11.84 39.94 30.06
N VAL F 156 -12.56 40.79 30.79
CA VAL F 156 -13.98 41.03 30.57
C VAL F 156 -14.16 42.30 29.74
N CYS F 157 -15.16 42.31 28.85
CA CYS F 157 -15.48 43.48 28.00
C CYS F 157 -16.96 43.72 27.82
N VAL F 158 -17.38 44.97 28.00
CA VAL F 158 -18.79 45.33 27.86
C VAL F 158 -19.13 45.43 26.39
N GLU F 159 -20.11 44.66 25.96
CA GLU F 159 -20.60 44.68 24.59
C GLU F 159 -21.96 45.39 24.46
N ASP F 160 -22.82 45.28 25.48
CA ASP F 160 -24.09 46.04 25.55
C ASP F 160 -24.61 46.17 26.98
N CYS F 161 -25.32 47.29 27.25
CA CYS F 161 -26.09 47.46 28.49
C CYS F 161 -27.46 48.00 28.08
N VAL F 162 -28.52 47.28 28.46
CA VAL F 162 -29.90 47.74 28.24
C VAL F 162 -30.57 48.01 29.58
N VAL F 163 -30.99 49.24 29.82
CA VAL F 163 -31.63 49.63 31.08
C VAL F 163 -33.13 49.77 30.94
N LEU F 164 -33.85 48.78 31.44
CA LEU F 164 -35.31 48.84 31.55
C LEU F 164 -35.69 49.26 32.96
N VAL F 165 -36.97 49.45 33.23
CA VAL F 165 -37.43 50.00 34.50
C VAL F 165 -37.22 49.08 35.69
N ASP F 166 -37.51 47.79 35.55
CA ASP F 166 -37.42 46.88 36.70
C ASP F 166 -36.04 46.17 36.82
N TYR F 167 -35.29 46.12 35.72
CA TYR F 167 -33.97 45.46 35.69
C TYR F 167 -33.15 46.00 34.51
N THR F 168 -31.82 45.84 34.57
CA THR F 168 -30.97 46.16 33.43
C THR F 168 -30.18 44.92 33.04
N ILE F 169 -29.71 44.89 31.80
CA ILE F 169 -29.21 43.68 31.17
C ILE F 169 -27.90 43.99 30.48
N ARG F 170 -26.83 43.28 30.84
CA ARG F 170 -25.49 43.60 30.35
C ARG F 170 -24.85 42.41 29.66
N LYS F 171 -24.22 42.66 28.51
CA LYS F 171 -23.66 41.58 27.72
C LYS F 171 -22.14 41.69 27.77
N PHE F 172 -21.49 40.67 28.33
CA PHE F 172 -20.05 40.65 28.46
C PHE F 172 -19.42 39.65 27.56
N CYS F 173 -18.18 39.93 27.21
CA CYS F 173 -17.39 39.02 26.42
C CYS F 173 -16.12 38.71 27.19
N ILE F 174 -16.10 37.56 27.87
CA ILE F 174 -14.98 37.19 28.72
C ILE F 174 -14.05 36.20 28.03
N GLN F 175 -12.77 36.27 28.37
CA GLN F 175 -11.73 35.47 27.74
C GLN F 175 -10.42 35.61 28.50
N PRO F 176 -9.63 34.54 28.58
CA PRO F 176 -8.30 34.67 29.14
C PRO F 176 -7.27 35.16 28.12
N LYS F 183 -9.24 28.86 24.95
CA LYS F 183 -8.95 29.88 23.94
C LYS F 183 -10.23 30.64 23.47
N ALA F 184 -11.30 29.90 23.18
CA ALA F 184 -12.51 30.49 22.62
C ALA F 184 -13.09 31.55 23.54
N PRO F 185 -13.24 32.80 23.07
CA PRO F 185 -13.93 33.77 23.91
C PRO F 185 -15.39 33.37 24.08
N ARG F 186 -16.00 33.88 25.14
CA ARG F 186 -17.32 33.45 25.56
C ARG F 186 -18.19 34.64 25.93
N LEU F 187 -19.49 34.53 25.67
CA LEU F 187 -20.41 35.60 25.96
C LEU F 187 -21.17 35.31 27.26
N VAL F 188 -21.00 36.16 28.26
CA VAL F 188 -21.76 36.06 29.51
C VAL F 188 -22.74 37.23 29.61
N SER F 189 -24.01 36.90 29.83
CA SER F 189 -25.04 37.94 29.98
C SER F 189 -25.43 38.07 31.46
N GLN F 190 -25.30 39.30 31.97
CA GLN F 190 -25.64 39.63 33.35
C GLN F 190 -27.03 40.25 33.40
N LEU F 191 -27.89 39.70 34.24
CA LEU F 191 -29.23 40.22 34.44
C LEU F 191 -29.28 40.81 35.84
N HIS F 192 -29.42 42.13 35.92
CA HIS F 192 -29.30 42.84 37.18
C HIS F 192 -30.66 43.40 37.56
N PHE F 193 -31.28 42.82 38.58
CA PHE F 193 -32.57 43.30 39.09
C PHE F 193 -32.43 44.54 40.00
N THR F 194 -32.85 45.69 39.48
CA THR F 194 -32.69 46.96 40.15
C THR F 194 -33.82 47.28 41.12
N SER F 195 -35.02 46.75 40.84
CA SER F 195 -36.26 47.18 41.49
C SER F 195 -36.40 46.78 42.97
N TRP F 196 -35.63 45.79 43.43
CA TRP F 196 -35.81 45.23 44.76
C TRP F 196 -35.57 46.28 45.85
N PRO F 197 -36.57 46.54 46.70
CA PRO F 197 -36.48 47.66 47.63
C PRO F 197 -35.48 47.44 48.75
N ASP F 198 -35.06 48.55 49.38
CA ASP F 198 -33.98 48.52 50.36
C ASP F 198 -34.36 47.61 51.52
N PHE F 199 -35.52 47.94 52.11
CA PHE F 199 -36.11 47.22 53.24
C PHE F 199 -37.45 46.59 52.84
N GLY F 200 -37.53 45.27 52.87
CA GLY F 200 -38.80 44.55 52.67
C GLY F 200 -38.72 43.67 51.45
N VAL F 201 -39.86 43.14 50.98
CA VAL F 201 -39.94 42.50 49.66
C VAL F 201 -40.64 43.48 48.75
N PRO F 202 -40.61 43.22 47.43
CA PRO F 202 -41.32 44.09 46.50
C PRO F 202 -42.82 44.01 46.68
N PHE F 203 -43.50 44.84 45.91
CA PHE F 203 -44.86 45.31 46.20
C PHE F 203 -45.85 44.41 45.43
N THR F 204 -45.71 44.35 44.10
CA THR F 204 -46.26 43.27 43.28
C THR F 204 -45.12 42.28 43.04
N PRO F 205 -45.41 41.06 42.54
CA PRO F 205 -44.32 40.24 42.02
C PRO F 205 -44.31 40.09 40.48
N ILE F 206 -45.02 40.98 39.77
CA ILE F 206 -45.09 40.97 38.29
C ILE F 206 -43.69 41.17 37.70
N GLY F 207 -42.96 42.16 38.23
CA GLY F 207 -41.60 42.44 37.77
C GLY F 207 -40.62 41.31 37.99
N MET F 208 -40.74 40.61 39.10
CA MET F 208 -39.88 39.47 39.38
C MET F 208 -40.22 38.26 38.52
N LEU F 209 -41.49 38.09 38.16
CA LEU F 209 -41.85 36.97 37.30
C LEU F 209 -41.37 37.22 35.87
N LYS F 210 -41.49 38.45 35.41
CA LYS F 210 -41.03 38.83 34.06
C LYS F 210 -39.51 38.68 33.95
N PHE F 211 -38.83 39.12 35.00
CA PHE F 211 -37.37 39.00 35.12
C PHE F 211 -36.92 37.54 35.10
N LEU F 212 -37.69 36.69 35.73
CA LEU F 212 -37.35 35.28 35.84
C LEU F 212 -37.59 34.55 34.51
N LYS F 213 -38.49 35.09 33.70
CA LYS F 213 -38.72 34.54 32.37
C LYS F 213 -37.58 34.99 31.43
N LYS F 214 -37.06 36.20 31.63
CA LYS F 214 -35.98 36.71 30.78
C LYS F 214 -34.69 35.92 31.03
N VAL F 215 -34.49 35.45 32.25
CA VAL F 215 -33.36 34.60 32.53
C VAL F 215 -33.51 33.28 31.77
N LYS F 216 -34.68 32.64 31.85
CA LYS F 216 -34.90 31.38 31.12
C LYS F 216 -34.59 31.58 29.64
N THR F 217 -34.95 32.76 29.10
CA THR F 217 -34.76 33.10 27.66
C THR F 217 -33.29 33.24 27.25
N LEU F 218 -32.46 33.88 28.08
CA LEU F 218 -31.08 34.21 27.71
C LEU F 218 -30.05 33.15 28.09
N ASN F 219 -30.44 32.14 28.86
CA ASN F 219 -29.48 31.12 29.27
C ASN F 219 -29.53 29.98 28.26
N PRO F 220 -28.42 29.69 27.58
CA PRO F 220 -28.41 28.58 26.63
C PRO F 220 -28.58 27.20 27.25
N VAL F 221 -29.28 26.31 26.53
CA VAL F 221 -29.50 24.92 26.94
C VAL F 221 -28.22 24.22 27.35
N HIS F 222 -27.13 24.45 26.61
CA HIS F 222 -25.85 23.77 26.84
C HIS F 222 -25.01 24.32 27.98
N ALA F 223 -25.34 25.52 28.48
CA ALA F 223 -24.46 26.26 29.39
C ALA F 223 -24.26 25.60 30.74
N GLY F 224 -23.32 26.13 31.50
CA GLY F 224 -23.09 25.69 32.89
C GLY F 224 -24.16 26.22 33.83
N PRO F 225 -23.93 26.14 35.16
CA PRO F 225 -24.92 26.62 36.13
C PRO F 225 -25.08 28.13 36.14
N ILE F 226 -26.27 28.61 36.49
CA ILE F 226 -26.53 30.04 36.52
C ILE F 226 -25.97 30.61 37.83
N VAL F 227 -25.11 31.61 37.73
CA VAL F 227 -24.59 32.26 38.92
C VAL F 227 -25.60 33.28 39.42
N VAL F 228 -26.19 33.05 40.58
CA VAL F 228 -27.13 33.99 41.18
C VAL F 228 -26.50 34.53 42.43
N HIS F 229 -26.42 35.86 42.54
CA HIS F 229 -25.80 36.45 43.71
C HIS F 229 -26.51 37.69 44.19
N CYS F 230 -26.42 37.95 45.50
CA CYS F 230 -26.97 39.16 46.11
C CYS F 230 -25.88 39.79 46.99
N SER F 231 -26.06 39.86 48.31
CA SER F 231 -24.98 40.36 49.18
C SER F 231 -24.38 39.18 49.88
N ALA F 232 -25.20 38.50 50.67
CA ALA F 232 -24.77 37.34 51.45
C ALA F 232 -24.83 36.05 50.66
N GLY F 233 -25.61 36.03 49.57
CA GLY F 233 -25.74 34.83 48.75
C GLY F 233 -26.78 33.87 49.28
N VAL F 234 -27.57 34.33 50.23
CA VAL F 234 -28.74 33.61 50.71
C VAL F 234 -29.78 34.68 50.95
N GLY F 235 -31.03 34.45 50.57
CA GLY F 235 -32.07 35.46 50.82
C GLY F 235 -32.79 35.83 49.55
N ARG F 236 -32.39 36.93 48.91
CA ARG F 236 -32.99 37.24 47.62
C ARG F 236 -32.63 36.11 46.67
N THR F 237 -31.34 35.79 46.64
CA THR F 237 -30.84 34.71 45.80
C THR F 237 -31.64 33.40 46.04
N GLY F 238 -32.07 33.19 47.27
CA GLY F 238 -32.87 32.03 47.59
C GLY F 238 -34.29 32.16 47.09
N THR F 239 -34.96 33.26 47.43
CA THR F 239 -36.34 33.47 47.01
C THR F 239 -36.42 33.29 45.49
N PHE F 240 -35.40 33.74 44.77
CA PHE F 240 -35.35 33.63 43.31
C PHE F 240 -35.26 32.18 42.85
N ILE F 241 -34.32 31.44 43.41
CA ILE F 241 -34.17 30.02 43.08
C ILE F 241 -35.44 29.21 43.39
N VAL F 242 -36.03 29.45 44.54
CA VAL F 242 -37.27 28.77 44.92
C VAL F 242 -38.41 29.07 43.95
N ILE F 243 -38.62 30.35 43.60
CA ILE F 243 -39.69 30.72 42.68
C ILE F 243 -39.56 30.01 41.32
N ASP F 244 -38.33 29.88 40.81
CA ASP F 244 -38.10 29.11 39.57
C ASP F 244 -38.46 27.63 39.80
N ALA F 245 -37.85 27.01 40.80
CA ALA F 245 -38.13 25.61 41.09
C ALA F 245 -39.63 25.34 41.15
N MET F 246 -40.35 26.20 41.87
CA MET F 246 -41.77 25.98 42.13
C MET F 246 -42.62 26.24 40.92
N MET F 247 -42.22 27.16 40.05
CA MET F 247 -42.92 27.32 38.77
C MET F 247 -42.83 26.01 37.98
N ALA F 248 -41.64 25.40 37.97
CA ALA F 248 -41.44 24.09 37.37
C ALA F 248 -42.40 23.06 37.93
N MET F 249 -42.46 22.99 39.25
CA MET F 249 -43.27 22.00 39.94
C MET F 249 -44.74 22.16 39.57
N MET F 250 -45.22 23.39 39.49
CA MET F 250 -46.60 23.64 39.04
C MET F 250 -46.79 23.07 37.65
N HIS F 251 -45.90 23.48 36.76
CA HIS F 251 -45.99 23.10 35.35
C HIS F 251 -45.75 21.63 35.07
N ALA F 252 -45.43 20.86 36.11
CA ALA F 252 -45.22 19.42 35.97
C ALA F 252 -46.18 18.65 36.84
N GLU F 253 -46.17 18.92 38.15
CA GLU F 253 -46.93 18.14 39.14
C GLU F 253 -48.35 18.68 39.40
N GLN F 254 -48.62 19.92 38.97
CA GLN F 254 -49.89 20.60 39.26
C GLN F 254 -50.07 20.83 40.77
N LYS F 255 -48.98 20.68 41.51
CA LYS F 255 -48.96 20.86 42.95
C LYS F 255 -47.69 21.67 43.25
N VAL F 256 -47.65 22.35 44.39
CA VAL F 256 -46.51 23.18 44.74
C VAL F 256 -46.12 22.96 46.22
N ASP F 257 -44.84 22.64 46.48
CA ASP F 257 -44.35 22.35 47.85
C ASP F 257 -43.13 23.19 48.26
N VAL F 258 -43.39 24.44 48.65
CA VAL F 258 -42.32 25.38 48.96
C VAL F 258 -41.48 24.92 50.14
N PHE F 259 -42.11 24.22 51.08
CA PHE F 259 -41.44 23.82 52.32
C PHE F 259 -40.47 22.67 52.09
N GLU F 260 -40.90 21.62 51.39
CA GLU F 260 -40.00 20.48 51.11
C GLU F 260 -38.83 20.90 50.24
N PHE F 261 -38.93 22.06 49.59
CA PHE F 261 -37.84 22.53 48.74
C PHE F 261 -36.87 23.44 49.46
N VAL F 262 -37.36 24.47 50.16
CA VAL F 262 -36.47 25.34 50.93
C VAL F 262 -35.67 24.47 51.90
N SER F 263 -36.34 23.49 52.52
CA SER F 263 -35.69 22.50 53.38
C SER F 263 -34.56 21.76 52.63
N ARG F 264 -34.81 21.35 51.39
CA ARG F 264 -33.78 20.67 50.60
C ARG F 264 -32.58 21.59 50.30
N ILE F 265 -32.84 22.79 49.77
CA ILE F 265 -31.74 23.67 49.31
C ILE F 265 -30.90 24.17 50.49
N ARG F 266 -31.46 24.16 51.69
CA ARG F 266 -30.70 24.59 52.86
C ARG F 266 -29.64 23.57 53.24
N ASN F 267 -29.86 22.29 52.94
CA ASN F 267 -28.82 21.28 53.13
C ASN F 267 -27.68 21.41 52.10
N GLN F 268 -27.81 22.36 51.16
CA GLN F 268 -26.71 22.72 50.25
C GLN F 268 -26.08 24.05 50.63
N ARG F 269 -26.90 24.96 51.16
CA ARG F 269 -26.43 26.28 51.60
C ARG F 269 -27.34 26.80 52.69
N PRO F 270 -26.82 26.93 53.92
CA PRO F 270 -27.69 27.25 55.08
C PRO F 270 -28.37 28.61 55.05
N GLN F 271 -29.58 28.68 55.59
CA GLN F 271 -30.32 29.94 55.72
C GLN F 271 -30.84 30.48 54.38
N MET F 272 -31.10 29.62 53.42
CA MET F 272 -31.37 30.07 52.03
C MET F 272 -32.41 31.18 51.87
N VAL F 273 -33.63 30.97 52.37
CA VAL F 273 -34.61 32.06 52.37
C VAL F 273 -34.48 32.73 53.73
N GLN F 274 -34.38 34.06 53.77
CA GLN F 274 -33.90 34.73 54.99
C GLN F 274 -34.98 35.30 55.91
N THR F 275 -35.89 36.09 55.37
CA THR F 275 -36.98 36.69 56.15
C THR F 275 -38.22 35.80 56.06
N ASP F 276 -39.11 35.90 57.04
CA ASP F 276 -40.47 35.37 56.88
C ASP F 276 -41.13 36.01 55.66
N MET F 277 -40.97 37.34 55.54
CA MET F 277 -41.54 38.10 54.45
C MET F 277 -41.13 37.57 53.06
N GLN F 278 -39.89 37.09 52.91
CA GLN F 278 -39.48 36.46 51.64
C GLN F 278 -40.22 35.15 51.37
N TYR F 279 -40.54 34.41 52.42
CA TYR F 279 -41.27 33.15 52.28
C TYR F 279 -42.66 33.43 51.74
N THR F 280 -43.39 34.34 52.40
CA THR F 280 -44.71 34.78 51.95
C THR F 280 -44.71 35.34 50.49
N PHE F 281 -43.61 35.95 50.07
CA PHE F 281 -43.49 36.51 48.71
C PHE F 281 -43.34 35.42 47.68
N ILE F 282 -42.66 34.32 48.02
CA ILE F 282 -42.57 33.15 47.13
C ILE F 282 -43.96 32.68 46.79
N TYR F 283 -44.82 32.63 47.80
CA TYR F 283 -46.19 32.19 47.63
C TYR F 283 -46.99 33.18 46.79
N GLN F 284 -46.87 34.48 47.06
CA GLN F 284 -47.57 35.49 46.27
C GLN F 284 -47.22 35.40 44.80
N ALA F 285 -45.92 35.28 44.51
CA ALA F 285 -45.45 35.14 43.14
C ALA F 285 -46.05 33.90 42.50
N LEU F 286 -45.99 32.78 43.22
CA LEU F 286 -46.56 31.53 42.72
C LEU F 286 -48.04 31.67 42.40
N LEU F 287 -48.79 32.35 43.26
CA LEU F 287 -50.23 32.56 43.05
C LEU F 287 -50.46 33.43 41.82
N GLU F 288 -49.79 34.58 41.79
CA GLU F 288 -49.84 35.49 40.64
C GLU F 288 -49.60 34.72 39.35
N TYR F 289 -48.57 33.89 39.34
CA TYR F 289 -48.19 33.12 38.16
C TYR F 289 -49.19 32.02 37.78
N TYR F 290 -50.05 31.64 38.72
CA TYR F 290 -51.07 30.65 38.45
C TYR F 290 -52.32 31.35 37.95
N LEU F 291 -52.90 32.19 38.80
CA LEU F 291 -54.14 32.91 38.48
C LEU F 291 -54.07 33.65 37.13
N TYR F 292 -53.01 34.40 36.92
CA TYR F 292 -52.86 35.22 35.71
C TYR F 292 -51.80 34.70 34.72
N GLY F 293 -50.76 34.07 35.27
CA GLY F 293 -49.76 33.39 34.47
C GLY F 293 -49.69 33.80 33.00
N ASP F 294 -50.15 32.91 32.14
CA ASP F 294 -49.99 33.07 30.70
C ASP F 294 -51.05 34.02 30.10
N THR F 295 -50.68 35.29 30.00
CA THR F 295 -51.35 36.28 29.15
C THR F 295 -50.35 36.98 28.21
N GLU F 296 -49.05 36.69 28.35
CA GLU F 296 -48.06 37.17 27.39
C GLU F 296 -48.17 36.38 26.08
N LEU F 297 -47.80 37.00 24.95
CA LEU F 297 -47.82 36.31 23.66
C LEU F 297 -46.68 36.88 22.83
N ASP F 298 -46.19 36.11 21.86
CA ASP F 298 -45.12 36.60 20.96
C ASP F 298 -45.71 37.19 19.68
N VAL F 299 -45.04 38.22 19.16
CA VAL F 299 -45.51 38.97 18.00
C VAL F 299 -45.79 38.05 16.79
N SER F 300 -45.17 36.86 16.78
CA SER F 300 -45.51 35.80 15.80
C SER F 300 -47.01 35.45 15.82
N SER F 301 -47.51 35.11 17.02
CA SER F 301 -48.94 34.81 17.23
C SER F 301 -49.84 35.97 16.79
N GLY F 320 -64.07 36.97 26.65
CA GLY F 320 -62.74 36.63 27.17
C GLY F 320 -62.02 37.82 27.79
N LEU F 321 -61.83 38.86 26.98
CA LEU F 321 -61.35 40.16 27.44
C LEU F 321 -62.28 40.75 28.51
N GLU F 322 -63.57 40.48 28.35
CA GLU F 322 -64.56 40.80 29.37
C GLU F 322 -64.12 40.19 30.70
N GLU F 323 -63.82 38.89 30.67
CA GLU F 323 -63.42 38.15 31.88
C GLU F 323 -62.18 38.75 32.55
N GLU F 324 -61.14 39.05 31.77
CA GLU F 324 -59.94 39.70 32.30
C GLU F 324 -60.28 41.02 33.00
N PHE F 325 -60.88 41.94 32.25
CA PHE F 325 -61.15 43.30 32.71
C PHE F 325 -61.77 43.36 34.09
N ARG F 326 -62.71 42.46 34.34
CA ARG F 326 -63.33 42.28 35.65
C ARG F 326 -62.27 42.14 36.75
N LYS F 327 -61.21 41.39 36.48
CA LYS F 327 -60.15 41.14 37.44
C LYS F 327 -59.37 42.42 37.76
N LEU F 328 -59.01 43.19 36.73
CA LEU F 328 -58.38 44.51 36.89
C LEU F 328 -59.22 45.40 37.80
N THR F 329 -60.51 45.48 37.45
CA THR F 329 -61.51 46.22 38.21
C THR F 329 -61.61 45.77 39.68
N ASN F 330 -61.44 44.47 39.93
CA ASN F 330 -61.44 43.96 41.29
C ASN F 330 -60.17 44.31 42.08
N VAL F 331 -59.16 44.86 41.39
CA VAL F 331 -57.97 45.41 42.07
C VAL F 331 -58.42 46.60 42.93
N ARG F 332 -58.20 46.50 44.24
CA ARG F 332 -58.68 47.52 45.20
C ARG F 332 -58.11 48.93 44.92
N ILE F 333 -58.90 49.95 45.23
CA ILE F 333 -58.46 51.36 45.19
C ILE F 333 -58.08 51.78 46.61
N MET F 334 -56.76 51.88 46.89
CA MET F 334 -56.26 52.04 48.27
C MET F 334 -56.72 53.35 48.93
N LYS F 335 -57.98 53.37 49.37
CA LYS F 335 -58.63 54.58 49.87
C LYS F 335 -57.84 55.29 50.98
N GLU F 336 -57.24 54.51 51.90
CA GLU F 336 -56.43 55.07 52.99
C GLU F 336 -55.13 55.72 52.49
N ASN F 337 -54.67 55.29 51.32
CA ASN F 337 -53.47 55.85 50.73
C ASN F 337 -53.72 57.12 49.90
N MET F 338 -54.96 57.63 49.89
CA MET F 338 -55.33 58.80 49.05
C MET F 338 -55.30 60.14 49.80
N ARG F 339 -54.94 60.11 51.09
CA ARG F 339 -55.11 61.26 51.99
C ARG F 339 -54.92 62.65 51.33
N THR F 340 -53.69 62.96 50.92
CA THR F 340 -53.31 64.32 50.49
C THR F 340 -54.41 65.03 49.70
N GLY F 341 -54.90 64.39 48.65
CA GLY F 341 -55.88 64.98 47.75
C GLY F 341 -57.30 65.14 48.30
N ASN F 342 -57.59 64.50 49.43
CA ASN F 342 -58.94 64.59 50.02
C ASN F 342 -59.09 65.74 51.03
N LEU F 343 -57.98 66.21 51.61
CA LEU F 343 -58.01 67.35 52.53
C LEU F 343 -58.84 68.48 51.93
N PRO F 344 -59.65 69.17 52.76
CA PRO F 344 -60.72 70.05 52.31
C PRO F 344 -60.33 71.02 51.20
N ALA F 345 -59.28 71.80 51.42
CA ALA F 345 -58.84 72.80 50.46
C ALA F 345 -58.70 72.20 49.06
N ASN F 346 -58.12 71.00 49.00
CA ASN F 346 -57.81 70.35 47.73
C ASN F 346 -58.97 69.64 47.04
N MET F 347 -60.06 69.39 47.78
CA MET F 347 -61.26 68.81 47.18
C MET F 347 -61.67 69.63 45.95
N LYS F 348 -61.72 70.96 46.12
CA LYS F 348 -62.07 71.90 45.05
C LYS F 348 -61.21 71.74 43.80
N LYS F 349 -59.93 71.41 43.98
CA LYS F 349 -58.95 71.44 42.90
C LYS F 349 -59.01 70.26 41.92
N ALA F 350 -59.72 69.19 42.27
CA ALA F 350 -59.86 68.04 41.39
C ALA F 350 -61.19 68.12 40.66
N ARG F 351 -61.25 67.48 39.50
CA ARG F 351 -62.49 67.44 38.69
C ARG F 351 -63.43 66.36 39.19
N VAL F 352 -62.92 65.14 39.24
CA VAL F 352 -63.67 64.00 39.76
C VAL F 352 -63.05 63.65 41.10
N ILE F 353 -63.74 63.98 42.19
CA ILE F 353 -63.23 63.71 43.55
C ILE F 353 -62.87 62.23 43.75
N GLN F 354 -63.45 61.35 42.93
CA GLN F 354 -63.15 59.92 42.96
C GLN F 354 -61.88 59.53 42.16
N ILE F 355 -61.43 60.36 41.21
CA ILE F 355 -60.20 60.10 40.42
C ILE F 355 -59.05 61.03 40.85
N ILE F 356 -58.45 60.69 41.98
CA ILE F 356 -57.45 61.53 42.65
C ILE F 356 -56.15 60.72 42.80
N PRO F 357 -55.03 61.40 43.05
CA PRO F 357 -53.74 60.69 43.05
C PRO F 357 -53.43 60.04 44.37
N TYR F 358 -52.81 58.86 44.33
CA TYR F 358 -52.30 58.21 45.53
C TYR F 358 -51.19 59.07 46.13
N ASP F 359 -51.11 59.12 47.45
CA ASP F 359 -50.12 59.98 48.12
C ASP F 359 -48.69 59.66 47.66
N PHE F 360 -48.36 58.38 47.48
CA PHE F 360 -46.97 57.96 47.29
C PHE F 360 -46.34 58.36 45.95
N ASN F 361 -47.08 58.36 44.87
CA ASN F 361 -46.49 58.73 43.57
C ASN F 361 -47.03 60.02 42.97
N ARG F 362 -47.48 60.93 43.82
CA ARG F 362 -48.06 62.18 43.34
C ARG F 362 -47.00 63.23 43.11
N VAL F 363 -47.39 64.25 42.37
CA VAL F 363 -46.47 65.25 41.88
C VAL F 363 -46.45 66.45 42.82
N ILE F 364 -45.50 66.45 43.78
CA ILE F 364 -45.40 67.53 44.79
C ILE F 364 -44.81 68.78 44.14
N LEU F 365 -45.26 69.96 44.55
CA LEU F 365 -44.71 71.22 44.03
C LEU F 365 -44.18 72.11 45.14
N SER F 366 -43.49 73.19 44.77
CA SER F 366 -42.97 74.17 45.74
C SER F 366 -44.11 74.94 46.39
N MET F 367 -43.97 75.27 47.69
CA MET F 367 -45.07 75.80 48.49
C MET F 367 -45.56 77.17 48.03
N THR F 374 -50.85 74.48 48.58
CA THR F 374 -50.05 74.90 47.44
C THR F 374 -49.23 73.75 46.88
N ASP F 375 -49.01 72.72 47.69
CA ASP F 375 -48.27 71.54 47.26
C ASP F 375 -49.01 70.70 46.21
N TYR F 376 -50.33 70.88 46.12
CA TYR F 376 -51.20 69.91 45.43
C TYR F 376 -51.55 70.23 43.98
N ILE F 377 -51.82 69.17 43.24
CA ILE F 377 -52.34 69.23 41.88
C ILE F 377 -52.65 67.79 41.47
N ASN F 378 -53.88 67.51 41.00
CA ASN F 378 -54.26 66.13 40.59
C ASN F 378 -53.34 65.62 39.48
N ALA F 379 -52.21 65.07 39.88
CA ALA F 379 -51.23 64.51 38.95
C ALA F 379 -50.48 63.35 39.61
N SER F 380 -50.14 62.34 38.81
CA SER F 380 -49.41 61.16 39.29
C SER F 380 -48.26 60.78 38.36
N PHE F 381 -47.09 60.53 38.95
CA PHE F 381 -45.96 60.00 38.20
C PHE F 381 -46.18 58.53 37.88
N ILE F 382 -46.05 58.19 36.60
CA ILE F 382 -46.24 56.84 36.14
C ILE F 382 -45.02 56.32 35.38
N ASP F 383 -44.61 55.10 35.70
CA ASP F 383 -43.41 54.50 35.13
C ASP F 383 -43.60 54.13 33.66
N GLY F 384 -42.56 54.36 32.86
CA GLY F 384 -42.55 53.92 31.46
C GLY F 384 -42.01 52.51 31.27
N TYR F 385 -41.80 52.11 30.01
CA TYR F 385 -41.18 50.82 29.72
C TYR F 385 -39.72 50.83 30.18
N ARG F 386 -39.06 51.97 29.95
CA ARG F 386 -37.62 52.09 30.14
C ARG F 386 -37.20 52.86 31.37
N GLN F 387 -38.08 53.68 31.92
CA GLN F 387 -37.74 54.37 33.16
C GLN F 387 -38.93 54.74 34.03
N LYS F 388 -38.61 55.01 35.29
CA LYS F 388 -39.57 55.43 36.30
C LYS F 388 -40.01 56.87 35.99
N ASP F 389 -41.20 57.22 36.49
CA ASP F 389 -41.70 58.59 36.45
C ASP F 389 -41.51 59.24 35.09
N TYR F 390 -41.89 58.50 34.05
CA TYR F 390 -41.69 58.94 32.69
C TYR F 390 -42.84 59.80 32.22
N PHE F 391 -44.04 59.51 32.74
CA PHE F 391 -45.25 60.25 32.42
C PHE F 391 -45.79 60.94 33.65
N ILE F 392 -46.22 62.18 33.50
CA ILE F 392 -47.06 62.82 34.49
C ILE F 392 -48.47 62.73 33.95
N ALA F 393 -49.35 62.08 34.72
CA ALA F 393 -50.72 61.77 34.29
C ALA F 393 -51.69 62.61 35.10
N THR F 394 -51.98 63.80 34.59
CA THR F 394 -52.79 64.79 35.31
C THR F 394 -54.14 64.96 34.65
N GLN F 395 -55.04 65.62 35.36
CA GLN F 395 -56.32 66.01 34.80
C GLN F 395 -56.14 67.19 33.85
N GLY F 396 -57.15 67.41 33.03
CA GLY F 396 -57.21 68.63 32.24
C GLY F 396 -57.42 69.78 33.21
N PRO F 397 -56.57 70.81 33.13
CA PRO F 397 -56.61 71.93 34.06
C PRO F 397 -57.96 72.59 34.12
N LEU F 398 -58.38 72.93 35.33
CA LEU F 398 -59.51 73.80 35.59
C LEU F 398 -59.03 75.23 35.55
N ALA F 399 -59.96 76.15 35.27
CA ALA F 399 -59.67 77.59 35.24
C ALA F 399 -58.75 77.99 36.39
N HIS F 400 -59.13 77.59 37.60
CA HIS F 400 -58.43 78.00 38.82
C HIS F 400 -57.26 77.09 39.19
N THR F 401 -56.80 76.27 38.26
CA THR F 401 -55.57 75.49 38.49
C THR F 401 -54.55 75.59 37.36
N VAL F 402 -54.73 76.50 36.40
CA VAL F 402 -53.74 76.68 35.33
C VAL F 402 -52.43 77.31 35.82
N GLU F 403 -52.54 78.23 36.78
CA GLU F 403 -51.35 78.80 37.43
C GLU F 403 -50.49 77.63 37.92
N ASP F 404 -51.12 76.69 38.60
CA ASP F 404 -50.42 75.53 39.18
C ASP F 404 -50.07 74.43 38.15
N PHE F 405 -50.76 74.40 37.00
CA PHE F 405 -50.48 73.43 35.93
C PHE F 405 -49.16 73.77 35.26
N TRP F 406 -48.98 75.05 34.94
CA TRP F 406 -47.76 75.50 34.31
C TRP F 406 -46.58 75.50 35.28
N ARG F 407 -46.86 75.55 36.58
CA ARG F 407 -45.81 75.30 37.55
C ARG F 407 -45.30 73.86 37.47
N MET F 408 -46.23 72.90 37.48
CA MET F 408 -45.84 71.50 37.43
C MET F 408 -44.95 71.22 36.23
N ILE F 409 -45.36 71.71 35.05
CA ILE F 409 -44.58 71.50 33.82
C ILE F 409 -43.17 72.00 34.04
N TRP F 410 -43.05 73.21 34.59
CA TRP F 410 -41.77 73.84 34.75
C TRP F 410 -40.93 73.20 35.85
N GLU F 411 -41.53 72.97 37.01
CA GLU F 411 -40.78 72.46 38.16
C GLU F 411 -40.31 71.01 37.91
N TRP F 412 -40.96 70.32 36.98
CA TRP F 412 -40.57 68.95 36.63
C TRP F 412 -40.01 68.83 35.22
N LYS F 413 -39.72 69.98 34.62
CA LYS F 413 -38.96 70.01 33.40
C LYS F 413 -39.59 69.16 32.28
N SER F 414 -40.91 69.12 32.25
CA SER F 414 -41.62 68.44 31.17
C SER F 414 -41.56 69.30 29.92
N HIS F 415 -41.18 68.70 28.80
CA HIS F 415 -41.07 69.42 27.54
C HIS F 415 -42.20 69.13 26.55
N THR F 416 -42.92 68.04 26.79
CA THR F 416 -43.96 67.55 25.88
C THR F 416 -45.30 67.35 26.60
N ILE F 417 -46.36 67.86 25.99
CA ILE F 417 -47.72 67.71 26.51
C ILE F 417 -48.56 66.94 25.48
N VAL F 418 -49.35 65.99 25.96
CA VAL F 418 -50.26 65.21 25.12
C VAL F 418 -51.69 65.47 25.61
N MET F 419 -52.50 66.11 24.76
CA MET F 419 -53.88 66.46 25.10
C MET F 419 -54.82 65.45 24.44
N LEU F 420 -55.57 64.71 25.24
CA LEU F 420 -56.41 63.63 24.74
C LEU F 420 -57.92 63.91 24.75
N THR F 421 -58.34 65.14 25.05
CA THR F 421 -59.75 65.56 24.83
C THR F 421 -59.83 66.87 24.05
N GLU F 422 -61.05 67.30 23.76
CA GLU F 422 -61.29 68.67 23.28
C GLU F 422 -61.64 69.55 24.48
N VAL F 423 -61.61 70.87 24.31
CA VAL F 423 -61.93 71.80 25.41
C VAL F 423 -63.39 71.65 25.88
N GLN F 424 -64.34 71.64 24.95
CA GLN F 424 -65.74 71.24 25.22
C GLN F 424 -66.05 69.91 24.49
N GLU F 425 -67.01 69.14 25.01
CA GLU F 425 -67.39 67.84 24.40
C GLU F 425 -68.81 67.42 24.84
N ARG F 426 -69.67 67.09 23.87
CA ARG F 426 -71.09 66.76 24.14
C ARG F 426 -71.88 67.92 24.78
N GLU F 427 -71.46 69.16 24.49
CA GLU F 427 -72.06 70.38 25.08
C GLU F 427 -71.65 70.63 26.54
N GLN F 428 -70.61 69.94 27.01
CA GLN F 428 -70.06 70.16 28.35
C GLN F 428 -68.59 70.64 28.23
N ASP F 429 -68.16 71.47 29.17
CA ASP F 429 -66.81 72.06 29.17
C ASP F 429 -65.77 71.15 29.89
N LYS F 430 -65.15 70.24 29.15
CA LYS F 430 -64.36 69.15 29.73
C LYS F 430 -62.88 69.47 30.02
N CYS F 431 -62.43 70.69 29.72
CA CYS F 431 -61.04 71.12 30.04
C CYS F 431 -60.73 72.56 29.64
N TYR F 432 -60.32 73.38 30.60
CA TYR F 432 -59.98 74.79 30.38
C TYR F 432 -58.84 74.89 29.40
N GLN F 433 -58.82 75.97 28.60
CA GLN F 433 -57.77 76.16 27.59
C GLN F 433 -56.55 76.91 28.15
N TYR F 434 -55.50 76.15 28.44
CA TYR F 434 -54.35 76.67 29.17
C TYR F 434 -53.33 77.36 28.27
N TRP F 435 -53.38 77.09 26.98
CA TRP F 435 -52.40 77.62 26.01
C TRP F 435 -53.00 78.73 25.15
N PRO F 436 -52.15 79.68 24.72
CA PRO F 436 -52.60 80.72 23.82
C PRO F 436 -52.54 80.25 22.38
N THR F 437 -53.56 80.63 21.60
CA THR F 437 -53.60 80.28 20.19
C THR F 437 -52.99 81.39 19.32
N GLU F 438 -53.19 82.65 19.71
CA GLU F 438 -52.68 83.79 18.94
C GLU F 438 -51.29 84.27 19.40
N GLY F 439 -51.23 84.90 20.56
CA GLY F 439 -50.03 85.62 21.01
C GLY F 439 -49.34 84.98 22.21
N SER F 440 -49.32 85.70 23.33
CA SER F 440 -48.78 85.20 24.58
C SER F 440 -49.82 85.31 25.69
N VAL F 441 -49.66 84.48 26.71
CA VAL F 441 -50.46 84.55 27.94
C VAL F 441 -49.49 84.37 29.09
N THR F 442 -49.75 85.02 30.22
CA THR F 442 -48.90 84.87 31.40
C THR F 442 -49.70 84.30 32.58
N HIS F 443 -49.62 82.98 32.77
CA HIS F 443 -50.28 82.28 33.89
C HIS F 443 -49.35 82.16 35.08
N GLY F 444 -49.28 83.23 35.87
CA GLY F 444 -48.42 83.29 37.04
C GLY F 444 -47.06 83.84 36.70
N GLU F 445 -46.02 83.20 37.23
CA GLU F 445 -44.64 83.57 36.92
C GLU F 445 -44.20 83.03 35.55
N ILE F 446 -44.99 82.12 34.97
CA ILE F 446 -44.69 81.54 33.67
C ILE F 446 -45.39 82.33 32.56
N THR F 447 -44.76 82.44 31.40
CA THR F 447 -45.37 83.04 30.21
C THR F 447 -45.32 82.04 29.06
N ILE F 448 -46.40 81.96 28.29
CA ILE F 448 -46.47 81.06 27.16
C ILE F 448 -46.72 81.86 25.88
N GLU F 449 -45.79 81.77 24.93
CA GLU F 449 -45.97 82.31 23.59
C GLU F 449 -45.96 81.13 22.63
N ILE F 450 -46.80 81.20 21.60
CA ILE F 450 -46.97 80.12 20.63
C ILE F 450 -46.21 80.43 19.35
N LYS F 451 -45.19 79.62 19.04
CA LYS F 451 -44.29 79.87 17.91
C LYS F 451 -44.77 79.21 16.62
N ASN F 452 -45.13 77.93 16.68
CA ASN F 452 -45.77 77.24 15.55
C ASN F 452 -47.08 76.54 15.99
N ASP F 453 -47.94 76.25 15.01
CA ASP F 453 -49.21 75.52 15.26
C ASP F 453 -49.75 74.89 13.97
N THR F 454 -49.44 73.62 13.73
CA THR F 454 -49.74 72.92 12.48
C THR F 454 -50.70 71.74 12.65
N LEU F 455 -51.86 71.79 11.99
CA LEU F 455 -52.85 70.67 11.99
C LEU F 455 -52.55 69.65 10.91
N SER F 456 -51.65 68.71 11.22
CA SER F 456 -51.41 67.53 10.39
C SER F 456 -52.67 66.64 10.38
N GLU F 457 -52.52 65.36 10.02
CA GLU F 457 -53.65 64.41 10.04
C GLU F 457 -53.92 63.99 11.48
N ALA F 458 -55.20 64.10 11.89
CA ALA F 458 -55.64 63.75 13.24
C ALA F 458 -55.03 64.67 14.33
N ILE F 459 -53.74 64.50 14.62
CA ILE F 459 -53.07 65.30 15.66
C ILE F 459 -52.92 66.73 15.14
N SER F 460 -52.93 67.70 16.05
CA SER F 460 -52.49 69.07 15.71
C SER F 460 -51.37 69.48 16.67
N ILE F 461 -50.25 69.94 16.12
CA ILE F 461 -49.04 70.12 16.91
C ILE F 461 -48.70 71.60 17.14
N ARG F 462 -48.49 71.95 18.41
CA ARG F 462 -48.18 73.33 18.80
C ARG F 462 -46.83 73.42 19.50
N ASP F 463 -46.13 74.53 19.26
CA ASP F 463 -44.84 74.82 19.87
C ASP F 463 -44.89 76.10 20.66
N PHE F 464 -44.37 76.08 21.88
CA PHE F 464 -44.43 77.24 22.76
C PHE F 464 -43.06 77.63 23.32
N LEU F 465 -42.85 78.92 23.52
CA LEU F 465 -41.73 79.39 24.32
C LEU F 465 -42.24 79.58 25.74
N VAL F 466 -41.89 78.68 26.65
CA VAL F 466 -42.21 78.88 28.05
C VAL F 466 -41.06 79.65 28.71
N THR F 467 -41.40 80.71 29.45
CA THR F 467 -40.41 81.51 30.18
C THR F 467 -40.84 81.75 31.61
N LEU F 468 -39.87 81.73 32.52
CA LEU F 468 -40.10 81.97 33.95
C LEU F 468 -39.72 83.41 34.33
N ASN F 469 -40.67 84.32 34.16
CA ASN F 469 -40.47 85.73 34.46
C ASN F 469 -40.52 86.00 35.97
N GLY F 476 -29.24 80.79 32.96
CA GLY F 476 -29.60 80.40 31.60
C GLY F 476 -30.69 79.33 31.52
N GLU F 477 -31.21 78.87 32.67
CA GLU F 477 -32.32 77.89 32.72
C GLU F 477 -33.71 78.51 32.52
N GLN F 478 -33.74 79.75 32.03
CA GLN F 478 -34.89 80.65 32.16
C GLN F 478 -35.94 80.53 31.05
N VAL F 479 -35.64 79.75 30.01
CA VAL F 479 -36.56 79.61 28.90
C VAL F 479 -36.55 78.18 28.36
N ARG F 480 -37.73 77.63 28.07
CA ARG F 480 -37.87 76.30 27.48
C ARG F 480 -38.73 76.42 26.24
N VAL F 481 -38.55 75.48 25.32
CA VAL F 481 -39.49 75.29 24.22
C VAL F 481 -40.31 74.04 24.51
N VAL F 482 -41.63 74.19 24.58
CA VAL F 482 -42.52 73.10 24.92
C VAL F 482 -43.44 72.79 23.75
N ARG F 483 -43.70 71.52 23.54
CA ARG F 483 -44.44 71.02 22.40
C ARG F 483 -45.74 70.37 22.85
N GLN F 484 -46.86 70.75 22.26
CA GLN F 484 -48.15 70.11 22.57
C GLN F 484 -48.68 69.28 21.39
N PHE F 485 -49.08 68.04 21.68
CA PHE F 485 -49.70 67.14 20.69
C PHE F 485 -51.15 67.00 21.06
N HIS F 486 -52.01 67.75 20.37
CA HIS F 486 -53.45 67.75 20.65
C HIS F 486 -54.16 66.70 19.81
N PHE F 487 -54.57 65.60 20.44
CA PHE F 487 -55.21 64.52 19.72
C PHE F 487 -56.69 64.85 19.48
N HIS F 488 -57.14 64.71 18.24
CA HIS F 488 -58.54 64.92 17.90
C HIS F 488 -59.23 63.61 17.50
N GLY F 489 -58.48 62.50 17.53
CA GLY F 489 -58.97 61.23 17.04
C GLY F 489 -59.92 60.48 17.96
N TRP F 490 -60.34 61.09 19.07
CA TRP F 490 -61.21 60.42 20.03
C TRP F 490 -62.65 60.96 19.98
N PRO F 491 -63.63 60.08 19.68
CA PRO F 491 -65.05 60.45 19.60
C PRO F 491 -65.66 60.91 20.92
N GLU F 492 -66.63 61.82 20.85
CA GLU F 492 -67.32 62.33 22.05
C GLU F 492 -67.90 61.17 22.84
N ILE F 493 -68.51 60.21 22.13
CA ILE F 493 -69.01 58.97 22.72
C ILE F 493 -68.19 57.77 22.19
N GLY F 494 -67.45 57.11 23.08
CA GLY F 494 -66.80 55.85 22.74
C GLY F 494 -65.38 55.95 22.25
N ILE F 495 -64.79 54.79 21.94
CA ILE F 495 -63.40 54.69 21.52
C ILE F 495 -63.21 54.98 20.03
N PRO F 496 -61.97 55.30 19.61
CA PRO F 496 -61.73 55.54 18.20
C PRO F 496 -61.86 54.27 17.35
N ALA F 497 -62.38 54.42 16.13
CA ALA F 497 -62.69 53.29 15.25
C ALA F 497 -61.45 52.66 14.57
N GLU F 498 -60.33 53.39 14.55
CA GLU F 498 -59.20 52.99 13.71
C GLU F 498 -58.03 52.41 14.52
N GLY F 499 -57.32 53.23 15.28
CA GLY F 499 -56.05 52.80 15.87
C GLY F 499 -54.83 53.25 15.09
N LYS F 500 -54.94 53.41 13.77
CA LYS F 500 -53.87 54.04 12.99
C LYS F 500 -53.51 55.38 13.65
N GLY F 501 -54.53 56.19 13.93
CA GLY F 501 -54.30 57.53 14.48
C GLY F 501 -53.56 57.48 15.79
N MET F 502 -53.97 56.56 16.66
CA MET F 502 -53.36 56.40 17.98
C MET F 502 -51.93 55.85 17.87
N ILE F 503 -51.69 54.96 16.91
CA ILE F 503 -50.34 54.46 16.65
C ILE F 503 -49.44 55.62 16.22
N ASP F 504 -49.88 56.36 15.22
CA ASP F 504 -49.10 57.48 14.69
C ASP F 504 -48.86 58.54 15.78
N LEU F 505 -49.84 58.79 16.64
CA LEU F 505 -49.65 59.75 17.72
C LEU F 505 -48.50 59.29 18.57
N ILE F 506 -48.56 58.04 19.04
CA ILE F 506 -47.53 57.51 19.92
C ILE F 506 -46.19 57.65 19.24
N ALA F 507 -46.13 57.24 17.99
CA ALA F 507 -44.88 57.29 17.23
C ALA F 507 -44.30 58.72 17.16
N ALA F 508 -45.17 59.72 17.04
CA ALA F 508 -44.73 61.12 16.88
C ALA F 508 -44.16 61.65 18.19
N VAL F 509 -44.81 61.30 19.28
CA VAL F 509 -44.35 61.69 20.60
C VAL F 509 -42.99 61.06 20.88
N GLN F 510 -42.78 59.81 20.48
CA GLN F 510 -41.49 59.16 20.68
C GLN F 510 -40.36 59.94 19.96
N LYS F 511 -40.58 60.28 18.68
CA LYS F 511 -39.59 61.04 17.91
C LYS F 511 -39.24 62.35 18.63
N GLN F 512 -40.25 63.08 19.08
CA GLN F 512 -40.05 64.36 19.76
C GLN F 512 -39.34 64.12 21.09
N GLN F 513 -39.61 62.97 21.70
CA GLN F 513 -38.96 62.64 22.95
C GLN F 513 -37.49 62.21 22.78
N GLN F 514 -37.10 61.79 21.58
CA GLN F 514 -35.70 61.42 21.32
C GLN F 514 -34.83 62.64 21.05
N GLN F 515 -35.45 63.75 20.64
CA GLN F 515 -34.69 64.95 20.26
C GLN F 515 -34.68 65.95 21.42
N THR F 516 -35.86 66.23 21.96
CA THR F 516 -36.00 67.03 23.18
C THR F 516 -35.68 66.09 24.36
N GLY F 517 -34.61 65.30 24.23
CA GLY F 517 -34.52 63.99 24.91
C GLY F 517 -34.29 64.02 26.40
N ASN F 518 -34.79 63.06 27.18
CA ASN F 518 -36.09 62.41 26.98
C ASN F 518 -36.70 62.51 28.39
N HIS F 519 -37.36 63.64 28.61
CA HIS F 519 -37.83 64.05 29.94
C HIS F 519 -39.23 63.49 30.18
N PRO F 520 -39.86 63.83 31.33
CA PRO F 520 -41.25 63.39 31.52
C PRO F 520 -42.20 64.03 30.53
N ILE F 521 -43.23 63.27 30.18
CA ILE F 521 -44.23 63.70 29.22
C ILE F 521 -45.48 63.96 30.00
N THR F 522 -46.11 65.12 29.81
CA THR F 522 -47.33 65.43 30.56
C THR F 522 -48.56 64.98 29.77
N VAL F 523 -49.21 63.89 30.25
CA VAL F 523 -50.44 63.40 29.61
C VAL F 523 -51.69 63.68 30.42
N HIS F 524 -52.64 64.35 29.79
CA HIS F 524 -53.93 64.67 30.40
C HIS F 524 -55.09 64.51 29.43
N CYS F 525 -56.24 64.18 29.98
CA CYS F 525 -57.49 64.16 29.24
C CYS F 525 -58.41 65.16 29.93
N SER F 526 -59.35 64.66 30.74
CA SER F 526 -60.24 65.52 31.51
C SER F 526 -60.29 65.02 32.94
N ALA F 527 -60.80 63.81 33.13
CA ALA F 527 -60.89 63.19 34.45
C ALA F 527 -59.51 62.97 35.06
N GLY F 528 -58.56 62.58 34.21
CA GLY F 528 -57.18 62.35 34.66
C GLY F 528 -56.74 60.90 34.56
N ALA F 529 -57.68 59.98 34.39
CA ALA F 529 -57.34 58.60 34.01
C ALA F 529 -58.48 58.09 33.15
N GLY F 530 -58.18 57.24 32.19
CA GLY F 530 -59.19 56.78 31.22
C GLY F 530 -58.59 56.78 29.83
N ARG F 531 -58.57 57.94 29.20
CA ARG F 531 -57.87 58.06 27.94
C ARG F 531 -56.39 58.12 28.24
N THR F 532 -56.03 58.98 29.19
CA THR F 532 -54.66 59.06 29.70
C THR F 532 -54.09 57.67 30.02
N GLY F 533 -54.92 56.80 30.60
CA GLY F 533 -54.54 55.42 30.86
C GLY F 533 -54.31 54.65 29.57
N THR F 534 -55.30 54.66 28.68
CA THR F 534 -55.15 54.01 27.38
C THR F 534 -53.84 54.45 26.76
N PHE F 535 -53.56 55.76 26.75
CA PHE F 535 -52.38 56.27 26.07
C PHE F 535 -51.07 55.74 26.68
N ILE F 536 -50.94 55.84 28.01
CA ILE F 536 -49.74 55.34 28.70
C ILE F 536 -49.64 53.84 28.48
N ALA F 537 -50.73 53.12 28.73
CA ALA F 537 -50.74 51.66 28.57
C ALA F 537 -50.17 51.24 27.21
N LEU F 538 -50.63 51.89 26.15
CA LEU F 538 -50.18 51.59 24.80
C LEU F 538 -48.76 52.07 24.49
N SER F 539 -48.39 53.21 25.02
CA SER F 539 -47.02 53.69 24.83
C SER F 539 -46.04 52.65 25.38
N ASN F 540 -46.37 52.09 26.54
CA ASN F 540 -45.52 51.08 27.16
C ASN F 540 -45.69 49.70 26.53
N ILE F 541 -46.93 49.36 26.15
CA ILE F 541 -47.17 48.05 25.52
C ILE F 541 -46.44 47.94 24.19
N LEU F 542 -46.58 48.95 23.35
CA LEU F 542 -45.96 48.94 22.03
C LEU F 542 -44.43 49.00 22.15
N GLU F 543 -43.93 49.85 23.04
CA GLU F 543 -42.49 49.94 23.28
C GLU F 543 -41.88 48.55 23.48
N ARG F 544 -42.58 47.73 24.27
CA ARG F 544 -42.14 46.38 24.57
C ARG F 544 -42.40 45.39 23.43
N VAL F 545 -43.53 45.51 22.75
CA VAL F 545 -43.76 44.65 21.60
C VAL F 545 -42.62 44.83 20.62
N LYS F 546 -42.34 46.08 20.25
CA LYS F 546 -41.22 46.37 19.36
C LYS F 546 -39.93 45.82 19.97
N ALA F 547 -39.67 46.09 21.24
CA ALA F 547 -38.39 45.72 21.88
C ALA F 547 -38.20 44.22 22.19
N GLU F 548 -39.21 43.54 22.71
CA GLU F 548 -39.09 42.12 23.08
C GLU F 548 -40.00 41.18 22.26
N GLY F 549 -40.98 41.73 21.55
CA GLY F 549 -41.97 40.90 20.85
C GLY F 549 -42.81 40.10 21.83
N LEU F 550 -43.22 40.75 22.91
CA LEU F 550 -44.02 40.10 23.94
C LEU F 550 -45.09 41.07 24.35
N LEU F 551 -46.28 40.54 24.62
CA LEU F 551 -47.46 41.37 24.76
C LEU F 551 -48.23 40.94 25.99
N ASP F 552 -48.39 41.84 26.97
CA ASP F 552 -49.27 41.59 28.12
C ASP F 552 -50.10 42.84 28.48
N VAL F 553 -51.25 42.99 27.83
CA VAL F 553 -52.13 44.14 28.02
C VAL F 553 -52.71 44.14 29.44
N PHE F 554 -52.96 42.95 29.97
CA PHE F 554 -53.50 42.82 31.32
C PHE F 554 -52.57 43.41 32.35
N GLN F 555 -51.31 42.94 32.33
CA GLN F 555 -50.33 43.30 33.32
C GLN F 555 -49.93 44.74 33.15
N ALA F 556 -49.92 45.21 31.92
CA ALA F 556 -49.67 46.62 31.61
C ALA F 556 -50.68 47.51 32.36
N VAL F 557 -51.96 47.22 32.17
CA VAL F 557 -53.05 47.99 32.78
C VAL F 557 -53.13 47.79 34.29
N LYS F 558 -52.95 46.56 34.75
CA LYS F 558 -52.90 46.27 36.19
C LYS F 558 -51.84 47.13 36.89
N SER F 559 -50.65 47.21 36.28
CA SER F 559 -49.58 48.05 36.83
C SER F 559 -50.03 49.50 36.90
N LEU F 560 -50.79 49.95 35.91
CA LEU F 560 -51.24 51.33 35.87
C LEU F 560 -52.21 51.63 36.98
N ARG F 561 -53.06 50.66 37.31
CA ARG F 561 -54.05 50.85 38.35
C ARG F 561 -53.46 50.91 39.77
N LEU F 562 -52.28 50.32 39.96
CA LEU F 562 -51.57 50.41 41.24
C LEU F 562 -50.94 51.78 41.39
N GLN F 563 -50.83 52.53 40.29
CA GLN F 563 -50.18 53.82 40.30
C GLN F 563 -51.16 54.97 40.31
N ARG F 564 -52.38 54.72 39.87
CA ARG F 564 -53.40 55.76 39.85
C ARG F 564 -54.78 55.13 39.61
N PRO F 565 -55.80 55.57 40.37
CA PRO F 565 -57.10 54.91 40.26
C PRO F 565 -57.79 55.03 38.90
N HIS F 566 -58.41 53.94 38.46
CA HIS F 566 -59.22 53.92 37.24
C HIS F 566 -58.43 54.29 35.98
N MET F 567 -57.19 53.81 35.86
CA MET F 567 -56.34 54.28 34.78
C MET F 567 -56.92 53.92 33.42
N VAL F 568 -56.95 52.64 33.02
CA VAL F 568 -57.83 52.29 31.89
C VAL F 568 -59.18 52.09 32.53
N GLN F 569 -60.15 52.91 32.15
CA GLN F 569 -61.37 52.96 32.96
C GLN F 569 -62.44 51.95 32.54
N THR F 570 -62.68 51.81 31.23
CA THR F 570 -63.84 51.05 30.72
C THR F 570 -63.46 49.91 29.78
N LEU F 571 -64.26 48.86 29.79
CA LEU F 571 -64.09 47.69 28.92
C LEU F 571 -63.91 48.07 27.43
N GLU F 572 -64.50 49.19 27.02
CA GLU F 572 -64.33 49.69 25.66
C GLU F 572 -62.89 50.17 25.44
N GLN F 573 -62.30 50.83 26.43
CA GLN F 573 -60.90 51.31 26.34
C GLN F 573 -59.88 50.17 26.48
N TYR F 574 -60.26 49.10 27.16
CA TYR F 574 -59.41 47.94 27.29
C TYR F 574 -59.39 47.12 26.01
N GLU F 575 -60.57 46.87 25.43
CA GLU F 575 -60.67 46.17 24.13
C GLU F 575 -60.07 47.01 22.99
N PHE F 576 -60.02 48.32 23.16
CA PHE F 576 -59.33 49.21 22.23
C PHE F 576 -57.80 49.06 22.28
N CYS F 577 -57.26 48.72 23.45
CA CYS F 577 -55.83 48.45 23.58
C CYS F 577 -55.42 47.21 22.81
N TYR F 578 -56.24 46.16 22.86
CA TYR F 578 -55.99 45.00 22.03
C TYR F 578 -56.21 45.39 20.58
N LYS F 579 -57.26 46.16 20.30
CA LYS F 579 -57.52 46.58 18.93
C LYS F 579 -56.31 47.30 18.31
N VAL F 580 -55.68 48.19 19.07
CA VAL F 580 -54.54 48.96 18.55
C VAL F 580 -53.34 48.05 18.37
N VAL F 581 -53.04 47.22 19.36
CA VAL F 581 -51.92 46.24 19.25
C VAL F 581 -52.02 45.41 17.97
N GLN F 582 -53.22 44.91 17.66
CA GLN F 582 -53.42 44.08 16.47
C GLN F 582 -53.03 44.87 15.24
N ASP F 583 -53.57 46.08 15.11
CA ASP F 583 -53.29 46.95 13.94
C ASP F 583 -51.81 47.38 13.88
N PHE F 584 -51.13 47.32 15.02
CA PHE F 584 -49.71 47.63 15.10
C PHE F 584 -48.82 46.50 14.59
N ILE F 585 -49.33 45.28 14.56
CA ILE F 585 -48.55 44.14 14.04
C ILE F 585 -48.55 44.14 12.50
N ASP F 586 -49.64 44.62 11.90
CA ASP F 586 -49.75 44.79 10.44
C ASP F 586 -49.34 46.18 9.95
#